data_9ML7
#
_entry.id   9ML7
#
_cell.length_a   1.00
_cell.length_b   1.00
_cell.length_c   1.00
_cell.angle_alpha   90.00
_cell.angle_beta   90.00
_cell.angle_gamma   90.00
#
_symmetry.space_group_name_H-M   'P 1'
#
loop_
_entity.id
_entity.type
_entity.pdbx_description
1 polymer 'Spike glycoprotein'
2 polymer 'M8b-C10 heavy chain'
3 polymer 'M8b-C10 light chain'
4 branched 2-acetamido-2-deoxy-beta-D-glucopyranose-(1-4)-2-acetamido-2-deoxy-beta-D-glucopyranose
5 non-polymer 2-acetamido-2-deoxy-beta-D-glucopyranose
#
loop_
_entity_poly.entity_id
_entity_poly.type
_entity_poly.pdbx_seq_one_letter_code
_entity_poly.pdbx_strand_id
1 'polypeptide(L)'
;MFVFLVLLPLVSSQCVNLTTRTQLPPAYTNSFTRGVYYPDKVFRSSVLHSTQDLFLPFFSNVTWFHAIHVSGTNGTKRFD
NPVLPFNDGVYFASTEKSNIIRGWIFGTTLDSKTQSLLIVNNATNVVIKVCEFQFCNDPFLGVYYHKNNKSWMESEFRVY
SSANNCTFEYVSQPFLMDLEGKQGNFKNLREFVFKNIDGYFKIYSKHTPINLVRDLPQGFSALEPLVDLPIGINITRFQT
LLALHRSYLTPGDSSSGWTAGAAAYYVGYLQPRTFLLKYNENGTITDAVDCALDPLSETKCTLKSFTVEKGIYQTSNFRV
QPTESIVRFPNITNLCPFGEVFNATRFASVYAWNRKRISNCVADYSVLYNSASFSTFKCYGVSPTKLNDLCFTNVYADSF
VIRGDEVRQIAPGQTGKIADYNYKLPDDFTGCVIAWNSNNLDSKVGGNYNYLYRLFRKSNLKPFERDISTEIYQAGSTPC
NGVEGFNCYFPLQSYGFQPTNGVGYQPYRVVVLSFELLHAPATVCGPKKSTNLVKNKCVNFNFNGLTGTGVLTESNKKFL
PFQQFGRDIADTTDAVRDPQTLEILDITPCSFGGVSVITPGTNTSNQVAVLYQDVNCTEVPVAIHADQLTPTWRVYSTGS
NVFQTRAGCLIGAEHVNNSYECDIPIGAGICASYQTQTNSPASVASQSIIAYTMSLGAENSVAYSNNSIAIPTNFTISVT
TEILPVSMTKTSVDCTMYICGDSTECSNLLLQYGSFCTQLNRALTGIAVEQDKNTQEVFAQVKQIYKTPPIKDFGGFNFS
QILPDPSKPSKRSPIEDLLFNKVTLADAGFIKQYGDCLGDIAARDLICAQKFNGLTVLPPLLTDEMIAQYTSALLAGTIT
SGWTFGAGPALQIPFPMQMAYRFNGIGVTQNVLYENQKLIANQFNSAIGKIQDSLSSTPSALGKLQDVVNQNAQALNTLV
KQLSSNFGAISSVLNDILSRLDPPEAEVQIDRLITGRLQSLQTYVTQQLIRAAEIRASANLAATKMSECVLGQSKRVDFC
GKGYHLMSFPQSAPHGVVFLHVTYVPAQEKNFTTAPAICHDGKAHFPREGVFVSNGTHWFVTQRNFYEPQIITTDNTFVS
GNCDVVIGIVNNTVYDPLQPELDSFKEELDKYFKNHTSPDVDLGDISGINASVVNIQKEIDRLNEVAKNLNESLIDLQEL
GKYEQYIKWPSGRLVPRGSPGSGYIPEAPRDGQAYVRKDGEWVLLSTFLGHHHHHH
;
A,B,C
2 'polypeptide(L)'
;QSLEESGGDLVKPGASLTLTCTASGFTFSRYYMSWVRQAPGKGLQWIGCIDNTIDTTYYASWAKGRFTISKTSSTTVTLQ
MTSLSAADTATYFCARGMVVVDLWGPGTLVTVSSGQPKAPSVFPLAPSSKSTSGGTAALGCLVKDYFPEPVTVSWNSGAL
TSGVHTFPAVLQSSGLYSLSSVVTVPSSSLGTQTYICNVNHKPSNTKVDKRVEPKSCDKTH
;
H
3 'polypeptide(L)'
;QVLTQTPSSVSAAVGGTVTINCQSSQSVNNNDLAWYQQKPGQPPKLLIYFVSTLPSGVSSRFKGSGSGTQFTLTISGVQC
DDAATYYCQGGFGCNSGDCTAFGGGTEVVVKRTVAAPSVFIFPPSDEQLKSGTASVVCLLNNFYPREAKVQWKVDNALQS
GNSQESVTEQDSKDSTYSLSSTLTLSKADYEKHKVYACEVTHQGLSSPVTKSFNRGEC
;
L
#
# COMPACT_ATOMS: atom_id res chain seq x y z
N ALA A 27 37.06 -5.67 45.69
CA ALA A 27 37.89 -5.96 44.52
C ALA A 27 37.03 -6.38 43.34
N TYR A 28 37.40 -5.90 42.15
CA TYR A 28 36.67 -6.19 40.93
C TYR A 28 37.60 -6.88 39.93
N THR A 29 36.99 -7.59 38.98
CA THR A 29 37.71 -8.24 37.90
C THR A 29 36.97 -7.97 36.60
N ASN A 30 37.52 -8.46 35.49
CA ASN A 30 36.98 -8.21 34.16
C ASN A 30 36.56 -9.53 33.52
N SER A 31 35.27 -9.66 33.24
CA SER A 31 34.75 -10.82 32.52
C SER A 31 34.84 -10.52 31.03
N PHE A 32 35.86 -11.09 30.39
CA PHE A 32 36.19 -10.69 29.02
C PHE A 32 35.08 -11.06 28.04
N THR A 33 34.66 -12.33 28.04
CA THR A 33 33.75 -12.80 27.01
C THR A 33 32.62 -13.68 27.53
N ARG A 34 32.70 -14.19 28.76
CA ARG A 34 31.73 -15.14 29.26
C ARG A 34 30.41 -14.47 29.61
N GLY A 35 29.46 -15.28 30.05
CA GLY A 35 28.11 -14.85 30.30
C GLY A 35 27.14 -15.11 29.16
N VAL A 36 27.56 -15.84 28.13
CA VAL A 36 26.75 -16.09 26.95
C VAL A 36 26.10 -17.45 27.10
N TYR A 37 24.78 -17.50 27.00
CA TYR A 37 24.01 -18.73 27.12
C TYR A 37 23.09 -18.86 25.92
N TYR A 38 22.66 -20.09 25.66
CA TYR A 38 21.75 -20.33 24.55
C TYR A 38 20.41 -19.69 24.87
N PRO A 39 19.96 -18.74 24.04
CA PRO A 39 18.70 -18.04 24.35
C PRO A 39 17.48 -18.94 24.27
N ASP A 40 17.52 -19.99 23.46
CA ASP A 40 16.35 -20.84 23.24
C ASP A 40 16.82 -22.22 22.79
N LYS A 41 15.90 -23.17 22.82
CA LYS A 41 16.19 -24.55 22.44
C LYS A 41 16.32 -24.76 20.94
N VAL A 42 16.17 -23.71 20.14
CA VAL A 42 16.19 -23.86 18.69
C VAL A 42 17.57 -24.30 18.23
N PHE A 43 17.61 -25.27 17.32
CA PHE A 43 18.84 -25.70 16.70
C PHE A 43 19.16 -24.82 15.50
N ARG A 44 20.35 -24.25 15.47
CA ARG A 44 20.84 -23.48 14.35
C ARG A 44 22.25 -23.92 14.03
N SER A 45 22.54 -24.09 12.74
CA SER A 45 23.82 -24.62 12.29
C SER A 45 24.48 -23.64 11.34
N SER A 46 25.72 -23.25 11.67
CA SER A 46 26.55 -22.42 10.80
C SER A 46 25.83 -21.15 10.38
N VAL A 47 25.19 -20.49 11.34
CA VAL A 47 24.48 -19.24 11.08
C VAL A 47 24.77 -18.27 12.21
N LEU A 48 24.87 -16.99 11.87
CA LEU A 48 25.08 -15.91 12.83
C LEU A 48 23.71 -15.28 13.09
N HIS A 49 23.06 -15.74 14.16
CA HIS A 49 21.72 -15.27 14.51
C HIS A 49 21.83 -14.30 15.67
N SER A 50 21.27 -13.10 15.49
CA SER A 50 21.33 -12.06 16.50
C SER A 50 20.07 -12.07 17.34
N THR A 51 20.23 -12.11 18.66
CA THR A 51 19.13 -12.16 19.60
C THR A 51 19.20 -10.97 20.53
N GLN A 52 18.04 -10.44 20.89
CA GLN A 52 17.93 -9.33 21.83
C GLN A 52 17.34 -9.87 23.12
N ASP A 53 18.19 -10.41 24.00
CA ASP A 53 17.74 -10.91 25.28
C ASP A 53 18.75 -10.48 26.34
N LEU A 54 18.49 -10.91 27.58
CA LEU A 54 19.16 -10.34 28.74
C LEU A 54 20.46 -11.08 29.04
N PHE A 55 21.58 -10.58 28.51
CA PHE A 55 22.88 -11.20 28.73
C PHE A 55 23.80 -10.29 29.53
N LEU A 56 24.98 -10.82 29.84
CA LEU A 56 26.01 -10.08 30.54
C LEU A 56 26.85 -9.30 29.54
N PRO A 57 26.99 -7.99 29.70
CA PRO A 57 27.75 -7.21 28.72
C PRO A 57 29.19 -7.66 28.60
N PHE A 58 29.71 -7.59 27.38
CA PHE A 58 31.12 -7.91 27.16
C PHE A 58 32.01 -6.91 27.89
N PHE A 59 33.07 -7.44 28.50
CA PHE A 59 34.05 -6.63 29.22
C PHE A 59 33.38 -5.75 30.27
N SER A 60 32.39 -6.32 30.96
CA SER A 60 31.73 -5.64 32.06
C SER A 60 32.34 -6.15 33.36
N ASN A 61 32.88 -5.23 34.15
CA ASN A 61 33.56 -5.62 35.38
C ASN A 61 32.59 -6.29 36.34
N VAL A 62 33.00 -7.42 36.90
CA VAL A 62 32.19 -8.18 37.82
C VAL A 62 32.81 -8.11 39.21
N THR A 63 32.03 -8.48 40.21
CA THR A 63 32.48 -8.38 41.59
C THR A 63 33.22 -9.64 42.02
N TRP A 64 34.38 -9.46 42.63
CA TRP A 64 35.18 -10.53 43.18
C TRP A 64 34.84 -10.71 44.65
N PHE A 65 34.74 -11.96 45.09
CA PHE A 65 34.44 -12.27 46.48
C PHE A 65 35.39 -13.35 46.99
N HIS A 66 35.50 -13.41 48.31
CA HIS A 66 36.38 -14.35 48.99
C HIS A 66 35.59 -15.18 49.98
N ALA A 67 36.09 -16.39 50.25
CA ALA A 67 35.49 -17.26 51.26
C ALA A 67 36.51 -17.92 52.18
N ILE A 68 37.80 -17.91 51.85
CA ILE A 68 38.81 -18.55 52.68
C ILE A 68 39.09 -17.67 53.89
N HIS A 69 39.77 -18.24 54.90
CA HIS A 69 40.15 -17.52 56.10
C HIS A 69 38.96 -16.90 56.82
N ARG A 78 37.05 -13.13 59.66
CA ARG A 78 36.99 -14.10 58.58
C ARG A 78 36.27 -13.52 57.37
N PHE A 79 36.08 -14.35 56.35
CA PHE A 79 35.43 -13.94 55.11
C PHE A 79 34.10 -14.67 54.97
N ASP A 80 33.03 -13.92 54.72
CA ASP A 80 31.69 -14.47 54.59
C ASP A 80 31.07 -13.98 53.29
N ASN A 81 29.90 -14.54 52.97
CA ASN A 81 29.17 -14.15 51.77
C ASN A 81 28.15 -13.07 52.11
N PRO A 82 28.18 -11.93 51.43
CA PRO A 82 27.25 -10.85 51.76
C PRO A 82 25.93 -10.99 51.01
N VAL A 83 25.05 -10.00 51.18
CA VAL A 83 23.76 -9.97 50.51
C VAL A 83 23.88 -9.16 49.24
N LEU A 84 23.42 -9.72 48.13
CA LEU A 84 23.45 -9.06 46.84
C LEU A 84 22.05 -9.05 46.24
N PRO A 85 21.71 -8.05 45.44
CA PRO A 85 20.42 -8.02 44.76
C PRO A 85 20.49 -8.76 43.43
N PHE A 86 19.31 -8.95 42.83
CA PHE A 86 19.19 -9.63 41.55
C PHE A 86 19.19 -8.64 40.39
N ASN A 87 18.21 -7.73 40.35
CA ASN A 87 18.09 -6.70 39.33
C ASN A 87 18.22 -7.28 37.92
N ASP A 88 17.25 -8.14 37.60
CA ASP A 88 17.12 -8.72 36.27
C ASP A 88 18.38 -9.48 35.88
N GLY A 89 18.62 -10.61 36.53
CA GLY A 89 19.67 -11.51 36.11
C GLY A 89 20.94 -11.44 36.92
N VAL A 90 21.49 -12.61 37.25
CA VAL A 90 22.77 -12.71 37.95
C VAL A 90 23.58 -13.78 37.25
N TYR A 91 24.81 -13.45 36.85
CA TYR A 91 25.73 -14.40 36.27
C TYR A 91 26.70 -14.83 37.36
N PHE A 92 26.56 -16.06 37.84
CA PHE A 92 27.37 -16.60 38.91
C PHE A 92 28.47 -17.47 38.33
N ALA A 93 29.73 -17.15 38.65
CA ALA A 93 30.87 -17.91 38.15
C ALA A 93 31.82 -18.15 39.31
N SER A 94 31.90 -19.40 39.76
CA SER A 94 32.73 -19.77 40.90
C SER A 94 33.59 -20.97 40.55
N THR A 95 34.84 -20.95 41.02
CA THR A 95 35.75 -22.07 40.85
C THR A 95 36.11 -22.61 42.22
N GLU A 96 36.06 -23.93 42.37
CA GLU A 96 36.31 -24.57 43.65
C GLU A 96 37.15 -25.82 43.44
N LYS A 97 37.87 -26.19 44.50
CA LYS A 97 38.61 -27.46 44.55
C LYS A 97 37.88 -28.52 45.36
N SER A 98 37.47 -28.18 46.58
CA SER A 98 36.73 -29.09 47.44
C SER A 98 35.24 -28.78 47.44
N ASN A 99 34.77 -27.92 46.53
CA ASN A 99 33.36 -27.58 46.39
C ASN A 99 32.79 -27.00 47.69
N ILE A 100 33.32 -25.84 48.07
CA ILE A 100 32.82 -25.15 49.24
C ILE A 100 31.38 -24.68 49.00
N ILE A 101 31.08 -24.21 47.78
CA ILE A 101 29.74 -23.78 47.45
C ILE A 101 28.78 -24.96 47.53
N ARG A 102 27.59 -24.73 48.08
CA ARG A 102 26.61 -25.78 48.27
C ARG A 102 25.23 -25.46 47.71
N GLY A 103 24.89 -24.19 47.48
CA GLY A 103 23.55 -23.87 47.04
C GLY A 103 23.38 -22.40 46.79
N TRP A 104 22.11 -21.98 46.74
CA TRP A 104 21.75 -20.62 46.39
C TRP A 104 20.46 -20.26 47.12
N ILE A 105 20.21 -18.96 47.22
CA ILE A 105 18.98 -18.44 47.83
C ILE A 105 18.39 -17.39 46.92
N PHE A 106 17.09 -17.47 46.65
CA PHE A 106 16.40 -16.55 45.75
C PHE A 106 15.10 -16.13 46.42
N GLY A 107 14.94 -14.84 46.68
CA GLY A 107 13.69 -14.37 47.25
C GLY A 107 13.69 -12.90 47.61
N THR A 108 12.51 -12.28 47.61
CA THR A 108 12.40 -10.88 47.99
C THR A 108 12.80 -10.67 49.44
N THR A 109 12.33 -11.54 50.34
CA THR A 109 12.63 -11.43 51.76
C THR A 109 13.62 -12.48 52.26
N LEU A 110 13.47 -13.73 51.82
CA LEU A 110 14.35 -14.85 52.18
C LEU A 110 14.64 -14.91 53.68
N ASP A 111 13.69 -14.48 54.50
CA ASP A 111 13.79 -14.58 55.96
C ASP A 111 12.49 -15.05 56.56
N SER A 112 11.83 -16.00 55.90
CA SER A 112 10.58 -16.64 56.30
C SER A 112 9.40 -15.68 56.32
N LYS A 113 9.59 -14.41 55.95
CA LYS A 113 8.47 -13.48 55.90
C LYS A 113 7.48 -13.87 54.81
N THR A 114 7.98 -14.19 53.62
CA THR A 114 7.16 -14.62 52.50
C THR A 114 7.83 -15.82 51.84
N GLN A 115 7.11 -16.43 50.90
CA GLN A 115 7.65 -17.60 50.20
C GLN A 115 8.83 -17.20 49.33
N SER A 116 9.93 -17.94 49.46
CA SER A 116 11.17 -17.63 48.75
C SER A 116 11.77 -18.90 48.19
N LEU A 117 12.22 -18.84 46.95
CA LEU A 117 12.89 -19.99 46.33
C LEU A 117 14.16 -20.34 47.11
N LEU A 118 14.32 -21.63 47.38
CA LEU A 118 15.49 -22.13 48.09
C LEU A 118 16.11 -23.27 47.29
N ILE A 119 17.40 -23.16 46.99
CA ILE A 119 18.15 -24.21 46.31
C ILE A 119 19.26 -24.66 47.24
N VAL A 120 19.28 -25.96 47.56
CA VAL A 120 20.33 -26.57 48.36
C VAL A 120 20.78 -27.82 47.61
N ASN A 121 21.84 -27.68 46.82
CA ASN A 121 22.35 -28.82 46.06
C ASN A 121 23.05 -29.81 46.99
N ASN A 122 22.70 -31.08 46.86
CA ASN A 122 23.34 -32.16 47.59
C ASN A 122 23.82 -33.21 46.60
N ALA A 123 24.92 -33.88 46.94
CA ALA A 123 25.45 -34.91 46.05
C ALA A 123 24.45 -36.03 45.83
N THR A 124 23.69 -36.39 46.88
CA THR A 124 22.68 -37.43 46.74
C THR A 124 21.60 -37.01 45.76
N ASN A 125 21.02 -35.82 45.95
CA ASN A 125 19.95 -35.34 45.10
C ASN A 125 19.90 -33.82 45.17
N VAL A 126 19.78 -33.17 44.01
CA VAL A 126 19.53 -31.73 43.99
C VAL A 126 18.15 -31.47 44.57
N VAL A 127 18.05 -30.44 45.41
CA VAL A 127 16.81 -30.12 46.11
C VAL A 127 16.40 -28.69 45.75
N ILE A 128 15.13 -28.53 45.40
CA ILE A 128 14.54 -27.21 45.17
C ILE A 128 13.27 -27.11 46.01
N LYS A 129 13.18 -26.06 46.83
CA LYS A 129 12.02 -25.80 47.67
C LYS A 129 11.63 -24.33 47.57
N VAL A 130 10.54 -23.99 48.26
CA VAL A 130 10.01 -22.63 48.27
C VAL A 130 9.70 -22.26 49.73
N CYS A 131 9.69 -23.27 50.60
CA CYS A 131 9.24 -23.11 51.98
C CYS A 131 9.96 -21.96 52.67
N GLU A 132 9.24 -21.28 53.56
CA GLU A 132 9.77 -20.12 54.27
C GLU A 132 10.70 -20.57 55.38
N PHE A 133 11.92 -20.05 55.39
CA PHE A 133 12.91 -20.39 56.39
C PHE A 133 13.60 -19.13 56.89
N GLN A 134 13.94 -19.12 58.18
CA GLN A 134 14.65 -18.00 58.79
C GLN A 134 16.12 -18.37 58.93
N PHE A 135 16.99 -17.61 58.25
CA PHE A 135 18.42 -17.85 58.28
C PHE A 135 19.14 -16.60 58.77
N CYS A 136 20.14 -16.80 59.61
CA CYS A 136 20.83 -15.69 60.26
C CYS A 136 21.69 -14.93 59.26
N ASN A 137 22.44 -13.95 59.77
CA ASN A 137 23.27 -13.11 58.92
C ASN A 137 24.34 -13.93 58.21
N ASP A 138 24.97 -14.86 58.92
CA ASP A 138 26.02 -15.72 58.37
C ASP A 138 25.67 -17.17 58.69
N PRO A 139 24.81 -17.79 57.89
CA PRO A 139 24.44 -19.20 58.13
C PRO A 139 25.52 -20.12 57.61
N PHE A 140 26.05 -20.97 58.49
CA PHE A 140 27.13 -21.90 58.15
C PHE A 140 26.60 -23.32 58.13
N LEU A 141 27.18 -24.12 57.23
CA LEU A 141 26.81 -25.52 57.07
C LEU A 141 27.97 -26.40 57.52
N GLY A 142 27.66 -27.45 58.28
CA GLY A 142 28.69 -28.31 58.79
C GLY A 142 29.32 -29.19 57.73
N VAL A 143 30.50 -29.70 58.04
CA VAL A 143 31.22 -30.58 57.14
C VAL A 143 31.21 -32.00 57.69
N ASN A 165 5.02 -22.36 53.67
CA ASN A 165 4.47 -23.46 52.87
C ASN A 165 5.34 -23.74 51.66
N CYS A 166 5.23 -24.95 51.14
CA CYS A 166 5.94 -25.36 49.94
C CYS A 166 4.95 -25.55 48.79
N THR A 167 5.18 -24.85 47.69
CA THR A 167 4.34 -24.99 46.51
C THR A 167 5.01 -25.73 45.36
N PHE A 168 6.33 -25.64 45.23
CA PHE A 168 7.06 -26.30 44.17
C PHE A 168 8.24 -27.07 44.76
N GLU A 169 8.47 -28.26 44.22
CA GLU A 169 9.62 -29.07 44.60
C GLU A 169 10.16 -29.76 43.35
N TYR A 170 11.48 -29.73 43.19
CA TYR A 170 12.14 -30.39 42.07
C TYR A 170 13.38 -31.10 42.59
N VAL A 171 13.69 -32.26 42.01
CA VAL A 171 14.86 -33.04 42.38
C VAL A 171 15.56 -33.49 41.12
N SER A 172 16.88 -33.29 41.06
CA SER A 172 17.67 -33.73 39.91
C SER A 172 18.79 -34.67 40.35
N PHE A 186 42.54 -25.13 41.19
CA PHE A 186 41.17 -24.85 40.80
C PHE A 186 40.89 -25.39 39.40
N LYS A 187 40.85 -26.72 39.29
CA LYS A 187 40.64 -27.36 37.99
C LYS A 187 39.21 -27.18 37.51
N ASN A 188 38.24 -27.13 38.41
CA ASN A 188 36.83 -27.08 38.06
C ASN A 188 36.31 -25.67 38.21
N LEU A 189 35.61 -25.18 37.18
CA LEU A 189 34.93 -23.90 37.22
C LEU A 189 33.46 -24.12 36.90
N ARG A 190 32.58 -23.63 37.77
CA ARG A 190 31.14 -23.80 37.61
C ARG A 190 30.54 -22.46 37.25
N GLU A 191 30.11 -22.31 36.00
CA GLU A 191 29.43 -21.11 35.55
C GLU A 191 27.92 -21.35 35.54
N PHE A 192 27.18 -20.38 36.06
CA PHE A 192 25.72 -20.47 36.13
C PHE A 192 25.14 -19.16 35.65
N VAL A 193 23.96 -19.25 35.03
CA VAL A 193 23.22 -18.07 34.58
C VAL A 193 21.82 -18.16 35.16
N PHE A 194 21.40 -17.12 35.86
CA PHE A 194 20.11 -17.08 36.53
C PHE A 194 19.28 -15.95 35.96
N LYS A 195 18.04 -16.23 35.61
CA LYS A 195 17.15 -15.21 35.07
C LYS A 195 15.71 -15.65 35.30
N ASN A 196 14.81 -14.67 35.26
CA ASN A 196 13.38 -14.90 35.45
C ASN A 196 12.62 -14.06 34.45
N ILE A 197 12.10 -14.69 33.40
CA ILE A 197 11.31 -14.02 32.39
C ILE A 197 10.00 -14.77 32.23
N ASP A 198 8.88 -14.03 32.28
CA ASP A 198 7.54 -14.61 32.14
C ASP A 198 7.25 -15.65 33.22
N GLY A 199 7.86 -15.49 34.39
CA GLY A 199 7.66 -16.44 35.47
C GLY A 199 8.47 -17.71 35.37
N TYR A 200 9.37 -17.81 34.39
CA TYR A 200 10.21 -18.99 34.21
C TYR A 200 11.59 -18.71 34.79
N PHE A 201 11.88 -19.33 35.94
CA PHE A 201 13.19 -19.23 36.56
C PHE A 201 14.13 -20.19 35.84
N LYS A 202 14.90 -19.67 34.89
CA LYS A 202 15.79 -20.49 34.09
C LYS A 202 17.15 -20.62 34.78
N ILE A 203 17.83 -21.73 34.51
CA ILE A 203 19.15 -21.99 35.05
C ILE A 203 20.01 -22.55 33.93
N TYR A 204 21.22 -22.03 33.80
CA TYR A 204 22.19 -22.50 32.82
C TYR A 204 23.47 -22.88 33.54
N SER A 205 24.28 -23.71 32.89
CA SER A 205 25.49 -24.19 33.54
C SER A 205 26.55 -24.50 32.50
N LYS A 206 27.80 -24.56 32.98
CA LYS A 206 28.94 -24.99 32.19
C LYS A 206 30.07 -25.34 33.15
N HIS A 207 30.68 -26.50 32.97
CA HIS A 207 31.68 -26.97 33.90
C HIS A 207 33.03 -27.14 33.22
N THR A 208 33.43 -26.16 32.42
CA THR A 208 34.68 -26.26 31.68
C THR A 208 35.87 -26.26 32.65
N PRO A 209 36.90 -27.06 32.38
CA PRO A 209 38.08 -27.07 33.23
C PRO A 209 38.98 -25.86 32.97
N ILE A 210 39.51 -25.30 34.05
CA ILE A 210 40.35 -24.11 34.00
C ILE A 210 41.70 -24.44 34.62
N ASN A 211 42.77 -24.08 33.92
CA ASN A 211 44.13 -24.29 34.41
C ASN A 211 44.72 -23.05 35.07
N LEU A 212 43.92 -22.01 35.26
CA LEU A 212 44.36 -20.77 35.91
C LEU A 212 43.61 -20.60 37.21
N VAL A 213 44.34 -20.27 38.28
CA VAL A 213 43.74 -20.10 39.60
C VAL A 213 43.68 -18.65 40.05
N ARG A 214 44.37 -17.73 39.36
CA ARG A 214 44.38 -16.34 39.77
C ARG A 214 43.05 -15.65 39.45
N ASP A 215 42.67 -15.65 38.17
CA ASP A 215 41.43 -15.04 37.73
C ASP A 215 40.92 -15.83 36.53
N LEU A 216 39.70 -15.50 36.11
CA LEU A 216 39.14 -16.17 34.95
C LEU A 216 39.93 -15.78 33.71
N PRO A 217 40.49 -16.74 32.97
CA PRO A 217 41.26 -16.41 31.77
C PRO A 217 40.37 -16.10 30.58
N GLN A 218 41.01 -15.59 29.53
CA GLN A 218 40.32 -15.30 28.28
C GLN A 218 39.77 -16.58 27.67
N GLY A 219 38.65 -16.47 26.97
CA GLY A 219 38.07 -17.61 26.30
C GLY A 219 36.56 -17.48 26.24
N PHE A 220 35.96 -18.41 25.51
CA PHE A 220 34.52 -18.44 25.33
C PHE A 220 34.02 -19.86 25.55
N SER A 221 32.97 -19.99 26.36
CA SER A 221 32.30 -21.27 26.55
C SER A 221 30.84 -20.98 26.87
N ALA A 222 29.95 -21.30 25.93
CA ALA A 222 28.53 -21.04 26.12
C ALA A 222 27.95 -21.93 27.21
N LEU A 223 26.84 -21.50 27.78
CA LEU A 223 26.19 -22.19 28.88
C LEU A 223 24.92 -22.84 28.38
N GLU A 224 24.83 -24.17 28.50
CA GLU A 224 23.62 -24.88 28.12
C GLU A 224 22.55 -24.73 29.19
N PRO A 225 21.27 -24.71 28.82
CA PRO A 225 20.21 -24.72 29.82
C PRO A 225 20.11 -26.07 30.51
N LEU A 226 19.69 -26.03 31.77
CA LEU A 226 19.48 -27.26 32.54
C LEU A 226 18.03 -27.44 32.95
N VAL A 227 17.43 -26.44 33.60
CA VAL A 227 16.06 -26.53 34.08
C VAL A 227 15.31 -25.27 33.68
N ASP A 228 14.00 -25.40 33.48
CA ASP A 228 13.10 -24.29 33.17
C ASP A 228 11.94 -24.27 34.15
N LEU A 229 12.23 -24.49 35.43
CA LEU A 229 11.17 -24.70 36.41
C LEU A 229 10.39 -23.42 36.66
N PRO A 230 9.06 -23.44 36.50
CA PRO A 230 8.25 -22.24 36.75
C PRO A 230 7.90 -22.04 38.22
N ILE A 231 8.78 -21.40 38.99
CA ILE A 231 8.46 -21.06 40.37
C ILE A 231 7.27 -20.11 40.43
N GLY A 232 7.28 -19.08 39.59
CA GLY A 232 6.22 -18.10 39.60
C GLY A 232 6.38 -17.00 40.64
N ILE A 233 7.55 -16.90 41.27
CA ILE A 233 7.82 -15.87 42.27
C ILE A 233 8.94 -14.99 41.74
N ASN A 234 8.69 -13.69 41.66
CA ASN A 234 9.72 -12.75 41.24
C ASN A 234 10.79 -12.63 42.32
N ILE A 235 12.05 -12.55 41.89
CA ILE A 235 13.20 -12.56 42.78
C ILE A 235 13.93 -11.23 42.65
N THR A 236 14.22 -10.59 43.78
CA THR A 236 14.97 -9.34 43.81
C THR A 236 16.18 -9.38 44.72
N ARG A 237 16.35 -10.42 45.54
CA ARG A 237 17.49 -10.54 46.42
C ARG A 237 18.11 -11.91 46.24
N PHE A 238 19.40 -12.01 46.59
CA PHE A 238 20.21 -13.16 46.25
C PHE A 238 21.18 -13.45 47.39
N GLN A 239 21.57 -14.72 47.52
CA GLN A 239 22.47 -15.16 48.58
C GLN A 239 23.13 -16.46 48.14
N THR A 240 24.23 -16.81 48.81
CA THR A 240 25.00 -18.00 48.49
C THR A 240 25.26 -18.81 49.75
N LEU A 241 25.42 -20.12 49.57
CA LEU A 241 25.66 -21.05 50.67
C LEU A 241 27.07 -21.63 50.57
N LEU A 242 27.72 -21.78 51.72
CA LEU A 242 29.04 -22.37 51.82
C LEU A 242 29.07 -23.38 52.96
N ALA A 243 30.11 -24.21 52.96
CA ALA A 243 30.31 -25.22 54.00
C ALA A 243 31.57 -24.91 54.79
N LEU A 244 31.46 -24.96 56.11
CA LEU A 244 32.58 -24.66 57.00
C LEU A 244 32.95 -25.91 57.78
N HIS A 245 34.24 -26.19 57.87
CA HIS A 245 34.73 -27.34 58.63
C HIS A 245 34.53 -27.14 60.13
N ALA A 263 38.75 -20.21 47.26
CA ALA A 263 37.31 -20.31 47.35
C ALA A 263 36.64 -18.99 46.93
N ALA A 264 37.10 -18.44 45.81
CA ALA A 264 36.55 -17.19 45.31
C ALA A 264 35.39 -17.46 44.35
N TYR A 265 34.41 -16.56 44.37
CA TYR A 265 33.30 -16.62 43.43
C TYR A 265 33.04 -15.22 42.88
N TYR A 266 32.47 -15.17 41.68
CA TYR A 266 32.23 -13.94 40.96
C TYR A 266 30.72 -13.73 40.79
N VAL A 267 30.31 -12.47 40.71
CA VAL A 267 28.92 -12.13 40.51
C VAL A 267 28.84 -11.06 39.42
N GLY A 268 28.06 -11.35 38.38
CA GLY A 268 27.81 -10.40 37.31
C GLY A 268 26.34 -10.02 37.23
N TYR A 269 26.05 -9.11 36.30
CA TYR A 269 24.71 -8.58 36.13
C TYR A 269 24.31 -8.59 34.66
N LEU A 270 23.11 -9.07 34.38
CA LEU A 270 22.57 -9.06 33.03
C LEU A 270 21.77 -7.78 32.80
N GLN A 271 21.75 -7.34 31.55
CA GLN A 271 20.96 -6.18 31.15
C GLN A 271 20.62 -6.32 29.67
N PRO A 272 19.55 -5.67 29.21
CA PRO A 272 19.13 -5.88 27.81
C PRO A 272 20.15 -5.39 26.81
N ARG A 273 20.80 -6.33 26.13
CA ARG A 273 21.87 -6.01 25.18
C ARG A 273 21.74 -6.94 24.00
N THR A 274 21.55 -6.38 22.80
CA THR A 274 21.54 -7.21 21.60
C THR A 274 22.91 -7.83 21.37
N PHE A 275 22.92 -9.11 20.99
CA PHE A 275 24.16 -9.80 20.70
C PHE A 275 24.13 -10.35 19.28
N LEU A 276 25.16 -11.13 18.92
CA LEU A 276 25.21 -11.80 17.62
C LEU A 276 25.94 -13.12 17.84
N LEU A 277 25.17 -14.19 18.01
CA LEU A 277 25.73 -15.49 18.34
C LEU A 277 26.14 -16.21 17.06
N LYS A 278 27.30 -16.87 17.11
CA LYS A 278 27.80 -17.66 15.99
C LYS A 278 27.65 -19.14 16.34
N TYR A 279 26.90 -19.86 15.53
CA TYR A 279 26.57 -21.26 15.81
C TYR A 279 27.46 -22.17 14.98
N ASN A 280 28.02 -23.18 15.63
CA ASN A 280 28.84 -24.17 14.96
C ASN A 280 27.96 -25.09 14.12
N GLU A 281 28.59 -25.85 13.23
CA GLU A 281 27.87 -26.79 12.38
C GLU A 281 27.01 -27.74 13.20
N ASN A 282 27.48 -28.11 14.40
CA ASN A 282 26.76 -29.03 15.27
C ASN A 282 25.79 -28.32 16.21
N GLY A 283 25.69 -27.00 16.14
CA GLY A 283 24.69 -26.27 16.91
C GLY A 283 25.16 -25.64 18.20
N THR A 284 26.46 -25.65 18.47
CA THR A 284 27.00 -25.06 19.70
C THR A 284 27.62 -23.70 19.41
N ILE A 285 27.37 -22.74 20.29
CA ILE A 285 27.84 -21.38 20.10
C ILE A 285 29.36 -21.37 20.26
N THR A 286 30.07 -20.92 19.23
CA THR A 286 31.53 -20.91 19.23
C THR A 286 32.13 -19.51 19.31
N ASP A 287 31.34 -18.47 19.08
CA ASP A 287 31.83 -17.10 19.12
C ASP A 287 30.64 -16.17 19.27
N ALA A 288 30.83 -15.08 20.01
CA ALA A 288 29.77 -14.12 20.21
C ALA A 288 30.37 -12.71 20.19
N VAL A 289 29.58 -11.76 19.70
CA VAL A 289 29.98 -10.36 19.62
C VAL A 289 28.84 -9.50 20.14
N ASP A 290 29.15 -8.59 21.05
CA ASP A 290 28.19 -7.66 21.60
C ASP A 290 27.86 -6.61 20.52
N CYS A 291 26.71 -5.98 20.62
CA CYS A 291 26.30 -4.98 19.65
C CYS A 291 26.65 -3.55 20.02
N ALA A 292 26.76 -3.22 21.31
CA ALA A 292 27.04 -1.86 21.72
C ALA A 292 28.29 -1.75 22.58
N LEU A 293 29.18 -2.75 22.55
CA LEU A 293 30.42 -2.65 23.30
C LEU A 293 31.30 -1.52 22.76
N ASP A 294 31.39 -1.41 21.44
CA ASP A 294 32.22 -0.39 20.80
C ASP A 294 31.77 -0.27 19.35
N PRO A 295 32.21 0.78 18.64
CA PRO A 295 31.77 0.94 17.25
C PRO A 295 32.05 -0.25 16.36
N LEU A 296 33.18 -0.94 16.53
CA LEU A 296 33.43 -2.12 15.72
C LEU A 296 32.40 -3.20 16.00
N SER A 297 32.00 -3.36 17.25
CA SER A 297 30.95 -4.32 17.60
C SER A 297 29.63 -3.95 16.95
N GLU A 298 29.30 -2.65 16.92
CA GLU A 298 28.07 -2.23 16.27
C GLU A 298 28.11 -2.49 14.76
N THR A 299 29.26 -2.26 14.12
CA THR A 299 29.39 -2.58 12.71
C THR A 299 29.25 -4.07 12.47
N LYS A 300 29.83 -4.89 13.35
CA LYS A 300 29.68 -6.34 13.24
C LYS A 300 28.21 -6.74 13.36
N CYS A 301 27.48 -6.16 14.30
CA CYS A 301 26.08 -6.52 14.49
C CYS A 301 25.24 -6.10 13.30
N THR A 302 25.37 -4.85 12.85
CA THR A 302 24.54 -4.38 11.74
C THR A 302 24.86 -5.15 10.46
N LEU A 303 26.14 -5.42 10.21
CA LEU A 303 26.53 -6.20 9.05
C LEU A 303 26.16 -7.67 9.17
N LYS A 304 25.76 -8.11 10.37
CA LYS A 304 25.42 -9.51 10.62
C LYS A 304 26.56 -10.44 10.22
N SER A 305 27.78 -10.04 10.56
CA SER A 305 28.96 -10.83 10.23
C SER A 305 30.04 -10.55 11.26
N PHE A 306 30.77 -11.60 11.63
CA PHE A 306 31.88 -11.46 12.56
C PHE A 306 33.10 -10.80 11.93
N THR A 307 33.19 -10.79 10.61
CA THR A 307 34.27 -10.14 9.89
C THR A 307 33.71 -8.94 9.14
N VAL A 308 34.40 -7.80 9.25
CA VAL A 308 33.96 -6.55 8.65
C VAL A 308 35.00 -6.13 7.63
N GLU A 309 34.58 -5.95 6.39
CA GLU A 309 35.50 -5.54 5.34
C GLU A 309 35.87 -4.06 5.49
N LYS A 310 36.95 -3.67 4.83
CA LYS A 310 37.37 -2.28 4.85
C LYS A 310 36.32 -1.39 4.21
N GLY A 311 35.98 -0.31 4.90
CA GLY A 311 34.99 0.61 4.39
C GLY A 311 34.42 1.46 5.50
N ILE A 312 33.33 2.14 5.18
CA ILE A 312 32.60 3.00 6.10
C ILE A 312 31.15 2.53 6.13
N TYR A 313 30.68 2.14 7.31
CA TYR A 313 29.36 1.55 7.47
C TYR A 313 28.55 2.38 8.45
N GLN A 314 27.34 2.75 8.06
CA GLN A 314 26.46 3.46 8.97
C GLN A 314 25.88 2.49 10.00
N THR A 315 26.05 2.82 11.28
CA THR A 315 25.64 1.92 12.35
C THR A 315 24.45 2.43 13.15
N SER A 316 24.33 3.72 13.36
CA SER A 316 23.24 4.26 14.17
C SER A 316 23.10 5.75 13.84
N ASN A 317 22.28 6.44 14.63
CA ASN A 317 22.11 7.88 14.51
C ASN A 317 22.32 8.50 15.88
N PHE A 318 23.13 9.56 15.93
CA PHE A 318 23.48 10.23 17.17
C PHE A 318 22.67 11.51 17.26
N ARG A 319 21.64 11.50 18.10
CA ARG A 319 20.86 12.69 18.40
C ARG A 319 21.16 13.10 19.83
N VAL A 320 21.51 14.37 20.03
CA VAL A 320 21.83 14.85 21.36
C VAL A 320 20.57 14.78 22.22
N GLN A 321 20.62 13.97 23.27
CA GLN A 321 19.46 13.81 24.12
C GLN A 321 19.20 15.11 24.88
N PRO A 322 17.94 15.37 25.23
CA PRO A 322 17.62 16.58 26.00
C PRO A 322 18.33 16.59 27.34
N THR A 323 18.71 17.78 27.79
CA THR A 323 19.43 17.91 29.05
C THR A 323 18.47 18.07 30.24
N GLU A 324 17.34 18.74 30.05
CA GLU A 324 16.41 19.00 31.14
C GLU A 324 15.03 19.30 30.56
N SER A 325 14.10 19.68 31.43
CA SER A 325 12.73 19.97 31.05
C SER A 325 12.36 21.39 31.45
N ILE A 326 11.70 22.11 30.54
CA ILE A 326 11.22 23.47 30.80
C ILE A 326 9.74 23.53 30.47
N VAL A 327 8.98 24.22 31.32
CA VAL A 327 7.54 24.34 31.18
C VAL A 327 7.17 25.80 31.41
N ARG A 328 6.51 26.41 30.43
CA ARG A 328 6.10 27.80 30.54
C ARG A 328 4.73 28.02 29.89
N PHE A 329 3.94 28.88 30.53
CA PHE A 329 2.60 29.27 30.09
C PHE A 329 2.18 30.48 30.93
N PRO A 330 0.99 31.05 30.73
CA PRO A 330 0.54 32.13 31.61
C PRO A 330 0.58 31.73 33.07
N ASN A 331 1.01 32.68 33.91
CA ASN A 331 1.31 32.44 35.32
C ASN A 331 0.05 32.62 36.16
N ILE A 332 -0.42 31.51 36.75
CA ILE A 332 -1.53 31.42 37.71
C ILE A 332 -2.59 32.50 37.48
N THR A 333 -3.18 32.50 36.29
CA THR A 333 -4.10 33.58 35.91
C THR A 333 -5.29 33.68 36.86
N ASN A 334 -5.96 32.56 37.10
CA ASN A 334 -7.14 32.55 37.96
C ASN A 334 -7.54 31.08 38.14
N LEU A 335 -8.35 30.82 39.16
CA LEU A 335 -8.88 29.49 39.41
C LEU A 335 -10.13 29.27 38.56
N CYS A 336 -10.19 28.11 37.92
CA CYS A 336 -11.26 27.81 36.97
C CYS A 336 -12.59 27.54 37.69
N PRO A 337 -13.70 28.01 37.11
CA PRO A 337 -15.01 27.70 37.68
C PRO A 337 -15.55 26.36 37.22
N PHE A 338 -14.67 25.46 36.76
CA PHE A 338 -15.11 24.13 36.33
C PHE A 338 -16.01 23.48 37.37
N GLY A 339 -15.80 23.77 38.65
CA GLY A 339 -16.65 23.23 39.69
C GLY A 339 -18.10 23.65 39.53
N GLU A 340 -18.33 24.91 39.16
CA GLU A 340 -19.69 25.39 38.98
C GLU A 340 -20.37 24.81 37.75
N VAL A 341 -19.61 24.20 36.83
CA VAL A 341 -20.22 23.55 35.68
C VAL A 341 -20.99 22.31 36.12
N PHE A 342 -20.37 21.50 36.97
CA PHE A 342 -21.00 20.25 37.40
C PHE A 342 -21.86 20.46 38.64
N ASN A 343 -21.43 21.33 39.54
CA ASN A 343 -22.10 21.50 40.82
C ASN A 343 -23.19 22.56 40.79
N ALA A 344 -23.52 23.09 39.61
CA ALA A 344 -24.60 24.06 39.52
C ALA A 344 -25.94 23.41 39.85
N THR A 345 -26.88 24.24 40.32
CA THR A 345 -28.17 23.71 40.76
C THR A 345 -28.92 23.06 39.61
N ARG A 346 -28.91 23.68 38.44
CA ARG A 346 -29.72 23.21 37.32
C ARG A 346 -28.98 23.43 36.00
N PHE A 347 -29.14 22.48 35.09
CA PHE A 347 -28.75 22.64 33.70
C PHE A 347 -29.97 22.44 32.80
N ALA A 348 -29.89 23.04 31.62
CA ALA A 348 -31.04 23.12 30.72
C ALA A 348 -31.33 21.77 30.08
N SER A 349 -32.32 21.77 29.19
CA SER A 349 -32.82 20.55 28.59
C SER A 349 -31.86 20.06 27.51
N VAL A 350 -32.28 19.03 26.77
CA VAL A 350 -31.42 18.43 25.76
C VAL A 350 -31.43 19.26 24.49
N TYR A 351 -32.62 19.67 24.03
CA TYR A 351 -32.68 20.44 22.80
C TYR A 351 -32.14 21.85 23.00
N ALA A 352 -32.54 22.52 24.07
CA ALA A 352 -32.05 23.86 24.39
C ALA A 352 -30.91 23.77 25.41
N TRP A 353 -29.87 23.03 25.05
CA TRP A 353 -28.78 22.77 25.97
C TRP A 353 -27.98 24.04 26.23
N ASN A 354 -27.65 24.26 27.51
CA ASN A 354 -26.80 25.37 27.88
C ASN A 354 -25.40 25.16 27.34
N ARG A 355 -24.56 26.19 27.50
CA ARG A 355 -23.18 26.12 27.05
C ARG A 355 -22.38 27.18 27.80
N LYS A 356 -21.34 26.77 28.50
CA LYS A 356 -20.45 27.70 29.19
C LYS A 356 -19.09 27.67 28.53
N ARG A 357 -18.44 28.82 28.50
CA ARG A 357 -17.14 28.98 27.87
C ARG A 357 -16.08 29.26 28.92
N ILE A 358 -14.97 28.53 28.84
CA ILE A 358 -13.92 28.57 29.85
C ILE A 358 -12.75 29.36 29.28
N SER A 359 -12.34 30.40 30.00
CA SER A 359 -11.20 31.22 29.61
C SER A 359 -10.61 31.85 30.87
N ASN A 360 -9.32 32.18 30.80
CA ASN A 360 -8.57 32.72 31.94
C ASN A 360 -8.75 31.77 33.12
N CYS A 361 -8.16 30.58 32.96
CA CYS A 361 -8.47 29.45 33.82
C CYS A 361 -7.22 28.64 34.12
N VAL A 362 -7.33 27.81 35.15
CA VAL A 362 -6.37 26.74 35.43
C VAL A 362 -7.07 25.43 35.14
N ALA A 363 -6.53 24.65 34.21
CA ALA A 363 -7.21 23.46 33.68
C ALA A 363 -6.88 22.26 34.56
N ASP A 364 -7.50 22.24 35.74
CA ASP A 364 -7.34 21.12 36.67
C ASP A 364 -8.29 20.02 36.23
N TYR A 365 -7.79 19.11 35.41
CA TYR A 365 -8.60 18.08 34.78
C TYR A 365 -8.63 16.77 35.56
N SER A 366 -7.46 16.23 35.89
CA SER A 366 -7.39 14.89 36.47
C SER A 366 -8.03 14.78 37.84
N VAL A 367 -8.33 15.90 38.50
CA VAL A 367 -9.10 15.83 39.74
C VAL A 367 -10.50 15.29 39.46
N LEU A 368 -11.04 15.58 38.28
CA LEU A 368 -12.32 15.00 37.89
C LEU A 368 -12.20 13.53 37.51
N TYR A 369 -11.11 13.14 36.86
CA TYR A 369 -10.93 11.75 36.47
C TYR A 369 -10.79 10.85 37.69
N ASN A 370 -10.05 11.30 38.71
CA ASN A 370 -9.78 10.45 39.87
C ASN A 370 -11.04 10.20 40.69
N SER A 371 -11.94 11.17 40.74
CA SER A 371 -13.16 11.01 41.52
C SER A 371 -14.01 9.87 40.94
N ALA A 372 -14.49 9.01 41.82
CA ALA A 372 -15.27 7.84 41.41
C ALA A 372 -16.74 8.13 41.20
N SER A 373 -17.21 9.33 41.55
CA SER A 373 -18.60 9.69 41.36
C SER A 373 -19.00 9.79 39.88
N PHE A 374 -18.02 9.85 38.99
CA PHE A 374 -18.28 10.04 37.56
C PHE A 374 -18.31 8.67 36.90
N SER A 375 -19.50 8.12 36.73
CA SER A 375 -19.64 6.74 36.27
C SER A 375 -19.11 6.58 34.85
N THR A 376 -19.40 7.53 33.98
CA THR A 376 -18.99 7.47 32.58
C THR A 376 -18.02 8.60 32.29
N PHE A 377 -16.82 8.26 31.85
CA PHE A 377 -15.78 9.24 31.55
C PHE A 377 -15.03 8.85 30.29
N LYS A 378 -15.73 8.31 29.30
CA LYS A 378 -15.08 7.82 28.09
C LYS A 378 -14.89 8.98 27.12
N CYS A 379 -13.78 9.70 27.30
CA CYS A 379 -13.39 10.72 26.34
C CYS A 379 -12.96 10.05 25.04
N TYR A 380 -13.55 10.48 23.93
CA TYR A 380 -13.28 9.81 22.66
C TYR A 380 -12.06 10.40 21.97
N GLY A 381 -11.97 11.72 21.88
CA GLY A 381 -10.85 12.32 21.18
C GLY A 381 -9.57 12.32 21.97
N VAL A 382 -9.66 12.27 23.30
CA VAL A 382 -8.51 12.40 24.18
C VAL A 382 -8.67 11.43 25.34
N SER A 383 -7.71 11.44 26.26
CA SER A 383 -7.75 10.64 27.46
C SER A 383 -7.71 11.53 28.69
N PRO A 384 -8.57 11.28 29.68
CA PRO A 384 -8.69 12.22 30.81
C PRO A 384 -7.53 12.16 31.79
N THR A 385 -6.63 11.18 31.68
CA THR A 385 -5.52 11.10 32.62
C THR A 385 -4.34 11.96 32.20
N LYS A 386 -4.31 12.41 30.94
CA LYS A 386 -3.21 13.22 30.44
C LYS A 386 -3.65 14.62 30.03
N LEU A 387 -4.82 15.07 30.46
CA LEU A 387 -5.29 16.39 30.06
C LEU A 387 -4.51 17.51 30.73
N ASN A 388 -3.97 17.26 31.92
CA ASN A 388 -3.19 18.30 32.60
C ASN A 388 -1.88 18.56 31.86
N ASP A 389 -1.35 17.55 31.18
CA ASP A 389 -0.10 17.72 30.45
C ASP A 389 -0.26 18.77 29.35
N LEU A 390 -1.34 18.67 28.59
CA LEU A 390 -1.59 19.62 27.51
C LEU A 390 -2.48 20.76 27.99
N CYS A 391 -2.58 21.79 27.15
CA CYS A 391 -3.37 22.95 27.52
C CYS A 391 -3.78 23.69 26.25
N PHE A 392 -5.05 24.09 26.21
CA PHE A 392 -5.75 24.33 24.96
C PHE A 392 -6.25 25.77 24.88
N THR A 393 -6.72 26.14 23.68
CA THR A 393 -7.11 27.52 23.40
C THR A 393 -8.38 27.91 24.14
N ASN A 394 -9.42 27.07 24.09
CA ASN A 394 -10.68 27.40 24.71
C ASN A 394 -11.44 26.11 24.99
N VAL A 395 -12.38 26.19 25.93
CA VAL A 395 -13.11 25.03 26.42
C VAL A 395 -14.59 25.38 26.45
N TYR A 396 -15.42 24.48 25.90
CA TYR A 396 -16.87 24.61 25.96
C TYR A 396 -17.40 23.49 26.85
N ALA A 397 -18.03 23.88 27.96
CA ALA A 397 -18.59 22.93 28.91
C ALA A 397 -20.11 23.07 28.87
N ASP A 398 -20.74 22.32 27.98
CA ASP A 398 -22.19 22.37 27.78
C ASP A 398 -22.84 21.15 28.39
N SER A 399 -23.87 21.37 29.21
CA SER A 399 -24.48 20.33 30.01
C SER A 399 -25.92 20.09 29.57
N PHE A 400 -26.29 18.81 29.47
CA PHE A 400 -27.63 18.42 29.06
C PHE A 400 -27.90 17.03 29.62
N VAL A 401 -29.06 16.86 30.24
CA VAL A 401 -29.38 15.63 30.95
C VAL A 401 -30.16 14.72 30.00
N ILE A 402 -29.55 13.59 29.66
CA ILE A 402 -30.24 12.54 28.92
C ILE A 402 -30.44 11.35 29.85
N ARG A 403 -31.26 10.40 29.43
CA ARG A 403 -31.70 9.32 30.31
C ARG A 403 -30.90 8.04 30.05
N GLY A 404 -30.14 7.64 31.06
CA GLY A 404 -29.62 6.28 31.13
C GLY A 404 -28.82 5.86 29.92
N ASP A 405 -29.30 4.79 29.26
CA ASP A 405 -28.58 4.21 28.13
C ASP A 405 -28.37 5.20 27.00
N GLU A 406 -29.17 6.27 26.95
CA GLU A 406 -28.97 7.27 25.92
C GLU A 406 -27.65 8.02 26.05
N VAL A 407 -26.85 7.71 27.07
CA VAL A 407 -25.51 8.27 27.15
C VAL A 407 -24.66 7.81 25.97
N ARG A 408 -24.74 6.53 25.62
CA ARG A 408 -23.99 6.05 24.46
C ARG A 408 -24.50 6.64 23.16
N GLN A 409 -25.68 7.26 23.19
CA GLN A 409 -26.20 7.88 21.97
C GLN A 409 -25.37 9.09 21.54
N ILE A 410 -24.78 9.80 22.49
CA ILE A 410 -23.90 10.92 22.18
C ILE A 410 -22.47 10.40 22.08
N ALA A 411 -21.93 10.43 20.87
CA ALA A 411 -20.61 9.90 20.56
C ALA A 411 -20.30 10.25 19.11
N PRO A 412 -19.04 10.30 18.71
CA PRO A 412 -18.74 10.62 17.31
C PRO A 412 -19.29 9.55 16.37
N GLY A 413 -20.30 9.93 15.60
CA GLY A 413 -20.92 9.02 14.67
C GLY A 413 -21.86 8.01 15.31
N GLN A 414 -22.96 8.50 15.87
CA GLN A 414 -23.98 7.66 16.46
C GLN A 414 -25.36 8.07 15.95
N THR A 415 -26.26 7.10 15.90
CA THR A 415 -27.62 7.32 15.41
C THR A 415 -28.62 6.95 16.50
N GLY A 416 -29.62 7.81 16.69
CA GLY A 416 -30.64 7.55 17.69
C GLY A 416 -31.63 8.69 17.74
N LYS A 417 -32.35 8.78 18.86
CA LYS A 417 -33.30 9.85 19.05
C LYS A 417 -32.59 11.15 19.45
N ILE A 418 -31.77 11.09 20.49
CA ILE A 418 -31.01 12.27 20.90
C ILE A 418 -29.99 12.66 19.84
N ALA A 419 -29.29 11.67 19.29
CA ALA A 419 -28.20 11.98 18.36
C ALA A 419 -28.71 12.65 17.08
N ASP A 420 -29.96 12.41 16.70
CA ASP A 420 -30.51 12.94 15.47
C ASP A 420 -31.33 14.19 15.68
N TYR A 421 -32.12 14.24 16.75
CA TYR A 421 -33.13 15.28 16.89
C TYR A 421 -32.83 16.31 17.97
N ASN A 422 -31.92 16.03 18.89
CA ASN A 422 -31.64 16.96 19.98
C ASN A 422 -30.22 17.48 20.01
N TYR A 423 -29.23 16.60 19.86
CA TYR A 423 -27.83 17.01 19.97
C TYR A 423 -26.96 15.96 19.31
N LYS A 424 -26.17 16.36 18.32
CA LYS A 424 -25.26 15.46 17.63
C LYS A 424 -23.83 15.96 17.83
N LEU A 425 -22.96 15.05 18.26
CA LEU A 425 -21.55 15.37 18.37
C LEU A 425 -20.87 15.11 17.01
N PRO A 426 -19.88 15.92 16.64
CA PRO A 426 -19.24 15.75 15.33
C PRO A 426 -18.57 14.39 15.21
N ASP A 427 -18.54 13.88 13.98
CA ASP A 427 -17.90 12.58 13.74
C ASP A 427 -16.42 12.62 14.08
N ASP A 428 -15.81 13.80 14.01
CA ASP A 428 -14.42 14.00 14.42
C ASP A 428 -14.45 14.86 15.69
N PHE A 429 -14.62 14.20 16.84
CA PHE A 429 -14.79 14.87 18.11
C PHE A 429 -13.52 14.69 18.94
N THR A 430 -13.04 15.78 19.53
CA THR A 430 -11.90 15.76 20.43
C THR A 430 -12.32 16.39 21.74
N GLY A 431 -12.80 15.57 22.66
CA GLY A 431 -13.25 16.08 23.95
C GLY A 431 -13.65 14.93 24.84
N CYS A 432 -14.03 15.29 26.07
CA CYS A 432 -14.45 14.33 27.07
C CYS A 432 -15.96 14.31 27.20
N VAL A 433 -16.47 13.19 27.73
CA VAL A 433 -17.88 13.01 28.03
C VAL A 433 -17.97 12.57 29.47
N ILE A 434 -18.54 13.41 30.32
CA ILE A 434 -18.53 13.21 31.77
C ILE A 434 -19.97 13.03 32.20
N ALA A 435 -20.41 11.77 32.26
CA ALA A 435 -21.77 11.44 32.67
C ALA A 435 -21.76 10.75 34.02
N TRP A 436 -22.77 11.05 34.83
CA TRP A 436 -22.92 10.39 36.12
C TRP A 436 -24.40 10.35 36.49
N ASN A 437 -24.74 9.42 37.36
CA ASN A 437 -26.12 9.32 37.82
C ASN A 437 -26.50 10.56 38.63
N SER A 438 -27.66 11.11 38.31
CA SER A 438 -28.17 12.32 38.97
C SER A 438 -29.58 12.11 39.45
N ASN A 439 -29.85 10.93 40.01
CA ASN A 439 -31.20 10.62 40.51
C ASN A 439 -31.59 11.52 41.67
N ASN A 440 -30.63 11.86 42.55
CA ASN A 440 -30.97 12.51 43.81
C ASN A 440 -31.64 13.86 43.64
N LEU A 441 -31.41 14.55 42.52
CA LEU A 441 -31.96 15.89 42.31
C LEU A 441 -32.94 15.97 41.16
N ASP A 442 -32.55 15.49 39.98
CA ASP A 442 -33.38 15.69 38.79
C ASP A 442 -34.68 14.92 38.88
N SER A 443 -34.62 13.63 39.19
CA SER A 443 -35.80 12.80 39.22
C SER A 443 -36.71 13.17 40.38
N LYS A 444 -38.02 13.08 40.15
CA LYS A 444 -39.01 13.29 41.19
C LYS A 444 -40.19 12.36 40.93
N VAL A 445 -40.91 12.05 42.01
CA VAL A 445 -42.06 11.15 41.90
C VAL A 445 -43.19 11.86 41.16
N GLY A 446 -43.98 11.08 40.43
CA GLY A 446 -45.12 11.62 39.71
C GLY A 446 -44.80 12.19 38.34
N GLY A 447 -43.53 12.22 37.95
CA GLY A 447 -43.16 12.70 36.64
C GLY A 447 -42.37 13.99 36.65
N ASN A 448 -41.09 13.90 36.32
CA ASN A 448 -40.22 15.07 36.17
C ASN A 448 -40.29 15.52 34.72
N TYR A 449 -41.08 16.56 34.46
CA TYR A 449 -41.34 17.02 33.10
C TYR A 449 -40.56 18.27 32.74
N ASN A 450 -39.57 18.66 33.56
CA ASN A 450 -38.86 19.90 33.30
C ASN A 450 -38.09 19.84 31.99
N TYR A 451 -37.33 18.78 31.77
CA TYR A 451 -36.52 18.64 30.57
C TYR A 451 -37.30 17.91 29.49
N LEU A 452 -37.07 18.32 28.24
CA LEU A 452 -37.85 17.84 27.12
C LEU A 452 -36.91 17.42 26.00
N TYR A 453 -37.50 16.93 24.91
CA TYR A 453 -36.73 16.54 23.74
C TYR A 453 -37.63 16.53 22.52
N ARG A 454 -37.00 16.61 21.35
CA ARG A 454 -37.71 16.71 20.08
C ARG A 454 -37.92 15.31 19.53
N LEU A 455 -39.16 14.83 19.59
CA LEU A 455 -39.47 13.49 19.12
C LEU A 455 -39.53 13.44 17.60
N PHE A 456 -39.96 14.54 16.99
CA PHE A 456 -40.12 14.62 15.55
C PHE A 456 -39.43 15.88 15.04
N ARG A 457 -38.57 15.72 14.03
CA ARG A 457 -37.95 16.84 13.37
C ARG A 457 -37.98 16.61 11.86
N LYS A 458 -38.11 17.70 11.11
CA LYS A 458 -38.23 17.59 9.66
C LYS A 458 -36.95 17.05 9.03
N SER A 459 -35.80 17.34 9.62
CA SER A 459 -34.52 16.94 9.07
C SER A 459 -33.57 16.56 10.19
N ASN A 460 -32.35 16.19 9.81
CA ASN A 460 -31.33 15.82 10.78
C ASN A 460 -30.75 17.07 11.43
N LEU A 461 -29.69 16.87 12.21
CA LEU A 461 -29.09 17.93 13.00
C LEU A 461 -27.64 18.14 12.58
N LYS A 462 -27.27 19.39 12.33
CA LYS A 462 -25.87 19.71 12.17
C LYS A 462 -25.19 19.74 13.54
N PRO A 463 -23.93 19.32 13.62
CA PRO A 463 -23.26 19.23 14.92
C PRO A 463 -23.20 20.57 15.64
N PHE A 464 -23.39 20.52 16.95
CA PHE A 464 -23.29 21.69 17.83
C PHE A 464 -24.31 22.77 17.46
N GLU A 465 -25.44 22.39 16.89
CA GLU A 465 -26.49 23.34 16.55
C GLU A 465 -27.63 23.22 17.56
N ARG A 466 -28.08 24.35 18.08
CA ARG A 466 -29.13 24.40 19.08
C ARG A 466 -30.42 24.91 18.43
N ASP A 467 -31.48 24.12 18.52
CA ASP A 467 -32.78 24.47 17.97
C ASP A 467 -33.76 24.68 19.11
N ILE A 468 -34.39 25.85 19.14
CA ILE A 468 -35.33 26.19 20.21
C ILE A 468 -36.63 26.69 19.58
N SER A 469 -36.85 26.34 18.31
CA SER A 469 -38.05 26.80 17.61
C SER A 469 -39.32 26.27 18.27
N THR A 470 -39.32 24.98 18.62
CA THR A 470 -40.45 24.32 19.31
C THR A 470 -41.77 24.55 18.56
N GLU A 471 -41.71 24.54 17.24
CA GLU A 471 -42.87 24.80 16.40
C GLU A 471 -43.53 23.48 16.00
N ILE A 472 -44.87 23.51 15.92
CA ILE A 472 -45.64 22.29 15.68
C ILE A 472 -45.28 21.72 14.32
N TYR A 473 -45.09 20.40 14.27
CA TYR A 473 -44.61 19.70 13.09
C TYR A 473 -45.71 18.79 12.55
N GLN A 474 -45.86 18.79 11.23
CA GLN A 474 -46.87 17.99 10.56
C GLN A 474 -46.21 16.88 9.75
N ALA A 475 -46.86 15.72 9.69
CA ALA A 475 -46.34 14.57 8.98
C ALA A 475 -47.37 14.09 7.96
N GLY A 476 -46.92 13.24 7.05
CA GLY A 476 -47.79 12.67 6.03
C GLY A 476 -48.21 13.68 4.98
N SER A 477 -49.48 14.08 5.01
CA SER A 477 -50.01 15.05 4.07
C SER A 477 -49.85 16.50 4.54
N THR A 478 -49.20 16.71 5.70
CA THR A 478 -48.97 17.99 6.37
C THR A 478 -50.11 18.98 6.16
N PRO A 479 -51.31 18.68 6.67
CA PRO A 479 -52.44 19.60 6.47
C PRO A 479 -52.67 20.54 7.65
N CYS A 480 -51.97 20.33 8.76
CA CYS A 480 -52.25 21.03 10.02
C CYS A 480 -51.55 22.38 10.01
N ASN A 481 -52.19 23.35 9.37
CA ASN A 481 -51.70 24.72 9.38
C ASN A 481 -52.06 25.46 10.66
N GLY A 482 -52.89 24.86 11.52
CA GLY A 482 -53.29 25.45 12.77
C GLY A 482 -52.48 24.93 13.94
N VAL A 483 -53.19 24.64 15.03
CA VAL A 483 -52.54 24.18 16.26
C VAL A 483 -52.58 22.66 16.33
N GLU A 484 -53.77 22.08 16.33
CA GLU A 484 -53.97 20.66 16.50
C GLU A 484 -54.59 20.06 15.25
N GLY A 485 -54.10 18.90 14.85
CA GLY A 485 -54.65 18.22 13.68
C GLY A 485 -54.09 16.83 13.57
N PHE A 486 -54.65 16.08 12.61
CA PHE A 486 -54.17 14.74 12.34
C PHE A 486 -52.75 14.79 11.78
N ASN A 487 -51.90 13.90 12.27
CA ASN A 487 -50.47 13.93 11.95
C ASN A 487 -49.87 15.31 12.25
N CYS A 488 -50.28 15.87 13.40
CA CYS A 488 -49.86 17.21 13.78
C CYS A 488 -49.85 17.28 15.30
N TYR A 489 -48.66 17.35 15.89
CA TYR A 489 -48.51 17.30 17.33
C TYR A 489 -47.29 18.11 17.73
N PHE A 490 -47.22 18.44 19.02
CA PHE A 490 -46.10 19.20 19.54
C PHE A 490 -44.83 18.37 19.42
N PRO A 491 -43.76 18.91 18.83
CA PRO A 491 -42.52 18.12 18.71
C PRO A 491 -41.86 17.85 20.04
N LEU A 492 -42.24 18.57 21.10
CA LEU A 492 -41.61 18.43 22.40
C LEU A 492 -42.55 17.69 23.35
N GLN A 493 -42.28 16.40 23.54
CA GLN A 493 -42.96 15.65 24.60
C GLN A 493 -42.05 15.60 25.83
N SER A 494 -42.63 15.89 26.98
CA SER A 494 -41.86 16.01 28.21
C SER A 494 -41.21 14.68 28.55
N TYR A 495 -39.97 14.74 29.03
CA TYR A 495 -39.32 13.55 29.56
C TYR A 495 -40.06 13.09 30.81
N GLY A 496 -39.92 11.80 31.12
CA GLY A 496 -40.45 11.29 32.36
C GLY A 496 -39.36 10.66 33.21
N PHE A 497 -39.04 11.27 34.34
CA PHE A 497 -38.09 10.70 35.29
C PHE A 497 -38.82 10.42 36.59
N GLN A 498 -38.81 9.15 37.02
CA GLN A 498 -39.34 8.78 38.31
C GLN A 498 -38.20 8.11 39.05
N PRO A 499 -38.11 8.28 40.37
CA PRO A 499 -37.06 7.59 41.13
C PRO A 499 -37.18 6.07 41.07
N THR A 500 -38.37 5.55 40.77
CA THR A 500 -38.59 4.12 40.62
C THR A 500 -38.36 3.67 39.18
N ASN A 501 -37.20 4.04 38.64
CA ASN A 501 -36.86 3.79 37.25
C ASN A 501 -35.57 2.99 37.18
N GLY A 502 -35.42 2.25 36.08
CA GLY A 502 -34.21 1.48 35.87
C GLY A 502 -33.03 2.36 35.48
N VAL A 503 -31.87 1.71 35.43
CA VAL A 503 -30.62 2.44 35.14
C VAL A 503 -30.65 2.99 33.72
N GLY A 504 -31.12 2.19 32.76
CA GLY A 504 -31.12 2.62 31.38
C GLY A 504 -32.05 3.79 31.11
N TYR A 505 -32.98 4.07 32.01
CA TYR A 505 -33.95 5.16 31.86
C TYR A 505 -33.88 6.09 33.07
N GLN A 506 -32.66 6.38 33.52
CA GLN A 506 -32.36 7.12 34.74
C GLN A 506 -31.78 8.50 34.40
N PRO A 507 -31.99 9.51 35.24
CA PRO A 507 -31.31 10.80 35.02
C PRO A 507 -29.80 10.61 35.01
N TYR A 508 -29.20 10.86 33.85
CA TYR A 508 -27.75 10.74 33.67
C TYR A 508 -27.24 12.07 33.15
N ARG A 509 -26.92 12.98 34.07
CA ARG A 509 -26.45 14.30 33.71
C ARG A 509 -25.13 14.21 32.97
N VAL A 510 -25.03 14.89 31.85
CA VAL A 510 -23.88 14.80 30.95
C VAL A 510 -23.28 16.18 30.77
N VAL A 511 -21.97 16.27 30.91
CA VAL A 511 -21.21 17.47 30.56
C VAL A 511 -20.13 17.02 29.59
N VAL A 512 -20.14 17.58 28.38
CA VAL A 512 -19.21 17.17 27.35
C VAL A 512 -18.30 18.35 27.03
N LEU A 513 -17.07 18.29 27.50
CA LEU A 513 -16.08 19.31 27.19
C LEU A 513 -15.54 19.15 25.78
N SER A 514 -15.32 20.27 25.11
CA SER A 514 -14.81 20.29 23.76
C SER A 514 -13.59 21.20 23.67
N PHE A 515 -12.60 20.79 22.89
CA PHE A 515 -11.37 21.54 22.72
C PHE A 515 -11.08 21.74 21.23
N GLU A 516 -10.30 22.77 20.94
CA GLU A 516 -9.89 23.08 19.59
C GLU A 516 -8.37 23.09 19.49
N LEU A 517 -7.85 22.84 18.29
CA LEU A 517 -6.41 22.77 18.10
C LEU A 517 -5.75 24.10 18.40
N LEU A 518 -4.48 24.04 18.81
CA LEU A 518 -3.75 25.21 19.30
C LEU A 518 -3.08 25.92 18.14
N HIS A 519 -3.72 26.97 17.63
CA HIS A 519 -3.10 27.95 16.77
C HIS A 519 -3.17 29.35 17.35
N ALA A 520 -4.35 29.76 17.80
CA ALA A 520 -4.50 30.98 18.58
C ALA A 520 -3.90 30.77 19.96
N PRO A 521 -3.53 31.85 20.66
CA PRO A 521 -2.96 31.69 22.00
C PRO A 521 -3.95 31.02 22.96
N ALA A 522 -3.42 30.17 23.83
CA ALA A 522 -4.23 29.42 24.75
C ALA A 522 -4.47 30.20 26.03
N THR A 523 -5.71 30.17 26.51
CA THR A 523 -6.08 30.89 27.73
C THR A 523 -6.42 29.98 28.91
N VAL A 524 -6.65 28.69 28.67
CA VAL A 524 -6.90 27.74 29.74
C VAL A 524 -5.77 26.72 29.73
N CYS A 525 -5.04 26.63 30.84
CA CYS A 525 -3.91 25.72 30.93
C CYS A 525 -3.81 25.17 32.35
N GLY A 526 -3.38 23.91 32.44
CA GLY A 526 -3.50 23.14 33.66
C GLY A 526 -2.54 23.52 34.76
N PRO A 527 -2.70 22.89 35.93
CA PRO A 527 -1.87 23.18 37.11
C PRO A 527 -0.50 22.53 37.03
N LYS A 528 0.36 23.11 36.21
CA LYS A 528 1.70 22.60 36.00
C LYS A 528 2.72 23.58 36.57
N LYS A 529 3.82 23.05 37.06
CA LYS A 529 4.88 23.88 37.62
C LYS A 529 5.74 24.45 36.50
N SER A 530 5.86 25.78 36.48
CA SER A 530 6.66 26.45 35.46
C SER A 530 8.12 26.54 35.92
N THR A 531 9.04 26.23 35.01
CA THR A 531 10.46 26.23 35.31
C THR A 531 11.18 27.17 34.36
N ASN A 532 12.33 27.66 34.81
CA ASN A 532 13.11 28.62 34.04
C ASN A 532 13.53 28.04 32.70
N LEU A 533 13.34 28.82 31.64
CA LEU A 533 13.76 28.39 30.31
C LEU A 533 15.27 28.45 30.19
N VAL A 534 15.79 27.78 29.16
CA VAL A 534 17.20 27.83 28.84
C VAL A 534 17.35 28.30 27.40
N LYS A 535 18.53 28.87 27.11
CA LYS A 535 18.83 29.42 25.80
C LYS A 535 20.12 28.78 25.29
N ASN A 536 20.13 28.45 24.00
CA ASN A 536 21.25 27.80 23.31
C ASN A 536 21.56 26.42 23.86
N LYS A 537 20.71 25.87 24.73
CA LYS A 537 20.90 24.55 25.31
C LYS A 537 19.73 23.65 24.93
N CYS A 538 20.03 22.49 24.37
CA CYS A 538 18.99 21.55 23.99
C CYS A 538 18.17 21.14 25.21
N VAL A 539 16.85 21.04 25.03
CA VAL A 539 15.95 20.90 26.17
C VAL A 539 14.61 20.40 25.65
N ASN A 540 13.90 19.66 26.49
CA ASN A 540 12.49 19.37 26.26
C ASN A 540 11.67 20.59 26.69
N PHE A 541 10.88 21.13 25.78
CA PHE A 541 10.09 22.32 26.04
C PHE A 541 8.61 22.02 25.94
N ASN A 542 7.82 22.75 26.72
CA ASN A 542 6.37 22.63 26.76
C ASN A 542 5.73 24.01 26.71
N PHE A 543 6.20 24.83 25.77
CA PHE A 543 5.74 26.22 25.64
C PHE A 543 4.28 26.22 25.23
N ASN A 544 3.40 26.50 26.19
CA ASN A 544 1.96 26.63 25.94
C ASN A 544 1.40 25.37 25.28
N GLY A 545 1.95 24.21 25.63
CA GLY A 545 1.46 22.96 25.09
C GLY A 545 2.13 22.48 23.81
N LEU A 546 3.24 23.09 23.40
CA LEU A 546 3.95 22.58 22.23
C LEU A 546 4.47 21.17 22.48
N THR A 547 5.03 20.93 23.66
CA THR A 547 5.45 19.60 24.11
C THR A 547 6.40 18.95 23.11
N GLY A 548 7.40 19.72 22.67
CA GLY A 548 8.39 19.22 21.75
C GLY A 548 9.79 19.45 22.29
N THR A 549 10.77 18.93 21.57
CA THR A 549 12.17 19.01 21.98
C THR A 549 12.97 19.81 20.97
N GLY A 550 14.01 20.47 21.45
CA GLY A 550 14.85 21.27 20.59
C GLY A 550 15.71 22.24 21.40
N VAL A 551 16.49 23.03 20.66
CA VAL A 551 17.38 24.02 21.24
C VAL A 551 16.86 25.40 20.87
N LEU A 552 16.91 26.33 21.83
CA LEU A 552 16.27 27.63 21.71
C LEU A 552 17.33 28.72 21.55
N THR A 553 17.72 28.98 20.31
CA THR A 553 18.61 30.09 20.02
C THR A 553 17.83 31.40 20.09
N GLU A 554 18.57 32.51 20.00
CA GLU A 554 17.92 33.81 19.93
C GLU A 554 17.38 34.06 18.53
N SER A 555 16.22 34.70 18.45
CA SER A 555 15.52 34.91 17.19
C SER A 555 15.63 36.36 16.78
N ASN A 556 16.17 36.60 15.58
CA ASN A 556 16.25 37.94 15.03
C ASN A 556 14.98 38.35 14.29
N LYS A 557 14.06 37.41 14.07
CA LYS A 557 12.80 37.74 13.41
C LYS A 557 11.89 38.50 14.37
N LYS A 558 11.20 39.51 13.86
CA LYS A 558 10.34 40.36 14.65
C LYS A 558 8.89 39.91 14.47
N PHE A 559 8.25 39.55 15.58
CA PHE A 559 6.85 39.17 15.56
C PHE A 559 5.97 40.39 15.72
N LEU A 560 4.93 40.49 14.90
CA LEU A 560 3.90 41.48 15.14
C LEU A 560 3.11 41.09 16.39
N PRO A 561 2.64 42.07 17.16
CA PRO A 561 2.14 41.77 18.51
C PRO A 561 1.00 40.77 18.56
N PHE A 562 0.14 40.73 17.54
CA PHE A 562 -0.97 39.79 17.56
C PHE A 562 -0.51 38.35 17.33
N GLN A 563 0.52 38.15 16.52
CA GLN A 563 0.97 36.79 16.22
C GLN A 563 1.72 36.21 17.42
N GLN A 564 1.42 34.95 17.72
CA GLN A 564 2.01 34.26 18.85
C GLN A 564 3.01 33.20 18.43
N PHE A 565 2.63 32.30 17.52
CA PHE A 565 3.45 31.16 17.17
C PHE A 565 4.13 31.40 15.83
N GLY A 566 5.13 30.56 15.54
CA GLY A 566 5.88 30.65 14.31
C GLY A 566 5.87 29.33 13.56
N ARG A 567 6.27 29.39 12.30
CA ARG A 567 6.28 28.21 11.45
C ARG A 567 7.29 28.39 10.34
N ASP A 568 7.72 27.26 9.78
CA ASP A 568 8.72 27.25 8.72
C ASP A 568 8.05 27.30 7.35
N ILE A 569 8.85 27.15 6.30
CA ILE A 569 8.32 27.06 4.95
C ILE A 569 7.52 25.76 4.79
N ALA A 570 7.92 24.71 5.48
CA ALA A 570 7.28 23.41 5.38
C ALA A 570 6.36 23.12 6.57
N ASP A 571 5.84 24.15 7.22
CA ASP A 571 4.82 24.05 8.26
C ASP A 571 5.29 23.30 9.50
N THR A 572 6.55 23.44 9.88
CA THR A 572 7.04 22.92 11.15
C THR A 572 7.41 24.06 12.07
N THR A 573 7.20 23.85 13.37
CA THR A 573 7.43 24.91 14.36
C THR A 573 8.88 25.36 14.31
N ASP A 574 9.08 26.65 14.03
CA ASP A 574 10.41 27.24 13.96
C ASP A 574 10.52 28.54 14.75
N ALA A 575 9.62 28.77 15.69
CA ALA A 575 9.62 29.95 16.55
C ALA A 575 8.54 29.78 17.59
N VAL A 576 8.64 30.53 18.67
CA VAL A 576 7.63 30.49 19.73
C VAL A 576 7.77 31.74 20.57
N ARG A 577 6.63 32.34 20.92
CA ARG A 577 6.63 33.45 21.86
C ARG A 577 6.40 32.89 23.26
N ASP A 578 7.39 33.06 24.13
CA ASP A 578 7.27 32.57 25.49
C ASP A 578 6.17 33.37 26.19
N PRO A 579 5.24 32.70 26.88
CA PRO A 579 4.10 33.45 27.46
C PRO A 579 4.51 34.46 28.52
N GLN A 580 5.33 34.07 29.49
CA GLN A 580 5.71 34.98 30.56
C GLN A 580 6.47 36.18 30.03
N THR A 581 7.52 35.92 29.25
CA THR A 581 8.33 36.97 28.64
C THR A 581 8.06 36.98 27.15
N LEU A 582 7.49 38.08 26.66
CA LEU A 582 7.04 38.17 25.27
C LEU A 582 8.25 38.37 24.36
N GLU A 583 8.95 37.27 24.09
CA GLU A 583 10.15 37.27 23.26
C GLU A 583 10.06 36.15 22.26
N ILE A 584 10.92 36.22 21.24
CA ILE A 584 10.95 35.26 20.15
C ILE A 584 12.27 34.49 20.24
N LEU A 585 12.19 33.17 20.17
CA LEU A 585 13.36 32.32 20.28
C LEU A 585 13.22 31.15 19.30
N ASP A 586 13.99 31.19 18.23
CA ASP A 586 13.91 30.18 17.18
C ASP A 586 14.17 28.80 17.74
N ILE A 587 13.27 27.86 17.44
CA ILE A 587 13.44 26.46 17.85
C ILE A 587 14.18 25.76 16.72
N THR A 588 15.50 25.90 16.74
CA THR A 588 16.27 25.07 15.84
C THR A 588 16.36 23.65 16.39
N PRO A 589 16.31 22.64 15.53
CA PRO A 589 16.20 21.26 16.01
C PRO A 589 17.43 20.85 16.81
N CYS A 590 17.22 19.93 17.75
CA CYS A 590 18.34 19.33 18.46
C CYS A 590 19.28 18.66 17.46
N SER A 591 20.58 18.91 17.63
CA SER A 591 21.57 18.44 16.67
C SER A 591 21.50 16.93 16.50
N PHE A 592 21.57 16.48 15.26
CA PHE A 592 21.48 15.05 14.96
C PHE A 592 22.20 14.78 13.65
N GLY A 593 22.45 13.50 13.40
CA GLY A 593 23.07 13.09 12.15
C GLY A 593 23.44 11.64 12.25
N GLY A 594 23.76 11.07 11.09
CA GLY A 594 24.15 9.68 11.03
C GLY A 594 25.48 9.44 11.71
N VAL A 595 25.71 8.19 12.09
CA VAL A 595 26.98 7.75 12.66
C VAL A 595 27.55 6.67 11.75
N SER A 596 28.78 6.85 11.31
CA SER A 596 29.44 5.91 10.40
C SER A 596 30.76 5.48 11.01
N VAL A 597 30.98 4.19 11.08
CA VAL A 597 32.22 3.64 11.62
C VAL A 597 33.19 3.45 10.46
N ILE A 598 34.33 4.12 10.54
CA ILE A 598 35.32 4.11 9.47
C ILE A 598 36.48 3.25 9.97
N THR A 599 36.51 2.00 9.52
CA THR A 599 37.51 1.03 9.95
C THR A 599 38.12 0.34 8.76
N PRO A 600 39.36 -0.10 8.87
CA PRO A 600 39.88 -1.07 7.90
C PRO A 600 39.31 -2.44 8.21
N GLY A 601 39.66 -3.46 7.43
CA GLY A 601 39.12 -4.78 7.69
C GLY A 601 39.56 -5.29 9.05
N THR A 602 38.74 -6.17 9.64
CA THR A 602 39.14 -6.83 10.87
C THR A 602 40.38 -7.69 10.65
N ASN A 603 40.59 -8.17 9.41
CA ASN A 603 41.83 -8.85 9.07
C ASN A 603 43.02 -7.90 9.18
N THR A 604 42.78 -6.61 9.01
CA THR A 604 43.85 -5.62 9.15
C THR A 604 44.03 -5.16 10.58
N SER A 605 42.97 -4.66 11.23
CA SER A 605 43.08 -4.18 12.60
C SER A 605 41.67 -4.04 13.17
N ASN A 606 41.59 -4.02 14.49
CA ASN A 606 40.35 -3.79 15.20
C ASN A 606 40.13 -2.34 15.58
N GLN A 607 41.02 -1.45 15.14
CA GLN A 607 40.91 -0.04 15.48
C GLN A 607 39.95 0.66 14.52
N VAL A 608 39.04 1.46 15.08
CA VAL A 608 38.02 2.14 14.30
C VAL A 608 38.05 3.63 14.60
N ALA A 609 37.48 4.40 13.67
CA ALA A 609 37.31 5.84 13.83
C ALA A 609 35.89 6.20 13.43
N VAL A 610 35.12 6.67 14.38
CA VAL A 610 33.72 6.99 14.16
C VAL A 610 33.62 8.33 13.44
N LEU A 611 32.44 8.64 12.90
CA LEU A 611 32.19 9.88 12.18
C LEU A 611 30.79 10.38 12.47
N TYR A 612 30.67 11.36 13.35
CA TYR A 612 29.38 11.99 13.65
C TYR A 612 29.09 12.99 12.54
N GLN A 613 28.23 12.60 11.60
CA GLN A 613 27.97 13.43 10.44
C GLN A 613 27.16 14.67 10.80
N ASP A 614 27.56 15.80 10.21
CA ASP A 614 26.78 17.04 10.24
C ASP A 614 26.53 17.52 11.67
N VAL A 615 27.53 17.34 12.53
CA VAL A 615 27.46 17.82 13.91
C VAL A 615 28.78 18.51 14.24
N ASN A 616 28.71 19.72 14.76
CA ASN A 616 29.91 20.39 15.22
C ASN A 616 30.46 19.65 16.43
N CYS A 617 31.79 19.60 16.51
CA CYS A 617 32.47 18.70 17.45
C CYS A 617 32.24 19.08 18.91
N THR A 618 31.70 20.26 19.19
CA THR A 618 31.55 20.70 20.57
C THR A 618 30.52 19.85 21.32
N GLU A 619 29.41 19.51 20.68
CA GLU A 619 28.29 18.84 21.35
C GLU A 619 28.35 17.33 21.26
N VAL A 620 29.44 16.77 20.73
CA VAL A 620 29.52 15.32 20.56
C VAL A 620 29.49 14.56 21.89
N PRO A 621 30.29 14.91 22.90
CA PRO A 621 30.36 14.04 24.09
C PRO A 621 29.04 13.83 24.80
N VAL A 622 28.16 14.83 24.80
CA VAL A 622 26.88 14.84 25.52
C VAL A 622 26.96 14.14 26.87
N TYR A 636 32.80 9.23 22.76
CA TYR A 636 33.64 8.07 22.46
C TYR A 636 34.85 8.03 23.39
N SER A 637 35.31 6.82 23.72
CA SER A 637 36.40 6.67 24.67
C SER A 637 37.68 7.30 24.17
N THR A 638 37.94 7.20 22.86
CA THR A 638 39.14 7.77 22.26
C THR A 638 38.92 9.26 21.96
N GLY A 639 38.87 10.04 23.03
CA GLY A 639 38.71 11.48 22.94
C GLY A 639 40.00 12.26 22.84
N SER A 640 41.15 11.58 22.72
CA SER A 640 42.43 12.28 22.66
C SER A 640 42.53 13.15 21.40
N ASN A 641 42.10 12.62 20.26
CA ASN A 641 42.15 13.34 19.00
C ASN A 641 40.75 13.46 18.42
N VAL A 642 40.35 14.69 18.09
CA VAL A 642 39.05 14.99 17.52
C VAL A 642 39.25 15.91 16.33
N PHE A 643 38.62 15.57 15.21
CA PHE A 643 38.77 16.31 13.97
C PHE A 643 37.41 16.82 13.52
N GLN A 644 37.40 17.98 12.87
CA GLN A 644 36.18 18.61 12.41
C GLN A 644 36.26 18.85 10.91
N THR A 645 35.17 18.60 10.21
CA THR A 645 35.12 18.75 8.75
C THR A 645 33.69 18.93 8.32
N ARG A 646 33.50 19.27 7.05
CA ARG A 646 32.16 19.47 6.52
C ARG A 646 31.32 18.20 6.63
N ALA A 647 31.95 17.04 6.50
CA ALA A 647 31.22 15.79 6.72
C ALA A 647 30.73 15.70 8.15
N GLY A 648 31.57 16.07 9.11
CA GLY A 648 31.18 16.09 10.50
C GLY A 648 32.36 15.78 11.39
N CYS A 649 32.07 15.70 12.70
CA CYS A 649 33.06 15.32 13.69
C CYS A 649 33.63 13.96 13.35
N LEU A 650 34.90 13.92 12.95
CA LEU A 650 35.59 12.66 12.70
C LEU A 650 36.47 12.35 13.90
N ILE A 651 36.02 11.44 14.75
CA ILE A 651 36.71 11.05 15.97
C ILE A 651 37.46 9.76 15.71
N GLY A 652 38.69 9.68 16.23
CA GLY A 652 39.51 8.50 16.10
C GLY A 652 40.54 8.57 15.01
N ALA A 653 40.48 9.58 14.14
CA ALA A 653 41.46 9.75 13.08
C ALA A 653 42.14 11.10 13.23
N GLU A 654 43.43 11.14 12.93
CA GLU A 654 44.22 12.37 13.02
C GLU A 654 44.50 12.91 11.62
N HIS A 655 44.28 14.21 11.45
CA HIS A 655 44.43 14.82 10.15
C HIS A 655 45.88 14.75 9.67
N VAL A 656 46.05 14.58 8.36
CA VAL A 656 47.35 14.49 7.73
C VAL A 656 47.42 15.56 6.65
N ASN A 657 48.48 16.37 6.68
CA ASN A 657 48.60 17.46 5.72
C ASN A 657 48.89 16.94 4.33
N ASN A 658 49.51 15.77 4.23
CA ASN A 658 49.76 15.16 2.93
C ASN A 658 48.44 14.69 2.33
N SER A 659 48.50 14.30 1.06
CA SER A 659 47.32 13.82 0.35
C SER A 659 47.64 12.48 -0.30
N TYR A 660 46.73 11.52 -0.18
CA TYR A 660 46.89 10.20 -0.75
C TYR A 660 45.62 9.81 -1.51
N GLU A 661 45.72 8.72 -2.27
CA GLU A 661 44.56 8.20 -2.97
C GLU A 661 43.50 7.76 -1.98
N CYS A 662 42.24 7.96 -2.36
CA CYS A 662 41.13 7.67 -1.47
C CYS A 662 41.01 6.17 -1.20
N ASP A 663 40.84 5.82 0.07
CA ASP A 663 40.59 4.44 0.50
C ASP A 663 39.20 4.27 1.07
N ILE A 664 38.87 5.02 2.12
CA ILE A 664 37.54 5.03 2.70
C ILE A 664 36.97 6.43 2.54
N PRO A 665 36.05 6.62 1.61
CA PRO A 665 35.54 7.98 1.33
C PRO A 665 34.72 8.53 2.48
N ILE A 666 35.25 9.54 3.16
CA ILE A 666 34.54 10.13 4.29
C ILE A 666 33.46 11.07 3.80
N GLY A 667 33.80 11.95 2.86
CA GLY A 667 32.85 12.95 2.39
C GLY A 667 33.47 14.33 2.34
N ALA A 668 32.88 15.21 1.56
CA ALA A 668 33.33 16.60 1.46
C ALA A 668 34.79 16.69 1.04
N GLY A 669 35.25 15.69 0.30
CA GLY A 669 36.57 15.73 -0.28
C GLY A 669 37.71 15.26 0.59
N ILE A 670 37.43 14.54 1.67
CA ILE A 670 38.47 13.97 2.53
C ILE A 670 38.26 12.47 2.61
N CYS A 671 39.35 11.72 2.58
CA CYS A 671 39.32 10.26 2.66
C CYS A 671 40.29 9.81 3.74
N ALA A 672 39.85 8.85 4.55
CA ALA A 672 40.65 8.33 5.64
C ALA A 672 41.14 6.92 5.32
N SER A 673 42.37 6.64 5.75
CA SER A 673 42.98 5.33 5.58
C SER A 673 43.78 4.99 6.83
N TYR A 674 44.11 3.71 6.95
CA TYR A 674 44.83 3.16 8.10
C TYR A 674 46.30 3.15 7.72
N GLN A 675 47.13 3.91 8.43
CA GLN A 675 48.51 4.06 8.03
C GLN A 675 49.33 4.47 9.24
N THR A 676 50.59 4.06 9.23
CA THR A 676 51.54 4.48 10.25
C THR A 676 51.85 5.97 10.12
N SER A 686 52.27 0.58 15.61
CA SER A 686 52.37 2.00 15.30
C SER A 686 51.46 2.38 14.15
N GLN A 687 50.29 1.76 14.10
CA GLN A 687 49.33 1.97 13.02
C GLN A 687 48.09 2.63 13.60
N SER A 688 47.68 3.75 12.99
CA SER A 688 46.52 4.51 13.43
C SER A 688 45.79 5.07 12.21
N ILE A 689 44.49 5.28 12.40
CA ILE A 689 43.66 5.82 11.32
C ILE A 689 43.99 7.30 11.12
N ILE A 690 44.27 7.66 9.88
CA ILE A 690 44.61 9.03 9.50
C ILE A 690 43.69 9.47 8.37
N ALA A 691 43.27 10.73 8.44
CA ALA A 691 42.37 11.33 7.46
C ALA A 691 43.14 12.37 6.67
N TYR A 692 42.97 12.37 5.35
CA TYR A 692 43.69 13.28 4.47
C TYR A 692 42.73 13.84 3.44
N THR A 693 43.10 15.01 2.90
CA THR A 693 42.40 15.52 1.73
C THR A 693 42.66 14.62 0.54
N MET A 694 41.61 14.37 -0.24
CA MET A 694 41.73 13.45 -1.36
C MET A 694 42.80 13.93 -2.32
N SER A 695 43.65 13.00 -2.76
CA SER A 695 44.61 13.26 -3.83
C SER A 695 43.99 12.73 -5.10
N LEU A 696 43.53 13.65 -5.96
CA LEU A 696 42.85 13.23 -7.18
C LEU A 696 43.78 12.50 -8.13
N GLY A 697 45.08 12.56 -7.90
CA GLY A 697 46.03 11.83 -8.71
C GLY A 697 47.36 12.53 -8.72
N ALA A 698 48.36 11.82 -9.23
CA ALA A 698 49.68 12.40 -9.39
C ALA A 698 49.61 13.60 -10.31
N GLU A 699 50.33 14.66 -9.95
CA GLU A 699 50.21 15.93 -10.66
C GLU A 699 51.04 15.94 -11.95
N ASN A 700 50.82 14.95 -12.81
CA ASN A 700 51.46 14.95 -14.11
C ASN A 700 50.99 16.16 -14.89
N SER A 701 51.95 16.89 -15.47
CA SER A 701 51.66 18.03 -16.32
C SER A 701 52.35 17.78 -17.66
N VAL A 702 51.58 17.84 -18.73
CA VAL A 702 52.14 17.58 -20.05
C VAL A 702 53.09 18.71 -20.43
N ALA A 703 54.22 18.34 -21.04
CA ALA A 703 55.23 19.32 -21.46
C ALA A 703 54.81 19.94 -22.78
N TYR A 704 53.69 20.66 -22.73
CA TYR A 704 53.17 21.31 -23.93
C TYR A 704 54.13 22.37 -24.43
N SER A 705 54.26 22.44 -25.75
CA SER A 705 54.98 23.52 -26.40
C SER A 705 54.39 23.69 -27.79
N ASN A 706 54.80 24.77 -28.45
CA ASN A 706 54.32 25.03 -29.80
C ASN A 706 54.68 23.90 -30.76
N ASN A 707 55.72 23.13 -30.45
CA ASN A 707 56.20 22.07 -31.32
C ASN A 707 56.59 20.85 -30.49
N SER A 708 55.76 20.50 -29.52
CA SER A 708 56.04 19.37 -28.63
C SER A 708 55.07 18.24 -28.96
N ILE A 709 55.59 17.19 -29.60
CA ILE A 709 54.84 15.99 -29.91
C ILE A 709 55.47 14.82 -29.19
N ALA A 710 54.62 13.96 -28.63
CA ALA A 710 55.06 12.72 -28.01
C ALA A 710 54.43 11.56 -28.74
N ILE A 711 55.25 10.62 -29.21
CA ILE A 711 54.79 9.47 -29.98
C ILE A 711 55.31 8.21 -29.33
N PRO A 712 54.45 7.26 -28.96
CA PRO A 712 54.92 6.07 -28.24
C PRO A 712 55.74 5.17 -29.13
N THR A 713 56.57 4.34 -28.49
CA THR A 713 57.49 3.46 -29.21
C THR A 713 57.10 2.00 -29.13
N ASN A 714 56.39 1.58 -28.08
CA ASN A 714 55.84 0.23 -28.00
C ASN A 714 54.48 0.30 -27.32
N PHE A 715 53.85 -0.86 -27.20
CA PHE A 715 52.50 -0.99 -26.69
C PHE A 715 52.46 -2.06 -25.62
N THR A 716 51.30 -2.22 -25.00
CA THR A 716 51.07 -3.28 -24.03
C THR A 716 49.65 -3.81 -24.23
N ILE A 717 49.53 -4.85 -25.04
CA ILE A 717 48.25 -5.54 -25.18
C ILE A 717 47.80 -5.99 -23.80
N SER A 718 46.67 -5.48 -23.34
CA SER A 718 46.20 -5.74 -21.99
C SER A 718 44.74 -6.16 -22.02
N VAL A 719 44.41 -7.18 -21.23
CA VAL A 719 43.04 -7.64 -21.09
C VAL A 719 42.53 -7.24 -19.71
N THR A 720 41.54 -6.36 -19.69
CA THR A 720 40.89 -5.96 -18.45
C THR A 720 39.47 -6.48 -18.48
N THR A 721 39.10 -7.22 -17.44
CA THR A 721 37.75 -7.76 -17.35
C THR A 721 36.76 -6.64 -17.14
N GLU A 722 35.63 -6.72 -17.83
CA GLU A 722 34.48 -5.90 -17.52
C GLU A 722 33.29 -6.84 -17.39
N ILE A 723 32.71 -6.88 -16.20
CA ILE A 723 31.71 -7.87 -15.84
C ILE A 723 30.37 -7.16 -15.70
N LEU A 724 29.33 -7.72 -16.32
CA LEU A 724 28.03 -7.09 -16.33
C LEU A 724 26.97 -8.09 -15.90
N PRO A 725 26.09 -7.73 -14.97
CA PRO A 725 24.90 -8.55 -14.73
C PRO A 725 24.07 -8.63 -16.00
N VAL A 726 23.43 -9.78 -16.20
CA VAL A 726 22.63 -10.04 -17.39
C VAL A 726 21.22 -10.47 -17.03
N SER A 727 21.09 -11.38 -16.07
CA SER A 727 19.79 -11.83 -15.62
C SER A 727 19.89 -12.16 -14.15
N MET A 728 18.73 -12.35 -13.53
CA MET A 728 18.67 -12.78 -12.15
C MET A 728 17.77 -14.00 -12.07
N THR A 729 17.63 -14.55 -10.87
CA THR A 729 16.75 -15.69 -10.67
C THR A 729 15.34 -15.31 -11.08
N LYS A 730 14.69 -16.18 -11.85
CA LYS A 730 13.34 -15.89 -12.33
C LYS A 730 12.32 -16.24 -11.26
N THR A 731 12.48 -15.68 -10.07
CA THR A 731 11.53 -15.95 -8.99
C THR A 731 10.13 -15.56 -9.42
N SER A 732 9.18 -16.46 -9.18
CA SER A 732 7.78 -16.25 -9.54
C SER A 732 6.94 -16.56 -8.31
N VAL A 733 6.74 -15.56 -7.46
CA VAL A 733 6.02 -15.73 -6.22
C VAL A 733 4.53 -15.53 -6.47
N ASP A 734 3.78 -16.62 -6.49
CA ASP A 734 2.33 -16.50 -6.40
C ASP A 734 1.96 -16.04 -5.00
N CYS A 735 0.95 -15.18 -4.91
CA CYS A 735 0.61 -14.65 -3.60
C CYS A 735 -0.58 -15.34 -2.96
N THR A 736 -1.32 -16.15 -3.71
CA THR A 736 -2.41 -16.91 -3.10
C THR A 736 -1.87 -17.82 -2.01
N MET A 737 -0.68 -18.39 -2.20
CA MET A 737 -0.03 -19.17 -1.16
C MET A 737 0.87 -18.33 -0.26
N TYR A 738 1.33 -17.17 -0.72
CA TYR A 738 2.23 -16.36 0.09
C TYR A 738 1.47 -15.62 1.18
N ILE A 739 0.51 -14.77 0.80
CA ILE A 739 -0.21 -14.00 1.80
C ILE A 739 -1.03 -14.92 2.68
N CYS A 740 -1.57 -15.98 2.10
CA CYS A 740 -2.46 -16.91 2.79
C CYS A 740 -1.92 -18.32 2.65
N GLY A 741 -1.95 -19.08 3.73
CA GLY A 741 -1.53 -20.46 3.66
C GLY A 741 -2.60 -21.32 3.01
N ASP A 742 -2.84 -22.50 3.58
CA ASP A 742 -3.96 -23.30 3.11
C ASP A 742 -5.30 -22.77 3.58
N SER A 743 -5.32 -21.64 4.29
CA SER A 743 -6.55 -21.09 4.83
C SER A 743 -7.47 -20.59 3.72
N THR A 744 -8.66 -21.17 3.64
CA THR A 744 -9.62 -20.78 2.61
C THR A 744 -10.31 -19.45 2.93
N GLU A 745 -10.51 -19.15 4.21
CA GLU A 745 -11.06 -17.86 4.59
C GLU A 745 -10.12 -16.74 4.19
N CYS A 746 -8.80 -16.95 4.38
CA CYS A 746 -7.83 -15.98 3.90
C CYS A 746 -7.88 -15.87 2.39
N SER A 747 -8.11 -16.99 1.70
CA SER A 747 -8.25 -16.93 0.24
C SER A 747 -9.43 -16.06 -0.16
N ASN A 748 -10.56 -16.19 0.53
CA ASN A 748 -11.71 -15.35 0.24
C ASN A 748 -11.40 -13.88 0.53
N LEU A 749 -10.74 -13.61 1.66
CA LEU A 749 -10.40 -12.23 2.00
C LEU A 749 -9.49 -11.61 0.95
N LEU A 750 -8.54 -12.39 0.44
CA LEU A 750 -7.72 -11.92 -0.66
C LEU A 750 -8.57 -11.70 -1.90
N LEU A 751 -9.54 -12.60 -2.14
CA LEU A 751 -10.45 -12.45 -3.28
C LEU A 751 -11.26 -11.17 -3.20
N GLN A 752 -11.45 -10.62 -1.99
CA GLN A 752 -12.09 -9.31 -1.89
C GLN A 752 -11.30 -8.27 -2.65
N TYR A 753 -9.97 -8.26 -2.50
CA TYR A 753 -9.12 -7.42 -3.31
C TYR A 753 -9.17 -7.90 -4.75
N GLY A 754 -9.53 -7.00 -5.66
CA GLY A 754 -9.95 -7.43 -6.99
C GLY A 754 -8.92 -8.15 -7.81
N SER A 755 -7.88 -7.43 -8.26
CA SER A 755 -6.93 -8.00 -9.20
C SER A 755 -5.49 -7.73 -8.76
N PHE A 756 -5.28 -7.57 -7.46
CA PHE A 756 -3.92 -7.30 -6.98
C PHE A 756 -2.99 -8.46 -7.29
N CYS A 757 -3.39 -9.68 -6.95
CA CYS A 757 -2.51 -10.82 -7.17
C CYS A 757 -2.39 -11.17 -8.65
N THR A 758 -3.42 -10.91 -9.45
CA THR A 758 -3.28 -11.10 -10.88
C THR A 758 -2.22 -10.17 -11.46
N GLN A 759 -2.24 -8.90 -11.06
CA GLN A 759 -1.21 -7.97 -11.50
C GLN A 759 0.17 -8.39 -11.00
N LEU A 760 0.25 -8.80 -9.74
CA LEU A 760 1.54 -9.19 -9.18
C LEU A 760 2.12 -10.39 -9.92
N ASN A 761 1.30 -11.39 -10.17
CA ASN A 761 1.77 -12.59 -10.86
C ASN A 761 2.10 -12.29 -12.31
N ARG A 762 1.31 -11.45 -12.98
CA ARG A 762 1.63 -11.08 -14.35
C ARG A 762 2.94 -10.30 -14.41
N ALA A 763 3.15 -9.41 -13.44
CA ALA A 763 4.40 -8.65 -13.39
C ALA A 763 5.59 -9.58 -13.17
N LEU A 764 5.45 -10.54 -12.27
CA LEU A 764 6.58 -11.43 -11.98
C LEU A 764 6.83 -12.38 -13.15
N THR A 765 5.78 -12.85 -13.82
CA THR A 765 5.98 -13.68 -15.02
C THR A 765 6.58 -12.87 -16.14
N GLY A 766 6.20 -11.60 -16.29
CA GLY A 766 6.85 -10.75 -17.26
C GLY A 766 8.32 -10.54 -16.93
N ILE A 767 8.63 -10.40 -15.63
CA ILE A 767 10.01 -10.31 -15.20
C ILE A 767 10.77 -11.57 -15.59
N ALA A 768 10.17 -12.74 -15.34
CA ALA A 768 10.86 -14.00 -15.65
C ALA A 768 11.04 -14.19 -17.15
N VAL A 769 10.02 -13.89 -17.94
CA VAL A 769 10.13 -14.01 -19.39
C VAL A 769 11.17 -13.03 -19.92
N GLU A 770 11.23 -11.82 -19.35
CA GLU A 770 12.25 -10.89 -19.79
C GLU A 770 13.63 -11.28 -19.27
N GLN A 771 13.73 -12.08 -18.21
CA GLN A 771 15.03 -12.64 -17.84
C GLN A 771 15.49 -13.66 -18.86
N ASP A 772 14.58 -14.53 -19.29
CA ASP A 772 14.92 -15.47 -20.36
C ASP A 772 15.29 -14.73 -21.63
N LYS A 773 14.55 -13.67 -21.95
CA LYS A 773 14.87 -12.86 -23.11
C LYS A 773 16.17 -12.08 -22.92
N ASN A 774 16.50 -11.72 -21.68
CA ASN A 774 17.79 -11.09 -21.40
C ASN A 774 18.91 -12.05 -21.74
N THR A 775 18.83 -13.27 -21.23
CA THR A 775 19.86 -14.26 -21.54
C THR A 775 19.92 -14.52 -23.04
N GLN A 776 18.77 -14.54 -23.70
CA GLN A 776 18.77 -14.84 -25.13
C GLN A 776 19.34 -13.69 -25.95
N GLU A 777 18.96 -12.46 -25.65
CA GLU A 777 19.48 -11.31 -26.39
C GLU A 777 20.97 -11.13 -26.14
N VAL A 778 21.40 -11.31 -24.89
CA VAL A 778 22.82 -11.20 -24.59
C VAL A 778 23.58 -12.32 -25.28
N PHE A 779 23.31 -13.57 -24.89
CA PHE A 779 24.16 -14.69 -25.29
C PHE A 779 23.82 -15.19 -26.69
N ALA A 780 22.54 -15.34 -27.01
CA ALA A 780 22.13 -15.97 -28.26
C ALA A 780 22.12 -14.97 -29.41
N GLN A 781 23.29 -14.40 -29.69
CA GLN A 781 23.41 -13.47 -30.79
C GLN A 781 23.69 -14.14 -32.12
N VAL A 782 24.00 -15.43 -32.11
CA VAL A 782 24.43 -16.16 -33.30
C VAL A 782 23.51 -17.35 -33.50
N LYS A 783 23.07 -17.55 -34.75
CA LYS A 783 22.14 -18.63 -35.05
C LYS A 783 22.80 -19.99 -34.90
N GLN A 784 23.98 -20.17 -35.48
CA GLN A 784 24.62 -21.46 -35.57
C GLN A 784 25.65 -21.62 -34.47
N ILE A 785 25.68 -22.80 -33.85
CA ILE A 785 26.66 -23.12 -32.82
C ILE A 785 27.93 -23.58 -33.53
N TYR A 786 29.00 -22.80 -33.40
CA TYR A 786 30.25 -23.18 -34.03
C TYR A 786 31.10 -24.03 -33.09
N LYS A 787 32.08 -24.70 -33.68
CA LYS A 787 33.03 -25.51 -32.94
C LYS A 787 34.45 -25.06 -33.28
N THR A 788 35.30 -25.00 -32.25
CA THR A 788 36.69 -24.69 -32.48
C THR A 788 37.38 -25.86 -33.18
N PRO A 789 38.38 -25.58 -34.02
CA PRO A 789 39.05 -26.66 -34.73
C PRO A 789 39.77 -27.58 -33.76
N PRO A 790 39.93 -28.86 -34.12
CA PRO A 790 40.68 -29.76 -33.25
C PRO A 790 42.12 -29.33 -33.02
N ILE A 791 42.76 -28.70 -34.00
CA ILE A 791 44.12 -28.22 -33.87
C ILE A 791 44.09 -26.73 -33.56
N LYS A 792 44.65 -26.35 -32.41
CA LYS A 792 44.65 -24.96 -31.97
C LYS A 792 46.00 -24.31 -32.28
N ASP A 793 46.24 -24.09 -33.58
CA ASP A 793 47.46 -23.43 -34.04
C ASP A 793 47.10 -22.02 -34.47
N PHE A 794 47.24 -21.06 -33.54
CA PHE A 794 46.82 -19.68 -33.75
C PHE A 794 47.99 -18.73 -33.91
N GLY A 795 49.10 -19.21 -34.47
CA GLY A 795 50.23 -18.34 -34.74
C GLY A 795 50.94 -17.82 -33.52
N GLY A 796 50.64 -18.37 -32.33
CA GLY A 796 51.22 -17.94 -31.08
C GLY A 796 50.20 -17.66 -30.00
N PHE A 797 49.04 -17.15 -30.38
CA PHE A 797 48.00 -16.85 -29.40
C PHE A 797 47.51 -18.14 -28.75
N ASN A 798 47.40 -18.12 -27.43
CA ASN A 798 47.04 -19.32 -26.67
C ASN A 798 45.67 -19.09 -26.03
N PHE A 799 44.72 -19.96 -26.38
CA PHE A 799 43.36 -19.89 -25.86
C PHE A 799 43.03 -21.09 -24.98
N SER A 800 44.04 -21.70 -24.35
CA SER A 800 43.77 -22.81 -23.44
C SER A 800 42.88 -22.37 -22.29
N GLN A 801 43.20 -21.22 -21.69
CA GLN A 801 42.35 -20.65 -20.66
C GLN A 801 41.07 -20.09 -21.22
N ILE A 802 41.04 -19.80 -22.52
CA ILE A 802 39.92 -19.10 -23.13
C ILE A 802 38.82 -20.06 -23.61
N LEU A 803 39.19 -21.20 -24.17
CA LEU A 803 38.31 -22.12 -24.86
C LEU A 803 37.84 -23.24 -23.93
N PRO A 804 36.75 -23.93 -24.29
CA PRO A 804 36.23 -24.97 -23.39
C PRO A 804 37.25 -26.06 -23.10
N ASP A 805 37.16 -26.61 -21.89
CA ASP A 805 38.08 -27.65 -21.43
C ASP A 805 37.41 -29.00 -21.53
N PRO A 806 37.76 -29.83 -22.52
CA PRO A 806 37.15 -31.17 -22.61
C PRO A 806 37.52 -32.09 -21.45
N SER A 807 38.61 -31.79 -20.73
CA SER A 807 39.00 -32.64 -19.61
C SER A 807 37.95 -32.63 -18.51
N LYS A 808 37.40 -31.46 -18.19
CA LYS A 808 36.33 -31.39 -17.22
C LYS A 808 35.02 -31.90 -17.83
N PRO A 809 34.09 -32.37 -17.00
CA PRO A 809 32.83 -32.90 -17.56
C PRO A 809 32.06 -31.88 -18.38
N SER A 810 32.06 -30.61 -17.96
CA SER A 810 31.38 -29.57 -18.71
C SER A 810 32.32 -28.96 -19.74
N LYS A 811 31.73 -28.45 -20.82
CA LYS A 811 32.51 -27.80 -21.87
C LYS A 811 32.77 -26.35 -21.49
N ARG A 812 33.32 -26.13 -20.30
CA ARG A 812 33.57 -24.80 -19.77
C ARG A 812 35.06 -24.52 -19.74
N SER A 813 35.41 -23.28 -20.02
CA SER A 813 36.80 -22.87 -19.99
C SER A 813 37.30 -22.85 -18.55
N PRO A 814 38.61 -23.00 -18.34
CA PRO A 814 39.14 -22.89 -16.98
C PRO A 814 38.82 -21.55 -16.33
N ILE A 815 38.84 -20.47 -17.09
CA ILE A 815 38.42 -19.18 -16.54
C ILE A 815 36.94 -19.22 -16.19
N GLU A 816 36.13 -19.91 -16.99
CA GLU A 816 34.73 -20.07 -16.65
C GLU A 816 34.58 -20.87 -15.36
N ASP A 817 35.45 -21.85 -15.15
CA ASP A 817 35.44 -22.59 -13.88
C ASP A 817 35.82 -21.68 -12.72
N LEU A 818 36.81 -20.82 -12.92
CA LEU A 818 37.16 -19.82 -11.91
C LEU A 818 35.97 -18.96 -11.57
N LEU A 819 35.30 -18.44 -12.58
CA LEU A 819 34.15 -17.56 -12.35
C LEU A 819 33.03 -18.31 -11.67
N PHE A 820 32.83 -19.58 -12.03
CA PHE A 820 31.76 -20.37 -11.43
C PHE A 820 32.03 -20.64 -9.95
N ASN A 821 33.28 -20.96 -9.60
CA ASN A 821 33.59 -21.22 -8.20
C ASN A 821 33.60 -19.94 -7.39
N LYS A 822 34.07 -18.83 -7.98
CA LYS A 822 34.15 -17.57 -7.25
C LYS A 822 32.77 -17.08 -6.84
N VAL A 823 31.80 -17.17 -7.74
CA VAL A 823 30.43 -16.77 -7.44
C VAL A 823 29.76 -17.87 -6.63
N THR A 824 29.20 -17.51 -5.49
CA THR A 824 28.48 -18.47 -4.65
C THR A 824 26.97 -18.28 -4.78
N LYS A 851 11.45 -24.49 3.73
CA LYS A 851 12.33 -23.79 2.80
C LYS A 851 11.54 -22.82 1.92
N PHE A 852 10.36 -23.24 1.49
CA PHE A 852 9.53 -22.46 0.59
C PHE A 852 8.23 -22.07 1.31
N ASN A 853 7.98 -20.76 1.38
CA ASN A 853 6.73 -20.24 1.94
C ASN A 853 5.75 -19.85 0.84
N GLY A 854 5.76 -20.56 -0.28
CA GLY A 854 5.05 -20.16 -1.46
C GLY A 854 5.90 -19.48 -2.51
N LEU A 855 7.21 -19.46 -2.34
CA LEU A 855 8.14 -18.81 -3.24
C LEU A 855 8.77 -19.86 -4.15
N THR A 856 8.72 -19.64 -5.46
CA THR A 856 9.25 -20.59 -6.41
C THR A 856 10.25 -19.90 -7.33
N VAL A 857 11.36 -20.58 -7.59
CA VAL A 857 12.36 -20.10 -8.53
C VAL A 857 12.25 -20.91 -9.81
N LEU A 858 12.27 -20.24 -10.94
CA LEU A 858 12.16 -21.08 -12.12
C LEU A 858 13.51 -21.24 -12.78
N PRO A 859 13.80 -22.41 -13.34
CA PRO A 859 15.07 -22.61 -14.02
C PRO A 859 15.19 -21.70 -15.23
N PRO A 860 16.38 -21.20 -15.52
CA PRO A 860 16.57 -20.47 -16.78
C PRO A 860 16.31 -21.39 -17.96
N LEU A 861 15.66 -20.86 -18.99
CA LEU A 861 15.37 -21.67 -20.16
C LEU A 861 16.64 -22.20 -20.78
N LEU A 862 17.64 -21.33 -20.95
CA LEU A 862 18.97 -21.77 -21.38
C LEU A 862 19.72 -22.19 -20.13
N THR A 863 19.83 -23.49 -19.89
CA THR A 863 20.52 -23.96 -18.71
C THR A 863 21.98 -23.52 -18.72
N ASP A 864 22.64 -23.70 -17.59
CA ASP A 864 24.04 -23.30 -17.49
C ASP A 864 24.89 -23.98 -18.55
N GLU A 865 24.56 -25.23 -18.90
CA GLU A 865 25.29 -25.91 -19.96
C GLU A 865 25.04 -25.27 -21.32
N MET A 866 23.78 -24.93 -21.63
CA MET A 866 23.53 -24.28 -22.91
C MET A 866 24.03 -22.84 -22.94
N ILE A 867 23.99 -22.12 -21.81
CA ILE A 867 24.59 -20.79 -21.77
C ILE A 867 26.08 -20.90 -22.04
N ALA A 868 26.75 -21.86 -21.40
CA ALA A 868 28.17 -22.07 -21.65
C ALA A 868 28.42 -22.47 -23.09
N GLN A 869 27.52 -23.26 -23.68
CA GLN A 869 27.71 -23.64 -25.08
C GLN A 869 27.48 -22.47 -26.02
N TYR A 870 26.55 -21.58 -25.68
CA TYR A 870 26.36 -20.37 -26.46
C TYR A 870 27.59 -19.49 -26.42
N THR A 871 28.15 -19.30 -25.22
CA THR A 871 29.39 -18.52 -25.12
C THR A 871 30.53 -19.22 -25.84
N SER A 872 30.55 -20.56 -25.80
CA SER A 872 31.59 -21.30 -26.49
C SER A 872 31.49 -21.11 -28.00
N ALA A 873 30.27 -21.14 -28.54
CA ALA A 873 30.08 -20.92 -29.97
C ALA A 873 30.41 -19.48 -30.36
N LEU A 874 29.99 -18.52 -29.53
CA LEU A 874 30.31 -17.13 -29.77
C LEU A 874 31.81 -16.90 -29.80
N LEU A 875 32.49 -17.43 -28.79
CA LEU A 875 33.94 -17.30 -28.69
C LEU A 875 34.65 -18.05 -29.80
N ALA A 876 34.13 -19.20 -30.21
CA ALA A 876 34.70 -19.92 -31.33
C ALA A 876 34.59 -19.12 -32.62
N GLY A 877 33.43 -18.50 -32.84
CA GLY A 877 33.28 -17.63 -33.98
C GLY A 877 34.26 -16.47 -33.94
N THR A 878 34.42 -15.86 -32.76
CA THR A 878 35.39 -14.79 -32.62
C THR A 878 36.79 -15.28 -32.97
N ILE A 879 37.14 -16.48 -32.50
CA ILE A 879 38.50 -16.96 -32.66
C ILE A 879 38.80 -17.33 -34.12
N THR A 880 37.88 -17.99 -34.80
CA THR A 880 38.17 -18.50 -36.14
C THR A 880 37.52 -17.69 -37.26
N SER A 881 36.24 -17.33 -37.12
CA SER A 881 35.57 -16.57 -38.16
C SER A 881 35.95 -15.10 -38.15
N GLY A 882 36.13 -14.52 -36.97
CA GLY A 882 36.45 -13.11 -36.85
C GLY A 882 35.23 -12.30 -36.41
N TRP A 883 35.01 -11.16 -37.07
CA TRP A 883 33.84 -10.35 -36.80
C TRP A 883 32.68 -10.64 -37.75
N THR A 884 32.88 -11.53 -38.72
CA THR A 884 31.91 -11.68 -39.79
C THR A 884 30.67 -12.46 -39.34
N PHE A 885 30.82 -13.40 -38.42
CA PHE A 885 29.67 -14.21 -38.02
C PHE A 885 28.56 -13.37 -37.40
N GLY A 886 28.89 -12.20 -36.87
CA GLY A 886 27.86 -11.32 -36.35
C GLY A 886 26.97 -10.75 -37.44
N ALA A 887 27.55 -10.42 -38.59
CA ALA A 887 26.76 -9.89 -39.69
C ALA A 887 25.88 -10.97 -40.32
N GLY A 888 26.40 -12.17 -40.47
CA GLY A 888 25.75 -13.20 -41.23
C GLY A 888 26.62 -14.41 -41.41
N PRO A 889 26.79 -14.85 -42.66
CA PRO A 889 27.55 -16.07 -42.92
C PRO A 889 28.96 -15.97 -42.36
N ALA A 890 29.44 -17.06 -41.76
CA ALA A 890 30.68 -17.05 -41.00
C ALA A 890 31.86 -17.16 -41.95
N LEU A 891 32.30 -16.02 -42.45
CA LEU A 891 33.58 -15.93 -43.13
C LEU A 891 34.70 -16.32 -42.17
N GLN A 892 35.64 -17.12 -42.65
CA GLN A 892 36.73 -17.64 -41.82
C GLN A 892 38.02 -16.90 -42.11
N ILE A 893 38.65 -16.38 -41.07
CA ILE A 893 39.91 -15.65 -41.20
C ILE A 893 40.85 -16.08 -40.07
N PRO A 894 42.09 -16.42 -40.37
CA PRO A 894 43.03 -16.83 -39.32
C PRO A 894 43.23 -15.74 -38.28
N PHE A 895 43.37 -16.18 -37.03
CA PHE A 895 43.46 -15.22 -35.93
C PHE A 895 44.58 -14.20 -36.06
N PRO A 896 45.79 -14.54 -36.53
CA PRO A 896 46.77 -13.47 -36.77
C PRO A 896 46.28 -12.39 -37.72
N MET A 897 45.59 -12.76 -38.81
CA MET A 897 45.09 -11.73 -39.72
C MET A 897 43.92 -10.98 -39.13
N GLN A 898 43.06 -11.66 -38.38
CA GLN A 898 41.99 -10.96 -37.69
C GLN A 898 42.56 -9.97 -36.70
N MET A 899 43.65 -10.32 -36.03
CA MET A 899 44.27 -9.42 -35.07
C MET A 899 44.94 -8.25 -35.78
N ALA A 900 45.52 -8.49 -36.96
CA ALA A 900 46.03 -7.36 -37.75
C ALA A 900 44.90 -6.42 -38.14
N TYR A 901 43.73 -6.97 -38.45
CA TYR A 901 42.57 -6.13 -38.74
C TYR A 901 42.13 -5.35 -37.50
N ARG A 902 42.11 -5.99 -36.34
CA ARG A 902 41.80 -5.27 -35.12
C ARG A 902 42.81 -4.16 -34.87
N PHE A 903 44.07 -4.39 -35.23
CA PHE A 903 45.06 -3.32 -35.17
C PHE A 903 44.69 -2.18 -36.10
N ASN A 904 44.36 -2.50 -37.35
CA ASN A 904 44.01 -1.46 -38.31
C ASN A 904 42.79 -0.66 -37.87
N GLY A 905 41.91 -1.27 -37.08
CA GLY A 905 40.71 -0.57 -36.67
C GLY A 905 40.94 0.54 -35.66
N ILE A 906 42.09 0.51 -34.97
CA ILE A 906 42.38 1.52 -33.96
C ILE A 906 43.32 2.60 -34.47
N GLY A 907 43.71 2.57 -35.75
CA GLY A 907 44.63 3.51 -36.29
C GLY A 907 46.06 3.04 -36.34
N VAL A 908 46.40 2.02 -35.55
CA VAL A 908 47.72 1.40 -35.65
C VAL A 908 47.77 0.54 -36.90
N THR A 909 48.85 0.68 -37.67
CA THR A 909 48.93 -0.05 -38.92
C THR A 909 49.01 -1.55 -38.64
N GLN A 910 48.71 -2.34 -39.67
CA GLN A 910 48.70 -3.79 -39.53
C GLN A 910 50.08 -4.40 -39.58
N ASN A 911 51.07 -3.71 -40.16
CA ASN A 911 52.42 -4.25 -40.20
C ASN A 911 53.00 -4.41 -38.81
N VAL A 912 52.51 -3.62 -37.85
CA VAL A 912 53.05 -3.68 -36.50
C VAL A 912 52.88 -5.07 -35.91
N LEU A 913 51.73 -5.70 -36.14
CA LEU A 913 51.48 -7.00 -35.56
C LEU A 913 52.25 -8.10 -36.27
N TYR A 914 52.27 -8.06 -37.60
CA TYR A 914 53.02 -9.09 -38.33
C TYR A 914 54.50 -9.04 -37.99
N GLU A 915 55.08 -7.83 -37.97
CA GLU A 915 56.51 -7.70 -37.66
C GLU A 915 56.83 -7.95 -36.21
N ASN A 916 55.83 -8.08 -35.34
CA ASN A 916 56.08 -8.22 -33.92
C ASN A 916 55.08 -9.24 -33.35
N GLN A 917 54.88 -10.33 -34.09
CA GLN A 917 53.80 -11.27 -33.81
C GLN A 917 54.03 -12.04 -32.51
N LYS A 918 55.22 -12.62 -32.35
CA LYS A 918 55.48 -13.48 -31.20
C LYS A 918 55.40 -12.70 -29.90
N LEU A 919 55.90 -11.47 -29.89
CA LEU A 919 55.82 -10.65 -28.69
C LEU A 919 54.37 -10.35 -28.33
N ILE A 920 53.55 -10.03 -29.33
CA ILE A 920 52.13 -9.76 -29.07
C ILE A 920 51.46 -11.01 -28.53
N ALA A 921 51.76 -12.17 -29.10
CA ALA A 921 51.17 -13.41 -28.62
C ALA A 921 51.56 -13.68 -27.18
N ASN A 922 52.84 -13.50 -26.84
CA ASN A 922 53.29 -13.70 -25.48
C ASN A 922 52.61 -12.72 -24.52
N GLN A 923 52.50 -11.45 -24.93
CA GLN A 923 51.83 -10.46 -24.10
C GLN A 923 50.38 -10.85 -23.87
N PHE A 924 49.69 -11.31 -24.91
CA PHE A 924 48.29 -11.68 -24.79
C PHE A 924 48.11 -12.88 -23.86
N ASN A 925 48.96 -13.91 -24.02
CA ASN A 925 48.83 -15.11 -23.19
C ASN A 925 49.16 -14.81 -21.74
N SER A 926 50.27 -14.08 -21.49
CA SER A 926 50.62 -13.73 -20.13
C SER A 926 49.56 -12.83 -19.51
N ALA A 927 48.94 -11.97 -20.31
CA ALA A 927 47.86 -11.14 -19.81
C ALA A 927 46.65 -12.00 -19.42
N ILE A 928 46.40 -13.07 -20.18
CA ILE A 928 45.31 -13.97 -19.81
C ILE A 928 45.61 -14.70 -18.51
N GLY A 929 46.86 -15.15 -18.36
CA GLY A 929 47.27 -15.72 -17.09
C GLY A 929 47.11 -14.74 -15.95
N LYS A 930 47.37 -13.46 -16.22
CA LYS A 930 47.13 -12.42 -15.23
C LYS A 930 45.65 -12.33 -14.88
N ILE A 931 44.77 -12.47 -15.87
CA ILE A 931 43.34 -12.52 -15.56
C ILE A 931 43.06 -13.66 -14.60
N GLN A 932 43.57 -14.84 -14.91
CA GLN A 932 43.29 -16.00 -14.06
C GLN A 932 43.76 -15.75 -12.63
N ASP A 933 45.00 -15.28 -12.49
CA ASP A 933 45.56 -15.06 -11.16
C ASP A 933 44.81 -13.97 -10.41
N SER A 934 44.49 -12.85 -11.07
CA SER A 934 43.80 -11.77 -10.40
C SER A 934 42.39 -12.17 -9.99
N LEU A 935 41.68 -12.90 -10.85
CA LEU A 935 40.34 -13.36 -10.51
C LEU A 935 40.39 -14.32 -9.33
N SER A 936 41.36 -15.24 -9.32
CA SER A 936 41.44 -16.20 -8.24
C SER A 936 41.82 -15.54 -6.92
N SER A 937 42.82 -14.65 -6.95
CA SER A 937 43.33 -14.07 -5.71
C SER A 937 42.38 -13.02 -5.13
N THR A 938 41.83 -12.15 -5.98
CA THR A 938 41.00 -11.06 -5.49
C THR A 938 39.58 -11.56 -5.25
N PRO A 939 39.06 -11.46 -4.03
CA PRO A 939 37.67 -11.89 -3.79
C PRO A 939 36.63 -10.91 -4.31
N SER A 940 37.04 -9.71 -4.73
CA SER A 940 36.12 -8.69 -5.21
C SER A 940 36.07 -8.60 -6.72
N ALA A 941 36.69 -9.55 -7.44
CA ALA A 941 36.64 -9.52 -8.89
C ALA A 941 35.22 -9.68 -9.40
N LEU A 942 34.47 -10.60 -8.82
CA LEU A 942 33.09 -10.88 -9.22
C LEU A 942 32.08 -10.16 -8.33
N GLY A 943 32.44 -8.96 -7.85
CA GLY A 943 31.58 -8.24 -6.93
C GLY A 943 30.27 -7.79 -7.53
N LYS A 944 30.20 -7.63 -8.85
CA LYS A 944 28.96 -7.16 -9.48
C LYS A 944 27.91 -8.28 -9.52
N LEU A 945 28.27 -9.42 -10.10
CA LEU A 945 27.32 -10.54 -10.14
C LEU A 945 27.03 -11.06 -8.75
N GLN A 946 28.04 -11.12 -7.89
CA GLN A 946 27.80 -11.53 -6.51
C GLN A 946 26.91 -10.53 -5.80
N ASP A 947 27.04 -9.24 -6.13
CA ASP A 947 26.14 -8.24 -5.57
C ASP A 947 24.71 -8.47 -6.04
N VAL A 948 24.54 -8.82 -7.32
CA VAL A 948 23.21 -9.09 -7.85
C VAL A 948 22.58 -10.29 -7.13
N VAL A 949 23.36 -11.37 -7.00
CA VAL A 949 22.85 -12.57 -6.34
C VAL A 949 22.53 -12.28 -4.88
N ASN A 950 23.42 -11.57 -4.19
CA ASN A 950 23.18 -11.21 -2.80
C ASN A 950 21.96 -10.31 -2.67
N GLN A 951 21.76 -9.40 -3.62
CA GLN A 951 20.60 -8.52 -3.57
C GLN A 951 19.32 -9.30 -3.72
N ASN A 952 19.29 -10.26 -4.64
CA ASN A 952 18.11 -11.11 -4.77
C ASN A 952 17.89 -11.93 -3.50
N ALA A 953 18.98 -12.44 -2.90
CA ALA A 953 18.86 -13.21 -1.67
C ALA A 953 18.34 -12.34 -0.53
N GLN A 954 18.83 -11.11 -0.41
CA GLN A 954 18.32 -10.20 0.62
C GLN A 954 16.85 -9.89 0.39
N ALA A 955 16.47 -9.67 -0.87
CA ALA A 955 15.07 -9.40 -1.17
C ALA A 955 14.18 -10.56 -0.76
N LEU A 956 14.58 -11.78 -1.12
CA LEU A 956 13.77 -12.94 -0.76
C LEU A 956 13.77 -13.19 0.73
N ASN A 957 14.92 -13.00 1.40
CA ASN A 957 14.98 -13.19 2.84
C ASN A 957 14.12 -12.18 3.57
N THR A 958 14.13 -10.92 3.12
CA THR A 958 13.25 -9.92 3.71
C THR A 958 11.80 -10.28 3.44
N LEU A 959 11.50 -10.80 2.25
CA LEU A 959 10.14 -11.23 1.95
C LEU A 959 9.69 -12.32 2.92
N VAL A 960 10.55 -13.29 3.19
CA VAL A 960 10.21 -14.35 4.12
C VAL A 960 10.06 -13.81 5.54
N LYS A 961 10.99 -12.94 5.95
CA LYS A 961 10.92 -12.35 7.29
C LYS A 961 9.67 -11.52 7.48
N GLN A 962 9.14 -10.95 6.40
CA GLN A 962 7.91 -10.17 6.50
C GLN A 962 6.75 -11.03 6.94
N LEU A 963 6.82 -12.35 6.72
CA LEU A 963 5.78 -13.25 7.23
C LEU A 963 5.78 -13.27 8.75
N SER A 964 6.97 -13.15 9.36
CA SER A 964 7.07 -13.14 10.81
C SER A 964 6.60 -11.84 11.43
N SER A 965 6.26 -10.85 10.64
CA SER A 965 5.91 -9.52 11.16
C SER A 965 4.43 -9.41 11.43
N ASN A 966 4.08 -8.69 12.50
CA ASN A 966 2.70 -8.56 12.92
C ASN A 966 1.92 -7.61 12.03
N PHE A 967 2.54 -6.52 11.58
CA PHE A 967 1.86 -5.44 10.87
C PHE A 967 0.70 -4.89 11.68
N GLY A 968 0.82 -4.95 13.01
CA GLY A 968 -0.24 -4.52 13.90
C GLY A 968 -1.26 -5.59 14.21
N ALA A 969 -1.16 -6.76 13.60
CA ALA A 969 -2.09 -7.85 13.87
C ALA A 969 -1.66 -8.59 15.13
N ILE A 970 -2.47 -9.59 15.51
CA ILE A 970 -2.24 -10.27 16.77
C ILE A 970 -1.11 -11.28 16.67
N SER A 971 -0.83 -11.78 15.47
CA SER A 971 0.19 -12.81 15.32
C SER A 971 0.64 -12.87 13.87
N SER A 972 1.74 -13.57 13.65
CA SER A 972 2.34 -13.72 12.33
C SER A 972 1.99 -15.04 11.65
N VAL A 973 1.15 -15.86 12.27
CA VAL A 973 0.74 -17.15 11.71
C VAL A 973 -0.77 -17.22 11.75
N LEU A 974 -1.38 -17.70 10.66
CA LEU A 974 -2.82 -17.63 10.50
C LEU A 974 -3.54 -18.49 11.52
N ASN A 975 -3.05 -19.71 11.77
CA ASN A 975 -3.75 -20.63 12.66
C ASN A 975 -3.83 -20.10 14.09
N ASP A 976 -2.84 -19.30 14.51
CA ASP A 976 -2.92 -18.68 15.82
C ASP A 976 -4.07 -17.68 15.87
N ILE A 977 -4.33 -16.99 14.77
CA ILE A 977 -5.46 -16.07 14.71
C ILE A 977 -6.78 -16.82 14.72
N LEU A 978 -6.88 -17.88 13.91
CA LEU A 978 -8.14 -18.63 13.84
C LEU A 978 -8.48 -19.24 15.19
N SER A 979 -7.49 -19.80 15.89
CA SER A 979 -7.71 -20.22 17.26
C SER A 979 -7.68 -19.02 18.19
N ARG A 980 -8.20 -19.21 19.40
CA ARG A 980 -8.09 -18.23 20.48
C ARG A 980 -8.90 -16.97 20.20
N LEU A 981 -9.55 -16.89 19.04
CA LEU A 981 -10.20 -15.65 18.65
C LEU A 981 -11.28 -15.95 17.61
N ASP A 982 -12.39 -15.22 17.70
CA ASP A 982 -13.57 -15.52 16.92
C ASP A 982 -13.41 -15.06 15.47
N PRO A 983 -14.15 -15.66 14.54
CA PRO A 983 -14.07 -15.28 13.12
C PRO A 983 -14.39 -13.81 12.88
N PRO A 984 -15.34 -13.20 13.61
CA PRO A 984 -15.59 -11.76 13.37
C PRO A 984 -14.36 -10.89 13.53
N GLU A 985 -13.49 -11.18 14.50
CA GLU A 985 -12.23 -10.47 14.60
C GLU A 985 -11.12 -11.11 13.77
N ALA A 986 -11.25 -12.40 13.45
CA ALA A 986 -10.30 -13.02 12.54
C ALA A 986 -10.32 -12.34 11.19
N GLU A 987 -11.50 -11.89 10.75
CA GLU A 987 -11.59 -11.16 9.49
C GLU A 987 -10.69 -9.94 9.51
N VAL A 988 -10.81 -9.10 10.53
CA VAL A 988 -10.06 -7.84 10.54
C VAL A 988 -8.57 -8.10 10.77
N GLN A 989 -8.22 -9.05 11.63
CA GLN A 989 -6.80 -9.32 11.86
C GLN A 989 -6.14 -9.92 10.63
N ILE A 990 -6.80 -10.90 9.99
CA ILE A 990 -6.26 -11.46 8.76
C ILE A 990 -6.27 -10.43 7.65
N ASP A 991 -7.18 -9.46 7.68
CA ASP A 991 -7.13 -8.38 6.70
C ASP A 991 -5.92 -7.48 6.94
N ARG A 992 -5.58 -7.24 8.21
CA ARG A 992 -4.38 -6.47 8.51
C ARG A 992 -3.14 -7.19 8.00
N LEU A 993 -3.07 -8.51 8.23
CA LEU A 993 -1.93 -9.27 7.69
C LEU A 993 -1.98 -9.35 6.18
N ILE A 994 -3.17 -9.38 5.58
CA ILE A 994 -3.29 -9.36 4.13
C ILE A 994 -2.71 -8.07 3.58
N THR A 995 -3.06 -6.94 4.20
CA THR A 995 -2.51 -5.66 3.78
C THR A 995 -1.00 -5.64 3.96
N GLY A 996 -0.52 -6.13 5.10
CA GLY A 996 0.91 -6.11 5.36
C GLY A 996 1.71 -6.96 4.39
N ARG A 997 1.26 -8.19 4.15
CA ARG A 997 1.99 -9.08 3.26
C ARG A 997 1.81 -8.67 1.81
N LEU A 998 0.65 -8.10 1.45
CA LEU A 998 0.49 -7.56 0.12
C LEU A 998 1.38 -6.36 -0.10
N GLN A 999 1.56 -5.53 0.93
CA GLN A 999 2.51 -4.43 0.85
C GLN A 999 3.93 -4.95 0.72
N SER A 1000 4.29 -5.99 1.48
CA SER A 1000 5.62 -6.55 1.38
C SER A 1000 5.87 -7.13 0.01
N LEU A 1001 4.89 -7.83 -0.55
CA LEU A 1001 5.06 -8.40 -1.88
C LEU A 1001 5.00 -7.34 -2.97
N GLN A 1002 4.21 -6.29 -2.78
CA GLN A 1002 4.21 -5.18 -3.72
C GLN A 1002 5.55 -4.47 -3.72
N THR A 1003 6.13 -4.26 -2.53
CA THR A 1003 7.47 -3.70 -2.46
C THR A 1003 8.48 -4.63 -3.09
N TYR A 1004 8.34 -5.94 -2.87
CA TYR A 1004 9.23 -6.90 -3.51
C TYR A 1004 9.16 -6.82 -5.02
N VAL A 1005 7.93 -6.81 -5.57
CA VAL A 1005 7.79 -6.79 -7.03
C VAL A 1005 8.13 -5.43 -7.61
N THR A 1006 7.91 -4.34 -6.87
CA THR A 1006 8.30 -3.02 -7.38
C THR A 1006 9.81 -2.84 -7.36
N GLN A 1007 10.45 -3.20 -6.25
CA GLN A 1007 11.91 -3.20 -6.21
C GLN A 1007 12.48 -4.16 -7.24
N GLN A 1008 11.77 -5.26 -7.51
CA GLN A 1008 12.24 -6.21 -8.50
C GLN A 1008 12.03 -5.69 -9.92
N LEU A 1009 10.97 -4.90 -10.14
CA LEU A 1009 10.78 -4.28 -11.43
C LEU A 1009 11.84 -3.21 -11.68
N ILE A 1010 12.15 -2.42 -10.64
CA ILE A 1010 13.22 -1.42 -10.76
C ILE A 1010 14.56 -2.11 -10.98
N ARG A 1011 14.83 -3.17 -10.21
CA ARG A 1011 16.09 -3.88 -10.36
C ARG A 1011 16.15 -4.64 -11.67
N ALA A 1012 15.01 -5.07 -12.20
CA ALA A 1012 14.98 -5.71 -13.51
C ALA A 1012 15.13 -4.70 -14.61
N ALA A 1013 14.70 -3.46 -14.40
CA ALA A 1013 15.03 -2.39 -15.34
C ALA A 1013 16.52 -2.09 -15.30
N GLU A 1014 17.12 -2.13 -14.11
CA GLU A 1014 18.56 -1.97 -14.00
C GLU A 1014 19.30 -3.11 -14.72
N ILE A 1015 18.88 -4.34 -14.48
CA ILE A 1015 19.47 -5.49 -15.14
C ILE A 1015 19.15 -5.47 -16.64
N ARG A 1016 18.03 -4.85 -17.02
CA ARG A 1016 17.69 -4.74 -18.43
C ARG A 1016 18.60 -3.74 -19.12
N ALA A 1017 18.93 -2.63 -18.45
CA ALA A 1017 19.93 -1.72 -18.95
C ALA A 1017 21.28 -2.41 -19.03
N SER A 1018 21.62 -3.21 -18.02
CA SER A 1018 22.87 -3.95 -18.03
C SER A 1018 22.92 -5.00 -19.12
N ALA A 1019 21.79 -5.64 -19.42
CA ALA A 1019 21.72 -6.66 -20.46
C ALA A 1019 21.71 -6.05 -21.85
N ASN A 1020 21.05 -4.90 -22.01
CA ASN A 1020 21.17 -4.17 -23.27
C ASN A 1020 22.59 -3.67 -23.47
N LEU A 1021 23.24 -3.21 -22.40
CA LEU A 1021 24.64 -2.83 -22.50
C LEU A 1021 25.52 -4.03 -22.82
N ALA A 1022 25.20 -5.19 -22.24
CA ALA A 1022 25.97 -6.40 -22.51
C ALA A 1022 25.75 -6.89 -23.94
N ALA A 1023 24.53 -6.77 -24.45
CA ALA A 1023 24.25 -7.17 -25.82
C ALA A 1023 24.90 -6.22 -26.82
N THR A 1024 24.82 -4.91 -26.56
CA THR A 1024 25.52 -3.97 -27.42
C THR A 1024 27.02 -4.16 -27.33
N LYS A 1025 27.54 -4.43 -26.13
CA LYS A 1025 28.95 -4.69 -25.96
C LYS A 1025 29.37 -5.94 -26.69
N MET A 1026 28.53 -6.97 -26.68
CA MET A 1026 28.85 -8.18 -27.42
C MET A 1026 28.87 -7.89 -28.92
N SER A 1027 27.79 -7.31 -29.43
CA SER A 1027 27.67 -7.06 -30.86
C SER A 1027 28.75 -6.13 -31.37
N GLU A 1028 29.24 -5.21 -30.53
CA GLU A 1028 30.18 -4.20 -31.00
C GLU A 1028 31.62 -4.46 -30.58
N CYS A 1029 31.87 -5.36 -29.64
CA CYS A 1029 33.21 -5.65 -29.17
C CYS A 1029 33.68 -7.04 -29.52
N VAL A 1030 32.83 -8.06 -29.41
CA VAL A 1030 33.23 -9.42 -29.76
C VAL A 1030 32.73 -9.82 -31.14
N LEU A 1031 31.55 -9.34 -31.54
CA LEU A 1031 31.07 -9.55 -32.90
C LEU A 1031 31.69 -8.59 -33.90
N GLY A 1032 32.47 -7.62 -33.44
CA GLY A 1032 33.08 -6.65 -34.33
C GLY A 1032 33.97 -5.72 -33.52
N GLN A 1033 34.63 -4.81 -34.23
CA GLN A 1033 35.48 -3.82 -33.58
C GLN A 1033 34.70 -2.56 -33.25
N SER A 1034 35.04 -1.96 -32.11
CA SER A 1034 34.33 -0.78 -31.61
C SER A 1034 35.25 0.43 -31.57
N LYS A 1035 34.80 1.52 -32.18
CA LYS A 1035 35.51 2.80 -32.14
C LYS A 1035 35.03 3.71 -31.02
N ARG A 1036 34.05 3.29 -30.25
CA ARG A 1036 33.59 4.10 -29.12
C ARG A 1036 34.67 4.09 -28.04
N VAL A 1037 35.27 5.24 -27.77
CA VAL A 1037 36.36 5.31 -26.81
C VAL A 1037 35.86 4.92 -25.43
N ASP A 1038 36.64 4.09 -24.74
CA ASP A 1038 36.35 3.67 -23.38
C ASP A 1038 35.05 2.87 -23.28
N PHE A 1039 34.66 2.21 -24.37
CA PHE A 1039 33.49 1.34 -24.35
C PHE A 1039 33.88 -0.11 -24.06
N CYS A 1040 34.71 -0.70 -24.91
CA CYS A 1040 35.25 -2.03 -24.65
C CYS A 1040 36.63 -1.90 -23.99
N GLY A 1041 36.61 -1.42 -22.76
CA GLY A 1041 37.82 -1.36 -21.95
C GLY A 1041 38.68 -0.16 -22.29
N LYS A 1042 39.40 0.32 -21.27
CA LYS A 1042 40.23 1.51 -21.43
C LYS A 1042 41.34 1.26 -22.45
N GLY A 1043 41.50 2.20 -23.38
CA GLY A 1043 42.47 2.08 -24.45
C GLY A 1043 41.79 1.81 -25.79
N TYR A 1044 42.62 1.76 -26.82
CA TYR A 1044 42.13 1.40 -28.15
C TYR A 1044 41.72 -0.06 -28.14
N HIS A 1045 40.45 -0.33 -28.42
CA HIS A 1045 39.91 -1.67 -28.27
C HIS A 1045 40.30 -2.54 -29.45
N LEU A 1046 40.79 -3.75 -29.15
CA LEU A 1046 41.20 -4.70 -30.18
C LEU A 1046 40.11 -5.74 -30.45
N MET A 1047 39.68 -6.44 -29.42
CA MET A 1047 38.61 -7.43 -29.51
C MET A 1047 38.27 -7.90 -28.11
N SER A 1048 37.23 -8.71 -28.01
CA SER A 1048 36.72 -9.09 -26.69
C SER A 1048 36.28 -10.55 -26.71
N PHE A 1049 36.09 -11.08 -25.51
CA PHE A 1049 35.75 -12.47 -25.31
C PHE A 1049 34.60 -12.59 -24.33
N PRO A 1050 33.59 -13.38 -24.63
CA PRO A 1050 32.56 -13.70 -23.64
C PRO A 1050 32.95 -14.89 -22.79
N GLN A 1051 32.71 -14.76 -21.49
CA GLN A 1051 32.81 -15.88 -20.56
C GLN A 1051 31.58 -15.82 -19.66
N SER A 1052 30.69 -16.80 -19.82
CA SER A 1052 29.50 -16.86 -19.00
C SER A 1052 29.87 -16.98 -17.53
N ALA A 1053 29.24 -16.16 -16.70
CA ALA A 1053 29.39 -16.29 -15.27
C ALA A 1053 28.00 -16.27 -14.64
N PRO A 1054 27.80 -16.98 -13.53
CA PRO A 1054 26.45 -17.19 -13.00
C PRO A 1054 25.63 -15.92 -12.85
N HIS A 1055 24.56 -15.83 -13.64
CA HIS A 1055 23.65 -14.68 -13.63
C HIS A 1055 24.37 -13.41 -14.05
N GLY A 1056 25.08 -13.50 -15.17
CA GLY A 1056 25.82 -12.36 -15.67
C GLY A 1056 26.65 -12.75 -16.87
N VAL A 1057 27.62 -11.90 -17.18
CA VAL A 1057 28.56 -12.17 -18.27
C VAL A 1057 29.87 -11.47 -17.93
N VAL A 1058 30.97 -12.04 -18.40
CA VAL A 1058 32.30 -11.49 -18.21
C VAL A 1058 32.90 -11.22 -19.59
N PHE A 1059 33.41 -10.01 -19.78
CA PHE A 1059 34.08 -9.62 -21.00
C PHE A 1059 35.56 -9.46 -20.72
N LEU A 1060 36.41 -10.02 -21.56
CA LEU A 1060 37.85 -9.86 -21.45
C LEU A 1060 38.31 -8.98 -22.60
N HIS A 1061 38.38 -7.68 -22.36
CA HIS A 1061 38.56 -6.68 -23.40
C HIS A 1061 40.03 -6.53 -23.73
N VAL A 1062 40.46 -7.14 -24.83
CA VAL A 1062 41.81 -6.93 -25.33
C VAL A 1062 41.93 -5.50 -25.83
N THR A 1063 42.94 -4.77 -25.35
CA THR A 1063 43.12 -3.38 -25.72
C THR A 1063 44.58 -3.13 -26.05
N TYR A 1064 44.82 -2.11 -26.86
CA TYR A 1064 46.16 -1.68 -27.26
C TYR A 1064 46.49 -0.40 -26.51
N VAL A 1065 47.46 -0.46 -25.61
CA VAL A 1065 47.82 0.67 -24.77
C VAL A 1065 49.25 1.06 -25.03
N PRO A 1066 49.51 2.22 -25.65
CA PRO A 1066 50.89 2.68 -25.83
C PRO A 1066 51.58 2.89 -24.49
N ALA A 1067 52.88 2.60 -24.46
CA ALA A 1067 53.60 2.54 -23.20
C ALA A 1067 54.72 3.56 -23.07
N GLN A 1068 55.63 3.63 -24.03
CA GLN A 1068 56.88 4.38 -23.87
C GLN A 1068 56.86 5.61 -24.77
N GLU A 1069 56.68 6.77 -24.15
CA GLU A 1069 56.54 8.02 -24.89
C GLU A 1069 57.92 8.64 -25.15
N LYS A 1070 58.29 8.73 -26.42
CA LYS A 1070 59.46 9.49 -26.84
C LYS A 1070 58.96 10.76 -27.53
N ASN A 1071 59.47 11.91 -27.12
CA ASN A 1071 58.96 13.19 -27.58
C ASN A 1071 59.92 13.85 -28.56
N PHE A 1072 59.35 14.46 -29.59
CA PHE A 1072 60.10 15.07 -30.68
C PHE A 1072 59.59 16.48 -30.93
N THR A 1073 60.21 17.13 -31.92
CA THR A 1073 59.77 18.43 -32.40
C THR A 1073 58.89 18.25 -33.63
N THR A 1074 57.73 18.91 -33.64
CA THR A 1074 56.73 18.70 -34.67
C THR A 1074 56.37 20.02 -35.34
N ALA A 1075 55.91 19.92 -36.58
CA ALA A 1075 55.45 21.06 -37.36
C ALA A 1075 54.15 20.74 -38.05
N PRO A 1076 53.25 21.70 -38.17
CA PRO A 1076 51.99 21.44 -38.88
C PRO A 1076 52.17 21.04 -40.34
N ALA A 1077 53.17 21.58 -41.03
CA ALA A 1077 53.35 21.29 -42.44
C ALA A 1077 54.83 21.40 -42.78
N ILE A 1078 55.14 21.23 -44.06
CA ILE A 1078 56.50 21.27 -44.56
C ILE A 1078 56.53 22.12 -45.82
N CYS A 1079 57.40 23.13 -45.85
CA CYS A 1079 57.53 24.00 -47.01
C CYS A 1079 58.65 23.45 -47.89
N HIS A 1080 58.30 22.48 -48.74
CA HIS A 1080 59.32 21.83 -49.55
C HIS A 1080 59.75 22.70 -50.73
N ASP A 1081 58.82 23.00 -51.63
CA ASP A 1081 59.10 23.79 -52.82
C ASP A 1081 58.19 24.99 -52.89
N GLY A 1082 57.89 25.58 -51.73
CA GLY A 1082 56.97 26.69 -51.64
C GLY A 1082 55.53 26.28 -51.47
N LYS A 1083 55.21 24.99 -51.57
CA LYS A 1083 53.86 24.50 -51.38
C LYS A 1083 53.81 23.67 -50.11
N ALA A 1084 52.89 24.01 -49.23
CA ALA A 1084 52.78 23.33 -47.95
C ALA A 1084 52.46 21.85 -48.17
N HIS A 1085 53.19 20.98 -47.48
CA HIS A 1085 52.97 19.54 -47.53
C HIS A 1085 52.41 19.09 -46.20
N PHE A 1086 51.34 18.31 -46.24
CA PHE A 1086 50.67 17.83 -45.05
C PHE A 1086 50.70 16.30 -45.02
N PRO A 1087 50.68 15.69 -43.84
CA PRO A 1087 50.75 14.23 -43.78
C PRO A 1087 49.42 13.62 -44.21
N ARG A 1088 49.48 12.73 -45.20
CA ARG A 1088 48.27 12.05 -45.65
C ARG A 1088 47.64 11.27 -44.49
N GLU A 1089 48.42 10.38 -43.88
CA GLU A 1089 48.06 9.74 -42.62
C GLU A 1089 49.31 9.69 -41.75
N GLY A 1090 49.31 10.45 -40.67
CA GLY A 1090 50.47 10.55 -39.83
C GLY A 1090 50.76 11.97 -39.38
N VAL A 1091 51.94 12.19 -38.81
CA VAL A 1091 52.39 13.50 -38.37
C VAL A 1091 53.87 13.63 -38.64
N PHE A 1092 54.37 14.85 -38.48
CA PHE A 1092 55.79 15.14 -38.64
C PHE A 1092 56.45 15.21 -37.27
N VAL A 1093 57.64 14.63 -37.16
CA VAL A 1093 58.44 14.67 -35.94
C VAL A 1093 59.89 14.90 -36.36
N SER A 1094 60.76 15.03 -35.37
CA SER A 1094 62.19 15.18 -35.64
C SER A 1094 62.99 14.77 -34.42
N ASN A 1095 63.99 13.92 -34.63
CA ASN A 1095 64.91 13.54 -33.55
C ASN A 1095 65.98 14.59 -33.29
N GLY A 1096 65.92 15.72 -33.98
CA GLY A 1096 66.84 16.82 -33.72
C GLY A 1096 67.44 17.41 -34.97
N THR A 1097 67.65 16.59 -35.98
CA THR A 1097 68.29 17.02 -37.22
C THR A 1097 67.45 16.78 -38.46
N HIS A 1098 66.66 15.71 -38.50
CA HIS A 1098 65.91 15.34 -39.69
C HIS A 1098 64.44 15.18 -39.32
N TRP A 1099 63.58 15.41 -40.30
CA TRP A 1099 62.14 15.34 -40.10
C TRP A 1099 61.60 14.03 -40.66
N PHE A 1100 60.72 13.39 -39.89
CA PHE A 1100 60.15 12.09 -40.24
C PHE A 1100 58.64 12.14 -40.12
N VAL A 1101 57.96 11.49 -41.05
CA VAL A 1101 56.53 11.26 -40.93
C VAL A 1101 56.33 9.92 -40.24
N THR A 1102 55.29 9.82 -39.42
CA THR A 1102 55.00 8.58 -38.73
C THR A 1102 53.55 8.58 -38.30
N GLN A 1103 53.00 7.39 -38.16
CA GLN A 1103 51.60 7.23 -37.75
C GLN A 1103 51.37 7.87 -36.38
N ARG A 1104 50.13 8.29 -36.16
CA ARG A 1104 49.83 9.03 -34.94
C ARG A 1104 50.00 8.19 -33.68
N ASN A 1105 50.00 6.87 -33.80
CA ASN A 1105 49.83 6.00 -32.63
C ASN A 1105 51.01 5.10 -32.35
N PHE A 1106 52.05 5.10 -33.18
CA PHE A 1106 53.20 4.23 -32.96
C PHE A 1106 54.38 4.76 -33.75
N TYR A 1107 55.51 4.93 -33.08
CA TYR A 1107 56.68 5.55 -33.69
C TYR A 1107 57.25 4.60 -34.73
N GLU A 1108 56.94 4.87 -36.00
CA GLU A 1108 57.55 4.20 -37.14
C GLU A 1108 58.04 5.30 -38.07
N PRO A 1109 59.15 5.95 -37.74
CA PRO A 1109 59.61 7.08 -38.54
C PRO A 1109 59.99 6.62 -39.95
N GLN A 1110 59.53 7.37 -40.94
CA GLN A 1110 59.83 7.08 -42.33
C GLN A 1110 60.29 8.35 -43.03
N ILE A 1111 61.21 8.20 -43.97
CA ILE A 1111 61.73 9.34 -44.70
C ILE A 1111 60.58 10.03 -45.41
N ILE A 1112 60.64 11.36 -45.46
CA ILE A 1112 59.52 12.15 -45.95
C ILE A 1112 59.36 11.93 -47.44
N THR A 1113 58.19 11.48 -47.86
CA THR A 1113 57.92 11.13 -49.25
C THR A 1113 56.56 11.67 -49.64
N THR A 1114 56.42 12.03 -50.92
CA THR A 1114 55.16 12.57 -51.40
C THR A 1114 54.04 11.54 -51.42
N ASP A 1115 54.35 10.25 -51.23
CA ASP A 1115 53.30 9.25 -51.14
C ASP A 1115 52.55 9.34 -49.82
N ASN A 1116 53.21 9.73 -48.74
CA ASN A 1116 52.57 9.89 -47.44
C ASN A 1116 52.32 11.34 -47.09
N THR A 1117 52.54 12.27 -48.02
CA THR A 1117 52.27 13.69 -47.82
C THR A 1117 51.50 14.22 -49.01
N PHE A 1118 50.36 14.87 -48.75
CA PHE A 1118 49.59 15.51 -49.80
C PHE A 1118 49.80 17.02 -49.75
N VAL A 1119 49.94 17.61 -50.94
CA VAL A 1119 50.31 19.02 -51.09
C VAL A 1119 49.05 19.86 -51.17
N SER A 1120 49.12 21.07 -50.61
CA SER A 1120 48.02 22.02 -50.73
C SER A 1120 48.49 23.41 -50.37
N GLY A 1121 48.04 24.40 -51.15
CA GLY A 1121 48.16 25.79 -50.78
C GLY A 1121 49.58 26.32 -50.84
N ASN A 1122 49.82 27.34 -50.02
CA ASN A 1122 51.08 28.08 -49.99
C ASN A 1122 51.61 28.12 -48.57
N CYS A 1123 52.93 28.27 -48.45
CA CYS A 1123 53.57 28.28 -47.14
C CYS A 1123 53.20 29.50 -46.31
N ASP A 1124 52.82 30.61 -46.95
CA ASP A 1124 52.53 31.82 -46.20
C ASP A 1124 51.31 31.66 -45.29
N VAL A 1125 50.26 31.01 -45.79
CA VAL A 1125 49.02 30.93 -45.04
C VAL A 1125 49.20 30.08 -43.79
N VAL A 1126 49.91 28.95 -43.90
CA VAL A 1126 50.12 28.10 -42.75
C VAL A 1126 51.16 28.72 -41.82
N ILE A 1127 50.92 28.61 -40.52
CA ILE A 1127 51.85 29.10 -39.51
C ILE A 1127 52.48 27.90 -38.83
N GLY A 1128 53.75 28.03 -38.47
CA GLY A 1128 54.51 26.92 -37.92
C GLY A 1128 55.14 26.02 -38.94
N ILE A 1129 54.90 26.24 -40.23
CA ILE A 1129 55.52 25.43 -41.26
C ILE A 1129 57.03 25.60 -41.20
N VAL A 1130 57.75 24.53 -41.53
CA VAL A 1130 59.21 24.51 -41.40
C VAL A 1130 59.82 24.17 -42.75
N ASN A 1131 60.95 24.81 -43.05
CA ASN A 1131 61.66 24.58 -44.30
C ASN A 1131 62.36 23.22 -44.22
N ASN A 1132 61.70 22.18 -44.73
CA ASN A 1132 62.26 20.85 -44.77
C ASN A 1132 62.07 20.28 -46.17
N THR A 1133 62.93 19.35 -46.54
CA THR A 1133 62.88 18.76 -47.87
C THR A 1133 61.96 17.55 -47.88
N VAL A 1134 61.16 17.45 -48.94
CA VAL A 1134 60.27 16.32 -49.18
C VAL A 1134 60.78 15.58 -50.40
N TYR A 1135 60.97 14.27 -50.27
CA TYR A 1135 61.55 13.49 -51.35
C TYR A 1135 60.46 12.95 -52.26
N ASP A 1136 60.58 13.23 -53.55
CA ASP A 1136 59.66 12.67 -54.53
C ASP A 1136 60.11 11.24 -54.81
N PRO A 1137 59.27 10.23 -54.56
CA PRO A 1137 59.74 8.84 -54.66
C PRO A 1137 60.25 8.46 -56.04
N LEU A 1138 59.66 8.99 -57.09
CA LEU A 1138 60.07 8.70 -58.46
C LEU A 1138 61.09 9.71 -58.99
N GLN A 1139 61.47 10.69 -58.18
CA GLN A 1139 62.55 11.61 -58.57
C GLN A 1139 63.87 10.89 -58.81
N PRO A 1140 64.32 9.97 -57.94
CA PRO A 1140 65.54 9.22 -58.27
C PRO A 1140 65.41 8.42 -59.56
N GLU A 1141 64.21 7.92 -59.87
CA GLU A 1141 64.00 7.27 -61.16
C GLU A 1141 64.15 8.27 -62.31
N LEU A 1142 63.65 9.49 -62.12
CA LEU A 1142 63.81 10.52 -63.14
C LEU A 1142 65.27 10.86 -63.36
N ASP A 1143 66.04 11.00 -62.28
CA ASP A 1143 67.46 11.30 -62.40
C ASP A 1143 68.22 10.18 -63.09
N SER A 1144 67.88 8.93 -62.76
CA SER A 1144 68.52 7.78 -63.36
C SER A 1144 67.57 7.08 -64.33
N ALA B 27 -29.84 -46.59 -17.06
CA ALA B 27 -29.08 -46.18 -18.24
C ALA B 27 -28.56 -44.76 -18.06
N TYR B 28 -27.39 -44.49 -18.62
CA TYR B 28 -26.76 -43.17 -18.57
C TYR B 28 -26.51 -42.66 -19.98
N THR B 29 -26.26 -41.36 -20.07
CA THR B 29 -25.92 -40.71 -21.33
C THR B 29 -25.13 -39.46 -21.02
N ASN B 30 -24.48 -38.92 -22.05
CA ASN B 30 -23.57 -37.79 -21.90
C ASN B 30 -24.27 -36.51 -22.34
N SER B 31 -24.43 -35.58 -21.41
CA SER B 31 -24.92 -34.23 -21.72
C SER B 31 -23.70 -33.45 -22.20
N PHE B 32 -23.56 -33.34 -23.52
CA PHE B 32 -22.32 -32.85 -24.11
C PHE B 32 -22.04 -31.40 -23.71
N THR B 33 -22.96 -30.49 -24.02
CA THR B 33 -22.73 -29.08 -23.76
C THR B 33 -23.94 -28.35 -23.17
N ARG B 34 -25.12 -28.97 -23.16
CA ARG B 34 -26.33 -28.28 -22.75
C ARG B 34 -26.31 -27.99 -21.25
N GLY B 35 -27.39 -27.37 -20.78
CA GLY B 35 -27.50 -26.97 -19.40
C GLY B 35 -26.98 -25.60 -19.06
N VAL B 36 -26.77 -24.73 -20.06
CA VAL B 36 -26.24 -23.40 -19.86
C VAL B 36 -27.39 -22.40 -19.90
N TYR B 37 -27.50 -21.59 -18.85
CA TYR B 37 -28.56 -20.61 -18.73
C TYR B 37 -27.97 -19.23 -18.47
N TYR B 38 -28.74 -18.20 -18.79
CA TYR B 38 -28.28 -16.83 -18.56
C TYR B 38 -28.18 -16.57 -17.07
N PRO B 39 -26.98 -16.31 -16.56
CA PRO B 39 -26.81 -16.15 -15.11
C PRO B 39 -27.52 -14.94 -14.53
N ASP B 40 -27.82 -13.93 -15.35
CA ASP B 40 -28.40 -12.69 -14.84
C ASP B 40 -29.09 -11.96 -15.99
N LYS B 41 -29.73 -10.86 -15.63
CA LYS B 41 -30.44 -10.02 -16.59
C LYS B 41 -29.54 -8.99 -17.26
N VAL B 42 -28.23 -9.17 -17.19
CA VAL B 42 -27.30 -8.23 -17.80
C VAL B 42 -27.19 -8.52 -19.29
N PHE B 43 -27.15 -7.45 -20.09
CA PHE B 43 -26.98 -7.54 -21.53
C PHE B 43 -25.52 -7.27 -21.89
N ARG B 44 -25.00 -8.03 -22.84
CA ARG B 44 -23.63 -7.87 -23.29
C ARG B 44 -23.56 -8.11 -24.79
N SER B 45 -22.58 -7.48 -25.44
CA SER B 45 -22.39 -7.61 -26.88
C SER B 45 -20.93 -7.95 -27.14
N SER B 46 -20.69 -9.12 -27.75
CA SER B 46 -19.33 -9.60 -28.05
C SER B 46 -18.45 -9.60 -26.81
N VAL B 47 -19.04 -9.84 -25.65
CA VAL B 47 -18.35 -9.77 -24.36
C VAL B 47 -18.20 -11.19 -23.85
N LEU B 48 -16.97 -11.58 -23.55
CA LEU B 48 -16.68 -12.90 -22.99
C LEU B 48 -16.56 -12.75 -21.49
N HIS B 49 -17.71 -12.70 -20.82
CA HIS B 49 -17.76 -12.46 -19.39
C HIS B 49 -17.74 -13.81 -18.66
N SER B 50 -16.73 -14.01 -17.83
CA SER B 50 -16.59 -15.25 -17.06
C SER B 50 -17.47 -15.16 -15.82
N THR B 51 -18.31 -16.18 -15.61
CA THR B 51 -19.24 -16.21 -14.50
C THR B 51 -18.99 -17.45 -13.65
N GLN B 52 -19.20 -17.30 -12.35
CA GLN B 52 -19.11 -18.41 -11.40
C GLN B 52 -20.50 -18.60 -10.80
N ASP B 53 -21.24 -19.56 -11.35
CA ASP B 53 -22.57 -19.90 -10.85
C ASP B 53 -22.76 -21.41 -10.94
N LEU B 54 -23.94 -21.87 -10.55
CA LEU B 54 -24.25 -23.30 -10.47
C LEU B 54 -24.84 -23.73 -11.80
N PHE B 55 -23.98 -24.18 -12.71
CA PHE B 55 -24.41 -24.72 -13.98
C PHE B 55 -24.26 -26.24 -13.98
N LEU B 56 -24.62 -26.84 -15.10
CA LEU B 56 -24.39 -28.25 -15.39
C LEU B 56 -22.99 -28.44 -15.96
N PRO B 57 -22.16 -29.29 -15.35
CA PRO B 57 -20.82 -29.52 -15.88
C PRO B 57 -20.86 -30.05 -17.30
N PHE B 58 -19.91 -29.60 -18.11
CA PHE B 58 -19.84 -30.04 -19.49
C PHE B 58 -19.46 -31.51 -19.56
N PHE B 59 -20.11 -32.24 -20.47
CA PHE B 59 -19.81 -33.64 -20.71
C PHE B 59 -19.88 -34.46 -19.43
N SER B 60 -20.89 -34.17 -18.61
CA SER B 60 -21.13 -34.91 -17.37
C SER B 60 -22.28 -35.88 -17.59
N ASN B 61 -22.11 -37.12 -17.17
CA ASN B 61 -23.12 -38.14 -17.40
C ASN B 61 -24.39 -37.81 -16.64
N VAL B 62 -25.51 -37.81 -17.36
CA VAL B 62 -26.82 -37.52 -16.78
C VAL B 62 -27.67 -38.79 -16.84
N THR B 63 -28.48 -38.97 -15.80
CA THR B 63 -29.30 -40.18 -15.72
C THR B 63 -30.38 -40.17 -16.79
N TRP B 64 -30.54 -41.30 -17.46
CA TRP B 64 -31.60 -41.50 -18.44
C TRP B 64 -32.82 -42.07 -17.72
N PHE B 65 -33.99 -41.90 -18.33
CA PHE B 65 -35.22 -42.41 -17.74
C PHE B 65 -36.20 -42.76 -18.86
N HIS B 66 -37.18 -43.58 -18.50
CA HIS B 66 -38.20 -44.02 -19.45
C HIS B 66 -39.57 -43.94 -18.79
N ALA B 67 -40.59 -43.74 -19.63
CA ALA B 67 -41.97 -43.67 -19.16
C ALA B 67 -42.94 -44.52 -19.98
N ILE B 68 -42.52 -45.04 -21.13
CA ILE B 68 -43.37 -45.86 -21.97
C ILE B 68 -43.40 -47.28 -21.41
N HIS B 69 -44.35 -48.09 -21.90
CA HIS B 69 -44.51 -49.48 -21.46
C HIS B 69 -44.73 -49.58 -19.96
N ARG B 78 -44.44 -52.40 -15.32
CA ARG B 78 -44.37 -51.26 -16.23
C ARG B 78 -43.21 -50.34 -15.86
N PHE B 79 -43.24 -49.13 -16.40
CA PHE B 79 -42.19 -48.14 -16.18
C PHE B 79 -42.79 -46.93 -15.47
N ASP B 80 -42.15 -46.49 -14.40
CA ASP B 80 -42.62 -45.35 -13.63
C ASP B 80 -41.47 -44.39 -13.31
N ASN B 81 -41.79 -43.28 -12.62
CA ASN B 81 -40.78 -42.31 -12.25
C ASN B 81 -40.31 -42.56 -10.82
N PRO B 82 -39.01 -42.62 -10.59
CA PRO B 82 -38.53 -42.75 -9.21
C PRO B 82 -38.43 -41.40 -8.52
N VAL B 83 -37.95 -41.39 -7.29
CA VAL B 83 -37.81 -40.17 -6.51
C VAL B 83 -36.32 -39.83 -6.40
N LEU B 84 -35.96 -38.59 -6.74
CA LEU B 84 -34.58 -38.16 -6.82
C LEU B 84 -34.37 -36.93 -5.94
N PRO B 85 -33.17 -36.76 -5.40
CA PRO B 85 -32.87 -35.57 -4.58
C PRO B 85 -32.67 -34.33 -5.45
N PHE B 86 -32.46 -33.20 -4.78
CA PHE B 86 -32.29 -31.92 -5.45
C PHE B 86 -30.82 -31.60 -5.73
N ASN B 87 -30.01 -31.53 -4.66
CA ASN B 87 -28.57 -31.30 -4.76
C ASN B 87 -28.31 -29.98 -5.49
N ASP B 88 -28.66 -28.90 -4.79
CA ASP B 88 -28.44 -27.51 -5.21
C ASP B 88 -28.97 -27.22 -6.61
N GLY B 89 -29.93 -28.00 -7.09
CA GLY B 89 -30.49 -27.77 -8.41
C GLY B 89 -30.45 -29.01 -9.29
N VAL B 90 -31.33 -29.04 -10.29
CA VAL B 90 -31.44 -30.16 -11.21
C VAL B 90 -31.63 -29.61 -12.61
N TYR B 91 -31.08 -30.31 -13.59
CA TYR B 91 -31.26 -29.98 -15.01
C TYR B 91 -32.19 -31.01 -15.62
N PHE B 92 -33.45 -30.63 -15.80
CA PHE B 92 -34.49 -31.53 -16.30
C PHE B 92 -34.70 -31.27 -17.79
N ALA B 93 -34.48 -32.31 -18.61
CA ALA B 93 -34.61 -32.20 -20.06
C ALA B 93 -35.48 -33.35 -20.54
N SER B 94 -36.74 -33.07 -20.82
CA SER B 94 -37.68 -34.06 -21.33
C SER B 94 -38.09 -33.71 -22.75
N THR B 95 -37.99 -34.67 -23.66
CA THR B 95 -38.45 -34.51 -25.02
C THR B 95 -39.67 -35.40 -25.22
N GLU B 96 -40.74 -34.82 -25.76
CA GLU B 96 -42.01 -35.52 -25.87
C GLU B 96 -42.63 -35.27 -27.24
N LYS B 97 -43.49 -36.22 -27.65
CA LYS B 97 -44.30 -36.07 -28.84
C LYS B 97 -45.68 -35.50 -28.53
N SER B 98 -46.37 -36.07 -27.54
CA SER B 98 -47.68 -35.62 -27.13
C SER B 98 -47.67 -34.95 -25.76
N ASN B 99 -46.50 -34.50 -25.31
CA ASN B 99 -46.35 -33.79 -24.04
C ASN B 99 -46.87 -34.63 -22.88
N ILE B 100 -46.24 -35.79 -22.69
CA ILE B 100 -46.62 -36.68 -21.59
C ILE B 100 -46.27 -36.05 -20.25
N ILE B 101 -45.12 -35.37 -20.17
CA ILE B 101 -44.72 -34.72 -18.92
C ILE B 101 -45.72 -33.62 -18.60
N ARG B 102 -46.22 -33.63 -17.36
CA ARG B 102 -47.32 -32.76 -16.98
C ARG B 102 -47.07 -31.93 -15.73
N GLY B 103 -45.93 -32.09 -15.06
CA GLY B 103 -45.69 -31.30 -13.87
C GLY B 103 -44.38 -31.67 -13.21
N TRP B 104 -44.12 -30.99 -12.09
CA TRP B 104 -42.92 -31.18 -11.30
C TRP B 104 -43.29 -31.06 -9.82
N ILE B 105 -42.48 -31.66 -8.96
CA ILE B 105 -42.64 -31.57 -7.52
C ILE B 105 -41.29 -31.23 -6.90
N PHE B 106 -41.25 -30.15 -6.12
CA PHE B 106 -40.04 -29.70 -5.42
C PHE B 106 -40.39 -29.48 -3.95
N GLY B 107 -40.04 -30.44 -3.11
CA GLY B 107 -40.27 -30.29 -1.69
C GLY B 107 -39.37 -31.23 -0.92
N THR B 108 -39.08 -30.87 0.33
CA THR B 108 -38.28 -31.74 1.19
C THR B 108 -39.00 -33.07 1.44
N THR B 109 -40.29 -33.02 1.73
CA THR B 109 -41.08 -34.21 2.02
C THR B 109 -42.10 -34.53 0.94
N LEU B 110 -42.78 -33.51 0.40
CA LEU B 110 -43.77 -33.65 -0.68
C LEU B 110 -44.77 -34.77 -0.42
N ASP B 111 -45.15 -34.96 0.84
CA ASP B 111 -46.15 -35.95 1.22
C ASP B 111 -47.10 -35.37 2.27
N SER B 112 -47.42 -34.08 2.13
CA SER B 112 -48.31 -33.33 3.01
C SER B 112 -47.76 -33.19 4.43
N LYS B 113 -46.53 -33.62 4.68
CA LYS B 113 -45.94 -33.43 6.00
C LYS B 113 -45.57 -31.96 6.23
N THR B 114 -44.95 -31.33 5.23
CA THR B 114 -44.56 -29.93 5.31
C THR B 114 -44.91 -29.25 4.00
N GLN B 115 -44.88 -27.91 4.02
CA GLN B 115 -45.17 -27.13 2.82
C GLN B 115 -44.15 -27.43 1.74
N SER B 116 -44.64 -27.66 0.52
CA SER B 116 -43.78 -28.05 -0.58
C SER B 116 -44.28 -27.40 -1.87
N LEU B 117 -43.35 -27.10 -2.77
CA LEU B 117 -43.68 -26.53 -4.06
C LEU B 117 -44.34 -27.58 -4.95
N LEU B 118 -45.40 -27.18 -5.65
CA LEU B 118 -46.11 -28.05 -6.57
C LEU B 118 -46.25 -27.33 -7.91
N ILE B 119 -45.79 -27.97 -8.98
CA ILE B 119 -45.89 -27.43 -10.32
C ILE B 119 -46.79 -28.35 -11.14
N VAL B 120 -47.84 -27.77 -11.72
CA VAL B 120 -48.77 -28.49 -12.59
C VAL B 120 -48.86 -27.74 -13.90
N ASN B 121 -48.65 -28.43 -15.01
CA ASN B 121 -48.68 -27.83 -16.34
C ASN B 121 -49.95 -28.27 -17.05
N ASN B 122 -50.75 -27.30 -17.48
CA ASN B 122 -51.97 -27.55 -18.22
C ASN B 122 -52.06 -26.59 -19.40
N ALA B 123 -52.84 -27.00 -20.41
CA ALA B 123 -53.06 -26.13 -21.56
C ALA B 123 -53.82 -24.87 -21.17
N THR B 124 -54.76 -24.98 -20.23
CA THR B 124 -55.53 -23.81 -19.81
C THR B 124 -54.66 -22.78 -19.13
N ASN B 125 -53.88 -23.21 -18.13
CA ASN B 125 -53.02 -22.30 -17.37
C ASN B 125 -51.92 -23.10 -16.71
N VAL B 126 -50.89 -22.40 -16.26
CA VAL B 126 -49.79 -22.98 -15.50
C VAL B 126 -50.08 -22.77 -14.02
N VAL B 127 -50.08 -23.86 -13.25
CA VAL B 127 -50.46 -23.85 -11.85
C VAL B 127 -49.21 -24.10 -11.02
N ILE B 128 -48.92 -23.19 -10.10
CA ILE B 128 -47.82 -23.34 -9.16
C ILE B 128 -48.38 -23.06 -7.77
N LYS B 129 -48.37 -24.07 -6.91
CA LYS B 129 -48.94 -23.99 -5.57
C LYS B 129 -47.86 -24.31 -4.53
N VAL B 130 -48.24 -24.12 -3.26
CA VAL B 130 -47.41 -24.53 -2.13
C VAL B 130 -48.19 -25.44 -1.17
N CYS B 131 -49.48 -25.66 -1.41
CA CYS B 131 -50.32 -26.40 -0.48
C CYS B 131 -49.81 -27.82 -0.28
N GLU B 132 -50.11 -28.36 0.90
CA GLU B 132 -49.71 -29.72 1.26
C GLU B 132 -50.73 -30.72 0.73
N PHE B 133 -50.25 -31.72 -0.01
CA PHE B 133 -51.10 -32.78 -0.53
C PHE B 133 -50.43 -34.13 -0.28
N GLN B 134 -51.26 -35.14 -0.05
CA GLN B 134 -50.80 -36.50 0.16
C GLN B 134 -50.89 -37.26 -1.15
N PHE B 135 -49.76 -37.79 -1.61
CA PHE B 135 -49.69 -38.51 -2.87
C PHE B 135 -49.14 -39.91 -2.65
N CYS B 136 -49.56 -40.84 -3.51
CA CYS B 136 -49.14 -42.22 -3.41
C CYS B 136 -47.74 -42.40 -4.00
N ASN B 137 -47.26 -43.65 -3.98
CA ASN B 137 -45.94 -43.94 -4.52
C ASN B 137 -45.87 -43.65 -6.02
N ASP B 138 -46.92 -44.02 -6.76
CA ASP B 138 -46.97 -43.85 -8.20
C ASP B 138 -48.23 -43.08 -8.57
N PRO B 139 -48.15 -41.75 -8.67
CA PRO B 139 -49.33 -40.96 -9.05
C PRO B 139 -49.44 -40.88 -10.56
N PHE B 140 -50.64 -41.19 -11.07
CA PHE B 140 -50.93 -41.14 -12.50
C PHE B 140 -52.04 -40.15 -12.76
N LEU B 141 -52.03 -39.58 -13.97
CA LEU B 141 -53.01 -38.59 -14.39
C LEU B 141 -53.89 -39.16 -15.49
N GLY B 142 -55.19 -38.89 -15.40
CA GLY B 142 -56.11 -39.37 -16.41
C GLY B 142 -56.02 -38.57 -17.70
N VAL B 143 -56.48 -39.19 -18.77
CA VAL B 143 -56.47 -38.57 -20.09
C VAL B 143 -57.89 -38.22 -20.52
N ASN B 165 -52.53 -25.50 3.57
CA ASN B 165 -52.71 -24.09 3.26
C ASN B 165 -51.67 -23.60 2.25
N CYS B 166 -52.08 -22.66 1.41
CA CYS B 166 -51.24 -22.13 0.34
C CYS B 166 -50.74 -20.75 0.73
N THR B 167 -49.43 -20.53 0.58
CA THR B 167 -48.83 -19.24 0.87
C THR B 167 -48.46 -18.46 -0.39
N PHE B 168 -48.18 -19.15 -1.49
CA PHE B 168 -47.79 -18.50 -2.73
C PHE B 168 -48.56 -19.11 -3.89
N GLU B 169 -48.76 -18.31 -4.94
CA GLU B 169 -49.51 -18.73 -6.10
C GLU B 169 -48.93 -18.07 -7.34
N TYR B 170 -49.27 -18.63 -8.50
CA TYR B 170 -48.79 -18.12 -9.79
C TYR B 170 -49.62 -18.77 -10.89
N VAL B 171 -50.22 -17.97 -11.77
CA VAL B 171 -50.92 -18.47 -12.95
C VAL B 171 -50.29 -17.82 -14.18
N SER B 172 -49.86 -18.65 -15.12
CA SER B 172 -49.20 -18.16 -16.33
C SER B 172 -49.94 -18.64 -17.58
N PHE B 186 -40.28 -37.13 -31.55
CA PHE B 186 -39.83 -36.25 -30.49
C PHE B 186 -39.31 -34.94 -31.07
N LYS B 187 -40.17 -34.25 -31.83
CA LYS B 187 -39.75 -33.01 -32.49
C LYS B 187 -39.46 -31.90 -31.49
N ASN B 188 -40.07 -31.95 -30.31
CA ASN B 188 -39.93 -30.90 -29.31
C ASN B 188 -39.14 -31.43 -28.12
N LEU B 189 -38.09 -30.72 -27.75
CA LEU B 189 -37.31 -30.99 -26.55
C LEU B 189 -37.41 -29.77 -25.63
N ARG B 190 -37.81 -30.00 -24.39
CA ARG B 190 -38.05 -28.94 -23.42
C ARG B 190 -36.96 -29.03 -22.34
N GLU B 191 -35.92 -28.22 -22.49
CA GLU B 191 -34.86 -28.17 -21.49
C GLU B 191 -35.25 -27.20 -20.38
N PHE B 192 -34.86 -27.55 -19.15
CA PHE B 192 -35.23 -26.77 -17.98
C PHE B 192 -34.03 -26.69 -17.05
N VAL B 193 -34.01 -25.65 -16.21
CA VAL B 193 -33.09 -25.54 -15.08
C VAL B 193 -33.89 -25.12 -13.86
N PHE B 194 -33.60 -25.75 -12.73
CA PHE B 194 -34.25 -25.42 -11.47
C PHE B 194 -33.17 -25.25 -10.40
N LYS B 195 -33.28 -24.21 -9.59
CA LYS B 195 -32.29 -23.98 -8.54
C LYS B 195 -32.91 -23.10 -7.46
N ASN B 196 -32.28 -23.13 -6.29
CA ASN B 196 -32.70 -22.33 -5.14
C ASN B 196 -31.46 -21.65 -4.56
N ILE B 197 -31.27 -20.37 -4.87
CA ILE B 197 -30.14 -19.59 -4.40
C ILE B 197 -30.67 -18.33 -3.75
N ASP B 198 -30.17 -18.01 -2.56
CA ASP B 198 -30.64 -16.86 -1.78
C ASP B 198 -32.14 -16.94 -1.53
N GLY B 199 -32.65 -18.15 -1.30
CA GLY B 199 -34.07 -18.33 -1.10
C GLY B 199 -34.90 -17.97 -2.30
N TYR B 200 -34.34 -18.00 -3.49
CA TYR B 200 -35.02 -17.63 -4.72
C TYR B 200 -35.09 -18.82 -5.65
N PHE B 201 -36.29 -19.15 -6.11
CA PHE B 201 -36.49 -20.25 -7.03
C PHE B 201 -36.50 -19.71 -8.45
N LYS B 202 -35.67 -20.28 -9.31
CA LYS B 202 -35.54 -19.83 -10.69
C LYS B 202 -35.89 -20.97 -11.64
N ILE B 203 -36.49 -20.63 -12.77
CA ILE B 203 -36.84 -21.58 -13.81
C ILE B 203 -36.35 -21.04 -15.15
N TYR B 204 -35.66 -21.88 -15.91
CA TYR B 204 -35.17 -21.54 -17.23
C TYR B 204 -35.72 -22.55 -18.22
N SER B 205 -35.82 -22.15 -19.49
CA SER B 205 -36.42 -23.03 -20.48
C SER B 205 -35.89 -22.71 -21.87
N LYS B 206 -36.09 -23.67 -22.77
CA LYS B 206 -35.73 -23.52 -24.19
C LYS B 206 -36.42 -24.64 -24.95
N HIS B 207 -37.07 -24.29 -26.06
CA HIS B 207 -37.85 -25.26 -26.81
C HIS B 207 -37.31 -25.45 -28.23
N THR B 208 -35.99 -25.60 -28.36
CA THR B 208 -35.42 -25.78 -29.68
C THR B 208 -35.91 -27.10 -30.29
N PRO B 209 -36.24 -27.12 -31.58
CA PRO B 209 -36.69 -28.37 -32.19
C PRO B 209 -35.55 -29.35 -32.33
N ILE B 210 -35.83 -30.61 -31.97
CA ILE B 210 -34.85 -31.68 -32.01
C ILE B 210 -35.38 -32.78 -32.92
N ASN B 211 -34.58 -33.14 -33.93
CA ASN B 211 -34.95 -34.18 -34.88
C ASN B 211 -34.25 -35.51 -34.61
N LEU B 212 -33.41 -35.58 -33.58
CA LEU B 212 -32.75 -36.81 -33.18
C LEU B 212 -33.49 -37.39 -31.98
N VAL B 213 -34.20 -38.50 -32.20
CA VAL B 213 -35.00 -39.10 -31.14
C VAL B 213 -34.18 -39.95 -30.18
N ARG B 214 -32.93 -40.28 -30.54
CA ARG B 214 -32.12 -41.14 -29.69
C ARG B 214 -31.57 -40.38 -28.48
N ASP B 215 -30.78 -39.34 -28.72
CA ASP B 215 -30.14 -38.58 -27.66
C ASP B 215 -30.19 -37.10 -27.99
N LEU B 216 -29.69 -36.30 -27.07
CA LEU B 216 -29.65 -34.85 -27.27
C LEU B 216 -28.58 -34.52 -28.30
N PRO B 217 -28.91 -33.85 -29.40
CA PRO B 217 -27.91 -33.58 -30.43
C PRO B 217 -26.78 -32.69 -29.92
N GLN B 218 -25.60 -32.91 -30.47
CA GLN B 218 -24.45 -32.07 -30.15
C GLN B 218 -24.73 -30.63 -30.57
N GLY B 219 -24.45 -29.70 -29.69
CA GLY B 219 -24.66 -28.31 -29.98
C GLY B 219 -24.83 -27.51 -28.70
N PHE B 220 -24.98 -26.20 -28.88
CA PHE B 220 -25.10 -25.26 -27.77
C PHE B 220 -26.41 -24.51 -27.89
N SER B 221 -27.09 -24.33 -26.75
CA SER B 221 -28.33 -23.57 -26.70
C SER B 221 -28.50 -23.05 -25.29
N ALA B 222 -28.38 -21.73 -25.13
CA ALA B 222 -28.62 -21.12 -23.82
C ALA B 222 -30.11 -21.14 -23.51
N LEU B 223 -30.43 -21.10 -22.21
CA LEU B 223 -31.80 -21.18 -21.75
C LEU B 223 -32.17 -19.89 -21.03
N GLU B 224 -33.24 -19.24 -21.51
CA GLU B 224 -33.69 -17.96 -20.97
C GLU B 224 -34.44 -18.15 -19.67
N PRO B 225 -34.41 -17.18 -18.76
CA PRO B 225 -35.22 -17.28 -17.54
C PRO B 225 -36.68 -17.01 -17.84
N LEU B 226 -37.56 -17.74 -17.16
CA LEU B 226 -39.00 -17.56 -17.29
C LEU B 226 -39.66 -17.21 -15.97
N VAL B 227 -39.35 -17.94 -14.90
CA VAL B 227 -40.01 -17.79 -13.61
C VAL B 227 -38.99 -17.34 -12.59
N ASP B 228 -39.33 -16.31 -11.82
CA ASP B 228 -38.46 -15.77 -10.79
C ASP B 228 -39.27 -15.55 -9.50
N LEU B 229 -39.98 -16.59 -9.10
CA LEU B 229 -40.79 -16.45 -7.90
C LEU B 229 -39.96 -16.75 -6.65
N PRO B 230 -39.97 -15.86 -5.67
CA PRO B 230 -39.27 -16.15 -4.40
C PRO B 230 -40.09 -17.07 -3.50
N ILE B 231 -39.97 -18.38 -3.73
CA ILE B 231 -40.81 -19.35 -3.03
C ILE B 231 -40.51 -19.33 -1.54
N GLY B 232 -39.24 -19.44 -1.17
CA GLY B 232 -38.87 -19.46 0.23
C GLY B 232 -39.05 -20.78 0.93
N ILE B 233 -39.32 -21.86 0.19
CA ILE B 233 -39.46 -23.20 0.76
C ILE B 233 -38.23 -23.99 0.36
N ASN B 234 -37.53 -24.53 1.35
CA ASN B 234 -36.31 -25.29 1.10
C ASN B 234 -36.65 -26.57 0.34
N ILE B 235 -35.81 -26.89 -0.65
CA ILE B 235 -36.04 -28.01 -1.55
C ILE B 235 -34.88 -28.98 -1.44
N THR B 236 -35.19 -30.25 -1.17
CA THR B 236 -34.18 -31.30 -1.13
C THR B 236 -34.62 -32.56 -1.87
N ARG B 237 -35.81 -32.56 -2.47
CA ARG B 237 -36.30 -33.73 -3.18
C ARG B 237 -37.06 -33.27 -4.42
N PHE B 238 -37.20 -34.19 -5.37
CA PHE B 238 -37.70 -33.86 -6.70
C PHE B 238 -38.51 -35.03 -7.24
N GLN B 239 -39.57 -34.72 -7.98
CA GLN B 239 -40.44 -35.73 -8.56
C GLN B 239 -41.03 -35.17 -9.86
N THR B 240 -41.48 -36.08 -10.72
CA THR B 240 -41.98 -35.72 -12.04
C THR B 240 -43.39 -36.28 -12.23
N LEU B 241 -44.22 -35.51 -12.93
CA LEU B 241 -45.59 -35.91 -13.24
C LEU B 241 -45.69 -36.44 -14.66
N LEU B 242 -46.56 -37.42 -14.86
CA LEU B 242 -46.79 -38.03 -16.16
C LEU B 242 -48.28 -38.08 -16.45
N ALA B 243 -48.61 -38.59 -17.64
CA ALA B 243 -49.98 -38.78 -18.07
C ALA B 243 -50.18 -40.22 -18.52
N LEU B 244 -51.32 -40.79 -18.14
CA LEU B 244 -51.66 -42.17 -18.49
C LEU B 244 -53.03 -42.21 -19.14
N HIS B 245 -53.13 -42.92 -20.25
CA HIS B 245 -54.40 -43.06 -20.96
C HIS B 245 -55.35 -44.01 -20.23
N ALA B 263 -41.27 -41.65 -24.33
CA ALA B 263 -41.45 -40.59 -23.34
C ALA B 263 -40.26 -40.54 -22.38
N ALA B 264 -39.07 -40.45 -22.93
CA ALA B 264 -37.86 -40.40 -22.12
C ALA B 264 -37.61 -39.00 -21.59
N TYR B 265 -37.23 -38.92 -20.32
CA TYR B 265 -36.85 -37.66 -19.70
C TYR B 265 -35.53 -37.83 -18.98
N TYR B 266 -34.73 -36.77 -18.97
CA TYR B 266 -33.40 -36.81 -18.40
C TYR B 266 -33.34 -35.97 -17.13
N VAL B 267 -32.42 -36.34 -16.25
CA VAL B 267 -32.16 -35.58 -15.03
C VAL B 267 -30.66 -35.49 -14.83
N GLY B 268 -30.15 -34.26 -14.68
CA GLY B 268 -28.77 -34.02 -14.36
C GLY B 268 -28.58 -33.53 -12.94
N TYR B 269 -27.44 -32.88 -12.72
CA TYR B 269 -27.16 -32.27 -11.42
C TYR B 269 -26.17 -31.13 -11.63
N LEU B 270 -26.47 -29.98 -11.04
CA LEU B 270 -25.60 -28.81 -11.13
C LEU B 270 -24.61 -28.80 -9.97
N GLN B 271 -23.55 -28.02 -10.15
CA GLN B 271 -22.54 -27.83 -9.11
C GLN B 271 -21.79 -26.54 -9.41
N PRO B 272 -21.18 -25.92 -8.39
CA PRO B 272 -20.48 -24.65 -8.64
C PRO B 272 -19.22 -24.83 -9.47
N ARG B 273 -19.29 -24.45 -10.75
CA ARG B 273 -18.16 -24.54 -11.66
C ARG B 273 -18.20 -23.36 -12.61
N THR B 274 -17.12 -22.58 -12.65
CA THR B 274 -17.09 -21.38 -13.45
C THR B 274 -16.98 -21.70 -14.94
N PHE B 275 -17.58 -20.85 -15.78
CA PHE B 275 -17.46 -20.91 -17.22
C PHE B 275 -17.19 -19.52 -17.78
N LEU B 276 -16.93 -19.47 -19.08
CA LEU B 276 -16.71 -18.23 -19.82
C LEU B 276 -17.78 -18.18 -20.90
N LEU B 277 -18.79 -17.34 -20.69
CA LEU B 277 -19.93 -17.26 -21.59
C LEU B 277 -19.66 -16.25 -22.70
N LYS B 278 -19.62 -16.73 -23.94
CA LYS B 278 -19.39 -15.88 -25.10
C LYS B 278 -20.71 -15.29 -25.57
N TYR B 279 -20.80 -13.97 -25.58
CA TYR B 279 -22.02 -13.27 -25.93
C TYR B 279 -21.99 -12.85 -27.39
N ASN B 280 -23.15 -12.98 -28.04
CA ASN B 280 -23.29 -12.51 -29.41
C ASN B 280 -23.39 -11.00 -29.45
N GLU B 281 -23.43 -10.47 -30.66
CA GLU B 281 -23.61 -9.04 -30.86
C GLU B 281 -25.03 -8.61 -30.53
N ASN B 282 -25.97 -9.56 -30.37
CA ASN B 282 -27.32 -9.28 -29.91
C ASN B 282 -27.54 -9.62 -28.45
N GLY B 283 -26.58 -10.27 -27.79
CA GLY B 283 -26.73 -10.61 -26.38
C GLY B 283 -27.10 -12.04 -26.08
N THR B 284 -27.11 -12.92 -27.08
CA THR B 284 -27.45 -14.32 -26.90
C THR B 284 -26.17 -15.15 -26.76
N ILE B 285 -26.12 -15.99 -25.75
CA ILE B 285 -24.94 -16.81 -25.47
C ILE B 285 -24.86 -17.89 -26.53
N THR B 286 -23.97 -17.70 -27.50
CA THR B 286 -23.81 -18.66 -28.59
C THR B 286 -22.91 -19.83 -28.23
N ASP B 287 -21.99 -19.64 -27.28
CA ASP B 287 -21.05 -20.70 -26.93
C ASP B 287 -20.52 -20.42 -25.53
N ALA B 288 -19.91 -21.46 -24.95
CA ALA B 288 -19.27 -21.34 -23.65
C ALA B 288 -18.19 -22.40 -23.55
N VAL B 289 -17.14 -22.09 -22.80
CA VAL B 289 -16.05 -23.02 -22.56
C VAL B 289 -15.92 -23.22 -21.06
N ASP B 290 -15.68 -24.47 -20.67
CA ASP B 290 -15.52 -24.81 -19.27
C ASP B 290 -14.22 -24.23 -18.72
N CYS B 291 -14.11 -24.21 -17.40
CA CYS B 291 -12.90 -23.77 -16.73
C CYS B 291 -12.26 -24.86 -15.88
N ALA B 292 -12.90 -26.03 -15.74
CA ALA B 292 -12.32 -27.12 -14.97
C ALA B 292 -12.51 -28.47 -15.64
N LEU B 293 -12.98 -28.50 -16.89
CA LEU B 293 -13.15 -29.78 -17.58
C LEU B 293 -11.81 -30.38 -17.98
N ASP B 294 -10.92 -29.56 -18.54
CA ASP B 294 -9.66 -30.05 -19.09
C ASP B 294 -8.67 -28.90 -19.14
N PRO B 295 -7.37 -29.19 -19.26
CA PRO B 295 -6.37 -28.11 -19.29
C PRO B 295 -6.58 -27.10 -20.42
N LEU B 296 -7.09 -27.53 -21.57
CA LEU B 296 -7.43 -26.57 -22.61
C LEU B 296 -8.50 -25.60 -22.13
N SER B 297 -9.51 -26.11 -21.43
CA SER B 297 -10.55 -25.27 -20.89
C SER B 297 -10.00 -24.30 -19.85
N GLU B 298 -9.07 -24.77 -19.01
CA GLU B 298 -8.45 -23.90 -18.03
C GLU B 298 -7.65 -22.78 -18.70
N THR B 299 -6.92 -23.11 -19.77
CA THR B 299 -6.21 -22.09 -20.52
C THR B 299 -7.16 -21.08 -21.14
N LYS B 300 -8.28 -21.57 -21.70
CA LYS B 300 -9.27 -20.67 -22.28
C LYS B 300 -9.83 -19.72 -21.22
N CYS B 301 -10.12 -20.24 -20.03
CA CYS B 301 -10.70 -19.39 -18.99
C CYS B 301 -9.67 -18.45 -18.39
N THR B 302 -8.39 -18.83 -18.43
CA THR B 302 -7.34 -17.92 -17.97
C THR B 302 -7.09 -16.79 -18.97
N LEU B 303 -7.02 -17.11 -20.27
CA LEU B 303 -6.82 -16.09 -21.28
C LEU B 303 -8.06 -15.25 -21.55
N LYS B 304 -9.22 -15.65 -21.03
CA LYS B 304 -10.49 -14.98 -21.29
C LYS B 304 -10.82 -14.96 -22.79
N SER B 305 -10.25 -15.89 -23.55
CA SER B 305 -10.43 -15.92 -25.00
C SER B 305 -10.75 -17.34 -25.44
N PHE B 306 -11.66 -17.45 -26.41
CA PHE B 306 -12.03 -18.75 -26.95
C PHE B 306 -10.91 -19.37 -27.78
N THR B 307 -10.08 -18.55 -28.42
CA THR B 307 -8.93 -19.03 -29.17
C THR B 307 -7.67 -18.83 -28.32
N VAL B 308 -6.84 -19.85 -28.26
CA VAL B 308 -5.65 -19.84 -27.43
C VAL B 308 -4.43 -19.90 -28.34
N GLU B 309 -3.55 -18.92 -28.22
CA GLU B 309 -2.36 -18.87 -29.06
C GLU B 309 -1.36 -19.94 -28.65
N LYS B 310 -0.44 -20.26 -29.56
CA LYS B 310 0.53 -21.32 -29.32
C LYS B 310 1.55 -20.86 -28.29
N GLY B 311 1.56 -21.51 -27.14
CA GLY B 311 2.49 -21.15 -26.08
C GLY B 311 2.18 -21.93 -24.83
N ILE B 312 2.88 -21.55 -23.75
CA ILE B 312 2.72 -22.16 -22.44
C ILE B 312 2.15 -21.09 -21.51
N TYR B 313 0.97 -21.35 -20.97
CA TYR B 313 0.24 -20.37 -20.17
C TYR B 313 0.00 -20.96 -18.78
N GLN B 314 0.40 -20.23 -17.75
CA GLN B 314 0.11 -20.66 -16.40
C GLN B 314 -1.38 -20.50 -16.13
N THR B 315 -2.04 -21.61 -15.81
CA THR B 315 -3.49 -21.62 -15.62
C THR B 315 -3.90 -21.65 -14.16
N SER B 316 -3.26 -22.50 -13.36
CA SER B 316 -3.60 -22.61 -11.96
C SER B 316 -2.33 -23.03 -11.21
N ASN B 317 -2.49 -23.49 -9.97
CA ASN B 317 -1.37 -23.89 -9.14
C ASN B 317 -1.59 -25.30 -8.63
N PHE B 318 -0.57 -26.15 -8.79
CA PHE B 318 -0.60 -27.49 -8.21
C PHE B 318 -0.35 -27.41 -6.72
N ARG B 319 -1.03 -28.27 -5.97
CA ARG B 319 -0.95 -28.25 -4.52
C ARG B 319 -1.24 -29.65 -4.00
N VAL B 320 -0.42 -30.13 -3.08
CA VAL B 320 -0.62 -31.46 -2.48
C VAL B 320 -1.27 -31.26 -1.13
N GLN B 321 -2.50 -31.72 -0.98
CA GLN B 321 -3.20 -31.61 0.28
C GLN B 321 -2.58 -32.55 1.31
N PRO B 322 -2.63 -32.18 2.59
CA PRO B 322 -2.16 -33.10 3.64
C PRO B 322 -2.98 -34.37 3.66
N THR B 323 -2.30 -35.51 3.53
CA THR B 323 -3.00 -36.79 3.44
C THR B 323 -3.56 -37.23 4.78
N GLU B 324 -2.87 -36.91 5.88
CA GLU B 324 -3.29 -37.38 7.19
C GLU B 324 -2.76 -36.42 8.25
N SER B 325 -3.13 -36.68 9.50
CA SER B 325 -2.75 -35.85 10.64
C SER B 325 -2.08 -36.73 11.70
N ILE B 326 -0.92 -36.28 12.19
CA ILE B 326 -0.17 -36.99 13.22
C ILE B 326 0.19 -36.00 14.32
N VAL B 327 0.09 -36.46 15.57
CA VAL B 327 0.42 -35.64 16.74
C VAL B 327 1.28 -36.52 17.65
N ARG B 328 2.60 -36.39 17.52
CA ARG B 328 3.54 -37.22 18.29
C ARG B 328 4.06 -36.39 19.46
N PHE B 329 3.20 -36.21 20.46
CA PHE B 329 3.57 -35.55 21.70
C PHE B 329 4.50 -36.46 22.51
N PRO B 330 5.35 -35.88 23.36
CA PRO B 330 6.19 -36.72 24.22
C PRO B 330 5.37 -37.55 25.17
N ASN B 331 5.84 -38.77 25.44
CA ASN B 331 5.11 -39.67 26.32
C ASN B 331 5.10 -39.12 27.74
N ILE B 332 3.97 -39.33 28.43
CA ILE B 332 3.83 -38.87 29.80
C ILE B 332 4.92 -39.48 30.67
N THR B 333 5.77 -38.63 31.23
CA THR B 333 6.84 -39.11 32.10
C THR B 333 6.27 -39.75 33.37
N ASN B 334 5.25 -39.15 33.96
CA ASN B 334 4.65 -39.69 35.17
C ASN B 334 3.20 -39.25 35.25
N LEU B 335 2.32 -40.19 35.55
CA LEU B 335 0.92 -39.87 35.81
C LEU B 335 0.80 -39.15 37.15
N CYS B 336 -0.17 -38.25 37.22
CA CYS B 336 -0.43 -37.55 38.48
C CYS B 336 -0.89 -38.55 39.53
N PRO B 337 -0.57 -38.32 40.81
CA PRO B 337 -0.86 -39.30 41.87
C PRO B 337 -2.32 -39.30 42.31
N PHE B 338 -3.21 -39.69 41.39
CA PHE B 338 -4.59 -39.94 41.78
C PHE B 338 -4.73 -41.26 42.53
N GLY B 339 -3.83 -42.21 42.26
CA GLY B 339 -3.89 -43.49 42.94
C GLY B 339 -3.71 -43.36 44.45
N GLU B 340 -2.84 -42.44 44.87
CA GLU B 340 -2.67 -42.22 46.31
C GLU B 340 -3.88 -41.54 46.93
N VAL B 341 -4.58 -40.72 46.16
CA VAL B 341 -5.78 -40.05 46.67
C VAL B 341 -6.91 -41.05 46.86
N PHE B 342 -7.05 -41.99 45.93
CA PHE B 342 -8.18 -42.93 45.93
C PHE B 342 -7.90 -44.18 46.74
N ASN B 343 -6.73 -44.79 46.54
CA ASN B 343 -6.38 -46.05 47.19
C ASN B 343 -5.67 -45.84 48.53
N ALA B 344 -5.90 -44.70 49.19
CA ALA B 344 -5.33 -44.48 50.51
C ALA B 344 -5.88 -45.50 51.50
N THR B 345 -5.01 -45.99 52.39
CA THR B 345 -5.43 -47.00 53.36
C THR B 345 -6.51 -46.46 54.30
N ARG B 346 -6.34 -45.22 54.75
CA ARG B 346 -7.31 -44.57 55.63
C ARG B 346 -7.73 -43.24 55.03
N PHE B 347 -9.01 -42.91 55.23
CA PHE B 347 -9.57 -41.66 54.74
C PHE B 347 -9.95 -40.76 55.92
N ALA B 348 -9.68 -39.48 55.77
CA ALA B 348 -9.99 -38.52 56.81
C ALA B 348 -11.51 -38.32 56.92
N SER B 349 -11.93 -37.79 58.06
CA SER B 349 -13.33 -37.50 58.27
C SER B 349 -13.76 -36.31 57.43
N VAL B 350 -15.07 -36.11 57.32
CA VAL B 350 -15.59 -35.04 56.48
C VAL B 350 -15.26 -33.67 57.06
N TYR B 351 -15.34 -33.54 58.40
CA TYR B 351 -15.04 -32.25 59.01
C TYR B 351 -13.55 -31.92 58.90
N ALA B 352 -12.68 -32.89 59.15
CA ALA B 352 -11.24 -32.71 58.99
C ALA B 352 -10.79 -33.28 57.64
N TRP B 353 -11.37 -32.73 56.57
CA TRP B 353 -11.07 -33.21 55.23
C TRP B 353 -9.63 -32.88 54.85
N ASN B 354 -8.95 -33.84 54.24
CA ASN B 354 -7.56 -33.69 53.87
C ASN B 354 -7.46 -33.17 52.44
N ARG B 355 -6.51 -32.26 52.22
CA ARG B 355 -6.29 -31.65 50.91
C ARG B 355 -4.86 -31.89 50.47
N LYS B 356 -4.69 -32.36 49.24
CA LYS B 356 -3.38 -32.62 48.66
C LYS B 356 -3.29 -31.88 47.34
N ARG B 357 -2.20 -31.13 47.14
CA ARG B 357 -2.00 -30.39 45.91
C ARG B 357 -1.18 -31.20 44.92
N ILE B 358 -1.66 -31.26 43.69
CA ILE B 358 -1.05 -32.05 42.62
C ILE B 358 -0.57 -31.08 41.54
N SER B 359 0.70 -31.18 41.17
CA SER B 359 1.28 -30.27 40.19
C SER B 359 2.43 -30.96 39.47
N ASN B 360 2.78 -30.41 38.31
CA ASN B 360 3.92 -30.86 37.51
C ASN B 360 3.79 -32.33 37.12
N CYS B 361 2.69 -32.62 36.43
CA CYS B 361 2.43 -33.97 35.91
C CYS B 361 1.30 -33.86 34.89
N VAL B 362 0.93 -35.01 34.33
CA VAL B 362 -0.17 -35.11 33.39
C VAL B 362 -1.29 -35.91 34.05
N ALA B 363 -2.50 -35.36 34.04
CA ALA B 363 -3.64 -35.92 34.75
C ALA B 363 -4.59 -36.56 33.73
N ASP B 364 -4.77 -37.88 33.82
CA ASP B 364 -5.66 -38.62 32.95
C ASP B 364 -7.00 -38.80 33.66
N TYR B 365 -8.04 -38.14 33.14
CA TYR B 365 -9.38 -38.27 33.70
C TYR B 365 -10.27 -39.22 32.92
N SER B 366 -9.91 -39.54 31.68
CA SER B 366 -10.77 -40.39 30.86
C SER B 366 -10.90 -41.80 31.43
N VAL B 367 -9.79 -42.37 31.89
CA VAL B 367 -9.82 -43.73 32.42
C VAL B 367 -10.62 -43.80 33.70
N LEU B 368 -10.52 -42.76 34.54
CA LEU B 368 -11.23 -42.76 35.81
C LEU B 368 -12.72 -42.55 35.63
N TYR B 369 -13.12 -41.76 34.62
CA TYR B 369 -14.53 -41.46 34.42
C TYR B 369 -15.30 -42.72 34.00
N ASN B 370 -14.72 -43.51 33.10
CA ASN B 370 -15.40 -44.70 32.58
C ASN B 370 -15.12 -45.93 33.44
N SER B 371 -15.36 -45.81 34.75
CA SER B 371 -15.14 -46.89 35.69
C SER B 371 -16.44 -47.15 36.45
N ALA B 372 -16.88 -48.41 36.46
CA ALA B 372 -18.08 -48.77 37.18
C ALA B 372 -17.89 -48.79 38.69
N SER B 373 -16.64 -48.80 39.17
CA SER B 373 -16.40 -48.81 40.60
C SER B 373 -16.79 -47.49 41.24
N PHE B 374 -16.74 -46.39 40.49
CA PHE B 374 -17.08 -45.07 41.01
C PHE B 374 -18.57 -44.84 40.83
N SER B 375 -19.32 -44.95 41.93
CA SER B 375 -20.77 -44.78 41.86
C SER B 375 -21.15 -43.37 41.44
N THR B 376 -20.47 -42.36 41.97
CA THR B 376 -20.77 -40.97 41.69
C THR B 376 -19.61 -40.35 40.92
N PHE B 377 -19.91 -39.73 39.78
CA PHE B 377 -18.92 -39.00 39.01
C PHE B 377 -19.66 -37.93 38.21
N LYS B 378 -19.61 -36.70 38.71
CA LYS B 378 -20.30 -35.57 38.08
C LYS B 378 -19.32 -34.44 37.91
N CYS B 379 -19.18 -33.95 36.69
CA CYS B 379 -18.27 -32.86 36.35
C CYS B 379 -19.05 -31.59 36.09
N TYR B 380 -18.61 -30.49 36.68
CA TYR B 380 -19.26 -29.20 36.57
C TYR B 380 -18.27 -28.18 36.01
N GLY B 381 -18.72 -27.42 35.01
CA GLY B 381 -17.87 -26.44 34.38
C GLY B 381 -16.88 -27.00 33.37
N VAL B 382 -16.90 -28.31 33.13
CA VAL B 382 -15.95 -28.94 32.22
C VAL B 382 -16.58 -30.21 31.69
N SER B 383 -16.30 -30.52 30.43
CA SER B 383 -16.82 -31.73 29.79
C SER B 383 -15.92 -32.92 30.12
N PRO B 384 -16.51 -34.10 30.38
CA PRO B 384 -15.68 -35.28 30.64
C PRO B 384 -14.74 -35.62 29.49
N THR B 385 -15.20 -35.43 28.25
CA THR B 385 -14.35 -35.70 27.10
C THR B 385 -13.30 -34.61 26.92
N LYS B 386 -13.60 -33.39 27.35
CA LYS B 386 -12.67 -32.27 27.24
C LYS B 386 -11.69 -32.20 28.41
N LEU B 387 -11.81 -33.10 29.38
CA LEU B 387 -10.91 -33.09 30.53
C LEU B 387 -9.46 -33.35 30.10
N ASN B 388 -9.27 -34.29 29.18
CA ASN B 388 -7.93 -34.65 28.73
C ASN B 388 -7.31 -33.59 27.82
N ASP B 389 -8.09 -32.59 27.38
CA ASP B 389 -7.63 -31.58 26.45
C ASP B 389 -7.40 -30.22 27.09
N LEU B 390 -7.42 -30.14 28.42
CA LEU B 390 -7.33 -28.87 29.12
C LEU B 390 -6.06 -28.81 29.97
N CYS B 391 -5.56 -27.60 30.16
CA CYS B 391 -4.38 -27.33 30.99
C CYS B 391 -4.75 -26.40 32.12
N PHE B 392 -4.27 -26.71 33.32
CA PHE B 392 -4.54 -25.92 34.50
C PHE B 392 -3.25 -25.64 35.25
N THR B 393 -3.27 -24.55 36.02
CA THR B 393 -2.11 -24.22 36.85
C THR B 393 -1.88 -25.25 37.95
N ASN B 394 -2.96 -25.65 38.64
CA ASN B 394 -2.86 -26.59 39.73
C ASN B 394 -4.15 -27.39 39.85
N VAL B 395 -4.09 -28.49 40.59
CA VAL B 395 -5.23 -29.33 40.88
C VAL B 395 -5.22 -29.66 42.37
N TYR B 396 -6.36 -29.51 43.02
CA TYR B 396 -6.52 -29.80 44.44
C TYR B 396 -7.45 -30.99 44.62
N ALA B 397 -7.00 -31.99 45.38
CA ALA B 397 -7.77 -33.20 45.65
C ALA B 397 -8.12 -33.24 47.14
N ASP B 398 -9.41 -33.34 47.44
CA ASP B 398 -9.89 -33.41 48.82
C ASP B 398 -10.57 -34.75 49.04
N SER B 399 -10.18 -35.44 50.10
CA SER B 399 -10.70 -36.77 50.42
C SER B 399 -11.35 -36.76 51.79
N PHE B 400 -12.52 -37.38 51.90
CA PHE B 400 -13.25 -37.48 53.16
C PHE B 400 -14.24 -38.63 53.04
N VAL B 401 -14.92 -38.91 54.15
CA VAL B 401 -15.87 -40.02 54.22
C VAL B 401 -17.23 -39.49 54.66
N ILE B 402 -18.26 -39.75 53.85
CA ILE B 402 -19.64 -39.43 54.17
C ILE B 402 -20.50 -40.64 53.83
N ARG B 403 -21.71 -40.66 54.38
CA ARG B 403 -22.62 -41.75 54.07
C ARG B 403 -23.31 -41.51 52.73
N GLY B 404 -24.13 -42.49 52.33
CA GLY B 404 -24.60 -42.53 50.95
C GLY B 404 -25.44 -41.33 50.55
N ASP B 405 -26.40 -40.95 51.40
CA ASP B 405 -27.34 -39.90 51.03
C ASP B 405 -26.72 -38.50 51.08
N GLU B 406 -25.52 -38.35 51.64
CA GLU B 406 -24.87 -37.06 51.74
C GLU B 406 -24.02 -36.74 50.51
N VAL B 407 -23.92 -37.66 49.55
CA VAL B 407 -23.13 -37.39 48.35
C VAL B 407 -23.77 -36.28 47.52
N ARG B 408 -25.10 -36.16 47.56
CA ARG B 408 -25.79 -35.11 46.81
C ARG B 408 -25.36 -33.73 47.26
N GLN B 409 -24.88 -33.59 48.50
CA GLN B 409 -24.45 -32.29 49.00
C GLN B 409 -23.12 -31.84 48.39
N ILE B 410 -22.35 -32.77 47.82
CA ILE B 410 -21.04 -32.43 47.27
C ILE B 410 -21.14 -31.70 45.93
N ALA B 411 -22.33 -31.64 45.33
CA ALA B 411 -22.51 -30.84 44.13
C ALA B 411 -22.39 -29.36 44.49
N PRO B 412 -21.87 -28.54 43.58
CA PRO B 412 -21.68 -27.11 43.89
C PRO B 412 -23.00 -26.42 44.19
N GLY B 413 -22.97 -25.52 45.17
CA GLY B 413 -24.15 -24.77 45.55
C GLY B 413 -25.17 -25.54 46.37
N GLN B 414 -24.86 -26.76 46.79
CA GLN B 414 -25.80 -27.53 47.57
C GLN B 414 -25.76 -27.12 49.04
N THR B 415 -26.81 -27.50 49.76
CA THR B 415 -26.97 -27.17 51.16
C THR B 415 -27.09 -28.46 51.98
N GLY B 416 -27.24 -28.31 53.29
CA GLY B 416 -27.37 -29.42 54.20
C GLY B 416 -26.38 -29.32 55.35
N LYS B 417 -26.47 -30.31 56.24
CA LYS B 417 -25.56 -30.34 57.38
C LYS B 417 -24.11 -30.51 56.95
N ILE B 418 -23.87 -31.37 55.95
CA ILE B 418 -22.52 -31.57 55.44
C ILE B 418 -22.05 -30.35 54.65
N ALA B 419 -22.93 -29.81 53.81
CA ALA B 419 -22.52 -28.72 52.92
C ALA B 419 -22.32 -27.41 53.67
N ASP B 420 -23.05 -27.21 54.76
CA ASP B 420 -23.00 -25.93 55.48
C ASP B 420 -22.05 -25.95 56.67
N TYR B 421 -21.71 -27.12 57.20
CA TYR B 421 -20.90 -27.22 58.41
C TYR B 421 -19.61 -28.01 58.25
N ASN B 422 -19.49 -28.84 57.21
CA ASN B 422 -18.34 -29.71 57.04
C ASN B 422 -17.51 -29.33 55.82
N TYR B 423 -18.13 -29.30 54.64
CA TYR B 423 -17.40 -29.04 53.40
C TYR B 423 -18.30 -28.27 52.46
N LYS B 424 -17.92 -27.05 52.11
CA LYS B 424 -18.69 -26.19 51.23
C LYS B 424 -17.90 -25.93 49.95
N LEU B 425 -18.61 -25.93 48.83
CA LEU B 425 -18.02 -25.71 47.52
C LEU B 425 -18.55 -24.42 46.90
N PRO B 426 -17.74 -23.71 46.13
CA PRO B 426 -18.22 -22.49 45.47
C PRO B 426 -19.26 -22.81 44.41
N ASP B 427 -20.14 -21.84 44.17
CA ASP B 427 -21.09 -21.97 43.07
C ASP B 427 -20.38 -22.03 41.73
N ASP B 428 -19.20 -21.40 41.63
CA ASP B 428 -18.39 -21.42 40.42
C ASP B 428 -17.35 -22.54 40.44
N PHE B 429 -17.63 -23.65 41.13
CA PHE B 429 -16.70 -24.76 41.21
C PHE B 429 -16.42 -25.33 39.83
N THR B 430 -15.14 -25.54 39.53
CA THR B 430 -14.70 -26.08 38.24
C THR B 430 -13.92 -27.36 38.54
N GLY B 431 -14.59 -28.50 38.35
CA GLY B 431 -13.96 -29.78 38.61
C GLY B 431 -14.98 -30.89 38.57
N CYS B 432 -14.54 -32.06 39.03
CA CYS B 432 -15.38 -33.26 39.05
C CYS B 432 -15.44 -33.83 40.46
N VAL B 433 -16.62 -34.32 40.83
CA VAL B 433 -16.86 -34.92 42.13
C VAL B 433 -16.96 -36.43 41.95
N ILE B 434 -16.10 -37.17 42.65
CA ILE B 434 -16.01 -38.62 42.52
C ILE B 434 -16.30 -39.25 43.87
N ALA B 435 -17.11 -40.31 43.87
CA ALA B 435 -17.42 -41.02 45.09
C ALA B 435 -17.65 -42.50 44.76
N TRP B 436 -17.37 -43.36 45.74
CA TRP B 436 -17.60 -44.78 45.59
C TRP B 436 -17.81 -45.39 46.96
N ASN B 437 -18.43 -46.57 46.97
CA ASN B 437 -18.77 -47.23 48.23
C ASN B 437 -17.52 -47.74 48.93
N SER B 438 -17.52 -47.66 50.25
CA SER B 438 -16.43 -48.16 51.08
C SER B 438 -16.97 -48.91 52.29
N ASN B 439 -18.04 -49.68 52.08
CA ASN B 439 -18.62 -50.44 53.19
C ASN B 439 -17.70 -51.57 53.62
N ASN B 440 -16.95 -52.17 52.68
CA ASN B 440 -16.09 -53.30 53.02
C ASN B 440 -14.83 -52.87 53.74
N LEU B 441 -14.51 -51.57 53.75
CA LEU B 441 -13.28 -51.08 54.37
C LEU B 441 -13.51 -50.15 55.54
N ASP B 442 -14.69 -49.54 55.66
CA ASP B 442 -14.97 -48.56 56.71
C ASP B 442 -16.14 -49.00 57.58
N SER B 443 -16.18 -50.29 57.92
CA SER B 443 -17.24 -50.81 58.77
C SER B 443 -16.67 -51.87 59.70
N LYS B 444 -17.26 -51.97 60.89
CA LYS B 444 -16.88 -52.98 61.87
C LYS B 444 -18.14 -53.51 62.53
N VAL B 445 -17.97 -54.56 63.34
CA VAL B 445 -19.12 -55.26 63.92
C VAL B 445 -19.94 -54.33 64.78
N GLY B 446 -19.29 -53.50 65.59
CA GLY B 446 -19.96 -52.53 66.41
C GLY B 446 -20.22 -51.20 65.75
N GLY B 447 -19.91 -51.07 64.46
CA GLY B 447 -20.05 -49.81 63.76
C GLY B 447 -18.84 -48.92 63.96
N ASN B 448 -18.32 -48.36 62.88
CA ASN B 448 -17.13 -47.51 62.97
C ASN B 448 -17.53 -46.12 63.43
N TYR B 449 -17.10 -45.73 64.63
CA TYR B 449 -17.36 -44.41 65.18
C TYR B 449 -16.17 -43.47 65.07
N ASN B 450 -15.13 -43.86 64.34
CA ASN B 450 -13.99 -42.98 64.13
C ASN B 450 -14.34 -41.80 63.24
N TYR B 451 -15.23 -42.00 62.27
CA TYR B 451 -15.60 -40.94 61.35
C TYR B 451 -16.60 -40.01 62.02
N LEU B 452 -16.35 -38.70 61.93
CA LEU B 452 -17.17 -37.70 62.58
C LEU B 452 -17.58 -36.62 61.57
N TYR B 453 -18.69 -35.96 61.89
CA TYR B 453 -19.20 -34.86 61.09
C TYR B 453 -19.64 -33.73 62.02
N ARG B 454 -19.63 -32.51 61.49
CA ARG B 454 -20.02 -31.33 62.27
C ARG B 454 -21.53 -31.14 62.15
N LEU B 455 -22.24 -31.37 63.25
CA LEU B 455 -23.68 -31.20 63.28
C LEU B 455 -24.09 -29.78 63.67
N PHE B 456 -23.38 -29.17 64.61
CA PHE B 456 -23.70 -27.84 65.11
C PHE B 456 -22.56 -26.88 64.77
N ARG B 457 -22.91 -25.73 64.20
CA ARG B 457 -21.95 -24.67 63.95
C ARG B 457 -22.69 -23.34 63.89
N LYS B 458 -22.04 -22.30 64.43
CA LYS B 458 -22.70 -21.00 64.55
C LYS B 458 -23.01 -20.41 63.18
N SER B 459 -22.08 -20.53 62.23
CA SER B 459 -22.24 -19.91 60.92
C SER B 459 -21.91 -20.93 59.84
N ASN B 460 -22.49 -20.72 58.66
CA ASN B 460 -22.24 -21.60 57.53
C ASN B 460 -20.82 -21.42 57.02
N LEU B 461 -20.18 -22.53 56.68
CA LEU B 461 -18.79 -22.51 56.23
C LEU B 461 -18.66 -21.84 54.87
N LYS B 462 -17.63 -21.02 54.72
CA LYS B 462 -17.28 -20.48 53.42
C LYS B 462 -16.76 -21.61 52.52
N PRO B 463 -16.81 -21.42 51.20
CA PRO B 463 -16.30 -22.46 50.31
C PRO B 463 -14.83 -22.76 50.58
N PHE B 464 -14.49 -24.05 50.55
CA PHE B 464 -13.13 -24.53 50.76
C PHE B 464 -12.56 -24.04 52.10
N GLU B 465 -13.39 -24.08 53.13
CA GLU B 465 -12.98 -23.73 54.49
C GLU B 465 -13.08 -24.95 55.39
N ARG B 466 -12.11 -25.10 56.28
CA ARG B 466 -12.02 -26.25 57.17
C ARG B 466 -12.06 -25.78 58.62
N ASP B 467 -12.89 -26.44 59.42
CA ASP B 467 -13.02 -26.14 60.84
C ASP B 467 -12.96 -27.44 61.63
N ILE B 468 -11.96 -27.57 62.50
CA ILE B 468 -11.76 -28.77 63.29
C ILE B 468 -11.85 -28.48 64.79
N SER B 469 -12.38 -27.32 65.16
CA SER B 469 -12.50 -26.96 66.57
C SER B 469 -13.52 -27.83 67.26
N THR B 470 -13.23 -28.17 68.52
CA THR B 470 -14.15 -28.94 69.36
C THR B 470 -14.81 -28.09 70.43
N GLU B 471 -14.91 -26.78 70.20
CA GLU B 471 -15.53 -25.89 71.17
C GLU B 471 -17.00 -26.22 71.34
N ILE B 472 -17.47 -26.16 72.60
CA ILE B 472 -18.84 -26.54 72.91
C ILE B 472 -19.80 -25.54 72.27
N TYR B 473 -20.78 -26.05 71.55
CA TYR B 473 -21.76 -25.20 70.86
C TYR B 473 -22.70 -24.58 71.89
N GLN B 474 -22.90 -23.27 71.78
CA GLN B 474 -23.76 -22.51 72.68
C GLN B 474 -25.01 -22.13 71.91
N ALA B 475 -26.00 -23.03 71.91
CA ALA B 475 -27.25 -22.75 71.21
C ALA B 475 -28.05 -21.68 71.92
N GLY B 476 -28.21 -21.80 73.24
CA GLY B 476 -28.96 -20.85 74.03
C GLY B 476 -28.07 -19.76 74.61
N SER B 477 -28.67 -18.97 75.50
CA SER B 477 -27.96 -17.88 76.16
C SER B 477 -27.15 -18.34 77.36
N THR B 478 -27.34 -19.58 77.82
CA THR B 478 -26.62 -20.05 78.99
C THR B 478 -25.14 -20.22 78.65
N PRO B 479 -24.23 -19.64 79.44
CA PRO B 479 -22.79 -19.80 79.17
C PRO B 479 -22.37 -21.25 79.37
N CYS B 480 -21.90 -21.88 78.28
CA CYS B 480 -21.51 -23.28 78.35
C CYS B 480 -20.35 -23.48 79.32
N ASN B 481 -19.35 -22.60 79.26
CA ASN B 481 -18.15 -22.70 80.11
C ASN B 481 -17.48 -24.06 79.96
N GLY B 482 -17.50 -24.59 78.75
CA GLY B 482 -16.91 -25.89 78.48
C GLY B 482 -17.58 -27.03 79.22
N VAL B 483 -18.89 -26.95 79.42
CA VAL B 483 -19.66 -27.98 80.11
C VAL B 483 -20.85 -28.35 79.25
N GLU B 484 -21.00 -29.64 78.97
CA GLU B 484 -22.13 -30.12 78.18
C GLU B 484 -23.40 -30.12 79.02
N GLY B 485 -24.46 -29.52 78.48
CA GLY B 485 -25.71 -29.41 79.20
C GLY B 485 -26.93 -29.53 78.31
N PHE B 486 -28.06 -28.98 78.75
CA PHE B 486 -29.29 -29.06 77.97
C PHE B 486 -29.22 -28.19 76.72
N ASN B 487 -28.58 -27.02 76.83
CA ASN B 487 -28.40 -26.13 75.69
C ASN B 487 -26.96 -26.10 75.19
N CYS B 488 -26.11 -27.00 75.68
CA CYS B 488 -24.72 -27.09 75.23
C CYS B 488 -24.47 -28.49 74.69
N TYR B 489 -23.95 -28.57 73.47
CA TYR B 489 -23.76 -29.84 72.78
C TYR B 489 -22.37 -29.89 72.16
N PHE B 490 -21.86 -31.11 72.00
CA PHE B 490 -20.57 -31.29 71.34
C PHE B 490 -20.71 -31.00 69.85
N PRO B 491 -19.80 -30.23 69.26
CA PRO B 491 -19.97 -29.87 67.84
C PRO B 491 -19.91 -31.05 66.88
N LEU B 492 -19.24 -32.14 67.26
CA LEU B 492 -19.02 -33.26 66.36
C LEU B 492 -19.86 -34.47 66.79
N GLN B 493 -20.58 -35.03 65.81
CA GLN B 493 -21.33 -36.27 65.99
C GLN B 493 -20.74 -37.34 65.08
N SER B 494 -20.92 -38.59 65.47
CA SER B 494 -20.29 -39.71 64.79
C SER B 494 -21.33 -40.52 64.01
N TYR B 495 -20.88 -41.08 62.88
CA TYR B 495 -21.73 -41.93 62.06
C TYR B 495 -21.84 -43.32 62.68
N GLY B 496 -22.89 -44.04 62.27
CA GLY B 496 -23.06 -45.41 62.68
C GLY B 496 -22.24 -46.36 61.82
N PHE B 497 -22.46 -46.31 60.51
CA PHE B 497 -21.68 -47.07 59.53
C PHE B 497 -21.70 -48.57 59.82
N GLN B 498 -22.88 -49.09 60.17
CA GLN B 498 -23.01 -50.52 60.36
C GLN B 498 -22.88 -51.24 59.02
N PRO B 499 -22.27 -52.43 58.99
CA PRO B 499 -22.21 -53.19 57.74
C PRO B 499 -23.58 -53.54 57.19
N THR B 500 -24.57 -53.76 58.05
CA THR B 500 -25.93 -54.07 57.63
C THR B 500 -26.84 -52.85 57.67
N ASN B 501 -26.25 -51.64 57.65
CA ASN B 501 -27.06 -50.43 57.73
C ASN B 501 -27.91 -50.23 56.49
N GLY B 502 -27.44 -50.69 55.33
CA GLY B 502 -28.17 -50.56 54.09
C GLY B 502 -27.70 -49.37 53.26
N VAL B 503 -28.27 -49.28 52.05
CA VAL B 503 -27.93 -48.21 51.14
C VAL B 503 -28.42 -46.88 51.68
N GLY B 504 -27.58 -45.84 51.58
CA GLY B 504 -27.89 -44.53 52.06
C GLY B 504 -27.22 -44.17 53.38
N TYR B 505 -26.79 -45.16 54.14
CA TYR B 505 -26.07 -44.94 55.38
C TYR B 505 -24.70 -45.59 55.41
N GLN B 506 -24.37 -46.43 54.44
CA GLN B 506 -23.08 -47.09 54.41
C GLN B 506 -21.97 -46.07 54.12
N PRO B 507 -20.76 -46.30 54.63
CA PRO B 507 -19.67 -45.34 54.39
C PRO B 507 -19.32 -45.25 52.92
N TYR B 508 -18.98 -44.03 52.49
CA TYR B 508 -18.60 -43.74 51.12
C TYR B 508 -17.37 -42.85 51.13
N ARG B 509 -16.44 -43.10 50.21
CA ARG B 509 -15.23 -42.30 50.08
C ARG B 509 -15.41 -41.34 48.91
N VAL B 510 -15.27 -40.04 49.18
CA VAL B 510 -15.51 -39.01 48.18
C VAL B 510 -14.21 -38.24 47.97
N VAL B 511 -13.80 -38.14 46.70
CA VAL B 511 -12.63 -37.37 46.29
C VAL B 511 -13.10 -36.26 45.37
N VAL B 512 -12.76 -35.03 45.71
CA VAL B 512 -13.17 -33.85 44.96
C VAL B 512 -11.95 -33.29 44.26
N LEU B 513 -12.04 -33.12 42.94
CA LEU B 513 -10.97 -32.56 42.14
C LEU B 513 -11.37 -31.16 41.68
N SER B 514 -10.50 -30.19 41.94
CA SER B 514 -10.74 -28.80 41.55
C SER B 514 -9.60 -28.34 40.65
N PHE B 515 -9.94 -27.58 39.61
CA PHE B 515 -8.97 -27.13 38.61
C PHE B 515 -8.74 -25.63 38.81
N GLU B 516 -7.53 -25.28 39.25
CA GLU B 516 -7.16 -23.90 39.51
C GLU B 516 -6.56 -23.29 38.26
N LEU B 517 -7.18 -22.21 37.76
CA LEU B 517 -6.75 -21.52 36.55
C LEU B 517 -6.31 -20.11 36.94
N LEU B 518 -5.01 -19.94 37.15
CA LEU B 518 -4.44 -18.65 37.51
C LEU B 518 -3.66 -18.09 36.33
N HIS B 519 -3.23 -16.84 36.47
CA HIS B 519 -2.44 -16.16 35.44
C HIS B 519 -0.96 -16.49 35.61
N ALA B 520 -0.68 -17.79 35.67
CA ALA B 520 0.66 -18.32 35.84
C ALA B 520 0.82 -19.51 34.90
N PRO B 521 2.06 -19.88 34.57
CA PRO B 521 2.26 -21.06 33.71
C PRO B 521 1.64 -22.31 34.31
N ALA B 522 1.05 -23.12 33.44
CA ALA B 522 0.35 -24.33 33.86
C ALA B 522 1.33 -25.44 34.18
N THR B 523 1.00 -26.23 35.20
CA THR B 523 1.82 -27.38 35.60
C THR B 523 1.13 -28.72 35.41
N VAL B 524 -0.21 -28.75 35.41
CA VAL B 524 -0.97 -29.97 35.20
C VAL B 524 -1.76 -29.83 33.91
N CYS B 525 -1.71 -30.88 33.08
CA CYS B 525 -2.42 -30.89 31.81
C CYS B 525 -2.96 -32.29 31.57
N GLY B 526 -3.98 -32.37 30.71
CA GLY B 526 -4.53 -33.65 30.32
C GLY B 526 -3.55 -34.42 29.46
N PRO B 527 -3.82 -35.71 29.24
CA PRO B 527 -2.95 -36.50 28.36
C PRO B 527 -2.86 -35.89 26.97
N LYS B 528 -1.66 -35.92 26.42
CA LYS B 528 -1.40 -35.36 25.11
C LYS B 528 -1.60 -36.43 24.04
N LYS B 529 -2.26 -36.05 22.95
CA LYS B 529 -2.63 -37.02 21.93
C LYS B 529 -1.39 -37.69 21.33
N SER B 530 -1.50 -38.98 21.09
CA SER B 530 -0.41 -39.77 20.51
C SER B 530 -0.89 -40.41 19.21
N THR B 531 -0.14 -40.19 18.14
CA THR B 531 -0.46 -40.75 16.83
C THR B 531 0.83 -41.18 16.15
N ASN B 532 0.78 -42.33 15.47
CA ASN B 532 1.98 -42.91 14.90
C ASN B 532 2.60 -41.98 13.85
N LEU B 533 3.92 -41.83 13.91
CA LEU B 533 4.65 -40.99 12.98
C LEU B 533 4.67 -41.61 11.59
N VAL B 534 4.55 -40.76 10.56
CA VAL B 534 4.58 -41.19 9.17
C VAL B 534 5.72 -40.46 8.46
N LYS B 535 6.51 -41.21 7.72
CA LYS B 535 7.63 -40.66 6.98
C LYS B 535 7.37 -40.77 5.48
N ASN B 536 7.94 -39.84 4.73
CA ASN B 536 7.84 -39.76 3.27
C ASN B 536 6.41 -39.60 2.78
N LYS B 537 5.48 -39.23 3.66
CA LYS B 537 4.10 -38.95 3.28
C LYS B 537 3.70 -37.61 3.85
N CYS B 538 3.16 -36.73 3.01
CA CYS B 538 2.81 -35.39 3.42
C CYS B 538 1.68 -35.42 4.44
N VAL B 539 1.99 -35.08 5.68
CA VAL B 539 1.04 -35.20 6.79
C VAL B 539 1.12 -33.95 7.66
N ASN B 540 -0.03 -33.47 8.08
CA ASN B 540 -0.09 -32.42 9.10
C ASN B 540 0.49 -32.96 10.40
N PHE B 541 1.35 -32.18 11.05
CA PHE B 541 2.01 -32.61 12.27
C PHE B 541 1.95 -31.53 13.33
N ASN B 542 2.02 -31.95 14.59
CA ASN B 542 1.96 -31.05 15.74
C ASN B 542 2.87 -31.64 16.81
N PHE B 543 4.04 -31.04 17.01
CA PHE B 543 5.01 -31.49 17.99
C PHE B 543 5.17 -30.41 19.05
N ASN B 544 4.62 -30.67 20.24
CA ASN B 544 4.77 -29.76 21.38
C ASN B 544 4.24 -28.37 21.07
N GLY B 545 3.31 -28.27 20.13
CA GLY B 545 2.78 -26.99 19.71
C GLY B 545 3.40 -26.41 18.45
N LEU B 546 4.22 -27.17 17.73
CA LEU B 546 4.79 -26.68 16.49
C LEU B 546 3.72 -26.39 15.45
N THR B 547 2.72 -27.27 15.36
CA THR B 547 1.54 -27.08 14.49
C THR B 547 1.94 -26.74 13.05
N GLY B 548 2.98 -27.42 12.57
CA GLY B 548 3.42 -27.25 11.20
C GLY B 548 2.66 -28.14 10.22
N THR B 549 3.08 -28.08 8.97
CA THR B 549 2.47 -28.89 7.91
C THR B 549 3.53 -29.21 6.88
N GLY B 550 3.68 -30.48 6.57
CA GLY B 550 4.68 -30.91 5.60
C GLY B 550 5.09 -32.34 5.84
N VAL B 551 5.86 -32.85 4.89
CA VAL B 551 6.33 -34.23 4.95
C VAL B 551 7.54 -34.32 5.87
N LEU B 552 7.55 -35.31 6.74
CA LEU B 552 8.66 -35.55 7.65
C LEU B 552 9.48 -36.73 7.15
N THR B 553 10.80 -36.55 7.09
CA THR B 553 11.71 -37.60 6.66
C THR B 553 12.78 -37.81 7.72
N GLU B 554 13.55 -38.87 7.54
CA GLU B 554 14.68 -39.13 8.43
C GLU B 554 15.79 -38.14 8.13
N SER B 555 16.44 -37.64 9.18
CA SER B 555 17.44 -36.59 9.06
C SER B 555 18.80 -37.07 9.55
N ASN B 556 19.84 -36.44 9.03
CA ASN B 556 21.22 -36.76 9.38
C ASN B 556 21.81 -35.83 10.43
N LYS B 557 21.33 -34.59 10.52
CA LYS B 557 21.90 -33.64 11.47
C LYS B 557 21.65 -34.11 12.90
N LYS B 558 22.63 -33.87 13.76
CA LYS B 558 22.57 -34.30 15.15
C LYS B 558 22.34 -33.08 16.04
N PHE B 559 21.24 -33.09 16.77
CA PHE B 559 20.94 -32.02 17.71
C PHE B 559 21.73 -32.22 19.00
N LEU B 560 21.95 -31.12 19.72
CA LEU B 560 22.47 -31.24 21.07
C LEU B 560 21.39 -31.81 21.98
N PRO B 561 21.76 -32.42 23.10
CA PRO B 561 20.75 -33.09 23.94
C PRO B 561 19.62 -32.20 24.40
N PHE B 562 19.87 -30.90 24.58
CA PHE B 562 18.83 -29.98 25.01
C PHE B 562 18.09 -29.34 23.86
N GLN B 563 18.61 -29.41 22.63
CA GLN B 563 18.09 -28.64 21.52
C GLN B 563 16.85 -29.31 20.95
N GLN B 564 15.71 -28.63 21.05
CA GLN B 564 14.43 -29.27 20.76
C GLN B 564 14.18 -29.40 19.26
N PHE B 565 14.05 -28.29 18.56
CA PHE B 565 13.71 -28.34 17.14
C PHE B 565 14.61 -27.38 16.37
N GLY B 566 14.89 -27.74 15.13
CA GLY B 566 15.79 -26.98 14.31
C GLY B 566 15.14 -25.73 13.72
N ARG B 567 15.93 -25.03 12.91
CA ARG B 567 15.47 -23.81 12.27
C ARG B 567 16.35 -23.55 11.06
N ASP B 568 15.90 -22.61 10.23
CA ASP B 568 16.60 -22.22 9.02
C ASP B 568 17.16 -20.81 9.18
N ILE B 569 17.78 -20.32 8.10
CA ILE B 569 18.29 -18.95 8.12
C ILE B 569 17.14 -17.95 8.23
N ALA B 570 16.07 -18.19 7.48
CA ALA B 570 14.92 -17.29 7.46
C ALA B 570 13.94 -17.56 8.59
N ASP B 571 14.39 -18.22 9.66
CA ASP B 571 13.56 -18.49 10.84
C ASP B 571 12.31 -19.30 10.49
N THR B 572 12.48 -20.27 9.61
CA THR B 572 11.43 -21.23 9.29
C THR B 572 11.88 -22.62 9.69
N THR B 573 11.02 -23.35 10.39
CA THR B 573 11.39 -24.66 10.91
C THR B 573 11.73 -25.62 9.77
N ASP B 574 12.85 -26.32 9.91
CA ASP B 574 13.24 -27.32 8.92
C ASP B 574 13.78 -28.59 9.57
N ALA B 575 13.45 -28.83 10.83
CA ALA B 575 13.86 -30.03 11.56
C ALA B 575 13.11 -30.06 12.87
N VAL B 576 12.94 -31.25 13.43
CA VAL B 576 12.31 -31.41 14.72
C VAL B 576 12.74 -32.73 15.33
N ARG B 577 13.04 -32.70 16.62
CA ARG B 577 13.39 -33.91 17.36
C ARG B 577 12.09 -34.58 17.80
N ASP B 578 11.94 -35.85 17.45
CA ASP B 578 10.73 -36.59 17.80
C ASP B 578 10.67 -36.74 19.32
N PRO B 579 9.62 -36.25 19.98
CA PRO B 579 9.64 -36.24 21.45
C PRO B 579 9.54 -37.62 22.07
N GLN B 580 8.77 -38.55 21.50
CA GLN B 580 8.71 -39.90 22.05
C GLN B 580 10.07 -40.56 22.00
N THR B 581 10.58 -40.84 20.80
CA THR B 581 11.89 -41.42 20.61
C THR B 581 12.81 -40.35 20.04
N LEU B 582 13.95 -40.15 20.69
CA LEU B 582 14.80 -39.01 20.38
C LEU B 582 15.55 -39.23 19.07
N GLU B 583 14.95 -38.80 17.96
CA GLU B 583 15.59 -38.82 16.67
C GLU B 583 15.24 -37.53 15.94
N ILE B 584 16.11 -37.13 15.02
CA ILE B 584 15.98 -35.87 14.32
C ILE B 584 15.29 -36.11 12.99
N LEU B 585 14.20 -35.39 12.76
CA LEU B 585 13.39 -35.53 11.56
C LEU B 585 13.47 -34.24 10.74
N ASP B 586 13.91 -34.35 9.49
CA ASP B 586 13.97 -33.21 8.59
C ASP B 586 12.62 -33.04 7.93
N ILE B 587 11.93 -31.95 8.23
CA ILE B 587 10.64 -31.64 7.64
C ILE B 587 10.85 -30.78 6.41
N THR B 588 10.09 -31.05 5.36
CA THR B 588 10.11 -30.28 4.12
C THR B 588 8.69 -30.00 3.68
N PRO B 589 8.45 -28.88 3.01
CA PRO B 589 7.08 -28.47 2.70
C PRO B 589 6.43 -29.41 1.69
N CYS B 590 5.10 -29.46 1.76
CA CYS B 590 4.33 -30.20 0.78
C CYS B 590 4.60 -29.66 -0.62
N SER B 591 4.75 -30.57 -1.58
CA SER B 591 5.17 -30.17 -2.91
C SER B 591 4.12 -29.31 -3.59
N PHE B 592 4.53 -28.13 -4.03
CA PHE B 592 3.66 -27.24 -4.78
C PHE B 592 4.46 -26.56 -5.87
N GLY B 593 3.74 -26.05 -6.86
CA GLY B 593 4.36 -25.40 -8.00
C GLY B 593 3.33 -25.10 -9.06
N GLY B 594 3.60 -24.12 -9.91
CA GLY B 594 2.64 -23.77 -10.93
C GLY B 594 2.41 -24.92 -11.90
N VAL B 595 1.19 -25.00 -12.41
CA VAL B 595 0.84 -25.94 -13.47
C VAL B 595 0.55 -25.14 -14.73
N SER B 596 1.29 -25.44 -15.79
CA SER B 596 1.21 -24.71 -17.05
C SER B 596 0.72 -25.65 -18.14
N VAL B 597 0.00 -25.11 -19.11
CA VAL B 597 -0.61 -25.91 -20.16
C VAL B 597 0.10 -25.58 -21.47
N ILE B 598 1.07 -26.42 -21.84
CA ILE B 598 1.78 -26.25 -23.12
C ILE B 598 0.84 -26.73 -24.21
N THR B 599 0.18 -25.80 -24.89
CA THR B 599 -0.74 -26.14 -25.95
C THR B 599 -0.39 -25.40 -27.22
N PRO B 600 -0.53 -26.05 -28.38
CA PRO B 600 -0.41 -25.33 -29.64
C PRO B 600 -1.63 -24.46 -29.87
N GLY B 601 -1.71 -23.80 -31.03
CA GLY B 601 -2.88 -23.01 -31.32
C GLY B 601 -4.14 -23.87 -31.33
N THR B 602 -5.22 -23.32 -30.76
CA THR B 602 -6.48 -24.06 -30.74
C THR B 602 -6.98 -24.35 -32.15
N ASN B 603 -6.66 -23.47 -33.11
CA ASN B 603 -7.00 -23.76 -34.50
C ASN B 603 -6.19 -24.92 -35.03
N THR B 604 -4.93 -25.05 -34.62
CA THR B 604 -4.10 -26.16 -35.07
C THR B 604 -4.54 -27.47 -34.45
N SER B 605 -4.75 -27.48 -33.13
CA SER B 605 -5.09 -28.71 -32.43
C SER B 605 -5.72 -28.36 -31.09
N ASN B 606 -6.39 -29.35 -30.51
CA ASN B 606 -6.96 -29.23 -29.17
C ASN B 606 -6.26 -30.11 -28.15
N GLN B 607 -5.31 -30.94 -28.57
CA GLN B 607 -4.54 -31.75 -27.64
C GLN B 607 -3.51 -30.88 -26.94
N VAL B 608 -3.43 -31.00 -25.62
CA VAL B 608 -2.60 -30.12 -24.81
C VAL B 608 -1.60 -30.97 -24.02
N ALA B 609 -0.63 -30.28 -23.43
CA ALA B 609 0.31 -30.86 -22.50
C ALA B 609 0.22 -30.10 -21.19
N VAL B 610 0.63 -30.76 -20.11
CA VAL B 610 0.60 -30.15 -18.79
C VAL B 610 1.97 -30.32 -18.14
N LEU B 611 2.50 -29.22 -17.62
CA LEU B 611 3.76 -29.21 -16.87
C LEU B 611 3.44 -28.99 -15.41
N TYR B 612 3.93 -29.87 -14.56
CA TYR B 612 3.88 -29.66 -13.12
C TYR B 612 5.25 -29.20 -12.67
N GLN B 613 5.41 -27.89 -12.51
CA GLN B 613 6.72 -27.28 -12.31
C GLN B 613 7.33 -27.69 -10.99
N ASP B 614 8.58 -28.14 -11.03
CA ASP B 614 9.39 -28.42 -9.85
C ASP B 614 8.69 -29.40 -8.91
N VAL B 615 8.43 -30.60 -9.44
CA VAL B 615 7.88 -31.69 -8.64
C VAL B 615 8.11 -32.98 -9.40
N ASN B 616 8.34 -34.07 -8.66
CA ASN B 616 8.55 -35.36 -9.26
C ASN B 616 7.21 -36.06 -9.49
N CYS B 617 7.17 -36.86 -10.55
CA CYS B 617 5.92 -37.43 -11.03
C CYS B 617 5.28 -38.40 -10.05
N THR B 618 6.03 -38.85 -9.04
CA THR B 618 5.50 -39.84 -8.11
C THR B 618 4.31 -39.28 -7.34
N GLU B 619 4.37 -38.01 -6.96
CA GLU B 619 3.30 -37.37 -6.20
C GLU B 619 2.38 -36.52 -7.07
N VAL B 620 2.57 -36.55 -8.39
CA VAL B 620 1.71 -35.73 -9.28
C VAL B 620 0.24 -36.12 -9.20
N PRO B 621 -0.15 -37.40 -9.32
CA PRO B 621 -1.58 -37.71 -9.32
C PRO B 621 -2.30 -37.32 -8.04
N VAL B 622 -1.63 -37.39 -6.89
CA VAL B 622 -2.18 -37.14 -5.56
C VAL B 622 -3.66 -37.49 -5.44
N TYR B 636 -3.27 -37.46 -12.83
CA TYR B 636 -3.85 -36.80 -14.00
C TYR B 636 -4.58 -37.82 -14.88
N SER B 637 -5.48 -37.33 -15.72
CA SER B 637 -6.30 -38.22 -16.55
C SER B 637 -5.43 -39.04 -17.51
N THR B 638 -4.46 -38.40 -18.15
CA THR B 638 -3.60 -39.07 -19.12
C THR B 638 -2.34 -39.60 -18.44
N GLY B 639 -2.54 -40.55 -17.53
CA GLY B 639 -1.44 -41.15 -16.80
C GLY B 639 -0.61 -42.14 -17.58
N SER B 640 -0.93 -42.35 -18.87
CA SER B 640 -0.19 -43.32 -19.66
C SER B 640 1.18 -42.79 -20.08
N ASN B 641 1.26 -41.50 -20.37
CA ASN B 641 2.50 -40.86 -20.83
C ASN B 641 3.00 -39.88 -19.78
N VAL B 642 4.28 -40.01 -19.41
CA VAL B 642 4.90 -39.15 -18.41
C VAL B 642 6.38 -39.03 -18.74
N PHE B 643 6.87 -37.79 -18.82
CA PHE B 643 8.28 -37.50 -19.05
C PHE B 643 8.74 -36.45 -18.05
N GLN B 644 9.84 -36.72 -17.36
CA GLN B 644 10.27 -35.94 -16.22
C GLN B 644 11.55 -35.17 -16.53
N THR B 645 11.64 -33.94 -16.02
CA THR B 645 12.83 -33.12 -16.15
C THR B 645 12.88 -32.13 -14.99
N ARG B 646 14.01 -31.39 -14.91
CA ARG B 646 14.19 -30.39 -13.86
C ARG B 646 13.06 -29.37 -13.88
N ALA B 647 12.56 -29.03 -15.08
CA ALA B 647 11.42 -28.14 -15.18
C ALA B 647 10.21 -28.71 -14.45
N GLY B 648 9.96 -29.99 -14.63
CA GLY B 648 8.88 -30.65 -13.92
C GLY B 648 8.35 -31.79 -14.76
N CYS B 649 7.26 -32.39 -14.25
CA CYS B 649 6.65 -33.52 -14.93
C CYS B 649 5.76 -33.06 -16.07
N LEU B 650 6.04 -33.54 -17.28
CA LEU B 650 5.26 -33.23 -18.46
C LEU B 650 4.33 -34.40 -18.75
N ILE B 651 3.04 -34.12 -18.83
CA ILE B 651 2.05 -35.15 -19.12
C ILE B 651 1.44 -34.87 -20.49
N GLY B 652 0.93 -35.92 -21.12
CA GLY B 652 0.49 -35.81 -22.50
C GLY B 652 1.62 -35.49 -23.45
N ALA B 653 2.84 -35.90 -23.12
CA ALA B 653 4.01 -35.57 -23.92
C ALA B 653 4.89 -36.80 -24.08
N GLU B 654 5.70 -36.79 -25.14
CA GLU B 654 6.66 -37.85 -25.42
C GLU B 654 8.00 -37.22 -25.74
N HIS B 655 9.06 -37.74 -25.12
CA HIS B 655 10.39 -37.21 -25.36
C HIS B 655 10.83 -37.51 -26.79
N VAL B 656 11.76 -36.70 -27.29
CA VAL B 656 12.34 -36.90 -28.62
C VAL B 656 13.85 -36.93 -28.47
N ASN B 657 14.47 -38.01 -28.97
CA ASN B 657 15.92 -38.09 -28.94
C ASN B 657 16.55 -37.00 -29.79
N ASN B 658 15.97 -36.74 -30.96
CA ASN B 658 16.51 -35.72 -31.86
C ASN B 658 16.41 -34.34 -31.22
N SER B 659 17.38 -33.49 -31.53
CA SER B 659 17.39 -32.11 -31.05
C SER B 659 16.79 -31.20 -32.11
N TYR B 660 15.71 -30.50 -31.76
CA TYR B 660 15.01 -29.64 -32.68
C TYR B 660 15.00 -28.20 -32.16
N GLU B 661 14.82 -27.27 -33.09
CA GLU B 661 14.78 -25.86 -32.73
C GLU B 661 13.57 -25.57 -31.84
N CYS B 662 13.76 -24.63 -30.92
CA CYS B 662 12.75 -24.37 -29.90
C CYS B 662 11.51 -23.74 -30.52
N ASP B 663 10.34 -24.23 -30.10
CA ASP B 663 9.07 -23.63 -30.49
C ASP B 663 8.31 -23.07 -29.30
N ILE B 664 8.03 -23.88 -28.29
CA ILE B 664 7.46 -23.42 -27.04
C ILE B 664 8.46 -23.71 -25.93
N PRO B 665 9.22 -22.70 -25.49
CA PRO B 665 10.25 -22.92 -24.48
C PRO B 665 9.63 -23.35 -23.15
N ILE B 666 10.03 -24.52 -22.69
CA ILE B 666 9.73 -25.00 -21.34
C ILE B 666 11.02 -24.91 -20.53
N GLY B 667 10.87 -24.84 -19.21
CA GLY B 667 12.02 -24.60 -18.36
C GLY B 667 13.10 -25.65 -18.51
N ALA B 668 14.32 -25.25 -18.12
CA ALA B 668 15.47 -26.13 -18.03
C ALA B 668 15.89 -26.72 -19.38
N GLY B 669 15.65 -26.00 -20.47
CA GLY B 669 16.24 -26.36 -21.75
C GLY B 669 15.52 -27.41 -22.56
N ILE B 670 14.20 -27.53 -22.43
CA ILE B 670 13.42 -28.43 -23.25
C ILE B 670 12.23 -27.67 -23.82
N CYS B 671 11.98 -27.82 -25.11
CA CYS B 671 10.83 -27.20 -25.75
C CYS B 671 9.87 -28.26 -26.27
N ALA B 672 8.59 -27.88 -26.33
CA ALA B 672 7.54 -28.73 -26.86
C ALA B 672 7.02 -28.13 -28.15
N SER B 673 7.06 -28.93 -29.22
CA SER B 673 6.54 -28.51 -30.52
C SER B 673 5.55 -29.58 -30.99
N TYR B 674 4.28 -29.21 -31.06
CA TYR B 674 3.25 -30.16 -31.45
C TYR B 674 3.52 -30.69 -32.85
N GLN B 675 3.46 -32.01 -32.99
CA GLN B 675 3.74 -32.66 -34.27
C GLN B 675 3.17 -34.06 -34.24
N THR B 676 3.28 -34.75 -35.37
CA THR B 676 2.78 -36.12 -35.49
C THR B 676 3.53 -37.06 -34.56
N SER B 686 -2.50 -39.18 -35.21
CA SER B 686 -1.20 -39.62 -34.73
C SER B 686 -0.47 -38.47 -34.04
N GLN B 687 -1.01 -37.27 -34.17
CA GLN B 687 -0.38 -36.08 -33.61
C GLN B 687 -0.44 -36.12 -32.08
N SER B 688 0.67 -35.76 -31.45
CA SER B 688 0.72 -35.69 -30.00
C SER B 688 1.83 -34.71 -29.60
N ILE B 689 1.73 -34.21 -28.37
CA ILE B 689 2.73 -33.28 -27.86
C ILE B 689 4.03 -34.01 -27.60
N ILE B 690 5.15 -33.38 -27.96
CA ILE B 690 6.47 -33.92 -27.69
C ILE B 690 7.18 -33.02 -26.67
N ALA B 691 8.40 -33.40 -26.33
CA ALA B 691 9.23 -32.61 -25.41
C ALA B 691 10.69 -32.98 -25.67
N TYR B 692 11.40 -32.11 -26.38
CA TYR B 692 12.72 -32.44 -26.90
C TYR B 692 13.75 -31.46 -26.38
N THR B 693 15.00 -31.92 -26.33
CA THR B 693 16.10 -31.06 -25.91
C THR B 693 16.30 -29.93 -26.92
N MET B 694 16.63 -28.75 -26.41
CA MET B 694 16.84 -27.59 -27.27
C MET B 694 17.99 -27.83 -28.23
N SER B 695 17.79 -27.43 -29.48
CA SER B 695 18.83 -27.41 -30.50
C SER B 695 19.15 -25.94 -30.74
N LEU B 696 20.24 -25.47 -30.15
CA LEU B 696 20.56 -24.04 -30.21
C LEU B 696 20.77 -23.59 -31.65
N GLY B 697 21.44 -24.39 -32.45
CA GLY B 697 21.64 -24.05 -33.85
C GLY B 697 22.31 -25.18 -34.58
N ALA B 698 22.40 -25.02 -35.89
CA ALA B 698 23.06 -26.01 -36.74
C ALA B 698 24.56 -25.94 -36.52
N GLU B 699 25.14 -27.02 -36.01
CA GLU B 699 26.57 -27.04 -35.70
C GLU B 699 27.37 -26.92 -36.99
N ASN B 700 28.00 -25.76 -37.17
CA ASN B 700 28.82 -25.49 -38.34
C ASN B 700 30.29 -25.56 -37.92
N SER B 701 31.07 -26.33 -38.68
CA SER B 701 32.50 -26.46 -38.46
C SER B 701 33.22 -25.49 -39.40
N VAL B 702 33.76 -24.42 -38.84
CA VAL B 702 34.48 -23.45 -39.65
C VAL B 702 35.70 -24.12 -40.29
N ALA B 703 36.03 -23.70 -41.50
CA ALA B 703 37.17 -24.26 -42.24
C ALA B 703 38.43 -23.47 -41.90
N TYR B 704 38.83 -23.57 -40.63
CA TYR B 704 39.98 -22.82 -40.16
C TYR B 704 41.28 -23.55 -40.48
N SER B 705 42.25 -22.82 -41.01
CA SER B 705 43.60 -23.31 -41.13
C SER B 705 44.54 -22.10 -41.16
N ASN B 706 45.84 -22.39 -41.19
CA ASN B 706 46.83 -21.33 -41.18
C ASN B 706 46.65 -20.38 -42.35
N ASN B 707 46.19 -20.89 -43.49
CA ASN B 707 46.10 -20.09 -44.72
C ASN B 707 44.76 -20.28 -45.38
N SER B 708 43.67 -20.22 -44.62
CA SER B 708 42.32 -20.39 -45.17
C SER B 708 41.53 -19.11 -44.96
N ILE B 709 41.03 -18.55 -46.06
CA ILE B 709 40.23 -17.34 -46.02
C ILE B 709 38.93 -17.60 -46.78
N ALA B 710 37.90 -16.84 -46.43
CA ALA B 710 36.63 -16.86 -47.14
C ALA B 710 36.18 -15.43 -47.39
N ILE B 711 35.72 -15.15 -48.61
CA ILE B 711 35.25 -13.82 -48.97
C ILE B 711 33.92 -13.95 -49.70
N PRO B 712 32.93 -13.09 -49.44
CA PRO B 712 31.64 -13.20 -50.13
C PRO B 712 31.76 -12.79 -51.58
N THR B 713 31.40 -13.70 -52.49
CA THR B 713 31.41 -13.38 -53.91
C THR B 713 30.41 -12.28 -54.23
N ASN B 714 29.24 -12.33 -53.61
CA ASN B 714 28.21 -11.31 -53.79
C ASN B 714 27.51 -11.09 -52.45
N PHE B 715 26.37 -10.43 -52.50
CA PHE B 715 25.69 -9.95 -51.32
C PHE B 715 24.18 -10.05 -51.52
N THR B 716 23.45 -9.76 -50.44
CA THR B 716 22.02 -9.53 -50.50
C THR B 716 21.73 -8.28 -49.69
N ILE B 717 21.19 -7.26 -50.36
CA ILE B 717 20.83 -6.01 -49.69
C ILE B 717 19.49 -6.23 -49.01
N SER B 718 19.51 -6.69 -47.77
CA SER B 718 18.31 -7.13 -47.08
C SER B 718 17.88 -6.07 -46.09
N VAL B 719 16.73 -5.47 -46.32
CA VAL B 719 16.15 -4.55 -45.36
C VAL B 719 15.58 -5.34 -44.20
N THR B 720 15.56 -4.73 -43.03
CA THR B 720 15.07 -5.36 -41.82
C THR B 720 14.09 -4.42 -41.14
N THR B 721 13.08 -5.00 -40.51
CA THR B 721 12.09 -4.22 -39.77
C THR B 721 12.39 -4.37 -38.29
N GLU B 722 12.95 -3.32 -37.70
CA GLU B 722 13.10 -3.23 -36.26
C GLU B 722 12.05 -2.28 -35.73
N ILE B 723 11.29 -2.73 -34.76
CA ILE B 723 10.11 -2.02 -34.29
C ILE B 723 10.36 -1.59 -32.85
N LEU B 724 10.21 -0.31 -32.58
CA LEU B 724 10.46 0.24 -31.26
C LEU B 724 9.27 1.07 -30.82
N PRO B 725 8.73 0.84 -29.63
CA PRO B 725 7.75 1.77 -29.08
C PRO B 725 8.43 3.10 -28.79
N VAL B 726 7.79 4.19 -29.21
CA VAL B 726 8.31 5.53 -28.99
C VAL B 726 7.54 6.24 -27.89
N SER B 727 6.22 6.18 -27.94
CA SER B 727 5.38 6.78 -26.92
C SER B 727 4.20 5.87 -26.65
N MET B 728 3.64 6.00 -25.46
CA MET B 728 2.41 5.34 -25.10
C MET B 728 1.30 6.37 -25.02
N THR B 729 0.07 5.89 -24.82
CA THR B 729 -1.05 6.81 -24.71
C THR B 729 -0.84 7.76 -23.53
N LYS B 730 -1.14 9.04 -23.76
CA LYS B 730 -0.91 10.07 -22.77
C LYS B 730 -2.08 10.15 -21.78
N THR B 731 -2.34 9.01 -21.15
CA THR B 731 -3.43 8.95 -20.18
C THR B 731 -3.12 9.87 -19.00
N SER B 732 -4.15 10.57 -18.52
CA SER B 732 -4.05 11.44 -17.35
C SER B 732 -5.25 11.13 -16.46
N VAL B 733 -5.10 10.13 -15.60
CA VAL B 733 -6.20 9.73 -14.74
C VAL B 733 -6.38 10.77 -13.64
N ASP B 734 -7.58 11.33 -13.55
CA ASP B 734 -7.88 12.33 -12.53
C ASP B 734 -8.07 11.60 -11.21
N CYS B 735 -7.25 11.97 -10.22
CA CYS B 735 -7.29 11.28 -8.93
C CYS B 735 -8.66 11.41 -8.27
N THR B 736 -9.19 12.64 -8.23
CA THR B 736 -10.42 12.89 -7.50
C THR B 736 -11.61 12.20 -8.17
N MET B 737 -11.69 12.25 -9.50
CA MET B 737 -12.83 11.64 -10.18
C MET B 737 -12.74 10.12 -10.20
N TYR B 738 -11.55 9.56 -10.09
CA TYR B 738 -11.43 8.11 -10.07
C TYR B 738 -11.70 7.56 -8.67
N ILE B 739 -10.91 7.97 -7.67
CA ILE B 739 -11.12 7.43 -6.34
C ILE B 739 -12.45 7.88 -5.74
N CYS B 740 -13.05 8.94 -6.28
CA CYS B 740 -14.31 9.45 -5.76
C CYS B 740 -15.24 9.77 -6.92
N GLY B 741 -16.51 9.45 -6.75
CA GLY B 741 -17.49 9.80 -7.77
C GLY B 741 -17.92 11.25 -7.63
N ASP B 742 -19.17 11.54 -7.98
CA ASP B 742 -19.71 12.88 -7.78
C ASP B 742 -19.90 13.21 -6.31
N SER B 743 -19.81 12.21 -5.42
CA SER B 743 -20.02 12.46 -4.00
C SER B 743 -18.89 13.30 -3.42
N THR B 744 -19.24 14.22 -2.54
CA THR B 744 -18.27 15.07 -1.87
C THR B 744 -17.74 14.47 -0.57
N GLU B 745 -18.45 13.48 -0.01
CA GLU B 745 -17.94 12.81 1.18
C GLU B 745 -16.62 12.11 0.89
N CYS B 746 -16.51 11.47 -0.27
CA CYS B 746 -15.26 10.83 -0.65
C CYS B 746 -14.16 11.87 -0.85
N SER B 747 -14.49 13.02 -1.44
CA SER B 747 -13.49 14.07 -1.61
C SER B 747 -12.99 14.58 -0.26
N ASN B 748 -13.90 14.79 0.69
CA ASN B 748 -13.50 15.24 2.01
C ASN B 748 -12.63 14.20 2.71
N LEU B 749 -12.98 12.92 2.57
CA LEU B 749 -12.17 11.87 3.17
C LEU B 749 -10.82 11.74 2.50
N LEU B 750 -10.74 12.02 1.21
CA LEU B 750 -9.47 11.97 0.48
C LEU B 750 -8.61 13.19 0.76
N LEU B 751 -9.21 14.28 1.25
CA LEU B 751 -8.41 15.43 1.67
C LEU B 751 -7.46 15.11 2.81
N GLN B 752 -7.74 14.06 3.60
CA GLN B 752 -6.81 13.66 4.65
C GLN B 752 -5.48 13.23 4.06
N TYR B 753 -5.51 12.47 2.97
CA TYR B 753 -4.31 12.20 2.19
C TYR B 753 -3.96 13.48 1.45
N GLY B 754 -3.12 14.31 2.06
CA GLY B 754 -3.07 15.71 1.70
C GLY B 754 -2.67 15.97 0.26
N SER B 755 -1.60 15.31 -0.19
CA SER B 755 -1.01 15.64 -1.49
C SER B 755 -0.85 14.42 -2.39
N PHE B 756 -1.57 13.33 -2.14
CA PHE B 756 -1.40 12.15 -2.98
C PHE B 756 -1.92 12.39 -4.39
N CYS B 757 -3.08 13.04 -4.51
CA CYS B 757 -3.63 13.33 -5.83
C CYS B 757 -2.69 14.24 -6.63
N THR B 758 -2.13 15.26 -5.98
CA THR B 758 -1.21 16.15 -6.68
C THR B 758 0.02 15.40 -7.16
N GLN B 759 0.55 14.50 -6.32
CA GLN B 759 1.71 13.71 -6.74
C GLN B 759 1.38 12.81 -7.92
N LEU B 760 0.24 12.11 -7.87
CA LEU B 760 -0.13 11.23 -8.97
C LEU B 760 -0.35 12.02 -10.25
N ASN B 761 -1.04 13.16 -10.15
CA ASN B 761 -1.30 13.97 -11.33
C ASN B 761 -0.02 14.55 -11.89
N ARG B 762 0.92 14.94 -11.03
CA ARG B 762 2.20 15.44 -11.50
C ARG B 762 3.01 14.34 -12.17
N ALA B 763 2.97 13.12 -11.63
CA ALA B 763 3.66 12.01 -12.26
C ALA B 763 3.07 11.71 -13.64
N LEU B 764 1.75 11.67 -13.74
CA LEU B 764 1.12 11.37 -15.02
C LEU B 764 1.31 12.51 -16.02
N THR B 765 1.30 13.75 -15.54
CA THR B 765 1.57 14.90 -16.40
C THR B 765 3.01 14.86 -16.90
N GLY B 766 3.95 14.50 -16.04
CA GLY B 766 5.32 14.31 -16.49
C GLY B 766 5.43 13.20 -17.51
N ILE B 767 4.69 12.11 -17.31
CA ILE B 767 4.69 11.02 -18.27
C ILE B 767 4.16 11.50 -19.62
N ALA B 768 3.07 12.26 -19.61
CA ALA B 768 2.50 12.72 -20.87
C ALA B 768 3.42 13.72 -21.57
N VAL B 769 3.97 14.67 -20.83
CA VAL B 769 4.88 15.64 -21.43
C VAL B 769 6.11 14.93 -21.96
N GLU B 770 6.59 13.90 -21.26
CA GLU B 770 7.72 13.15 -21.77
C GLU B 770 7.33 12.25 -22.93
N GLN B 771 6.05 11.87 -23.07
CA GLN B 771 5.62 11.19 -24.30
C GLN B 771 5.72 12.12 -25.49
N ASP B 772 5.26 13.36 -25.32
CA ASP B 772 5.43 14.35 -26.37
C ASP B 772 6.91 14.60 -26.64
N LYS B 773 7.73 14.60 -25.58
CA LYS B 773 9.17 14.75 -25.74
C LYS B 773 9.77 13.56 -26.50
N ASN B 774 9.31 12.35 -26.22
CA ASN B 774 9.78 11.17 -26.94
C ASN B 774 9.47 11.30 -28.42
N THR B 775 8.22 11.67 -28.74
CA THR B 775 7.84 11.79 -30.14
C THR B 775 8.63 12.87 -30.84
N GLN B 776 8.82 14.02 -30.18
CA GLN B 776 9.57 15.11 -30.80
C GLN B 776 11.04 14.75 -30.96
N GLU B 777 11.62 14.06 -29.99
CA GLU B 777 13.02 13.65 -30.10
C GLU B 777 13.22 12.62 -31.20
N VAL B 778 12.31 11.66 -31.29
CA VAL B 778 12.46 10.61 -32.29
C VAL B 778 12.26 11.18 -33.69
N PHE B 779 11.19 11.95 -33.89
CA PHE B 779 10.80 12.36 -35.24
C PHE B 779 11.30 13.74 -35.63
N ALA B 780 11.21 14.71 -34.73
CA ALA B 780 11.53 16.09 -35.07
C ALA B 780 13.03 16.34 -34.99
N GLN B 781 13.82 15.53 -35.68
CA GLN B 781 15.24 15.78 -35.83
C GLN B 781 15.53 16.80 -36.93
N VAL B 782 14.49 17.36 -37.54
CA VAL B 782 14.63 18.29 -38.65
C VAL B 782 13.94 19.60 -38.29
N LYS B 783 14.67 20.70 -38.47
CA LYS B 783 14.05 22.02 -38.36
C LYS B 783 13.28 22.39 -39.62
N GLN B 784 13.52 21.70 -40.72
CA GLN B 784 12.90 21.99 -42.01
C GLN B 784 12.13 20.77 -42.49
N ILE B 785 10.97 21.02 -43.10
CA ILE B 785 10.15 19.97 -43.67
C ILE B 785 10.49 19.85 -45.15
N TYR B 786 10.94 18.68 -45.56
CA TYR B 786 11.33 18.46 -46.94
C TYR B 786 10.20 17.79 -47.72
N LYS B 787 10.15 18.07 -49.01
CA LYS B 787 9.17 17.49 -49.91
C LYS B 787 9.91 16.81 -51.04
N THR B 788 9.53 15.57 -51.32
CA THR B 788 10.18 14.83 -52.39
C THR B 788 9.86 15.45 -53.74
N PRO B 789 10.79 15.36 -54.70
CA PRO B 789 10.52 15.92 -56.02
C PRO B 789 9.42 15.16 -56.72
N PRO B 790 8.69 15.81 -57.64
CA PRO B 790 7.58 15.12 -58.32
C PRO B 790 8.00 13.89 -59.11
N ILE B 791 9.18 13.92 -59.72
CA ILE B 791 9.63 12.85 -60.60
C ILE B 791 10.47 11.87 -59.78
N LYS B 792 10.14 10.59 -59.87
CA LYS B 792 10.88 9.53 -59.18
C LYS B 792 11.84 8.90 -60.17
N ASP B 793 13.10 9.30 -60.07
CA ASP B 793 14.17 9.06 -61.02
C ASP B 793 15.44 8.56 -60.32
N PHE B 794 15.26 7.67 -59.34
CA PHE B 794 16.30 7.31 -58.37
C PHE B 794 17.20 6.19 -58.82
N GLY B 795 17.72 6.24 -60.05
CA GLY B 795 18.59 5.17 -60.53
C GLY B 795 17.96 3.79 -60.47
N GLY B 796 16.63 3.72 -60.41
CA GLY B 796 15.94 2.45 -60.32
C GLY B 796 15.39 2.11 -58.94
N PHE B 797 15.87 2.77 -57.89
CA PHE B 797 15.34 2.50 -56.56
C PHE B 797 13.87 2.91 -56.50
N ASN B 798 13.09 2.17 -55.73
CA ASN B 798 11.65 2.38 -55.65
C ASN B 798 11.25 2.56 -54.20
N PHE B 799 10.55 3.65 -53.91
CA PHE B 799 10.11 3.99 -52.56
C PHE B 799 8.61 4.23 -52.53
N SER B 800 7.86 3.50 -53.35
CA SER B 800 6.41 3.74 -53.41
C SER B 800 5.76 3.43 -52.06
N GLN B 801 6.21 2.37 -51.40
CA GLN B 801 5.67 2.03 -50.09
C GLN B 801 6.32 2.86 -48.98
N ILE B 802 7.40 3.57 -49.29
CA ILE B 802 8.10 4.35 -48.28
C ILE B 802 7.65 5.80 -48.33
N LEU B 803 7.67 6.41 -49.50
CA LEU B 803 7.22 7.77 -49.67
C LEU B 803 5.70 7.82 -49.69
N PRO B 804 5.10 8.93 -49.24
CA PRO B 804 3.65 9.03 -49.23
C PRO B 804 3.05 8.88 -50.62
N ASP B 805 1.87 8.25 -50.67
CA ASP B 805 1.12 8.12 -51.91
C ASP B 805 -0.01 9.14 -51.92
N PRO B 806 -0.03 10.06 -52.88
CA PRO B 806 -1.10 11.09 -52.89
C PRO B 806 -2.49 10.53 -53.12
N SER B 807 -2.62 9.30 -53.60
CA SER B 807 -3.93 8.75 -53.92
C SER B 807 -4.79 8.59 -52.67
N LYS B 808 -4.22 8.05 -51.60
CA LYS B 808 -4.98 7.83 -50.38
C LYS B 808 -5.35 9.16 -49.74
N PRO B 809 -6.55 9.28 -49.17
CA PRO B 809 -6.90 10.53 -48.48
C PRO B 809 -5.93 10.88 -47.36
N SER B 810 -5.43 9.89 -46.63
CA SER B 810 -4.36 10.09 -45.68
C SER B 810 -3.02 9.97 -46.40
N LYS B 811 -2.09 10.85 -46.03
CA LYS B 811 -0.78 10.89 -46.67
C LYS B 811 0.14 9.77 -46.19
N ARG B 812 -0.37 8.86 -45.38
CA ARG B 812 0.46 7.77 -44.88
C ARG B 812 0.81 6.81 -46.01
N SER B 813 2.01 6.26 -45.94
CA SER B 813 2.51 5.37 -46.96
C SER B 813 1.80 4.03 -46.88
N PRO B 814 1.88 3.21 -47.94
CA PRO B 814 1.26 1.87 -47.85
C PRO B 814 1.79 1.03 -46.70
N ILE B 815 3.10 1.06 -46.44
CA ILE B 815 3.65 0.32 -45.31
C ILE B 815 3.04 0.85 -44.02
N GLU B 816 3.05 2.17 -43.86
CA GLU B 816 2.39 2.78 -42.70
C GLU B 816 0.90 2.47 -42.69
N ASP B 817 0.31 2.26 -43.86
CA ASP B 817 -1.09 1.88 -43.93
C ASP B 817 -1.33 0.54 -43.27
N LEU B 818 -0.49 -0.46 -43.60
CA LEU B 818 -0.59 -1.75 -42.93
C LEU B 818 -0.35 -1.60 -41.43
N LEU B 819 0.67 -0.83 -41.05
CA LEU B 819 1.01 -0.68 -39.64
C LEU B 819 -0.13 -0.03 -38.86
N PHE B 820 -0.88 0.86 -39.51
CA PHE B 820 -1.97 1.55 -38.85
C PHE B 820 -3.26 0.72 -38.86
N ASN B 821 -3.42 -0.16 -39.85
CA ASN B 821 -4.57 -1.07 -39.83
C ASN B 821 -4.37 -2.17 -38.79
N LYS B 822 -3.11 -2.57 -38.56
CA LYS B 822 -2.85 -3.70 -37.68
C LYS B 822 -3.23 -3.40 -36.23
N VAL B 823 -2.75 -2.29 -35.68
CA VAL B 823 -2.92 -2.02 -34.26
C VAL B 823 -4.36 -1.65 -33.98
N THR B 824 -4.97 -2.32 -33.01
CA THR B 824 -6.35 -2.07 -32.63
C THR B 824 -6.42 -1.17 -31.40
N LYS B 851 -17.77 4.41 -20.07
CA LYS B 851 -16.52 4.54 -20.80
C LYS B 851 -15.47 5.26 -19.96
N PHE B 852 -15.82 6.44 -19.45
CA PHE B 852 -14.89 7.28 -18.71
C PHE B 852 -15.34 7.39 -17.26
N ASN B 853 -14.43 7.07 -16.34
CA ASN B 853 -14.64 7.22 -14.91
C ASN B 853 -13.61 8.16 -14.32
N GLY B 854 -13.40 9.30 -14.98
CA GLY B 854 -12.31 10.19 -14.64
C GLY B 854 -11.02 9.91 -15.36
N LEU B 855 -11.00 8.93 -16.25
CA LEU B 855 -9.81 8.57 -17.02
C LEU B 855 -9.92 9.19 -18.40
N THR B 856 -9.00 10.08 -18.73
CA THR B 856 -9.00 10.78 -20.01
C THR B 856 -7.68 10.53 -20.73
N VAL B 857 -7.76 10.33 -22.04
CA VAL B 857 -6.59 10.10 -22.88
C VAL B 857 -6.34 11.39 -23.65
N LEU B 858 -5.39 12.18 -23.18
CA LEU B 858 -5.07 13.43 -23.85
C LEU B 858 -4.47 13.13 -25.22
N PRO B 859 -4.84 13.91 -26.25
CA PRO B 859 -4.30 13.67 -27.57
C PRO B 859 -2.82 14.01 -27.62
N PRO B 860 -2.04 13.32 -28.45
CA PRO B 860 -0.65 13.72 -28.64
C PRO B 860 -0.56 15.08 -29.29
N LEU B 861 0.48 15.83 -28.94
CA LEU B 861 0.68 17.13 -29.54
C LEU B 861 0.87 17.01 -31.04
N LEU B 862 1.66 16.03 -31.47
CA LEU B 862 1.88 15.76 -32.89
C LEU B 862 0.86 14.73 -33.33
N THR B 863 -0.21 15.17 -34.00
CA THR B 863 -1.19 14.25 -34.54
C THR B 863 -0.54 13.35 -35.58
N ASP B 864 -1.22 12.24 -35.88
CA ASP B 864 -0.63 11.24 -36.77
C ASP B 864 -0.35 11.81 -38.15
N GLU B 865 -1.10 12.83 -38.57
CA GLU B 865 -0.78 13.48 -39.84
C GLU B 865 0.50 14.31 -39.75
N MET B 866 0.71 15.00 -38.64
CA MET B 866 1.96 15.73 -38.47
C MET B 866 3.14 14.80 -38.31
N ILE B 867 2.96 13.69 -37.59
CA ILE B 867 4.03 12.71 -37.47
C ILE B 867 4.34 12.09 -38.84
N ALA B 868 3.30 11.87 -39.64
CA ALA B 868 3.52 11.39 -41.00
C ALA B 868 4.28 12.42 -41.82
N GLN B 869 3.96 13.70 -41.64
CA GLN B 869 4.71 14.75 -42.32
C GLN B 869 6.16 14.79 -41.86
N TYR B 870 6.39 14.59 -40.57
CA TYR B 870 7.76 14.53 -40.05
C TYR B 870 8.53 13.39 -40.68
N THR B 871 7.94 12.20 -40.71
CA THR B 871 8.62 11.06 -41.31
C THR B 871 8.79 11.25 -42.81
N SER B 872 7.86 11.94 -43.48
CA SER B 872 8.04 12.21 -44.90
C SER B 872 9.16 13.22 -45.12
N ALA B 873 9.28 14.21 -44.24
CA ALA B 873 10.42 15.12 -44.31
C ALA B 873 11.73 14.37 -44.13
N LEU B 874 11.77 13.47 -43.16
CA LEU B 874 12.97 12.68 -42.93
C LEU B 874 13.27 11.79 -44.13
N LEU B 875 12.24 11.18 -44.71
CA LEU B 875 12.44 10.32 -45.86
C LEU B 875 12.93 11.11 -47.07
N ALA B 876 12.30 12.25 -47.35
CA ALA B 876 12.74 13.07 -48.47
C ALA B 876 14.16 13.57 -48.25
N GLY B 877 14.49 13.96 -47.03
CA GLY B 877 15.85 14.34 -46.72
C GLY B 877 16.84 13.20 -46.95
N THR B 878 16.47 11.98 -46.56
CA THR B 878 17.38 10.86 -46.76
C THR B 878 17.54 10.54 -48.24
N ILE B 879 16.44 10.50 -48.97
CA ILE B 879 16.44 10.12 -50.38
C ILE B 879 17.09 11.18 -51.26
N THR B 880 17.04 12.45 -50.86
CA THR B 880 17.68 13.48 -51.68
C THR B 880 18.98 14.01 -51.07
N SER B 881 18.92 14.52 -49.85
CA SER B 881 20.10 15.14 -49.23
C SER B 881 21.11 14.10 -48.74
N GLY B 882 20.65 13.00 -48.17
CA GLY B 882 21.54 11.99 -47.63
C GLY B 882 21.63 12.06 -46.11
N TRP B 883 22.84 12.07 -45.59
CA TRP B 883 23.05 12.26 -44.16
C TRP B 883 23.34 13.72 -43.81
N THR B 884 23.42 14.60 -44.80
CA THR B 884 23.87 15.97 -44.57
C THR B 884 22.82 16.80 -43.87
N PHE B 885 21.54 16.53 -44.10
CA PHE B 885 20.50 17.35 -43.50
C PHE B 885 20.50 17.24 -41.98
N GLY B 886 21.16 16.23 -41.42
CA GLY B 886 21.30 16.17 -39.98
C GLY B 886 22.46 17.00 -39.46
N ALA B 887 23.55 17.05 -40.22
CA ALA B 887 24.68 17.88 -39.83
C ALA B 887 24.34 19.36 -39.89
N GLY B 888 23.65 19.79 -40.94
CA GLY B 888 23.40 21.19 -41.17
C GLY B 888 22.51 21.41 -42.38
N PRO B 889 22.93 22.30 -43.27
CA PRO B 889 22.15 22.55 -44.48
C PRO B 889 22.00 21.29 -45.32
N ALA B 890 20.78 21.04 -45.79
CA ALA B 890 20.52 19.86 -46.59
C ALA B 890 21.20 19.98 -47.93
N LEU B 891 21.94 18.95 -48.32
CA LEU B 891 22.75 18.96 -49.53
C LEU B 891 22.23 17.90 -50.48
N GLN B 892 21.54 18.35 -51.53
CA GLN B 892 21.00 17.43 -52.52
C GLN B 892 22.09 16.57 -53.13
N ILE B 893 21.78 15.30 -53.38
CA ILE B 893 22.70 14.36 -54.00
C ILE B 893 21.91 13.17 -54.51
N PRO B 894 22.15 12.69 -55.74
CA PRO B 894 21.34 11.60 -56.27
C PRO B 894 21.43 10.36 -55.40
N PHE B 895 20.31 9.64 -55.30
CA PHE B 895 20.26 8.48 -54.42
C PHE B 895 21.29 7.41 -54.73
N PRO B 896 21.59 7.07 -55.99
CA PRO B 896 22.72 6.16 -56.23
C PRO B 896 24.04 6.68 -55.67
N MET B 897 24.29 7.99 -55.73
CA MET B 897 25.53 8.51 -55.19
C MET B 897 25.57 8.42 -53.67
N GLN B 898 24.45 8.70 -53.01
CA GLN B 898 24.41 8.54 -51.56
C GLN B 898 24.51 7.08 -51.17
N MET B 899 23.95 6.18 -51.97
CA MET B 899 24.12 4.75 -51.70
C MET B 899 25.57 4.32 -51.90
N ALA B 900 26.28 4.95 -52.83
CA ALA B 900 27.71 4.74 -52.93
C ALA B 900 28.44 5.22 -51.69
N TYR B 901 28.03 6.38 -51.16
CA TYR B 901 28.54 6.84 -49.88
C TYR B 901 28.37 5.77 -48.82
N ARG B 902 27.15 5.25 -48.70
CA ARG B 902 26.85 4.28 -47.65
C ARG B 902 27.60 2.98 -47.86
N PHE B 903 27.86 2.59 -49.11
CA PHE B 903 28.74 1.46 -49.37
C PHE B 903 30.15 1.74 -48.89
N ASN B 904 30.66 2.94 -49.15
CA ASN B 904 31.97 3.31 -48.63
C ASN B 904 31.98 3.32 -47.11
N GLY B 905 30.81 3.48 -46.49
CA GLY B 905 30.75 3.51 -45.03
C GLY B 905 31.08 2.17 -44.40
N ILE B 906 30.61 1.07 -44.99
CA ILE B 906 30.80 -0.24 -44.38
C ILE B 906 32.07 -0.95 -44.84
N GLY B 907 32.79 -0.39 -45.81
CA GLY B 907 34.03 -0.98 -46.25
C GLY B 907 33.98 -1.68 -47.58
N VAL B 908 33.04 -1.34 -48.45
CA VAL B 908 32.99 -1.84 -49.82
C VAL B 908 33.18 -0.65 -50.75
N THR B 909 34.13 -0.77 -51.68
CA THR B 909 34.33 0.31 -52.64
C THR B 909 33.08 0.47 -53.49
N GLN B 910 32.69 1.74 -53.67
CA GLN B 910 31.40 2.10 -54.28
C GLN B 910 31.27 1.65 -55.72
N ASN B 911 32.36 1.30 -56.39
CA ASN B 911 32.25 0.76 -57.73
C ASN B 911 31.40 -0.49 -57.75
N VAL B 912 31.40 -1.24 -56.65
CA VAL B 912 30.51 -2.39 -56.51
C VAL B 912 29.07 -1.96 -56.61
N LEU B 913 28.72 -0.85 -55.96
CA LEU B 913 27.35 -0.36 -56.02
C LEU B 913 26.98 0.11 -57.42
N TYR B 914 27.83 0.94 -58.02
CA TYR B 914 27.47 1.51 -59.32
C TYR B 914 27.39 0.43 -60.40
N GLU B 915 28.32 -0.54 -60.37
CA GLU B 915 28.26 -1.62 -61.34
C GLU B 915 27.05 -2.53 -61.10
N ASN B 916 26.68 -2.72 -59.84
CA ASN B 916 25.56 -3.58 -59.47
C ASN B 916 24.34 -2.74 -59.09
N GLN B 917 24.12 -1.64 -59.80
CA GLN B 917 23.02 -0.75 -59.43
C GLN B 917 21.67 -1.43 -59.61
N LYS B 918 21.49 -2.15 -60.73
CA LYS B 918 20.20 -2.77 -61.02
C LYS B 918 19.84 -3.85 -60.01
N LEU B 919 20.80 -4.72 -59.69
CA LEU B 919 20.52 -5.78 -58.73
C LEU B 919 20.22 -5.23 -57.35
N ILE B 920 20.97 -4.21 -56.91
CA ILE B 920 20.70 -3.63 -55.60
C ILE B 920 19.33 -2.97 -55.60
N ALA B 921 18.97 -2.30 -56.70
CA ALA B 921 17.65 -1.67 -56.78
C ALA B 921 16.54 -2.70 -56.69
N ASN B 922 16.64 -3.77 -57.49
CA ASN B 922 15.61 -4.80 -57.48
C ASN B 922 15.56 -5.52 -56.13
N GLN B 923 16.71 -5.76 -55.51
CA GLN B 923 16.75 -6.43 -54.22
C GLN B 923 16.13 -5.56 -53.13
N PHE B 924 16.39 -4.26 -53.15
CA PHE B 924 15.74 -3.37 -52.20
C PHE B 924 14.23 -3.34 -52.43
N ASN B 925 13.80 -3.29 -53.69
CA ASN B 925 12.37 -3.27 -53.98
C ASN B 925 11.70 -4.56 -53.52
N SER B 926 12.31 -5.70 -53.82
CA SER B 926 11.74 -6.98 -53.40
C SER B 926 11.79 -7.14 -51.89
N ALA B 927 12.82 -6.59 -51.24
CA ALA B 927 12.88 -6.64 -49.79
C ALA B 927 11.74 -5.83 -49.18
N ILE B 928 11.44 -4.66 -49.75
CA ILE B 928 10.32 -3.88 -49.22
C ILE B 928 9.00 -4.58 -49.50
N GLY B 929 8.88 -5.24 -50.67
CA GLY B 929 7.68 -6.02 -50.93
C GLY B 929 7.51 -7.17 -49.96
N LYS B 930 8.60 -7.89 -49.68
CA LYS B 930 8.55 -8.94 -48.67
C LYS B 930 8.23 -8.37 -47.30
N ILE B 931 8.65 -7.14 -47.03
CA ILE B 931 8.28 -6.51 -45.76
C ILE B 931 6.78 -6.33 -45.69
N GLN B 932 6.19 -5.82 -46.78
CA GLN B 932 4.74 -5.66 -46.81
C GLN B 932 4.03 -7.00 -46.61
N ASP B 933 4.50 -8.04 -47.29
CA ASP B 933 3.84 -9.34 -47.21
C ASP B 933 4.01 -9.97 -45.83
N SER B 934 5.22 -9.91 -45.26
CA SER B 934 5.46 -10.48 -43.94
C SER B 934 4.67 -9.74 -42.88
N LEU B 935 4.45 -8.44 -43.07
CA LEU B 935 3.54 -7.72 -42.19
C LEU B 935 2.12 -8.22 -42.37
N SER B 936 1.58 -8.10 -43.58
CA SER B 936 0.16 -8.39 -43.81
C SER B 936 -0.20 -9.82 -43.45
N SER B 937 0.75 -10.75 -43.57
CA SER B 937 0.45 -12.15 -43.28
C SER B 937 0.42 -12.42 -41.79
N THR B 938 1.50 -12.07 -41.07
CA THR B 938 1.62 -12.39 -39.66
C THR B 938 1.09 -11.24 -38.82
N PRO B 939 0.05 -11.45 -38.01
CA PRO B 939 -0.40 -10.39 -37.10
C PRO B 939 0.61 -10.09 -36.00
N SER B 940 1.58 -10.96 -35.76
CA SER B 940 2.57 -10.78 -34.71
C SER B 940 3.80 -10.00 -35.17
N ALA B 941 3.82 -9.54 -36.42
CA ALA B 941 4.95 -8.77 -36.91
C ALA B 941 5.09 -7.47 -36.13
N LEU B 942 3.96 -6.82 -35.83
CA LEU B 942 3.96 -5.64 -34.96
C LEU B 942 3.88 -6.07 -33.49
N GLY B 943 4.79 -6.97 -33.12
CA GLY B 943 4.72 -7.55 -31.79
C GLY B 943 4.89 -6.52 -30.69
N LYS B 944 5.90 -5.65 -30.83
CA LYS B 944 6.24 -4.74 -29.75
C LYS B 944 5.18 -3.67 -29.54
N LEU B 945 4.75 -3.01 -30.62
CA LEU B 945 3.74 -1.96 -30.48
C LEU B 945 2.41 -2.52 -30.06
N GLN B 946 2.01 -3.66 -30.63
CA GLN B 946 0.76 -4.28 -30.22
C GLN B 946 0.82 -4.70 -28.76
N ASP B 947 1.96 -5.22 -28.33
CA ASP B 947 2.11 -5.59 -26.92
C ASP B 947 2.04 -4.36 -26.03
N VAL B 948 2.62 -3.25 -26.47
CA VAL B 948 2.56 -2.01 -25.68
C VAL B 948 1.12 -1.54 -25.56
N VAL B 949 0.39 -1.55 -26.67
CA VAL B 949 -1.01 -1.12 -26.66
C VAL B 949 -1.84 -2.04 -25.78
N ASN B 950 -1.60 -3.36 -25.88
CA ASN B 950 -2.34 -4.30 -25.05
C ASN B 950 -1.99 -4.14 -23.57
N GLN B 951 -0.73 -3.83 -23.27
CA GLN B 951 -0.35 -3.58 -21.89
C GLN B 951 -1.03 -2.33 -21.35
N ASN B 952 -1.09 -1.28 -22.15
CA ASN B 952 -1.81 -0.07 -21.74
C ASN B 952 -3.29 -0.37 -21.52
N ALA B 953 -3.90 -1.11 -22.44
CA ALA B 953 -5.32 -1.44 -22.32
C ALA B 953 -5.58 -2.32 -21.12
N GLN B 954 -4.70 -3.28 -20.85
CA GLN B 954 -4.87 -4.14 -19.67
C GLN B 954 -4.69 -3.33 -18.39
N ALA B 955 -3.74 -2.40 -18.38
CA ALA B 955 -3.57 -1.54 -17.20
C ALA B 955 -4.84 -0.73 -16.96
N LEU B 956 -5.39 -0.14 -18.01
CA LEU B 956 -6.61 0.66 -17.85
C LEU B 956 -7.80 -0.21 -17.47
N ASN B 957 -7.90 -1.41 -18.06
CA ASN B 957 -9.00 -2.31 -17.74
C ASN B 957 -8.93 -2.76 -16.28
N THR B 958 -7.74 -3.10 -15.81
CA THR B 958 -7.58 -3.43 -14.41
C THR B 958 -7.91 -2.24 -13.53
N LEU B 959 -7.52 -1.04 -13.96
CA LEU B 959 -7.81 0.15 -13.19
C LEU B 959 -9.31 0.35 -13.04
N VAL B 960 -10.07 0.19 -14.12
CA VAL B 960 -11.51 0.43 -14.04
C VAL B 960 -12.20 -0.75 -13.37
N LYS B 961 -11.60 -1.94 -13.42
CA LYS B 961 -12.19 -3.09 -12.75
C LYS B 961 -11.98 -3.04 -11.24
N GLN B 962 -10.90 -2.41 -10.77
CA GLN B 962 -10.74 -2.21 -9.34
C GLN B 962 -11.84 -1.31 -8.78
N LEU B 963 -12.50 -0.52 -9.62
CA LEU B 963 -13.67 0.21 -9.17
C LEU B 963 -14.79 -0.75 -8.75
N SER B 964 -14.89 -1.89 -9.44
CA SER B 964 -15.89 -2.89 -9.10
C SER B 964 -15.43 -3.83 -7.99
N SER B 965 -14.22 -3.66 -7.48
CA SER B 965 -13.72 -4.52 -6.42
C SER B 965 -14.05 -3.95 -5.05
N ASN B 966 -14.12 -4.84 -4.06
CA ASN B 966 -14.59 -4.46 -2.74
C ASN B 966 -13.49 -3.88 -1.87
N PHE B 967 -12.28 -4.39 -1.98
CA PHE B 967 -11.16 -4.02 -1.10
C PHE B 967 -11.51 -4.19 0.37
N GLY B 968 -12.34 -5.19 0.67
CA GLY B 968 -12.78 -5.42 2.02
C GLY B 968 -13.91 -4.53 2.49
N ALA B 969 -14.41 -3.65 1.64
CA ALA B 969 -15.51 -2.78 2.02
C ALA B 969 -16.83 -3.53 1.96
N ILE B 970 -17.93 -2.83 2.26
CA ILE B 970 -19.25 -3.43 2.16
C ILE B 970 -19.62 -3.66 0.70
N SER B 971 -19.38 -2.67 -0.15
CA SER B 971 -19.71 -2.76 -1.56
C SER B 971 -18.73 -1.92 -2.35
N SER B 972 -18.65 -2.20 -3.65
CA SER B 972 -17.76 -1.47 -4.54
C SER B 972 -18.38 -0.20 -5.11
N VAL B 973 -19.67 0.01 -4.90
CA VAL B 973 -20.36 1.17 -5.46
C VAL B 973 -20.47 2.23 -4.37
N LEU B 974 -19.94 3.41 -4.65
CA LEU B 974 -19.90 4.47 -3.65
C LEU B 974 -21.30 4.90 -3.24
N ASN B 975 -22.21 5.04 -4.21
CA ASN B 975 -23.57 5.47 -3.90
C ASN B 975 -24.29 4.46 -3.03
N ASP B 976 -24.08 3.16 -3.30
CA ASP B 976 -24.69 2.13 -2.47
C ASP B 976 -24.13 2.14 -1.06
N ILE B 977 -22.87 2.55 -0.89
CA ILE B 977 -22.33 2.72 0.46
C ILE B 977 -22.97 3.94 1.13
N LEU B 978 -23.19 5.01 0.37
CA LEU B 978 -23.85 6.19 0.93
C LEU B 978 -25.24 5.84 1.44
N SER B 979 -25.99 5.08 0.65
CA SER B 979 -27.26 4.55 1.12
C SER B 979 -27.01 3.35 2.04
N ARG B 980 -28.06 2.95 2.75
CA ARG B 980 -28.06 1.77 3.63
C ARG B 980 -27.13 1.93 4.82
N LEU B 981 -26.43 3.06 4.91
CA LEU B 981 -25.43 3.27 5.95
C LEU B 981 -25.58 4.67 6.53
N ASP B 982 -25.60 4.74 7.86
CA ASP B 982 -25.51 6.01 8.55
C ASP B 982 -24.11 6.57 8.37
N PRO B 983 -23.93 7.89 8.47
CA PRO B 983 -22.70 8.52 7.97
C PRO B 983 -21.41 8.04 8.64
N PRO B 984 -21.37 7.62 9.95
CA PRO B 984 -20.07 7.14 10.47
C PRO B 984 -19.54 5.88 9.79
N GLU B 985 -20.37 4.84 9.74
CA GLU B 985 -20.00 3.67 8.97
C GLU B 985 -19.74 3.99 7.51
N ALA B 986 -20.42 4.99 6.97
CA ALA B 986 -20.09 5.46 5.64
C ALA B 986 -18.65 5.96 5.59
N GLU B 987 -18.24 6.74 6.60
CA GLU B 987 -16.87 7.22 6.64
C GLU B 987 -15.88 6.06 6.66
N VAL B 988 -16.12 5.08 7.52
CA VAL B 988 -15.12 4.01 7.67
C VAL B 988 -15.06 3.12 6.44
N GLN B 989 -16.21 2.75 5.88
CA GLN B 989 -16.22 1.89 4.70
C GLN B 989 -15.68 2.63 3.47
N ILE B 990 -16.07 3.89 3.31
CA ILE B 990 -15.53 4.68 2.21
C ILE B 990 -14.04 4.90 2.40
N ASP B 991 -13.57 4.97 3.65
CA ASP B 991 -12.14 5.07 3.89
C ASP B 991 -11.42 3.81 3.44
N ARG B 992 -12.00 2.63 3.72
CA ARG B 992 -11.44 1.39 3.21
C ARG B 992 -11.42 1.40 1.68
N LEU B 993 -12.49 1.88 1.07
CA LEU B 993 -12.56 1.90 -0.39
C LEU B 993 -11.57 2.88 -1.00
N ILE B 994 -11.38 4.03 -0.36
CA ILE B 994 -10.38 4.99 -0.82
C ILE B 994 -8.98 4.42 -0.65
N THR B 995 -8.72 3.73 0.45
CA THR B 995 -7.42 3.09 0.60
C THR B 995 -7.17 2.08 -0.51
N GLY B 996 -8.18 1.28 -0.83
CA GLY B 996 -8.02 0.30 -1.90
C GLY B 996 -7.82 0.95 -3.26
N ARG B 997 -8.65 1.95 -3.59
CA ARG B 997 -8.56 2.59 -4.89
C ARG B 997 -7.30 3.44 -5.01
N LEU B 998 -6.86 4.05 -3.91
CA LEU B 998 -5.62 4.81 -3.92
C LEU B 998 -4.42 3.87 -4.06
N GLN B 999 -4.49 2.70 -3.45
CA GLN B 999 -3.45 1.70 -3.68
C GLN B 999 -3.45 1.25 -5.14
N SER B 1000 -4.63 1.04 -5.71
CA SER B 1000 -4.73 0.66 -7.11
C SER B 1000 -4.17 1.74 -8.02
N LEU B 1001 -4.47 3.01 -7.71
CA LEU B 1001 -3.99 4.11 -8.53
C LEU B 1001 -2.50 4.34 -8.34
N GLN B 1002 -1.98 4.15 -7.13
CA GLN B 1002 -0.54 4.23 -6.92
C GLN B 1002 0.17 3.11 -7.66
N THR B 1003 -0.40 1.90 -7.64
CA THR B 1003 0.17 0.81 -8.42
C THR B 1003 0.10 1.12 -9.91
N TYR B 1004 -1.00 1.74 -10.35
CA TYR B 1004 -1.12 2.11 -11.76
C TYR B 1004 -0.06 3.14 -12.15
N VAL B 1005 0.10 4.19 -11.35
CA VAL B 1005 1.07 5.23 -11.71
C VAL B 1005 2.49 4.73 -11.54
N THR B 1006 2.75 3.81 -10.61
CA THR B 1006 4.09 3.27 -10.47
C THR B 1006 4.42 2.32 -11.63
N GLN B 1007 3.49 1.45 -12.00
CA GLN B 1007 3.69 0.61 -13.17
C GLN B 1007 3.79 1.47 -14.43
N GLN B 1008 3.07 2.58 -14.48
CA GLN B 1008 3.17 3.49 -15.62
C GLN B 1008 4.49 4.23 -15.61
N LEU B 1009 5.02 4.59 -14.45
CA LEU B 1009 6.33 5.20 -14.37
C LEU B 1009 7.41 4.24 -14.83
N ILE B 1010 7.31 2.97 -14.41
CA ILE B 1010 8.30 1.99 -14.82
C ILE B 1010 8.16 1.67 -16.31
N ARG B 1011 6.93 1.49 -16.78
CA ARG B 1011 6.72 1.24 -18.20
C ARG B 1011 7.07 2.45 -19.05
N ALA B 1012 6.91 3.65 -18.51
CA ALA B 1012 7.29 4.86 -19.21
C ALA B 1012 8.79 5.05 -19.20
N ALA B 1013 9.47 4.56 -18.16
CA ALA B 1013 10.92 4.49 -18.20
C ALA B 1013 11.39 3.50 -19.26
N GLU B 1014 10.68 2.38 -19.40
CA GLU B 1014 11.01 1.43 -20.45
C GLU B 1014 10.75 2.01 -21.84
N ILE B 1015 9.61 2.69 -22.02
CA ILE B 1015 9.32 3.35 -23.28
C ILE B 1015 10.27 4.53 -23.50
N ARG B 1016 10.74 5.16 -22.44
CA ARG B 1016 11.72 6.22 -22.58
C ARG B 1016 13.06 5.68 -23.00
N ALA B 1017 13.42 4.50 -22.51
CA ALA B 1017 14.62 3.83 -23.01
C ALA B 1017 14.45 3.45 -24.47
N SER B 1018 13.26 2.95 -24.84
CA SER B 1018 13.01 2.60 -26.24
C SER B 1018 12.95 3.83 -27.13
N ALA B 1019 12.46 4.96 -26.61
CA ALA B 1019 12.39 6.21 -27.37
C ALA B 1019 13.75 6.89 -27.46
N ASN B 1020 14.57 6.79 -26.42
CA ASN B 1020 15.95 7.23 -26.51
C ASN B 1020 16.71 6.37 -27.50
N LEU B 1021 16.44 5.06 -27.50
CA LEU B 1021 17.04 4.19 -28.50
C LEU B 1021 16.51 4.48 -29.90
N ALA B 1022 15.25 4.88 -30.01
CA ALA B 1022 14.69 5.22 -31.32
C ALA B 1022 15.23 6.55 -31.81
N ALA B 1023 15.38 7.53 -30.92
CA ALA B 1023 16.00 8.79 -31.29
C ALA B 1023 17.45 8.58 -31.70
N THR B 1024 18.19 7.77 -30.94
CA THR B 1024 19.56 7.45 -31.29
C THR B 1024 19.62 6.69 -32.61
N LYS B 1025 18.69 5.75 -32.81
CA LYS B 1025 18.65 4.97 -34.04
C LYS B 1025 18.32 5.86 -35.23
N MET B 1026 17.40 6.81 -35.06
CA MET B 1026 17.13 7.77 -36.12
C MET B 1026 18.38 8.58 -36.42
N SER B 1027 18.98 9.17 -35.39
CA SER B 1027 20.14 10.03 -35.57
C SER B 1027 21.31 9.30 -36.21
N GLU B 1028 21.45 8.00 -35.95
CA GLU B 1028 22.64 7.29 -36.39
C GLU B 1028 22.38 6.29 -37.51
N CYS B 1029 21.14 6.07 -37.90
CA CYS B 1029 20.82 5.14 -38.97
C CYS B 1029 20.17 5.81 -40.16
N VAL B 1030 19.39 6.87 -39.96
CA VAL B 1030 18.81 7.60 -41.08
C VAL B 1030 19.40 9.00 -41.22
N LEU B 1031 19.60 9.71 -40.12
CA LEU B 1031 20.34 10.96 -40.17
C LEU B 1031 21.79 10.75 -40.57
N GLY B 1032 22.28 9.52 -40.47
CA GLY B 1032 23.65 9.18 -40.82
C GLY B 1032 23.77 7.67 -40.84
N GLN B 1033 24.98 7.21 -41.11
CA GLN B 1033 25.25 5.77 -41.13
C GLN B 1033 26.06 5.37 -39.91
N SER B 1034 25.68 4.25 -39.30
CA SER B 1034 26.27 3.78 -38.06
C SER B 1034 27.26 2.67 -38.33
N LYS B 1035 28.48 2.83 -37.83
CA LYS B 1035 29.49 1.78 -37.84
C LYS B 1035 29.33 0.81 -36.69
N ARG B 1036 28.39 1.07 -35.78
CA ARG B 1036 28.10 0.12 -34.71
C ARG B 1036 27.51 -1.15 -35.29
N VAL B 1037 28.03 -2.29 -34.83
CA VAL B 1037 27.64 -3.57 -35.38
C VAL B 1037 26.32 -4.03 -34.74
N ASP B 1038 25.41 -4.52 -35.58
CA ASP B 1038 24.12 -5.04 -35.13
C ASP B 1038 23.33 -3.99 -34.34
N PHE B 1039 23.40 -2.74 -34.80
CA PHE B 1039 22.59 -1.66 -34.23
C PHE B 1039 21.50 -1.21 -35.18
N CYS B 1040 21.85 -0.85 -36.41
CA CYS B 1040 20.85 -0.59 -37.44
C CYS B 1040 20.63 -1.83 -38.30
N GLY B 1041 20.19 -2.90 -37.66
CA GLY B 1041 19.85 -4.11 -38.38
C GLY B 1041 21.01 -5.09 -38.47
N LYS B 1042 20.67 -6.37 -38.59
CA LYS B 1042 21.67 -7.40 -38.69
C LYS B 1042 22.43 -7.27 -40.01
N GLY B 1043 23.75 -7.33 -39.92
CA GLY B 1043 24.60 -7.12 -41.08
C GLY B 1043 25.21 -5.72 -41.08
N TYR B 1044 26.08 -5.50 -42.06
CA TYR B 1044 26.72 -4.20 -42.21
C TYR B 1044 25.69 -3.18 -42.65
N HIS B 1045 25.36 -2.25 -41.75
CA HIS B 1045 24.23 -1.35 -41.98
C HIS B 1045 24.50 -0.40 -43.15
N LEU B 1046 23.50 -0.24 -44.01
CA LEU B 1046 23.59 0.62 -45.19
C LEU B 1046 22.92 1.97 -44.96
N MET B 1047 21.64 1.97 -44.60
CA MET B 1047 20.89 3.20 -44.36
C MET B 1047 19.64 2.83 -43.59
N SER B 1048 18.72 3.79 -43.44
CA SER B 1048 17.49 3.49 -42.75
C SER B 1048 16.38 4.40 -43.26
N PHE B 1049 15.14 3.97 -43.00
CA PHE B 1049 13.94 4.70 -43.37
C PHE B 1049 12.94 4.58 -42.24
N PRO B 1050 12.65 5.66 -41.53
CA PRO B 1050 11.60 5.60 -40.51
C PRO B 1050 10.24 5.45 -41.16
N GLN B 1051 9.34 4.80 -40.44
CA GLN B 1051 7.94 4.69 -40.87
C GLN B 1051 7.08 4.80 -39.62
N SER B 1052 6.35 5.90 -39.49
CA SER B 1052 5.54 6.12 -38.31
C SER B 1052 4.51 5.00 -38.16
N ALA B 1053 4.33 4.54 -36.93
CA ALA B 1053 3.41 3.48 -36.57
C ALA B 1053 2.67 3.90 -35.32
N PRO B 1054 1.52 3.27 -35.03
CA PRO B 1054 0.72 3.72 -33.87
C PRO B 1054 1.52 3.65 -32.58
N HIS B 1055 1.76 4.82 -32.00
CA HIS B 1055 2.43 4.94 -30.71
C HIS B 1055 3.80 4.27 -30.73
N GLY B 1056 4.58 4.59 -31.75
CA GLY B 1056 5.89 3.98 -31.89
C GLY B 1056 6.49 4.37 -33.23
N VAL B 1057 7.47 3.59 -33.67
CA VAL B 1057 8.14 3.82 -34.94
C VAL B 1057 8.71 2.50 -35.42
N VAL B 1058 8.81 2.36 -36.74
CA VAL B 1058 9.23 1.12 -37.37
C VAL B 1058 10.34 1.46 -38.35
N PHE B 1059 11.58 1.33 -37.92
CA PHE B 1059 12.72 1.59 -38.79
C PHE B 1059 12.87 0.45 -39.79
N LEU B 1060 13.05 0.80 -41.06
CA LEU B 1060 13.37 -0.20 -42.09
C LEU B 1060 14.86 -0.13 -42.35
N HIS B 1061 15.62 -0.80 -41.49
CA HIS B 1061 17.08 -0.79 -41.56
C HIS B 1061 17.52 -1.50 -42.83
N VAL B 1062 17.88 -0.75 -43.85
CA VAL B 1062 18.48 -1.35 -45.03
C VAL B 1062 19.92 -1.68 -44.69
N THR B 1063 20.26 -2.98 -44.72
CA THR B 1063 21.58 -3.44 -44.33
C THR B 1063 22.20 -4.26 -45.44
N TYR B 1064 23.49 -4.04 -45.66
CA TYR B 1064 24.29 -4.82 -46.60
C TYR B 1064 24.74 -6.09 -45.89
N VAL B 1065 24.24 -7.23 -46.31
CA VAL B 1065 24.56 -8.53 -45.71
C VAL B 1065 25.11 -9.42 -46.80
N PRO B 1066 26.27 -10.05 -46.62
CA PRO B 1066 26.77 -11.00 -47.61
C PRO B 1066 26.02 -12.31 -47.54
N ALA B 1067 26.02 -13.04 -48.66
CA ALA B 1067 25.30 -14.31 -48.76
C ALA B 1067 26.22 -15.49 -49.04
N GLN B 1068 26.96 -15.46 -50.13
CA GLN B 1068 27.71 -16.63 -50.60
C GLN B 1068 29.20 -16.31 -50.58
N GLU B 1069 29.98 -17.14 -49.92
CA GLU B 1069 31.41 -16.92 -49.75
C GLU B 1069 32.19 -17.98 -50.50
N LYS B 1070 33.13 -17.55 -51.34
CA LYS B 1070 34.11 -18.43 -51.95
C LYS B 1070 35.35 -18.42 -51.06
N ASN B 1071 35.94 -19.60 -50.85
CA ASN B 1071 37.06 -19.73 -49.93
C ASN B 1071 38.34 -20.01 -50.71
N PHE B 1072 39.42 -19.32 -50.32
CA PHE B 1072 40.72 -19.42 -50.96
C PHE B 1072 41.83 -19.61 -49.94
N THR B 1073 43.08 -19.50 -50.38
CA THR B 1073 44.25 -19.56 -49.52
C THR B 1073 44.80 -18.15 -49.36
N THR B 1074 45.24 -17.83 -48.14
CA THR B 1074 45.59 -16.46 -47.75
C THR B 1074 46.98 -16.41 -47.12
N ALA B 1075 47.63 -15.25 -47.24
CA ALA B 1075 48.93 -15.01 -46.64
C ALA B 1075 48.92 -13.67 -45.91
N PRO B 1076 49.78 -13.48 -44.91
CA PRO B 1076 49.78 -12.23 -44.16
C PRO B 1076 50.52 -11.09 -44.84
N ALA B 1077 51.48 -11.42 -45.72
CA ALA B 1077 52.24 -10.39 -46.42
C ALA B 1077 52.96 -11.04 -47.59
N ILE B 1078 53.60 -10.21 -48.41
CA ILE B 1078 54.39 -10.65 -49.56
C ILE B 1078 55.82 -10.15 -49.36
N CYS B 1079 56.76 -10.78 -50.05
CA CYS B 1079 58.17 -10.37 -50.08
C CYS B 1079 58.62 -10.42 -51.53
N HIS B 1080 58.45 -9.31 -52.24
CA HIS B 1080 58.76 -9.30 -53.68
C HIS B 1080 60.26 -9.27 -53.93
N ASP B 1081 60.95 -8.32 -53.31
CA ASP B 1081 62.37 -8.10 -53.56
C ASP B 1081 63.15 -8.01 -52.25
N GLY B 1082 62.85 -8.88 -51.31
CA GLY B 1082 63.48 -8.82 -50.02
C GLY B 1082 62.89 -7.82 -49.05
N LYS B 1083 61.83 -7.12 -49.46
CA LYS B 1083 61.16 -6.13 -48.63
C LYS B 1083 59.70 -6.53 -48.49
N ALA B 1084 59.23 -6.61 -47.24
CA ALA B 1084 57.89 -7.11 -46.99
C ALA B 1084 56.84 -6.08 -47.38
N HIS B 1085 56.01 -6.42 -48.35
CA HIS B 1085 54.87 -5.61 -48.76
C HIS B 1085 53.62 -6.10 -48.06
N PHE B 1086 52.82 -5.17 -47.56
CA PHE B 1086 51.58 -5.49 -46.88
C PHE B 1086 50.40 -4.87 -47.63
N PRO B 1087 49.24 -5.52 -47.65
CA PRO B 1087 48.10 -4.97 -48.39
C PRO B 1087 47.60 -3.69 -47.75
N ARG B 1088 47.50 -2.62 -48.54
CA ARG B 1088 47.01 -1.35 -48.01
C ARG B 1088 45.60 -1.49 -47.48
N GLU B 1089 44.70 -2.07 -48.27
CA GLU B 1089 43.35 -2.40 -47.86
C GLU B 1089 43.03 -3.84 -48.23
N GLY B 1090 42.32 -4.52 -47.35
CA GLY B 1090 41.78 -5.82 -47.67
C GLY B 1090 42.71 -6.99 -47.38
N VAL B 1091 42.18 -8.19 -47.67
CA VAL B 1091 42.80 -9.47 -47.38
C VAL B 1091 43.66 -9.89 -48.56
N PHE B 1092 44.73 -10.63 -48.27
CA PHE B 1092 45.48 -11.35 -49.31
C PHE B 1092 44.82 -12.70 -49.57
N VAL B 1093 44.60 -13.02 -50.85
CA VAL B 1093 43.90 -14.23 -51.25
C VAL B 1093 44.65 -14.88 -52.41
N SER B 1094 44.25 -16.11 -52.75
CA SER B 1094 44.85 -16.81 -53.87
C SER B 1094 43.89 -17.87 -54.38
N ASN B 1095 43.61 -17.86 -55.68
CA ASN B 1095 42.70 -18.83 -56.29
C ASN B 1095 43.36 -20.17 -56.55
N GLY B 1096 44.52 -20.43 -55.96
CA GLY B 1096 45.19 -21.71 -56.12
C GLY B 1096 46.59 -21.55 -56.69
N THR B 1097 46.74 -20.68 -57.68
CA THR B 1097 48.04 -20.39 -58.26
C THR B 1097 48.32 -18.92 -58.46
N HIS B 1098 47.31 -18.04 -58.37
CA HIS B 1098 47.49 -16.61 -58.52
C HIS B 1098 47.08 -15.91 -57.23
N TRP B 1099 47.98 -15.10 -56.69
CA TRP B 1099 47.71 -14.36 -55.46
C TRP B 1099 47.08 -13.01 -55.78
N PHE B 1100 45.94 -12.75 -55.15
CA PHE B 1100 45.21 -11.52 -55.35
C PHE B 1100 44.97 -10.82 -54.01
N VAL B 1101 44.49 -9.58 -54.09
CA VAL B 1101 44.10 -8.80 -52.94
C VAL B 1101 42.66 -8.37 -53.13
N THR B 1102 41.83 -8.58 -52.11
CA THR B 1102 40.44 -8.21 -52.21
C THR B 1102 40.01 -7.53 -50.91
N GLN B 1103 38.94 -6.75 -51.00
CA GLN B 1103 38.43 -6.05 -49.84
C GLN B 1103 37.95 -7.04 -48.78
N ARG B 1104 37.60 -6.51 -47.62
CA ARG B 1104 37.13 -7.38 -46.54
C ARG B 1104 35.71 -7.87 -46.78
N ASN B 1105 34.83 -7.00 -47.26
CA ASN B 1105 33.40 -7.29 -47.27
C ASN B 1105 32.85 -7.62 -48.65
N PHE B 1106 33.71 -7.81 -49.66
CA PHE B 1106 33.24 -8.16 -50.99
C PHE B 1106 34.41 -8.65 -51.82
N TYR B 1107 34.23 -9.78 -52.48
CA TYR B 1107 35.32 -10.45 -53.20
C TYR B 1107 35.47 -9.82 -54.59
N GLU B 1108 36.43 -8.92 -54.72
CA GLU B 1108 36.87 -8.40 -56.01
C GLU B 1108 38.38 -8.57 -56.10
N PRO B 1109 38.88 -9.62 -56.76
CA PRO B 1109 40.34 -9.82 -56.84
C PRO B 1109 40.97 -8.91 -57.87
N GLN B 1110 42.06 -8.26 -57.48
CA GLN B 1110 42.78 -7.34 -58.34
C GLN B 1110 44.27 -7.64 -58.27
N ILE B 1111 44.98 -7.31 -59.35
CA ILE B 1111 46.39 -7.65 -59.44
C ILE B 1111 47.17 -6.92 -58.35
N ILE B 1112 48.23 -7.57 -57.86
CA ILE B 1112 49.06 -7.00 -56.81
C ILE B 1112 50.02 -5.99 -57.43
N THR B 1113 50.01 -4.77 -56.89
CA THR B 1113 50.82 -3.69 -57.42
C THR B 1113 51.17 -2.75 -56.27
N THR B 1114 52.26 -2.00 -56.45
CA THR B 1114 52.77 -1.13 -55.39
C THR B 1114 51.76 -0.09 -54.93
N ASP B 1115 50.77 0.22 -55.75
CA ASP B 1115 49.79 1.25 -55.37
C ASP B 1115 48.86 0.76 -54.26
N ASN B 1116 48.53 -0.52 -54.23
CA ASN B 1116 47.63 -1.08 -53.23
C ASN B 1116 48.36 -1.85 -52.15
N THR B 1117 49.69 -1.77 -52.10
CA THR B 1117 50.48 -2.38 -51.04
C THR B 1117 51.55 -1.41 -50.59
N PHE B 1118 51.92 -1.49 -49.31
CA PHE B 1118 52.98 -0.65 -48.78
C PHE B 1118 54.05 -1.51 -48.12
N VAL B 1119 55.30 -1.11 -48.30
CA VAL B 1119 56.45 -1.89 -47.87
C VAL B 1119 56.85 -1.48 -46.46
N SER B 1120 57.13 -2.45 -45.60
CA SER B 1120 57.66 -2.16 -44.28
C SER B 1120 58.35 -3.40 -43.74
N GLY B 1121 59.46 -3.19 -43.02
CA GLY B 1121 60.15 -4.26 -42.35
C GLY B 1121 60.92 -5.17 -43.29
N ASN B 1122 61.18 -6.38 -42.78
CA ASN B 1122 61.94 -7.39 -43.50
C ASN B 1122 61.15 -8.69 -43.52
N CYS B 1123 61.43 -9.52 -44.53
CA CYS B 1123 60.67 -10.75 -44.72
C CYS B 1123 61.01 -11.82 -43.69
N ASP B 1124 62.14 -11.69 -43.00
CA ASP B 1124 62.60 -12.77 -42.14
C ASP B 1124 61.80 -12.85 -40.84
N VAL B 1125 61.35 -11.71 -40.32
CA VAL B 1125 60.75 -11.70 -39.00
C VAL B 1125 59.38 -12.38 -39.01
N VAL B 1126 58.54 -12.05 -39.98
CA VAL B 1126 57.14 -12.47 -39.97
C VAL B 1126 57.03 -13.95 -40.33
N ILE B 1127 55.86 -14.53 -40.09
CA ILE B 1127 55.56 -15.91 -40.40
C ILE B 1127 54.41 -15.93 -41.40
N GLY B 1128 54.68 -16.37 -42.62
CA GLY B 1128 53.63 -16.57 -43.60
C GLY B 1128 53.80 -15.87 -44.94
N ILE B 1129 54.85 -15.08 -45.15
CA ILE B 1129 55.04 -14.48 -46.46
C ILE B 1129 55.21 -15.58 -47.52
N VAL B 1130 54.64 -15.36 -48.69
CA VAL B 1130 54.88 -16.22 -49.85
C VAL B 1130 55.58 -15.39 -50.92
N ASN B 1131 56.53 -16.02 -51.61
CA ASN B 1131 57.27 -15.35 -52.67
C ASN B 1131 56.35 -15.10 -53.87
N ASN B 1132 56.17 -13.83 -54.22
CA ASN B 1132 55.33 -13.49 -55.36
C ASN B 1132 55.96 -12.39 -56.21
N THR B 1133 55.18 -11.83 -57.12
CA THR B 1133 55.60 -10.72 -57.96
C THR B 1133 54.70 -9.52 -57.69
N VAL B 1134 55.28 -8.33 -57.81
CA VAL B 1134 54.55 -7.08 -57.67
C VAL B 1134 54.86 -6.23 -58.90
N TYR B 1135 53.90 -6.11 -59.80
CA TYR B 1135 54.13 -5.43 -61.06
C TYR B 1135 54.36 -3.94 -60.84
N ASP B 1136 55.19 -3.34 -61.69
CA ASP B 1136 55.51 -1.92 -61.59
C ASP B 1136 54.80 -1.14 -62.69
N PRO B 1137 53.87 -0.25 -62.36
CA PRO B 1137 53.25 0.58 -63.41
C PRO B 1137 54.24 1.48 -64.11
N LEU B 1138 55.28 1.93 -63.42
CA LEU B 1138 56.26 2.84 -64.02
C LEU B 1138 57.23 2.13 -64.97
N GLN B 1139 57.41 0.82 -64.80
CA GLN B 1139 58.39 0.11 -65.63
C GLN B 1139 58.10 0.18 -67.12
N PRO B 1140 56.87 -0.09 -67.60
CA PRO B 1140 56.62 0.09 -69.04
C PRO B 1140 56.83 1.52 -69.51
N GLU B 1141 56.53 2.50 -68.66
CA GLU B 1141 56.80 3.89 -69.01
C GLU B 1141 58.30 4.12 -69.20
N LEU B 1142 59.12 3.54 -68.33
CA LEU B 1142 60.56 3.61 -68.50
C LEU B 1142 60.99 2.93 -69.80
N ASP B 1143 60.40 1.78 -70.11
CA ASP B 1143 60.77 1.05 -71.32
C ASP B 1143 60.45 1.86 -72.57
N SER B 1144 59.30 2.51 -72.59
CA SER B 1144 58.90 3.32 -73.74
C SER B 1144 59.81 4.55 -73.88
N ALA C 27 -24.89 54.28 -7.00
CA ALA C 27 -23.50 54.36 -7.42
C ALA C 27 -22.69 53.20 -6.83
N TYR C 28 -21.85 52.59 -7.66
CA TYR C 28 -20.99 51.48 -7.24
C TYR C 28 -19.52 51.89 -7.38
N THR C 29 -18.64 50.97 -7.00
CA THR C 29 -17.20 51.24 -6.94
C THR C 29 -16.48 49.92 -7.19
N ASN C 30 -15.20 50.03 -7.57
CA ASN C 30 -14.36 48.86 -7.83
C ASN C 30 -13.28 48.78 -6.75
N SER C 31 -13.49 47.92 -5.76
CA SER C 31 -12.47 47.64 -4.75
C SER C 31 -11.40 46.78 -5.39
N PHE C 32 -10.20 47.33 -5.52
CA PHE C 32 -9.17 46.67 -6.33
C PHE C 32 -8.61 45.45 -5.61
N THR C 33 -7.91 45.67 -4.50
CA THR C 33 -7.24 44.57 -3.81
C THR C 33 -7.53 44.51 -2.31
N ARG C 34 -7.85 45.61 -1.66
CA ARG C 34 -7.99 45.64 -0.21
C ARG C 34 -9.06 44.66 0.25
N GLY C 35 -9.02 44.36 1.55
CA GLY C 35 -9.86 43.34 2.13
C GLY C 35 -9.14 42.07 2.51
N VAL C 36 -7.81 42.05 2.48
CA VAL C 36 -7.01 40.88 2.81
C VAL C 36 -6.46 41.05 4.22
N TYR C 37 -6.68 40.05 5.06
CA TYR C 37 -6.27 40.09 6.45
C TYR C 37 -5.57 38.78 6.82
N TYR C 38 -4.96 38.78 8.00
CA TYR C 38 -4.23 37.61 8.48
C TYR C 38 -5.21 36.54 8.92
N PRO C 39 -5.25 35.37 8.27
CA PRO C 39 -6.24 34.35 8.64
C PRO C 39 -6.07 33.84 10.06
N ASP C 40 -4.85 33.80 10.58
CA ASP C 40 -4.60 33.25 11.90
C ASP C 40 -3.33 33.87 12.46
N LYS C 41 -3.14 33.72 13.77
CA LYS C 41 -2.01 34.34 14.45
C LYS C 41 -0.69 33.62 14.22
N VAL C 42 -0.62 32.69 13.27
CA VAL C 42 0.62 31.97 13.03
C VAL C 42 1.53 32.84 12.15
N PHE C 43 2.76 33.06 12.63
CA PHE C 43 3.76 33.81 11.88
C PHE C 43 4.38 32.90 10.84
N ARG C 44 4.46 33.39 9.61
CA ARG C 44 5.19 32.73 8.55
C ARG C 44 6.11 33.75 7.89
N SER C 45 7.35 33.35 7.64
CA SER C 45 8.36 34.24 7.08
C SER C 45 8.73 33.76 5.68
N SER C 46 8.56 34.63 4.70
CA SER C 46 8.86 34.31 3.30
C SER C 46 8.12 33.05 2.85
N VAL C 47 6.84 32.98 3.19
CA VAL C 47 6.01 31.81 2.94
C VAL C 47 4.79 32.23 2.13
N LEU C 48 4.51 31.51 1.05
CA LEU C 48 3.30 31.71 0.27
C LEU C 48 2.28 30.67 0.74
N HIS C 49 1.61 30.98 1.84
CA HIS C 49 0.64 30.07 2.43
C HIS C 49 -0.75 30.35 1.85
N SER C 50 -1.26 29.39 1.08
CA SER C 50 -2.58 29.53 0.46
C SER C 50 -3.64 29.08 1.45
N THR C 51 -4.53 30.00 1.82
CA THR C 51 -5.56 29.74 2.81
C THR C 51 -6.93 29.95 2.18
N GLN C 52 -7.79 28.95 2.29
CA GLN C 52 -9.17 29.07 1.88
C GLN C 52 -9.94 29.64 3.07
N ASP C 53 -10.54 30.80 2.89
CA ASP C 53 -11.23 31.47 3.99
C ASP C 53 -12.18 32.50 3.41
N LEU C 54 -13.15 32.92 4.22
CA LEU C 54 -14.13 33.92 3.81
C LEU C 54 -13.45 35.27 3.71
N PHE C 55 -13.12 35.67 2.49
CA PHE C 55 -12.45 36.94 2.20
C PHE C 55 -13.34 37.81 1.31
N LEU C 56 -12.76 38.91 0.86
CA LEU C 56 -13.39 39.80 -0.10
C LEU C 56 -12.87 39.49 -1.50
N PRO C 57 -13.71 39.05 -2.43
CA PRO C 57 -13.21 38.73 -3.78
C PRO C 57 -12.56 39.95 -4.42
N PHE C 58 -11.47 39.69 -5.14
CA PHE C 58 -10.75 40.77 -5.81
C PHE C 58 -11.55 41.28 -6.99
N PHE C 59 -11.45 42.59 -7.25
CA PHE C 59 -12.05 43.23 -8.41
C PHE C 59 -13.56 42.95 -8.48
N SER C 60 -14.23 43.38 -7.42
CA SER C 60 -15.68 43.20 -7.30
C SER C 60 -16.34 44.56 -7.08
N ASN C 61 -17.52 44.72 -7.66
CA ASN C 61 -18.27 45.97 -7.48
C ASN C 61 -18.75 46.09 -6.05
N VAL C 62 -18.73 47.32 -5.53
CA VAL C 62 -19.00 47.61 -4.13
C VAL C 62 -20.04 48.73 -4.05
N THR C 63 -20.93 48.62 -3.08
CA THR C 63 -21.95 49.65 -2.91
C THR C 63 -21.34 50.93 -2.34
N TRP C 64 -21.62 52.05 -2.99
CA TRP C 64 -21.21 53.36 -2.54
C TRP C 64 -22.35 54.00 -1.77
N PHE C 65 -22.03 54.59 -0.62
CA PHE C 65 -23.03 55.23 0.22
C PHE C 65 -22.60 56.66 0.53
N HIS C 66 -23.58 57.49 0.85
CA HIS C 66 -23.37 58.90 1.15
C HIS C 66 -23.94 59.24 2.51
N ALA C 67 -23.33 60.23 3.16
CA ALA C 67 -23.80 60.70 4.46
C ALA C 67 -23.88 62.21 4.58
N ILE C 68 -23.32 62.97 3.63
CA ILE C 68 -23.35 64.42 3.69
C ILE C 68 -24.68 64.93 3.18
N HIS C 69 -24.97 66.21 3.41
CA HIS C 69 -26.23 66.84 3.00
C HIS C 69 -27.44 66.13 3.61
N ARG C 78 -32.50 64.92 2.63
CA ARG C 78 -31.13 64.70 3.05
C ARG C 78 -30.68 63.28 2.73
N PHE C 79 -29.50 62.92 3.20
CA PHE C 79 -28.92 61.60 2.96
C PHE C 79 -28.84 60.84 4.28
N ASP C 80 -29.35 59.61 4.29
CA ASP C 80 -29.32 58.78 5.49
C ASP C 80 -28.69 57.42 5.18
N ASN C 81 -28.65 56.54 6.19
CA ASN C 81 -28.03 55.24 6.04
C ASN C 81 -29.09 54.14 6.04
N PRO C 82 -29.08 53.25 5.04
CA PRO C 82 -30.04 52.15 5.02
C PRO C 82 -29.52 50.90 5.71
N VAL C 83 -30.33 49.85 5.77
CA VAL C 83 -29.96 48.60 6.39
C VAL C 83 -29.51 47.63 5.29
N LEU C 84 -28.36 47.00 5.49
CA LEU C 84 -27.86 46.06 4.52
C LEU C 84 -27.69 44.69 5.15
N PRO C 85 -27.86 43.60 4.39
CA PRO C 85 -27.68 42.26 4.94
C PRO C 85 -26.21 41.98 5.24
N PHE C 86 -25.99 40.95 6.05
CA PHE C 86 -24.64 40.55 6.44
C PHE C 86 -24.03 39.61 5.41
N ASN C 87 -24.68 38.47 5.15
CA ASN C 87 -24.26 37.51 4.13
C ASN C 87 -22.82 37.03 4.38
N ASP C 88 -22.65 36.40 5.54
CA ASP C 88 -21.39 35.77 5.94
C ASP C 88 -20.22 36.75 5.89
N GLY C 89 -20.42 37.96 6.42
CA GLY C 89 -19.35 38.93 6.50
C GLY C 89 -19.54 40.15 5.64
N VAL C 90 -19.16 41.32 6.16
CA VAL C 90 -19.25 42.58 5.45
C VAL C 90 -17.93 43.31 5.61
N TYR C 91 -17.40 43.84 4.51
CA TYR C 91 -16.20 44.67 4.53
C TYR C 91 -16.62 46.13 4.57
N PHE C 92 -16.33 46.81 5.67
CA PHE C 92 -16.77 48.18 5.89
C PHE C 92 -15.55 49.10 5.86
N ALA C 93 -15.47 49.94 4.84
CA ALA C 93 -14.36 50.89 4.67
C ALA C 93 -14.94 52.30 4.64
N SER C 94 -14.86 52.99 5.77
CA SER C 94 -15.36 54.36 5.90
C SER C 94 -14.19 55.32 6.04
N THR C 95 -14.10 56.27 5.12
CA THR C 95 -13.08 57.31 5.17
C THR C 95 -13.71 58.59 5.69
N GLU C 96 -13.15 59.11 6.79
CA GLU C 96 -13.76 60.23 7.49
C GLU C 96 -12.70 61.26 7.84
N LYS C 97 -13.16 62.51 7.98
CA LYS C 97 -12.33 63.62 8.44
C LYS C 97 -12.56 63.94 9.91
N SER C 98 -13.82 64.02 10.33
CA SER C 98 -14.18 64.32 11.71
C SER C 98 -14.79 63.12 12.43
N ASN C 99 -14.60 61.91 11.89
CA ASN C 99 -15.11 60.67 12.48
C ASN C 99 -16.63 60.71 12.64
N ILE C 100 -17.32 60.83 11.51
CA ILE C 100 -18.77 60.83 11.53
C ILE C 100 -19.30 59.44 11.90
N ILE C 101 -18.63 58.39 11.44
CA ILE C 101 -19.02 57.03 11.80
C ILE C 101 -18.83 56.84 13.30
N ARG C 102 -19.88 56.37 13.97
CA ARG C 102 -19.88 56.31 15.42
C ARG C 102 -20.33 54.99 16.02
N GLY C 103 -20.73 54.00 15.22
CA GLY C 103 -21.13 52.73 15.77
C GLY C 103 -21.60 51.78 14.70
N TRP C 104 -21.84 50.54 15.12
CA TRP C 104 -22.29 49.45 14.27
C TRP C 104 -23.43 48.72 14.94
N ILE C 105 -24.27 48.09 14.13
CA ILE C 105 -25.38 47.27 14.62
C ILE C 105 -25.37 45.96 13.86
N PHE C 106 -25.41 44.85 14.60
CA PHE C 106 -25.36 43.51 14.01
C PHE C 106 -26.38 42.63 14.74
N GLY C 107 -27.53 42.43 14.11
CA GLY C 107 -28.57 41.63 14.73
C GLY C 107 -29.52 41.05 13.71
N THR C 108 -30.16 39.94 14.09
CA THR C 108 -31.19 39.35 13.23
C THR C 108 -32.46 40.19 13.24
N THR C 109 -32.71 40.91 14.34
CA THR C 109 -33.85 41.81 14.43
C THR C 109 -33.42 43.25 14.74
N LEU C 110 -32.47 43.42 15.67
CA LEU C 110 -31.90 44.72 16.05
C LEU C 110 -32.96 45.78 16.31
N ASP C 111 -34.14 45.36 16.76
CA ASP C 111 -35.22 46.28 17.10
C ASP C 111 -35.90 45.86 18.40
N SER C 112 -35.10 45.43 19.38
CA SER C 112 -35.52 44.99 20.70
C SER C 112 -36.34 43.71 20.67
N LYS C 113 -36.57 43.11 19.50
CA LYS C 113 -37.31 41.86 19.44
C LYS C 113 -36.52 40.72 20.04
N THR C 114 -35.25 40.58 19.65
CA THR C 114 -34.35 39.58 20.19
C THR C 114 -33.01 40.23 20.51
N GLN C 115 -32.15 39.48 21.20
CA GLN C 115 -30.83 39.97 21.56
C GLN C 115 -30.01 40.24 20.30
N SER C 116 -29.41 41.42 20.24
CA SER C 116 -28.68 41.86 19.06
C SER C 116 -27.38 42.53 19.48
N LEU C 117 -26.33 42.29 18.69
CA LEU C 117 -25.06 42.95 18.93
C LEU C 117 -25.20 44.46 18.73
N LEU C 118 -24.60 45.22 19.63
CA LEU C 118 -24.61 46.67 19.56
C LEU C 118 -23.19 47.19 19.75
N ILE C 119 -22.73 48.04 18.84
CA ILE C 119 -21.40 48.64 18.90
C ILE C 119 -21.56 50.15 18.90
N VAL C 120 -20.92 50.81 19.86
CA VAL C 120 -20.85 52.26 19.92
C VAL C 120 -19.40 52.66 20.15
N ASN C 121 -18.83 53.40 19.20
CA ASN C 121 -17.47 53.91 19.31
C ASN C 121 -17.53 55.32 19.88
N ASN C 122 -16.89 55.52 21.02
CA ASN C 122 -16.91 56.81 21.72
C ASN C 122 -15.49 57.24 22.04
N ALA C 123 -15.33 58.55 22.26
CA ALA C 123 -14.02 59.09 22.58
C ALA C 123 -13.47 58.51 23.88
N THR C 124 -14.34 58.37 24.88
CA THR C 124 -13.91 57.85 26.17
C THR C 124 -13.45 56.40 26.06
N ASN C 125 -14.29 55.55 25.45
CA ASN C 125 -14.01 54.12 25.40
C ASN C 125 -14.80 53.49 24.26
N VAL C 126 -14.58 52.19 24.07
CA VAL C 126 -15.27 51.40 23.08
C VAL C 126 -16.35 50.58 23.78
N VAL C 127 -17.58 50.67 23.29
CA VAL C 127 -18.73 50.06 23.94
C VAL C 127 -19.28 48.96 23.04
N ILE C 128 -19.34 47.74 23.57
CA ILE C 128 -19.97 46.61 22.90
C ILE C 128 -20.99 46.01 23.85
N LYS C 129 -22.26 46.01 23.45
CA LYS C 129 -23.35 45.49 24.25
C LYS C 129 -24.10 44.41 23.48
N VAL C 130 -25.02 43.76 24.19
CA VAL C 130 -25.98 42.85 23.56
C VAL C 130 -27.42 43.18 23.96
N CYS C 131 -27.64 44.28 24.66
CA CYS C 131 -28.98 44.60 25.17
C CYS C 131 -29.95 44.89 24.02
N GLU C 132 -31.23 44.65 24.30
CA GLU C 132 -32.29 44.91 23.33
C GLU C 132 -32.69 46.37 23.42
N PHE C 133 -32.59 47.08 22.30
CA PHE C 133 -32.99 48.49 22.22
C PHE C 133 -33.86 48.70 21.00
N GLN C 134 -34.83 49.61 21.13
CA GLN C 134 -35.72 49.97 20.05
C GLN C 134 -35.21 51.27 19.42
N PHE C 135 -35.03 51.25 18.10
CA PHE C 135 -34.49 52.38 17.38
C PHE C 135 -35.39 52.70 16.19
N CYS C 136 -35.40 53.98 15.81
CA CYS C 136 -36.23 54.43 14.70
C CYS C 136 -35.60 54.00 13.38
N ASN C 137 -36.29 54.32 12.28
CA ASN C 137 -35.76 54.03 10.96
C ASN C 137 -34.50 54.83 10.67
N ASP C 138 -34.46 56.08 11.14
CA ASP C 138 -33.31 56.97 10.97
C ASP C 138 -32.91 57.50 12.32
N PRO C 139 -32.14 56.75 13.10
CA PRO C 139 -31.70 57.23 14.42
C PRO C 139 -30.47 58.11 14.29
N PHE C 140 -30.58 59.33 14.83
CA PHE C 140 -29.52 60.32 14.72
C PHE C 140 -28.87 60.56 16.09
N LEU C 141 -27.60 60.98 16.05
CA LEU C 141 -26.81 61.23 17.25
C LEU C 141 -26.49 62.71 17.35
N GLY C 142 -26.65 63.28 18.55
CA GLY C 142 -26.35 64.68 18.75
C GLY C 142 -24.86 64.96 18.86
N VAL C 143 -24.51 66.19 18.52
CA VAL C 143 -23.12 66.63 18.59
C VAL C 143 -22.92 67.55 19.79
N ASN C 165 -32.09 42.60 27.68
CA ASN C 165 -31.09 42.08 28.59
C ASN C 165 -29.73 41.97 27.92
N CYS C 166 -28.68 42.27 28.65
CA CYS C 166 -27.31 42.21 28.14
C CYS C 166 -26.69 40.86 28.50
N THR C 167 -26.12 40.19 27.50
CA THR C 167 -25.47 38.90 27.72
C THR C 167 -23.96 39.00 27.82
N PHE C 168 -23.33 39.88 27.04
CA PHE C 168 -21.89 40.07 27.08
C PHE C 168 -21.57 41.55 27.01
N GLU C 169 -20.33 41.88 27.39
CA GLU C 169 -19.88 43.26 27.39
C GLU C 169 -18.37 43.29 27.19
N TYR C 170 -17.88 44.39 26.61
CA TYR C 170 -16.45 44.55 26.39
C TYR C 170 -16.13 46.04 26.32
N VAL C 171 -14.97 46.41 26.86
CA VAL C 171 -14.47 47.78 26.81
C VAL C 171 -13.01 47.74 26.44
N SER C 172 -12.62 48.52 25.43
CA SER C 172 -11.23 48.58 25.00
C SER C 172 -10.62 49.94 25.32
N PHE C 186 -9.73 63.85 2.99
CA PHE C 186 -9.99 62.64 3.74
C PHE C 186 -8.71 61.84 3.95
N LYS C 187 -7.93 62.23 4.95
CA LYS C 187 -6.65 61.57 5.22
C LYS C 187 -6.84 60.20 5.88
N ASN C 188 -7.95 59.98 6.56
CA ASN C 188 -8.16 58.78 7.37
C ASN C 188 -9.08 57.81 6.64
N LEU C 189 -8.66 56.54 6.58
CA LEU C 189 -9.49 55.45 6.07
C LEU C 189 -9.37 54.29 7.04
N ARG C 190 -10.43 54.01 7.78
CA ARG C 190 -10.45 52.96 8.78
C ARG C 190 -11.14 51.74 8.17
N GLU C 191 -10.34 50.77 7.74
CA GLU C 191 -10.88 49.55 7.14
C GLU C 191 -11.30 48.56 8.23
N PHE C 192 -12.32 47.78 7.93
CA PHE C 192 -12.90 46.86 8.90
C PHE C 192 -13.49 45.66 8.17
N VAL C 193 -13.42 44.51 8.83
CA VAL C 193 -14.09 43.29 8.35
C VAL C 193 -14.77 42.65 9.54
N PHE C 194 -16.08 42.44 9.43
CA PHE C 194 -16.86 41.79 10.48
C PHE C 194 -17.41 40.48 9.95
N LYS C 195 -17.13 39.39 10.66
CA LYS C 195 -17.58 38.07 10.23
C LYS C 195 -17.90 37.22 11.44
N ASN C 196 -18.76 36.22 11.22
CA ASN C 196 -19.20 35.30 12.26
C ASN C 196 -18.89 33.89 11.77
N ILE C 197 -17.86 33.28 12.35
CA ILE C 197 -17.51 31.90 12.03
C ILE C 197 -17.25 31.16 13.33
N ASP C 198 -17.80 29.96 13.46
CA ASP C 198 -17.68 29.15 14.67
C ASP C 198 -18.18 29.91 15.90
N GLY C 199 -19.27 30.66 15.73
CA GLY C 199 -19.81 31.44 16.83
C GLY C 199 -18.89 32.54 17.32
N TYR C 200 -17.90 32.91 16.54
CA TYR C 200 -16.90 33.91 16.92
C TYR C 200 -17.09 35.15 16.07
N PHE C 201 -17.29 36.29 16.72
CA PHE C 201 -17.36 37.57 16.04
C PHE C 201 -15.96 38.16 15.99
N LYS C 202 -15.38 38.21 14.79
CA LYS C 202 -14.01 38.66 14.60
C LYS C 202 -14.00 40.05 13.99
N ILE C 203 -13.18 40.94 14.54
CA ILE C 203 -13.07 42.31 14.08
C ILE C 203 -11.62 42.59 13.72
N TYR C 204 -11.39 43.17 12.55
CA TYR C 204 -10.07 43.58 12.11
C TYR C 204 -10.10 45.08 11.81
N SER C 205 -8.92 45.65 11.59
CA SER C 205 -8.82 47.08 11.38
C SER C 205 -7.58 47.42 10.59
N LYS C 206 -7.55 48.64 10.08
CA LYS C 206 -6.35 49.21 9.47
C LYS C 206 -6.57 50.72 9.32
N HIS C 207 -5.59 51.52 9.74
CA HIS C 207 -5.74 52.96 9.73
C HIS C 207 -4.69 53.61 8.84
N THR C 208 -4.50 53.07 7.64
CA THR C 208 -3.51 53.62 6.72
C THR C 208 -3.96 54.99 6.22
N PRO C 209 -3.05 55.94 6.07
CA PRO C 209 -3.42 57.25 5.54
C PRO C 209 -3.56 57.23 4.03
N ILE C 210 -4.61 57.89 3.53
CA ILE C 210 -4.90 57.99 2.11
C ILE C 210 -4.98 59.46 1.74
N ASN C 211 -4.48 59.79 0.54
CA ASN C 211 -4.50 61.15 0.03
C ASN C 211 -5.43 61.34 -1.16
N LEU C 212 -6.17 60.30 -1.55
CA LEU C 212 -7.11 60.39 -2.66
C LEU C 212 -8.52 60.50 -2.09
N VAL C 213 -9.11 61.69 -2.21
CA VAL C 213 -10.44 61.94 -1.63
C VAL C 213 -11.57 61.35 -2.45
N ARG C 214 -11.36 61.14 -3.75
CA ARG C 214 -12.44 60.67 -4.62
C ARG C 214 -12.81 59.22 -4.32
N ASP C 215 -11.80 58.35 -4.21
CA ASP C 215 -12.04 56.92 -4.05
C ASP C 215 -10.80 56.29 -3.40
N LEU C 216 -10.99 55.06 -2.92
CA LEU C 216 -9.86 54.31 -2.38
C LEU C 216 -8.84 54.04 -3.50
N PRO C 217 -7.57 54.29 -3.27
CA PRO C 217 -6.58 54.11 -4.34
C PRO C 217 -6.18 52.64 -4.48
N GLN C 218 -5.48 52.37 -5.58
CA GLN C 218 -4.88 51.05 -5.76
C GLN C 218 -3.80 50.82 -4.72
N GLY C 219 -3.68 49.59 -4.28
CA GLY C 219 -2.68 49.25 -3.27
C GLY C 219 -3.16 48.09 -2.43
N PHE C 220 -2.38 47.80 -1.39
CA PHE C 220 -2.67 46.71 -0.49
C PHE C 220 -2.10 47.06 0.88
N SER C 221 -2.98 47.14 1.88
CA SER C 221 -2.60 47.16 3.28
C SER C 221 -3.42 46.10 4.00
N ALA C 222 -2.73 45.12 4.59
CA ALA C 222 -3.43 44.03 5.26
C ALA C 222 -4.13 44.52 6.51
N LEU C 223 -5.01 43.67 7.04
CA LEU C 223 -5.78 43.98 8.24
C LEU C 223 -5.36 43.06 9.38
N GLU C 224 -5.10 43.63 10.55
CA GLU C 224 -4.73 42.95 11.78
C GLU C 224 -5.94 42.75 12.69
N PRO C 225 -6.14 41.55 13.22
CA PRO C 225 -7.26 41.32 14.12
C PRO C 225 -7.15 42.14 15.41
N LEU C 226 -8.30 42.54 15.94
CA LEU C 226 -8.36 43.35 17.16
C LEU C 226 -8.97 42.58 18.32
N VAL C 227 -10.19 42.08 18.15
CA VAL C 227 -10.93 41.44 19.23
C VAL C 227 -11.65 40.22 18.66
N ASP C 228 -11.65 39.13 19.43
CA ASP C 228 -12.33 37.91 19.04
C ASP C 228 -13.43 37.59 20.04
N LEU C 229 -14.25 38.58 20.36
CA LEU C 229 -15.30 38.38 21.35
C LEU C 229 -16.30 37.35 20.81
N PRO C 230 -16.52 36.25 21.52
CA PRO C 230 -17.49 35.21 21.12
C PRO C 230 -18.93 35.57 21.52
N ILE C 231 -19.59 36.34 20.65
CA ILE C 231 -20.93 36.83 20.95
C ILE C 231 -21.90 35.67 21.13
N GLY C 232 -21.90 34.73 20.18
CA GLY C 232 -22.83 33.62 20.24
C GLY C 232 -24.22 33.91 19.72
N ILE C 233 -24.42 35.08 19.09
CA ILE C 233 -25.71 35.46 18.53
C ILE C 233 -25.55 35.57 17.02
N ASN C 234 -26.43 34.89 16.28
CA ASN C 234 -26.34 34.90 14.83
C ASN C 234 -26.62 36.29 14.28
N ILE C 235 -25.88 36.66 13.24
CA ILE C 235 -25.96 37.99 12.64
C ILE C 235 -26.31 37.84 11.17
N THR C 236 -27.46 38.38 10.77
CA THR C 236 -27.88 38.37 9.37
C THR C 236 -28.14 39.76 8.81
N ARG C 237 -28.28 40.79 9.65
CA ARG C 237 -28.52 42.15 9.19
C ARG C 237 -27.45 43.06 9.77
N PHE C 238 -27.31 44.24 9.16
CA PHE C 238 -26.19 45.12 9.46
C PHE C 238 -26.61 46.58 9.24
N GLN C 239 -26.19 47.44 10.17
CA GLN C 239 -26.56 48.85 10.17
C GLN C 239 -25.38 49.66 10.68
N THR C 240 -25.30 50.92 10.25
CA THR C 240 -24.23 51.82 10.65
C THR C 240 -24.79 53.03 11.36
N LEU C 241 -24.05 53.53 12.35
CA LEU C 241 -24.42 54.69 13.14
C LEU C 241 -23.58 55.89 12.71
N LEU C 242 -24.20 57.06 12.69
CA LEU C 242 -23.54 58.30 12.27
C LEU C 242 -23.72 59.37 13.35
N ALA C 243 -23.29 60.58 13.03
CA ALA C 243 -23.41 61.73 13.90
C ALA C 243 -24.00 62.91 13.14
N LEU C 244 -24.87 63.66 13.81
CA LEU C 244 -25.51 64.84 13.23
C LEU C 244 -25.30 66.04 14.12
N HIS C 245 -24.97 67.17 13.50
CA HIS C 245 -24.74 68.41 14.24
C HIS C 245 -26.04 69.16 14.49
N ALA C 263 -18.19 62.28 3.72
CA ALA C 263 -18.47 61.35 4.81
C ALA C 263 -19.01 60.04 4.27
N ALA C 264 -18.50 59.61 3.12
CA ALA C 264 -18.98 58.40 2.49
C ALA C 264 -18.43 57.17 3.22
N TYR C 265 -19.03 56.02 2.91
CA TYR C 265 -18.54 54.73 3.40
C TYR C 265 -18.93 53.66 2.40
N TYR C 266 -18.06 52.66 2.26
CA TYR C 266 -18.26 51.58 1.32
C TYR C 266 -18.57 50.28 2.06
N VAL C 267 -19.45 49.47 1.49
CA VAL C 267 -19.86 48.21 2.08
C VAL C 267 -19.73 47.11 1.03
N GLY C 268 -18.87 46.13 1.29
CA GLY C 268 -18.75 44.94 0.49
C GLY C 268 -19.31 43.73 1.20
N TYR C 269 -19.15 42.58 0.55
CA TYR C 269 -19.63 41.31 1.08
C TYR C 269 -18.55 40.26 0.93
N LEU C 270 -18.53 39.31 1.86
CA LEU C 270 -17.56 38.22 1.87
C LEU C 270 -18.22 36.91 1.46
N GLN C 271 -17.50 36.12 0.66
CA GLN C 271 -17.96 34.82 0.22
C GLN C 271 -16.76 33.89 0.17
N PRO C 272 -16.96 32.58 0.36
CA PRO C 272 -15.82 31.66 0.47
C PRO C 272 -14.97 31.61 -0.80
N ARG C 273 -13.74 32.10 -0.69
CA ARG C 273 -12.81 32.15 -1.82
C ARG C 273 -11.41 31.85 -1.29
N THR C 274 -10.74 30.90 -1.94
CA THR C 274 -9.36 30.59 -1.57
C THR C 274 -8.41 31.67 -2.08
N PHE C 275 -7.39 31.97 -1.28
CA PHE C 275 -6.38 32.97 -1.62
C PHE C 275 -4.99 32.34 -1.54
N LEU C 276 -3.98 33.14 -1.89
CA LEU C 276 -2.57 32.75 -1.80
C LEU C 276 -1.82 33.94 -1.22
N LEU C 277 -1.75 33.99 0.10
CA LEU C 277 -1.13 35.11 0.79
C LEU C 277 0.38 35.09 0.59
N LYS C 278 0.97 36.26 0.37
CA LYS C 278 2.42 36.41 0.24
C LYS C 278 2.93 37.13 1.48
N TYR C 279 3.61 36.40 2.35
CA TYR C 279 4.14 36.95 3.59
C TYR C 279 5.49 37.59 3.33
N ASN C 280 5.82 38.61 4.13
CA ASN C 280 7.10 39.30 4.00
C ASN C 280 8.08 38.78 5.04
N GLU C 281 9.34 39.20 4.90
CA GLU C 281 10.36 38.83 5.88
C GLU C 281 10.03 39.41 7.25
N ASN C 282 9.32 40.53 7.29
CA ASN C 282 8.89 41.11 8.55
C ASN C 282 7.70 40.38 9.14
N GLY C 283 6.94 39.66 8.34
CA GLY C 283 5.74 38.99 8.79
C GLY C 283 4.44 39.63 8.37
N THR C 284 4.48 40.57 7.43
CA THR C 284 3.28 41.23 6.93
C THR C 284 2.95 40.74 5.52
N ILE C 285 1.67 40.60 5.24
CA ILE C 285 1.22 40.11 3.94
C ILE C 285 1.28 41.24 2.93
N THR C 286 2.38 41.34 2.18
CA THR C 286 2.57 42.46 1.29
C THR C 286 1.72 42.33 0.02
N ASP C 287 1.44 41.09 -0.40
CA ASP C 287 0.69 40.87 -1.63
C ASP C 287 -0.17 39.63 -1.46
N ALA C 288 -1.20 39.52 -2.31
CA ALA C 288 -2.09 38.38 -2.27
C ALA C 288 -2.77 38.24 -3.63
N VAL C 289 -3.12 37.00 -3.97
CA VAL C 289 -3.88 36.69 -5.18
C VAL C 289 -5.05 35.80 -4.81
N ASP C 290 -6.19 36.04 -5.45
CA ASP C 290 -7.39 35.26 -5.17
C ASP C 290 -7.60 34.22 -6.27
N CYS C 291 -7.82 32.97 -5.84
CA CYS C 291 -7.82 31.86 -6.77
C CYS C 291 -8.94 31.94 -7.80
N ALA C 292 -10.13 32.34 -7.40
CA ALA C 292 -11.31 32.25 -8.24
C ALA C 292 -11.60 33.52 -9.04
N LEU C 293 -10.70 34.50 -9.00
CA LEU C 293 -10.99 35.76 -9.69
C LEU C 293 -10.93 35.60 -11.19
N ASP C 294 -9.88 34.98 -11.71
CA ASP C 294 -9.69 34.86 -13.15
C ASP C 294 -8.72 33.71 -13.41
N PRO C 295 -8.65 33.21 -14.63
CA PRO C 295 -7.77 32.07 -14.90
C PRO C 295 -6.31 32.33 -14.55
N LEU C 296 -5.82 33.55 -14.77
CA LEU C 296 -4.44 33.85 -14.41
C LEU C 296 -4.21 33.68 -12.92
N SER C 297 -5.11 34.22 -12.11
CA SER C 297 -4.94 34.10 -10.66
C SER C 297 -5.18 32.68 -10.19
N GLU C 298 -6.02 31.92 -10.90
CA GLU C 298 -6.17 30.51 -10.56
C GLU C 298 -4.88 29.74 -10.83
N THR C 299 -4.20 30.06 -11.92
CA THR C 299 -2.89 29.46 -12.18
C THR C 299 -1.88 29.86 -11.12
N LYS C 300 -1.89 31.13 -10.71
CA LYS C 300 -1.03 31.56 -9.62
C LYS C 300 -1.32 30.78 -8.35
N CYS C 301 -2.60 30.52 -8.10
CA CYS C 301 -3.02 29.82 -6.89
C CYS C 301 -2.62 28.34 -6.93
N THR C 302 -2.70 27.72 -8.11
CA THR C 302 -2.30 26.32 -8.25
C THR C 302 -0.79 26.16 -8.20
N LEU C 303 -0.06 27.02 -8.91
CA LEU C 303 1.40 26.92 -8.96
C LEU C 303 2.07 27.44 -7.70
N LYS C 304 1.32 28.06 -6.79
CA LYS C 304 1.85 28.59 -5.53
C LYS C 304 3.00 29.57 -5.79
N SER C 305 2.79 30.49 -6.71
CA SER C 305 3.82 31.47 -7.07
C SER C 305 3.15 32.69 -7.68
N PHE C 306 3.75 33.85 -7.44
CA PHE C 306 3.19 35.10 -7.93
C PHE C 306 3.62 35.46 -9.34
N THR C 307 4.66 34.82 -9.87
CA THR C 307 5.03 34.97 -11.26
C THR C 307 4.90 33.62 -11.94
N VAL C 308 4.24 33.60 -13.08
CA VAL C 308 3.88 32.35 -13.76
C VAL C 308 4.65 32.30 -15.06
N GLU C 309 5.45 31.25 -15.24
CA GLU C 309 6.24 31.11 -16.45
C GLU C 309 5.33 30.81 -17.64
N LYS C 310 5.82 31.18 -18.83
CA LYS C 310 5.05 30.94 -20.04
C LYS C 310 4.87 29.46 -20.27
N GLY C 311 3.62 29.03 -20.35
CA GLY C 311 3.33 27.62 -20.55
C GLY C 311 1.84 27.36 -20.42
N ILE C 312 1.49 26.08 -20.45
CA ILE C 312 0.11 25.63 -20.33
C ILE C 312 0.00 24.84 -19.03
N TYR C 313 -0.91 25.29 -18.15
CA TYR C 313 -0.99 24.80 -16.79
C TYR C 313 -2.41 24.34 -16.51
N GLN C 314 -2.56 23.08 -16.09
CA GLN C 314 -3.87 22.58 -15.70
C GLN C 314 -4.20 23.09 -14.31
N THR C 315 -5.22 23.93 -14.21
CA THR C 315 -5.58 24.57 -12.94
C THR C 315 -6.72 23.86 -12.23
N SER C 316 -7.69 23.33 -12.96
CA SER C 316 -8.83 22.65 -12.35
C SER C 316 -9.46 21.73 -13.38
N ASN C 317 -10.45 20.97 -12.94
CA ASN C 317 -11.19 20.05 -13.80
C ASN C 317 -12.62 20.53 -13.94
N PHE C 318 -13.06 20.74 -15.18
CA PHE C 318 -14.40 21.17 -15.49
C PHE C 318 -15.29 19.95 -15.66
N ARG C 319 -16.39 19.91 -14.90
CA ARG C 319 -17.32 18.79 -14.94
C ARG C 319 -18.74 19.31 -15.12
N VAL C 320 -19.46 18.73 -16.08
CA VAL C 320 -20.84 19.12 -16.32
C VAL C 320 -21.69 18.71 -15.13
N GLN C 321 -22.55 19.61 -14.67
CA GLN C 321 -23.34 19.28 -13.50
C GLN C 321 -24.70 18.74 -13.92
N PRO C 322 -25.26 17.81 -13.14
CA PRO C 322 -26.58 17.26 -13.47
C PRO C 322 -27.67 18.33 -13.41
N THR C 323 -28.48 18.40 -14.47
CA THR C 323 -29.52 19.42 -14.53
C THR C 323 -30.70 19.07 -13.63
N GLU C 324 -31.06 17.79 -13.54
CA GLU C 324 -32.24 17.38 -12.78
C GLU C 324 -32.08 15.93 -12.37
N SER C 325 -33.09 15.42 -11.66
CA SER C 325 -33.13 14.04 -11.21
C SER C 325 -34.42 13.39 -11.69
N ILE C 326 -34.29 12.20 -12.29
CA ILE C 326 -35.43 11.44 -12.79
C ILE C 326 -35.35 10.02 -12.26
N VAL C 327 -36.51 9.43 -11.96
CA VAL C 327 -36.60 8.05 -11.50
C VAL C 327 -37.73 7.40 -12.30
N ARG C 328 -37.38 6.73 -13.40
CA ARG C 328 -38.39 6.09 -14.23
C ARG C 328 -38.61 4.66 -13.76
N PHE C 329 -39.87 4.29 -13.57
CA PHE C 329 -40.27 2.99 -13.08
C PHE C 329 -41.52 2.53 -13.81
N PRO C 330 -41.71 1.23 -13.98
CA PRO C 330 -42.90 0.74 -14.70
C PRO C 330 -44.16 0.95 -13.88
N ASN C 331 -45.20 1.47 -14.55
CA ASN C 331 -46.49 1.69 -13.90
C ASN C 331 -47.13 0.39 -13.46
N ILE C 332 -46.79 -0.72 -14.10
CA ILE C 332 -47.44 -2.00 -13.81
C ILE C 332 -47.02 -2.46 -12.42
N THR C 333 -47.99 -2.57 -11.52
CA THR C 333 -47.75 -3.06 -10.17
C THR C 333 -48.87 -4.02 -9.80
N ASN C 334 -48.56 -4.97 -8.93
CA ASN C 334 -49.57 -5.88 -8.40
C ASN C 334 -50.33 -5.18 -7.28
N LEU C 335 -51.61 -4.90 -7.50
CA LEU C 335 -52.40 -4.21 -6.51
C LEU C 335 -52.61 -5.10 -5.29
N CYS C 336 -52.20 -4.62 -4.12
CA CYS C 336 -52.34 -5.41 -2.91
C CYS C 336 -53.81 -5.53 -2.53
N PRO C 337 -54.18 -6.60 -1.83
CA PRO C 337 -55.59 -6.79 -1.44
C PRO C 337 -55.98 -5.97 -0.23
N PHE C 338 -55.17 -4.98 0.14
CA PHE C 338 -55.55 -4.09 1.24
C PHE C 338 -56.87 -3.38 0.94
N GLY C 339 -57.00 -2.83 -0.27
CA GLY C 339 -58.26 -2.21 -0.64
C GLY C 339 -59.41 -3.21 -0.70
N GLU C 340 -59.14 -4.43 -1.17
CA GLU C 340 -60.17 -5.45 -1.22
C GLU C 340 -60.64 -5.84 0.18
N VAL C 341 -59.72 -5.92 1.14
CA VAL C 341 -60.08 -6.26 2.50
C VAL C 341 -61.00 -5.20 3.10
N PHE C 342 -60.66 -3.92 2.90
CA PHE C 342 -61.49 -2.85 3.43
C PHE C 342 -62.86 -2.82 2.78
N ASN C 343 -62.96 -3.24 1.51
CA ASN C 343 -64.20 -3.21 0.77
C ASN C 343 -65.09 -4.41 1.05
N ALA C 344 -64.74 -5.25 2.02
CA ALA C 344 -65.56 -6.41 2.34
C ALA C 344 -66.93 -5.99 2.85
N THR C 345 -67.98 -6.59 2.29
CA THR C 345 -69.33 -6.24 2.69
C THR C 345 -69.61 -6.66 4.13
N ARG C 346 -69.12 -7.83 4.53
CA ARG C 346 -69.31 -8.34 5.88
C ARG C 346 -67.96 -8.61 6.53
N PHE C 347 -67.82 -8.21 7.79
CA PHE C 347 -66.63 -8.46 8.58
C PHE C 347 -66.93 -9.54 9.61
N ALA C 348 -65.90 -10.29 9.98
CA ALA C 348 -66.07 -11.36 10.95
C ALA C 348 -66.05 -10.79 12.37
N SER C 349 -66.49 -11.62 13.33
CA SER C 349 -66.48 -11.22 14.72
C SER C 349 -65.04 -11.16 15.24
N VAL C 350 -64.88 -10.49 16.39
CA VAL C 350 -63.55 -10.30 16.94
C VAL C 350 -62.97 -11.63 17.44
N TYR C 351 -63.81 -12.48 18.04
CA TYR C 351 -63.31 -13.78 18.49
C TYR C 351 -62.97 -14.67 17.31
N ALA C 352 -63.79 -14.66 16.26
CA ALA C 352 -63.49 -15.37 15.03
C ALA C 352 -62.88 -14.41 14.01
N TRP C 353 -61.78 -13.77 14.40
CA TRP C 353 -61.16 -12.76 13.56
C TRP C 353 -60.58 -13.38 12.29
N ASN C 354 -60.87 -12.74 11.15
CA ASN C 354 -60.37 -13.21 9.87
C ASN C 354 -58.93 -12.76 9.67
N ARG C 355 -58.21 -13.51 8.85
CA ARG C 355 -56.82 -13.20 8.51
C ARG C 355 -56.58 -13.55 7.04
N LYS C 356 -55.96 -12.63 6.31
CA LYS C 356 -55.61 -12.83 4.91
C LYS C 356 -54.14 -12.50 4.72
N ARG C 357 -53.40 -13.44 4.13
CA ARG C 357 -51.99 -13.22 3.83
C ARG C 357 -51.85 -12.43 2.54
N ILE C 358 -50.93 -11.48 2.54
CA ILE C 358 -50.72 -10.57 1.41
C ILE C 358 -49.24 -10.59 1.05
N SER C 359 -48.95 -10.86 -0.23
CA SER C 359 -47.58 -10.95 -0.68
C SER C 359 -47.54 -10.74 -2.19
N ASN C 360 -46.33 -10.54 -2.71
CA ASN C 360 -46.08 -10.36 -4.14
C ASN C 360 -46.93 -9.24 -4.72
N CYS C 361 -46.96 -8.12 -4.01
CA CYS C 361 -47.73 -6.97 -4.45
C CYS C 361 -47.07 -5.69 -3.95
N VAL C 362 -47.37 -4.59 -4.63
CA VAL C 362 -46.84 -3.28 -4.29
C VAL C 362 -47.89 -2.54 -3.47
N ALA C 363 -47.52 -2.13 -2.26
CA ALA C 363 -48.46 -1.57 -1.29
C ALA C 363 -48.23 -0.07 -1.15
N ASP C 364 -49.30 0.70 -1.32
CA ASP C 364 -49.27 2.14 -1.12
C ASP C 364 -50.04 2.45 0.17
N TYR C 365 -49.31 2.91 1.19
CA TYR C 365 -49.91 3.19 2.49
C TYR C 365 -50.18 4.66 2.73
N SER C 366 -49.49 5.55 2.02
CA SER C 366 -49.67 6.98 2.27
C SER C 366 -51.08 7.44 1.94
N VAL C 367 -51.68 6.87 0.89
CA VAL C 367 -53.05 7.23 0.54
C VAL C 367 -54.02 6.81 1.65
N LEU C 368 -53.84 5.60 2.18
CA LEU C 368 -54.72 5.12 3.24
C LEU C 368 -54.50 5.91 4.53
N TYR C 369 -53.24 6.22 4.86
CA TYR C 369 -52.95 6.92 6.09
C TYR C 369 -53.54 8.33 6.09
N ASN C 370 -53.44 9.03 4.97
CA ASN C 370 -53.97 10.39 4.85
C ASN C 370 -55.42 10.35 4.35
N SER C 371 -56.27 9.70 5.15
CA SER C 371 -57.70 9.62 4.88
C SER C 371 -58.45 9.97 6.16
N ALA C 372 -59.44 10.86 6.04
CA ALA C 372 -60.26 11.21 7.19
C ALA C 372 -61.30 10.14 7.51
N SER C 373 -61.56 9.23 6.57
CA SER C 373 -62.57 8.20 6.80
C SER C 373 -62.15 7.22 7.89
N PHE C 374 -60.85 7.15 8.19
CA PHE C 374 -60.33 6.26 9.21
C PHE C 374 -60.27 7.01 10.54
N SER C 375 -61.06 6.55 11.51
CA SER C 375 -61.04 7.19 12.83
C SER C 375 -59.74 6.91 13.58
N THR C 376 -59.21 5.71 13.46
CA THR C 376 -57.99 5.31 14.15
C THR C 376 -56.97 4.81 13.13
N PHE C 377 -55.76 5.36 13.19
CA PHE C 377 -54.66 4.90 12.35
C PHE C 377 -53.36 5.13 13.13
N LYS C 378 -52.91 4.09 13.83
CA LYS C 378 -51.73 4.17 14.67
C LYS C 378 -50.73 3.10 14.23
N CYS C 379 -49.50 3.54 13.96
CA CYS C 379 -48.43 2.66 13.51
C CYS C 379 -47.40 2.50 14.62
N TYR C 380 -46.97 1.27 14.86
CA TYR C 380 -46.01 0.95 15.91
C TYR C 380 -44.81 0.24 15.29
N GLY C 381 -43.61 0.73 15.59
CA GLY C 381 -42.41 0.17 15.03
C GLY C 381 -42.09 0.58 13.62
N VAL C 382 -42.87 1.50 13.04
CA VAL C 382 -42.65 1.96 11.68
C VAL C 382 -43.23 3.36 11.55
N SER C 383 -42.57 4.20 10.75
CA SER C 383 -43.03 5.56 10.52
C SER C 383 -44.03 5.61 9.36
N PRO C 384 -45.06 6.46 9.46
CA PRO C 384 -45.99 6.58 8.34
C PRO C 384 -45.32 7.07 7.06
N THR C 385 -44.35 7.96 7.17
CA THR C 385 -43.67 8.47 5.98
C THR C 385 -42.74 7.43 5.38
N LYS C 386 -42.22 6.51 6.20
CA LYS C 386 -41.33 5.47 5.74
C LYS C 386 -42.06 4.19 5.36
N LEU C 387 -43.39 4.18 5.42
CA LEU C 387 -44.14 2.99 5.06
C LEU C 387 -43.95 2.65 3.58
N ASN C 388 -43.90 3.65 2.73
CA ASN C 388 -43.67 3.44 1.30
C ASN C 388 -42.21 3.19 0.96
N ASP C 389 -41.30 3.36 1.92
CA ASP C 389 -39.88 3.09 1.70
C ASP C 389 -39.38 1.85 2.41
N LEU C 390 -40.27 1.08 3.03
CA LEU C 390 -39.90 -0.15 3.72
C LEU C 390 -40.47 -1.36 3.00
N CYS C 391 -39.78 -2.49 3.14
CA CYS C 391 -40.15 -3.74 2.49
C CYS C 391 -40.30 -4.83 3.53
N PHE C 392 -41.24 -5.73 3.31
CA PHE C 392 -41.50 -6.83 4.23
C PHE C 392 -41.70 -8.12 3.44
N THR C 393 -41.36 -9.24 4.07
CA THR C 393 -41.54 -10.54 3.41
C THR C 393 -43.01 -10.84 3.18
N ASN C 394 -43.85 -10.63 4.20
CA ASN C 394 -45.27 -10.87 4.09
C ASN C 394 -45.99 -9.88 5.00
N VAL C 395 -47.28 -9.65 4.70
CA VAL C 395 -48.13 -8.79 5.51
C VAL C 395 -49.44 -9.50 5.76
N TYR C 396 -49.89 -9.52 7.01
CA TYR C 396 -51.14 -10.16 7.39
C TYR C 396 -52.16 -9.09 7.76
N ALA C 397 -53.34 -9.16 7.12
CA ALA C 397 -54.43 -8.24 7.40
C ALA C 397 -55.49 -9.00 8.20
N ASP C 398 -55.78 -8.52 9.40
CA ASP C 398 -56.70 -9.18 10.32
C ASP C 398 -57.90 -8.27 10.55
N SER C 399 -59.06 -8.70 10.09
CA SER C 399 -60.27 -7.87 10.10
C SER C 399 -61.27 -8.43 11.10
N PHE C 400 -61.84 -7.54 11.90
CA PHE C 400 -62.87 -7.91 12.88
C PHE C 400 -63.65 -6.66 13.23
N VAL C 401 -64.67 -6.84 14.07
CA VAL C 401 -65.56 -5.74 14.46
C VAL C 401 -65.57 -5.64 15.98
N ILE C 402 -65.26 -4.45 16.49
CA ILE C 402 -65.33 -4.15 17.92
C ILE C 402 -66.03 -2.80 18.06
N ARG C 403 -66.51 -2.52 19.27
CA ARG C 403 -67.18 -1.25 19.50
C ARG C 403 -66.15 -0.16 19.79
N GLY C 404 -66.64 1.06 20.02
CA GLY C 404 -65.76 2.23 20.02
C GLY C 404 -64.72 2.20 21.11
N ASP C 405 -65.14 1.89 22.35
CA ASP C 405 -64.21 1.94 23.47
C ASP C 405 -63.24 0.78 23.49
N GLU C 406 -63.44 -0.24 22.67
CA GLU C 406 -62.57 -1.40 22.61
C GLU C 406 -61.41 -1.21 21.64
N VAL C 407 -61.30 -0.03 21.01
CA VAL C 407 -60.21 0.22 20.08
C VAL C 407 -58.86 0.15 20.80
N ARG C 408 -58.80 0.73 22.01
CA ARG C 408 -57.56 0.72 22.77
C ARG C 408 -57.08 -0.69 23.09
N GLN C 409 -57.99 -1.66 23.11
CA GLN C 409 -57.59 -3.04 23.34
C GLN C 409 -56.70 -3.57 22.24
N ILE C 410 -56.99 -3.19 20.98
CA ILE C 410 -56.17 -3.64 19.86
C ILE C 410 -54.81 -2.98 19.86
N ALA C 411 -54.64 -1.88 20.60
CA ALA C 411 -53.32 -1.28 20.71
C ALA C 411 -52.38 -2.23 21.46
N PRO C 412 -51.14 -2.35 21.01
CA PRO C 412 -50.20 -3.27 21.67
C PRO C 412 -49.89 -2.84 23.09
N GLY C 413 -49.59 -3.82 23.93
CA GLY C 413 -49.29 -3.56 25.33
C GLY C 413 -50.49 -3.05 26.11
N GLN C 414 -51.65 -3.66 25.90
CA GLN C 414 -52.88 -3.29 26.59
C GLN C 414 -53.55 -4.52 27.15
N THR C 415 -54.48 -4.30 28.08
CA THR C 415 -55.21 -5.37 28.73
C THR C 415 -56.70 -5.13 28.62
N GLY C 416 -57.46 -6.20 28.65
CA GLY C 416 -58.91 -6.11 28.58
C GLY C 416 -59.50 -7.43 28.14
N LYS C 417 -60.84 -7.45 28.11
CA LYS C 417 -61.54 -8.66 27.68
C LYS C 417 -61.22 -9.00 26.23
N ILE C 418 -61.20 -8.00 25.35
CA ILE C 418 -60.92 -8.24 23.94
C ILE C 418 -59.45 -8.60 23.75
N ALA C 419 -58.54 -7.86 24.40
CA ALA C 419 -57.11 -8.08 24.20
C ALA C 419 -56.67 -9.43 24.73
N ASP C 420 -57.22 -9.87 25.85
CA ASP C 420 -56.75 -11.09 26.52
C ASP C 420 -57.53 -12.34 26.11
N TYR C 421 -58.73 -12.19 25.57
CA TYR C 421 -59.57 -13.35 25.24
C TYR C 421 -60.00 -13.41 23.79
N ASN C 422 -59.90 -12.33 23.03
CA ASN C 422 -60.36 -12.30 21.64
C ASN C 422 -59.21 -12.19 20.65
N TYR C 423 -58.35 -11.19 20.82
CA TYR C 423 -57.30 -10.91 19.84
C TYR C 423 -56.13 -10.27 20.58
N LYS C 424 -55.07 -11.04 20.81
CA LYS C 424 -53.88 -10.58 21.50
C LYS C 424 -52.79 -10.25 20.50
N LEU C 425 -52.08 -9.16 20.74
CA LEU C 425 -51.04 -8.70 19.83
C LEU C 425 -49.67 -8.76 20.49
N PRO C 426 -48.63 -9.08 19.73
CA PRO C 426 -47.27 -9.11 20.31
C PRO C 426 -46.81 -7.73 20.72
N ASP C 427 -45.96 -7.71 21.74
CA ASP C 427 -45.37 -6.44 22.18
C ASP C 427 -44.36 -5.91 21.17
N ASP C 428 -43.77 -6.80 20.36
CA ASP C 428 -42.88 -6.41 19.29
C ASP C 428 -43.61 -6.17 17.97
N PHE C 429 -44.89 -5.81 18.04
CA PHE C 429 -45.70 -5.64 16.84
C PHE C 429 -45.13 -4.53 15.97
N THR C 430 -45.01 -4.82 14.67
CA THR C 430 -44.50 -3.87 13.68
C THR C 430 -45.57 -3.73 12.59
N GLY C 431 -46.40 -2.71 12.73
CA GLY C 431 -47.46 -2.49 11.76
C GLY C 431 -48.39 -1.40 12.23
N CYS C 432 -49.48 -1.23 11.47
CA CYS C 432 -50.46 -0.18 11.71
C CYS C 432 -51.82 -0.79 11.97
N VAL C 433 -52.53 -0.25 12.97
CA VAL C 433 -53.89 -0.66 13.30
C VAL C 433 -54.84 0.40 12.76
N ILE C 434 -55.83 -0.04 11.99
CA ILE C 434 -56.78 0.86 11.35
C ILE C 434 -58.18 0.52 11.84
N ALA C 435 -58.98 1.55 12.08
CA ALA C 435 -60.35 1.37 12.54
C ALA C 435 -61.20 2.53 12.05
N TRP C 436 -62.45 2.23 11.71
CA TRP C 436 -63.39 3.26 11.29
C TRP C 436 -64.80 2.85 11.71
N ASN C 437 -65.67 3.85 11.84
CA ASN C 437 -67.04 3.61 12.27
C ASN C 437 -67.82 2.89 11.18
N SER C 438 -68.66 1.94 11.61
CA SER C 438 -69.50 1.17 10.69
C SER C 438 -70.91 1.03 11.26
N ASN C 439 -71.43 2.12 11.83
CA ASN C 439 -72.77 2.07 12.41
C ASN C 439 -73.84 1.86 11.34
N ASN C 440 -73.70 2.53 10.19
CA ASN C 440 -74.72 2.44 9.16
C ASN C 440 -74.81 1.04 8.55
N LEU C 441 -73.72 0.28 8.58
CA LEU C 441 -73.67 -1.03 7.94
C LEU C 441 -73.83 -2.19 8.91
N ASP C 442 -73.47 -2.02 10.18
CA ASP C 442 -73.49 -3.09 11.17
C ASP C 442 -74.50 -2.82 12.27
N SER C 443 -75.63 -2.19 11.94
CA SER C 443 -76.69 -1.97 12.90
C SER C 443 -78.03 -2.26 12.25
N LYS C 444 -79.00 -2.67 13.07
CA LYS C 444 -80.36 -2.92 12.63
C LYS C 444 -81.32 -2.35 13.67
N VAL C 445 -82.61 -2.44 13.38
CA VAL C 445 -83.63 -1.86 14.26
C VAL C 445 -83.57 -2.50 15.64
N GLY C 446 -83.41 -3.82 15.69
CA GLY C 446 -83.29 -4.53 16.94
C GLY C 446 -81.88 -4.68 17.48
N GLY C 447 -80.90 -4.05 16.85
CA GLY C 447 -79.52 -4.19 17.26
C GLY C 447 -78.90 -5.45 16.68
N ASN C 448 -77.70 -5.33 16.12
CA ASN C 448 -77.06 -6.45 15.46
C ASN C 448 -76.40 -7.35 16.50
N TYR C 449 -76.99 -8.52 16.73
CA TYR C 449 -76.44 -9.50 17.65
C TYR C 449 -75.53 -10.52 16.97
N ASN C 450 -75.30 -10.36 15.66
CA ASN C 450 -74.46 -11.31 14.94
C ASN C 450 -73.02 -11.29 15.44
N TYR C 451 -72.48 -10.10 15.72
CA TYR C 451 -71.12 -9.98 16.18
C TYR C 451 -71.01 -10.44 17.62
N LEU C 452 -70.02 -11.30 17.89
CA LEU C 452 -69.81 -11.87 19.21
C LEU C 452 -68.39 -11.59 19.68
N TYR C 453 -68.20 -11.62 21.00
CA TYR C 453 -66.90 -11.49 21.60
C TYR C 453 -66.77 -12.52 22.72
N ARG C 454 -65.53 -12.89 23.02
CA ARG C 454 -65.24 -13.87 24.06
C ARG C 454 -65.19 -13.15 25.40
N LEU C 455 -66.13 -13.48 26.28
CA LEU C 455 -66.18 -12.87 27.61
C LEU C 455 -65.46 -13.69 28.66
N PHE C 456 -65.52 -15.01 28.57
CA PHE C 456 -64.90 -15.90 29.55
C PHE C 456 -63.97 -16.86 28.86
N ARG C 457 -62.74 -16.97 29.39
CA ARG C 457 -61.75 -17.90 28.88
C ARG C 457 -60.84 -18.32 30.03
N LYS C 458 -60.40 -19.58 30.00
CA LYS C 458 -59.62 -20.11 31.10
C LYS C 458 -58.27 -19.40 31.22
N SER C 459 -57.60 -19.13 30.11
CA SER C 459 -56.27 -18.55 30.12
C SER C 459 -56.18 -17.42 29.10
N ASN C 460 -55.18 -16.57 29.29
CA ASN C 460 -54.96 -15.46 28.37
C ASN C 460 -54.49 -15.96 27.02
N LEU C 461 -54.96 -15.29 25.97
CA LEU C 461 -54.58 -15.65 24.61
C LEU C 461 -53.14 -15.24 24.32
N LYS C 462 -52.39 -16.15 23.72
CA LYS C 462 -51.06 -15.83 23.22
C LYS C 462 -51.18 -14.91 22.01
N PRO C 463 -50.14 -14.14 21.70
CA PRO C 463 -50.21 -13.23 20.56
C PRO C 463 -50.50 -13.97 19.26
N PHE C 464 -51.35 -13.37 18.43
CA PHE C 464 -51.76 -13.93 17.15
C PHE C 464 -52.32 -15.35 17.30
N GLU C 465 -53.19 -15.52 18.28
CA GLU C 465 -53.88 -16.79 18.51
C GLU C 465 -55.38 -16.59 18.41
N ARG C 466 -56.06 -17.58 17.85
CA ARG C 466 -57.50 -17.53 17.63
C ARG C 466 -58.16 -18.66 18.40
N ASP C 467 -59.26 -18.35 19.10
CA ASP C 467 -60.03 -19.35 19.82
C ASP C 467 -61.51 -19.12 19.54
N ILE C 468 -62.16 -20.10 18.92
CA ILE C 468 -63.56 -20.03 18.57
C ILE C 468 -64.35 -21.18 19.21
N SER C 469 -63.81 -21.79 20.25
CA SER C 469 -64.48 -22.89 20.91
C SER C 469 -65.72 -22.41 21.66
N THR C 470 -66.78 -23.22 21.61
CA THR C 470 -68.04 -22.91 22.25
C THR C 470 -68.28 -23.74 23.52
N GLU C 471 -67.21 -24.31 24.09
CA GLU C 471 -67.36 -25.12 25.29
C GLU C 471 -67.80 -24.28 26.47
N ILE C 472 -68.62 -24.88 27.34
CA ILE C 472 -69.17 -24.16 28.48
C ILE C 472 -68.05 -23.85 29.46
N TYR C 473 -67.99 -22.58 29.90
CA TYR C 473 -66.98 -22.15 30.84
C TYR C 473 -67.30 -22.68 32.23
N GLN C 474 -66.29 -23.22 32.91
CA GLN C 474 -66.45 -23.80 34.24
C GLN C 474 -65.74 -22.88 35.24
N ALA C 475 -66.47 -21.87 35.72
CA ALA C 475 -65.89 -20.96 36.71
C ALA C 475 -65.72 -21.66 38.06
N GLY C 476 -66.75 -22.36 38.53
CA GLY C 476 -66.72 -23.02 39.81
C GLY C 476 -66.21 -24.44 39.72
N SER C 477 -66.26 -25.13 40.86
CA SER C 477 -65.85 -26.52 40.92
C SER C 477 -66.94 -27.48 40.45
N THR C 478 -68.14 -26.98 40.21
CA THR C 478 -69.23 -27.84 39.74
C THR C 478 -68.95 -28.30 38.32
N PRO C 479 -69.05 -29.61 38.03
CA PRO C 479 -68.87 -30.08 36.65
C PRO C 479 -70.02 -29.63 35.77
N CYS C 480 -69.72 -28.75 34.82
CA CYS C 480 -70.76 -28.22 33.93
C CYS C 480 -71.40 -29.32 33.10
N ASN C 481 -70.58 -30.21 32.54
CA ASN C 481 -71.04 -31.30 31.67
C ASN C 481 -71.89 -30.75 30.51
N GLY C 482 -71.45 -29.62 29.98
CA GLY C 482 -72.17 -28.99 28.87
C GLY C 482 -73.55 -28.52 29.22
N VAL C 483 -73.74 -28.03 30.45
CA VAL C 483 -75.04 -27.55 30.92
C VAL C 483 -74.86 -26.14 31.47
N GLU C 484 -75.63 -25.19 30.95
CA GLU C 484 -75.59 -23.83 31.46
C GLU C 484 -76.23 -23.76 32.84
N GLY C 485 -75.56 -23.09 33.78
CA GLY C 485 -76.07 -23.00 35.13
C GLY C 485 -75.64 -21.76 35.86
N PHE C 486 -75.74 -21.79 37.20
CA PHE C 486 -75.35 -20.64 38.00
C PHE C 486 -73.85 -20.36 37.89
N ASN C 487 -73.03 -21.41 37.86
CA ASN C 487 -71.59 -21.27 37.73
C ASN C 487 -71.09 -21.67 36.35
N CYS C 488 -71.99 -21.94 35.41
CA CYS C 488 -71.64 -22.31 34.04
C CYS C 488 -72.19 -21.25 33.10
N TYR C 489 -71.33 -20.69 32.26
CA TYR C 489 -71.69 -19.58 31.39
C TYR C 489 -71.19 -19.83 29.97
N PHE C 490 -71.92 -19.28 29.00
CA PHE C 490 -71.52 -19.42 27.61
C PHE C 490 -70.31 -18.53 27.33
N PRO C 491 -69.25 -19.05 26.71
CA PRO C 491 -68.04 -18.25 26.53
C PRO C 491 -68.21 -17.05 25.62
N LEU C 492 -69.25 -17.03 24.78
CA LEU C 492 -69.44 -15.97 23.81
C LEU C 492 -70.60 -15.08 24.21
N GLN C 493 -70.35 -13.77 24.26
CA GLN C 493 -71.37 -12.78 24.51
C GLN C 493 -71.53 -11.89 23.29
N SER C 494 -72.75 -11.40 23.08
CA SER C 494 -73.10 -10.66 21.88
C SER C 494 -73.14 -9.16 22.15
N TYR C 495 -72.72 -8.40 21.14
CA TYR C 495 -72.81 -6.95 21.21
C TYR C 495 -74.27 -6.50 21.05
N GLY C 496 -74.56 -5.31 21.57
CA GLY C 496 -75.85 -4.69 21.36
C GLY C 496 -75.94 -4.02 20.00
N PHE C 497 -75.05 -3.05 19.78
CA PHE C 497 -74.93 -2.35 18.49
C PHE C 497 -76.25 -1.72 18.06
N GLN C 498 -76.94 -1.10 19.01
CA GLN C 498 -78.15 -0.37 18.68
C GLN C 498 -77.79 0.89 17.86
N PRO C 499 -78.67 1.30 16.94
CA PRO C 499 -78.39 2.50 16.15
C PRO C 499 -78.19 3.75 16.99
N THR C 500 -78.91 3.87 18.11
CA THR C 500 -78.80 5.02 19.00
C THR C 500 -77.94 4.72 20.23
N ASN C 501 -77.14 3.64 20.19
CA ASN C 501 -76.32 3.30 21.34
C ASN C 501 -75.27 4.35 21.63
N GLY C 502 -74.82 5.07 20.60
CA GLY C 502 -73.89 6.17 20.79
C GLY C 502 -72.45 5.75 20.56
N VAL C 503 -71.59 6.77 20.41
CA VAL C 503 -70.18 6.55 20.17
C VAL C 503 -69.55 5.89 21.39
N GLY C 504 -68.71 4.88 21.14
CA GLY C 504 -68.15 4.04 22.18
C GLY C 504 -68.81 2.68 22.27
N TYR C 505 -70.05 2.55 21.79
CA TYR C 505 -70.74 1.28 21.67
C TYR C 505 -71.13 0.97 20.23
N GLN C 506 -70.99 1.93 19.32
CA GLN C 506 -71.31 1.70 17.93
C GLN C 506 -70.31 0.73 17.31
N PRO C 507 -70.74 -0.04 16.30
CA PRO C 507 -69.81 -0.96 15.64
C PRO C 507 -68.68 -0.20 14.96
N TYR C 508 -67.48 -0.77 15.04
CA TYR C 508 -66.29 -0.23 14.40
C TYR C 508 -65.54 -1.37 13.76
N ARG C 509 -65.21 -1.22 12.47
CA ARG C 509 -64.48 -2.26 11.74
C ARG C 509 -62.99 -1.98 11.82
N VAL C 510 -62.24 -2.96 12.30
CA VAL C 510 -60.81 -2.82 12.56
C VAL C 510 -60.04 -3.78 11.66
N VAL C 511 -59.09 -3.25 10.91
CA VAL C 511 -58.18 -4.06 10.10
C VAL C 511 -56.78 -3.83 10.64
N VAL C 512 -56.12 -4.90 11.05
CA VAL C 512 -54.81 -4.84 11.68
C VAL C 512 -53.78 -5.36 10.66
N LEU C 513 -52.82 -4.51 10.33
CA LEU C 513 -51.77 -4.86 9.38
C LEU C 513 -50.50 -5.19 10.15
N SER C 514 -50.04 -6.43 10.04
CA SER C 514 -48.84 -6.89 10.70
C SER C 514 -47.77 -7.17 9.64
N PHE C 515 -46.60 -6.57 9.81
CA PHE C 515 -45.51 -6.68 8.86
C PHE C 515 -44.58 -7.82 9.30
N GLU C 516 -44.53 -8.88 8.51
CA GLU C 516 -43.70 -10.04 8.80
C GLU C 516 -42.37 -9.90 8.05
N LEU C 517 -41.27 -9.87 8.78
CA LEU C 517 -39.94 -9.79 8.21
C LEU C 517 -39.17 -11.05 8.58
N LEU C 518 -38.54 -11.68 7.60
CA LEU C 518 -37.78 -12.90 7.80
C LEU C 518 -36.53 -12.87 6.93
N HIS C 519 -35.73 -13.93 7.03
CA HIS C 519 -34.55 -14.09 6.18
C HIS C 519 -34.97 -14.75 4.86
N ALA C 520 -35.85 -14.06 4.16
CA ALA C 520 -36.40 -14.51 2.88
C ALA C 520 -36.46 -13.32 1.95
N PRO C 521 -36.48 -13.55 0.64
CA PRO C 521 -36.56 -12.43 -0.30
C PRO C 521 -37.81 -11.60 -0.07
N ALA C 522 -37.65 -10.28 -0.19
CA ALA C 522 -38.76 -9.36 0.02
C ALA C 522 -39.72 -9.41 -1.16
N THR C 523 -41.01 -9.43 -0.85
CA THR C 523 -42.05 -9.46 -1.87
C THR C 523 -42.96 -8.25 -1.87
N VAL C 524 -43.17 -7.59 -0.73
CA VAL C 524 -44.06 -6.44 -0.62
C VAL C 524 -43.21 -5.21 -0.37
N CYS C 525 -43.41 -4.18 -1.19
CA CYS C 525 -42.66 -2.94 -1.07
C CYS C 525 -43.56 -1.78 -1.45
N GLY C 526 -43.13 -0.57 -1.05
CA GLY C 526 -43.83 0.63 -1.40
C GLY C 526 -43.73 0.94 -2.88
N PRO C 527 -44.61 1.79 -3.38
CA PRO C 527 -44.59 2.09 -4.82
C PRO C 527 -43.31 2.80 -5.24
N LYS C 528 -42.89 2.53 -6.47
CA LYS C 528 -41.76 3.24 -7.05
C LYS C 528 -42.28 4.45 -7.82
N LYS C 529 -41.92 5.64 -7.36
CA LYS C 529 -42.45 6.89 -7.92
C LYS C 529 -41.88 7.09 -9.31
N SER C 530 -42.70 6.84 -10.33
CA SER C 530 -42.26 7.00 -11.71
C SER C 530 -42.39 8.45 -12.15
N THR C 531 -41.31 8.99 -12.72
CA THR C 531 -41.27 10.35 -13.23
C THR C 531 -40.88 10.32 -14.69
N ASN C 532 -41.14 11.43 -15.38
CA ASN C 532 -40.83 11.52 -16.80
C ASN C 532 -39.31 11.53 -17.01
N LEU C 533 -38.90 11.13 -18.20
CA LEU C 533 -37.50 11.02 -18.56
C LEU C 533 -37.12 12.09 -19.57
N VAL C 534 -35.88 12.57 -19.46
CA VAL C 534 -35.32 13.55 -20.37
C VAL C 534 -34.23 12.89 -21.20
N LYS C 535 -34.04 13.40 -22.41
CA LYS C 535 -33.03 12.88 -23.33
C LYS C 535 -32.12 14.01 -23.79
N ASN C 536 -30.85 13.66 -24.01
CA ASN C 536 -29.77 14.55 -24.41
C ASN C 536 -29.44 15.60 -23.35
N LYS C 537 -30.11 15.58 -22.19
CA LYS C 537 -29.82 16.48 -21.09
C LYS C 537 -29.22 15.68 -19.94
N CYS C 538 -28.05 16.11 -19.46
CA CYS C 538 -27.39 15.42 -18.37
C CYS C 538 -28.30 15.40 -17.14
N VAL C 539 -28.43 14.23 -16.52
CA VAL C 539 -29.44 14.04 -15.48
C VAL C 539 -28.97 12.93 -14.57
N ASN C 540 -29.28 13.06 -13.28
CA ASN C 540 -29.12 11.96 -12.33
C ASN C 540 -30.33 11.05 -12.44
N PHE C 541 -30.09 9.75 -12.63
CA PHE C 541 -31.17 8.80 -12.87
C PHE C 541 -31.07 7.64 -11.90
N ASN C 542 -32.18 6.90 -11.79
CA ASN C 542 -32.27 5.69 -10.98
C ASN C 542 -33.26 4.75 -11.65
N PHE C 543 -32.76 3.64 -12.18
CA PHE C 543 -33.58 2.67 -12.90
C PHE C 543 -33.54 1.35 -12.15
N ASN C 544 -34.50 1.17 -11.25
CA ASN C 544 -34.63 -0.06 -10.45
C ASN C 544 -33.36 -0.33 -9.65
N GLY C 545 -32.73 0.73 -9.17
CA GLY C 545 -31.55 0.60 -8.34
C GLY C 545 -30.22 0.76 -9.05
N LEU C 546 -30.23 1.09 -10.34
CA LEU C 546 -28.97 1.33 -11.04
C LEU C 546 -28.25 2.55 -10.48
N THR C 547 -29.00 3.57 -10.08
CA THR C 547 -28.51 4.79 -9.42
C THR C 547 -27.19 5.27 -10.02
N GLY C 548 -27.24 5.59 -11.30
CA GLY C 548 -26.11 6.18 -11.97
C GLY C 548 -26.42 7.57 -12.51
N THR C 549 -25.39 8.32 -12.88
CA THR C 549 -25.57 9.64 -13.47
C THR C 549 -24.98 9.67 -14.87
N GLY C 550 -25.55 10.52 -15.71
CA GLY C 550 -25.12 10.62 -17.09
C GLY C 550 -26.24 11.10 -17.98
N VAL C 551 -25.92 11.30 -19.24
CA VAL C 551 -26.88 11.76 -20.23
C VAL C 551 -27.53 10.55 -20.87
N LEU C 552 -28.84 10.61 -21.05
CA LEU C 552 -29.60 9.50 -21.61
C LEU C 552 -30.02 9.81 -23.04
N THR C 553 -29.76 8.87 -23.94
CA THR C 553 -30.11 9.01 -25.35
C THR C 553 -30.77 7.73 -25.82
N GLU C 554 -31.53 7.83 -26.91
CA GLU C 554 -32.07 6.65 -27.55
C GLU C 554 -30.93 5.86 -28.19
N SER C 555 -31.06 4.54 -28.19
CA SER C 555 -30.00 3.66 -28.69
C SER C 555 -30.57 2.65 -29.67
N ASN C 556 -29.74 2.25 -30.64
CA ASN C 556 -30.18 1.32 -31.67
C ASN C 556 -30.10 -0.14 -31.22
N LYS C 557 -29.25 -0.45 -30.24
CA LYS C 557 -29.06 -1.82 -29.83
C LYS C 557 -30.35 -2.39 -29.22
N LYS C 558 -30.54 -3.69 -29.39
CA LYS C 558 -31.75 -4.38 -28.96
C LYS C 558 -31.45 -5.32 -27.80
N PHE C 559 -32.21 -5.18 -26.72
CA PHE C 559 -32.10 -6.09 -25.59
C PHE C 559 -32.92 -7.34 -25.82
N LEU C 560 -32.49 -8.43 -25.20
CA LEU C 560 -33.35 -9.60 -25.11
C LEU C 560 -34.50 -9.31 -24.15
N PRO C 561 -35.67 -9.93 -24.36
CA PRO C 561 -36.83 -9.58 -23.52
C PRO C 561 -36.59 -9.80 -22.03
N PHE C 562 -35.81 -10.81 -21.66
CA PHE C 562 -35.51 -11.02 -20.24
C PHE C 562 -34.45 -10.05 -19.73
N GLN C 563 -33.50 -9.66 -20.58
CA GLN C 563 -32.43 -8.77 -20.15
C GLN C 563 -32.98 -7.38 -19.82
N GLN C 564 -32.52 -6.83 -18.69
CA GLN C 564 -33.04 -5.57 -18.18
C GLN C 564 -32.08 -4.40 -18.36
N PHE C 565 -30.82 -4.56 -17.96
CA PHE C 565 -29.82 -3.51 -18.10
C PHE C 565 -28.55 -4.11 -18.67
N GLY C 566 -27.89 -3.34 -19.55
CA GLY C 566 -26.71 -3.83 -20.24
C GLY C 566 -25.42 -3.49 -19.53
N ARG C 567 -24.32 -3.83 -20.19
CA ARG C 567 -22.98 -3.65 -19.63
C ARG C 567 -21.98 -3.60 -20.77
N ASP C 568 -20.78 -3.13 -20.45
CA ASP C 568 -19.69 -3.00 -21.40
C ASP C 568 -18.51 -3.85 -20.94
N ILE C 569 -17.40 -3.74 -21.67
CA ILE C 569 -16.21 -4.54 -21.36
C ILE C 569 -15.68 -4.19 -19.98
N ALA C 570 -15.67 -2.91 -19.64
CA ALA C 570 -15.15 -2.43 -18.37
C ALA C 570 -16.14 -2.57 -17.23
N ASP C 571 -17.18 -3.39 -17.40
CA ASP C 571 -18.22 -3.62 -16.40
C ASP C 571 -19.02 -2.37 -16.08
N THR C 572 -19.05 -1.40 -16.99
CA THR C 572 -19.86 -0.20 -16.83
C THR C 572 -21.19 -0.37 -17.55
N THR C 573 -22.24 0.24 -16.99
CA THR C 573 -23.58 0.16 -17.55
C THR C 573 -23.67 1.07 -18.76
N ASP C 574 -23.20 0.55 -19.90
CA ASP C 574 -23.12 1.35 -21.11
C ASP C 574 -24.49 1.69 -21.67
N ALA C 575 -25.47 0.81 -21.50
CA ALA C 575 -26.82 1.05 -22.00
C ALA C 575 -27.80 0.26 -21.15
N VAL C 576 -28.92 0.90 -20.79
CA VAL C 576 -29.93 0.29 -19.95
C VAL C 576 -31.28 0.43 -20.62
N ARG C 577 -32.16 -0.54 -20.38
CA ARG C 577 -33.49 -0.51 -20.98
C ARG C 577 -34.42 0.36 -20.15
N ASP C 578 -35.27 1.11 -20.83
CA ASP C 578 -36.27 1.92 -20.16
C ASP C 578 -37.28 1.02 -19.46
N PRO C 579 -37.54 1.21 -18.17
CA PRO C 579 -38.54 0.36 -17.50
C PRO C 579 -39.94 0.47 -18.06
N GLN C 580 -40.47 1.69 -18.22
CA GLN C 580 -41.87 1.85 -18.61
C GLN C 580 -42.13 1.27 -20.00
N THR C 581 -41.34 1.66 -20.99
CA THR C 581 -41.50 1.17 -22.34
C THR C 581 -40.26 0.41 -22.77
N LEU C 582 -40.47 -0.67 -23.52
CA LEU C 582 -39.40 -1.61 -23.86
C LEU C 582 -38.54 -1.10 -25.01
N GLU C 583 -37.87 0.02 -24.76
CA GLU C 583 -36.88 0.57 -25.68
C GLU C 583 -35.59 0.81 -24.91
N ILE C 584 -34.47 0.67 -25.61
CA ILE C 584 -33.16 0.69 -24.98
C ILE C 584 -32.59 2.09 -25.06
N LEU C 585 -31.97 2.53 -23.96
CA LEU C 585 -31.35 3.85 -23.87
C LEU C 585 -29.85 3.69 -23.71
N ASP C 586 -29.09 4.39 -24.54
CA ASP C 586 -27.64 4.43 -24.41
C ASP C 586 -27.28 5.39 -23.29
N ILE C 587 -26.31 5.02 -22.47
CA ILE C 587 -25.89 5.81 -21.33
C ILE C 587 -24.46 6.29 -21.57
N THR C 588 -24.25 7.60 -21.54
CA THR C 588 -22.92 8.15 -21.69
C THR C 588 -22.65 9.15 -20.57
N PRO C 589 -21.42 9.19 -20.07
CA PRO C 589 -21.13 10.03 -18.90
C PRO C 589 -21.28 11.51 -19.21
N CYS C 590 -21.59 12.28 -18.16
CA CYS C 590 -21.60 13.73 -18.30
C CYS C 590 -20.21 14.21 -18.68
N SER C 591 -20.15 15.19 -19.59
CA SER C 591 -18.89 15.64 -20.13
C SER C 591 -18.02 16.24 -19.04
N PHE C 592 -16.75 15.80 -19.00
CA PHE C 592 -15.76 16.40 -18.12
C PHE C 592 -14.42 16.42 -18.83
N GLY C 593 -13.55 17.32 -18.39
CA GLY C 593 -12.23 17.44 -18.97
C GLY C 593 -11.42 18.47 -18.22
N GLY C 594 -10.13 18.47 -18.51
CA GLY C 594 -9.23 19.40 -17.86
C GLY C 594 -9.44 20.83 -18.32
N VAL C 595 -9.11 21.77 -17.45
CA VAL C 595 -9.07 23.18 -17.78
C VAL C 595 -7.61 23.60 -17.71
N SER C 596 -7.04 23.94 -18.86
CA SER C 596 -5.63 24.28 -18.97
C SER C 596 -5.49 25.75 -19.31
N VAL C 597 -5.09 26.55 -18.33
CA VAL C 597 -4.84 27.97 -18.57
C VAL C 597 -3.62 28.10 -19.45
N ILE C 598 -3.71 28.94 -20.46
CA ILE C 598 -2.68 29.03 -21.48
C ILE C 598 -2.14 30.45 -21.40
N THR C 599 -1.05 30.65 -20.66
CA THR C 599 -0.63 31.99 -20.30
C THR C 599 0.81 32.24 -20.72
N PRO C 600 1.13 33.45 -21.19
CA PRO C 600 2.54 33.83 -21.31
C PRO C 600 3.10 34.16 -19.93
N GLY C 601 4.35 34.59 -19.85
CA GLY C 601 4.90 35.02 -18.58
C GLY C 601 4.08 36.14 -17.98
N THR C 602 3.81 36.08 -16.68
CA THR C 602 3.01 37.13 -16.05
C THR C 602 3.68 38.49 -16.20
N ASN C 603 5.01 38.53 -16.29
CA ASN C 603 5.70 39.78 -16.55
C ASN C 603 5.37 40.31 -17.94
N THR C 604 5.27 39.42 -18.93
CA THR C 604 4.97 39.85 -20.28
C THR C 604 3.53 40.36 -20.40
N SER C 605 2.57 39.60 -19.89
CA SER C 605 1.17 39.95 -20.05
C SER C 605 0.35 39.27 -18.98
N ASN C 606 -0.86 39.80 -18.76
CA ASN C 606 -1.81 39.22 -17.82
C ASN C 606 -3.02 38.61 -18.49
N GLN C 607 -3.10 38.65 -19.81
CA GLN C 607 -4.20 37.99 -20.51
C GLN C 607 -3.95 36.49 -20.58
N VAL C 608 -5.02 35.72 -20.41
CA VAL C 608 -4.96 34.26 -20.42
C VAL C 608 -6.05 33.71 -21.32
N ALA C 609 -5.80 32.53 -21.88
CA ALA C 609 -6.76 31.80 -22.67
C ALA C 609 -6.92 30.42 -22.07
N VAL C 610 -8.16 30.02 -21.79
CA VAL C 610 -8.43 28.75 -21.14
C VAL C 610 -8.76 27.70 -22.20
N LEU C 611 -8.13 26.54 -22.10
CA LEU C 611 -8.40 25.42 -23.00
C LEU C 611 -9.22 24.38 -22.24
N TYR C 612 -10.52 24.36 -22.49
CA TYR C 612 -11.34 23.25 -22.05
C TYR C 612 -11.05 22.04 -22.93
N GLN C 613 -10.99 20.86 -22.33
CA GLN C 613 -10.48 19.67 -22.99
C GLN C 613 -11.59 18.67 -23.24
N ASP C 614 -11.68 18.19 -24.48
CA ASP C 614 -12.58 17.12 -24.90
C ASP C 614 -14.04 17.43 -24.65
N VAL C 615 -14.46 18.68 -24.80
CA VAL C 615 -15.84 19.09 -24.57
C VAL C 615 -16.29 20.00 -25.70
N ASN C 616 -17.53 19.80 -26.16
CA ASN C 616 -18.11 20.69 -27.16
C ASN C 616 -18.26 22.10 -26.59
N CYS C 617 -17.97 23.09 -27.44
CA CYS C 617 -18.03 24.49 -27.01
C CYS C 617 -19.43 24.89 -26.57
N THR C 618 -20.47 24.25 -27.13
CA THR C 618 -21.83 24.64 -26.79
C THR C 618 -22.13 24.40 -25.31
N GLU C 619 -21.70 23.27 -24.78
CA GLU C 619 -21.94 22.93 -23.38
C GLU C 619 -20.84 23.42 -22.46
N VAL C 620 -19.86 24.17 -22.98
CA VAL C 620 -18.78 24.67 -22.14
C VAL C 620 -19.26 25.62 -21.05
N PRO C 621 -20.09 26.62 -21.32
CA PRO C 621 -20.48 27.55 -20.24
C PRO C 621 -21.16 26.87 -19.06
N VAL C 622 -21.98 25.85 -19.31
CA VAL C 622 -22.70 25.15 -18.26
C VAL C 622 -23.55 26.12 -17.44
N TYR C 636 -15.91 31.48 -20.31
CA TYR C 636 -14.87 32.49 -20.10
C TYR C 636 -15.33 33.82 -20.68
N SER C 637 -14.79 34.92 -20.14
CA SER C 637 -15.29 36.25 -20.45
C SER C 637 -15.14 36.60 -21.93
N THR C 638 -14.06 36.15 -22.56
CA THR C 638 -13.81 36.45 -23.97
C THR C 638 -14.57 35.47 -24.87
N GLY C 639 -15.90 35.59 -24.84
CA GLY C 639 -16.76 34.77 -25.67
C GLY C 639 -16.92 35.25 -27.08
N SER C 640 -16.33 36.40 -27.44
CA SER C 640 -16.39 36.88 -28.81
C SER C 640 -15.64 35.94 -29.76
N ASN C 641 -14.46 35.48 -29.35
CA ASN C 641 -13.66 34.55 -30.15
C ASN C 641 -13.59 33.21 -29.41
N VAL C 642 -14.08 32.17 -30.06
CA VAL C 642 -14.05 30.81 -29.52
C VAL C 642 -13.65 29.87 -30.66
N PHE C 643 -12.64 29.04 -30.41
CA PHE C 643 -12.12 28.12 -31.40
C PHE C 643 -12.36 26.69 -30.94
N GLN C 644 -12.63 25.80 -31.88
CA GLN C 644 -12.86 24.39 -31.58
C GLN C 644 -11.77 23.56 -32.24
N THR C 645 -10.90 22.98 -31.42
CA THR C 645 -9.83 22.10 -31.86
C THR C 645 -10.04 20.70 -31.29
N ARG C 646 -9.35 19.72 -31.89
CA ARG C 646 -9.50 18.34 -31.45
C ARG C 646 -9.15 18.18 -29.98
N ALA C 647 -8.27 19.02 -29.45
CA ALA C 647 -7.95 18.97 -28.03
C ALA C 647 -9.17 19.33 -27.18
N GLY C 648 -9.93 20.34 -27.61
CA GLY C 648 -11.11 20.75 -26.88
C GLY C 648 -11.55 22.13 -27.32
N CYS C 649 -12.33 22.77 -26.45
CA CYS C 649 -12.86 24.11 -26.70
C CYS C 649 -11.89 25.15 -26.17
N LEU C 650 -11.26 25.90 -27.07
CA LEU C 650 -10.25 26.89 -26.72
C LEU C 650 -10.88 28.28 -26.71
N ILE C 651 -10.99 28.87 -25.52
CA ILE C 651 -11.55 30.20 -25.35
C ILE C 651 -10.44 31.16 -24.99
N GLY C 652 -10.59 32.40 -25.45
CA GLY C 652 -9.60 33.43 -25.18
C GLY C 652 -8.52 33.55 -26.22
N ALA C 653 -8.40 32.59 -27.12
CA ALA C 653 -7.41 32.62 -28.18
C ALA C 653 -8.13 32.72 -29.52
N GLU C 654 -7.75 33.71 -30.32
CA GLU C 654 -8.32 33.88 -31.65
C GLU C 654 -7.57 32.99 -32.63
N HIS C 655 -8.31 32.12 -33.30
CA HIS C 655 -7.71 31.19 -34.25
C HIS C 655 -7.05 31.96 -35.38
N VAL C 656 -5.83 31.56 -35.72
CA VAL C 656 -5.05 32.19 -36.78
C VAL C 656 -4.74 31.16 -37.83
N ASN C 657 -5.23 31.40 -39.05
CA ASN C 657 -5.03 30.43 -40.13
C ASN C 657 -3.59 30.38 -40.61
N ASN C 658 -2.79 31.39 -40.30
CA ASN C 658 -1.37 31.33 -40.56
C ASN C 658 -0.70 30.44 -39.53
N SER C 659 0.37 29.76 -39.94
CA SER C 659 1.08 28.81 -39.10
C SER C 659 2.39 29.41 -38.60
N TYR C 660 2.65 29.28 -37.30
CA TYR C 660 3.86 29.75 -36.68
C TYR C 660 4.52 28.61 -35.91
N GLU C 661 5.75 28.83 -35.47
CA GLU C 661 6.45 27.84 -34.66
C GLU C 661 5.74 27.66 -33.32
N CYS C 662 5.86 26.46 -32.78
CA CYS C 662 5.18 26.13 -31.54
C CYS C 662 5.90 26.77 -30.37
N ASP C 663 5.17 27.56 -29.58
CA ASP C 663 5.67 28.11 -28.32
C ASP C 663 5.05 27.43 -27.11
N ILE C 664 3.72 27.35 -27.06
CA ILE C 664 3.00 26.60 -26.05
C ILE C 664 2.25 25.48 -26.75
N PRO C 665 2.55 24.21 -26.48
CA PRO C 665 1.80 23.12 -27.10
C PRO C 665 0.40 23.01 -26.49
N ILE C 666 -0.62 23.03 -27.35
CA ILE C 666 -1.99 23.03 -26.87
C ILE C 666 -2.52 21.61 -26.78
N GLY C 667 -2.25 20.80 -27.80
CA GLY C 667 -2.75 19.45 -27.84
C GLY C 667 -3.44 19.18 -29.16
N ALA C 668 -3.21 17.99 -29.72
CA ALA C 668 -3.84 17.59 -30.97
C ALA C 668 -3.51 18.55 -32.11
N GLY C 669 -2.30 19.09 -32.09
CA GLY C 669 -1.76 19.81 -33.23
C GLY C 669 -1.87 21.32 -33.20
N ILE C 670 -2.36 21.90 -32.13
CA ILE C 670 -2.49 23.35 -32.00
C ILE C 670 -1.39 23.85 -31.09
N CYS C 671 -0.86 25.03 -31.40
CA CYS C 671 0.11 25.71 -30.55
C CYS C 671 -0.30 27.17 -30.40
N ALA C 672 0.02 27.74 -29.25
CA ALA C 672 -0.35 29.11 -28.94
C ALA C 672 0.89 29.94 -28.63
N SER C 673 0.80 31.23 -28.92
CA SER C 673 1.88 32.16 -28.65
C SER C 673 1.31 33.56 -28.49
N TYR C 674 1.93 34.35 -27.63
CA TYR C 674 1.52 35.73 -27.41
C TYR C 674 2.20 36.59 -28.46
N GLN C 675 1.45 36.97 -29.48
CA GLN C 675 1.96 37.78 -30.59
C GLN C 675 1.16 39.07 -30.67
N THR C 676 1.87 40.20 -30.75
CA THR C 676 1.23 41.49 -30.87
C THR C 676 0.68 41.69 -32.28
N SER C 686 -2.88 45.72 -31.05
CA SER C 686 -3.52 44.43 -30.85
C SER C 686 -2.58 43.47 -30.12
N GLN C 687 -2.93 43.13 -28.88
CA GLN C 687 -2.17 42.20 -28.06
C GLN C 687 -3.12 41.14 -27.53
N SER C 688 -2.93 39.89 -27.98
CA SER C 688 -3.80 38.81 -27.54
C SER C 688 -3.09 37.49 -27.79
N ILE C 689 -3.49 36.47 -27.05
CA ILE C 689 -3.00 35.12 -27.26
C ILE C 689 -3.72 34.52 -28.46
N ILE C 690 -2.97 33.92 -29.37
CA ILE C 690 -3.53 33.32 -30.57
C ILE C 690 -3.46 31.81 -30.45
N ALA C 691 -4.23 31.13 -31.29
CA ALA C 691 -4.21 29.68 -31.39
C ALA C 691 -4.07 29.33 -32.87
N TYR C 692 -3.11 28.48 -33.21
CA TYR C 692 -2.80 28.21 -34.60
C TYR C 692 -2.27 26.79 -34.74
N THR C 693 -2.29 26.30 -35.97
CA THR C 693 -1.66 25.03 -36.28
C THR C 693 -0.15 25.20 -36.26
N MET C 694 0.55 24.31 -35.56
CA MET C 694 1.99 24.43 -35.43
C MET C 694 2.65 24.25 -36.79
N SER C 695 3.69 25.03 -37.03
CA SER C 695 4.48 24.95 -38.26
C SER C 695 5.67 24.04 -37.97
N LEU C 696 5.69 22.87 -38.60
CA LEU C 696 6.78 21.94 -38.39
C LEU C 696 8.10 22.44 -38.95
N GLY C 697 8.08 23.50 -39.73
CA GLY C 697 9.29 24.07 -40.28
C GLY C 697 9.04 24.65 -41.66
N ALA C 698 9.98 25.47 -42.10
CA ALA C 698 9.88 26.06 -43.43
C ALA C 698 10.02 24.97 -44.47
N GLU C 699 8.96 24.76 -45.26
CA GLU C 699 8.96 23.69 -46.25
C GLU C 699 10.03 23.96 -47.30
N ASN C 700 11.11 23.18 -47.26
CA ASN C 700 12.24 23.35 -48.15
C ASN C 700 12.17 22.31 -49.26
N SER C 701 12.16 22.77 -50.50
CA SER C 701 12.17 21.88 -51.66
C SER C 701 13.61 21.71 -52.10
N VAL C 702 14.23 20.62 -51.67
CA VAL C 702 15.58 20.31 -52.14
C VAL C 702 15.52 19.92 -53.61
N ALA C 703 16.43 20.51 -54.40
CA ALA C 703 16.42 20.34 -55.86
C ALA C 703 17.13 19.03 -56.24
N TYR C 704 16.48 17.93 -55.89
CA TYR C 704 16.99 16.61 -56.26
C TYR C 704 16.98 16.44 -57.76
N SER C 705 17.98 15.70 -58.26
CA SER C 705 18.05 15.41 -59.69
C SER C 705 18.95 14.19 -59.89
N ASN C 706 18.94 13.69 -61.13
CA ASN C 706 19.90 12.68 -61.54
C ASN C 706 21.33 13.15 -61.37
N ASN C 707 21.57 14.44 -61.52
CA ASN C 707 22.92 14.99 -61.58
C ASN C 707 23.00 16.32 -60.84
N SER C 708 22.47 16.37 -59.62
CA SER C 708 22.54 17.57 -58.81
C SER C 708 23.21 17.23 -57.48
N ILE C 709 24.33 17.89 -57.20
CA ILE C 709 25.07 17.72 -55.96
C ILE C 709 25.31 19.09 -55.35
N ALA C 710 25.05 19.23 -54.06
CA ALA C 710 25.31 20.47 -53.35
C ALA C 710 26.56 20.29 -52.48
N ILE C 711 27.48 21.25 -52.57
CA ILE C 711 28.73 21.16 -51.83
C ILE C 711 29.03 22.50 -51.17
N PRO C 712 29.31 22.53 -49.87
CA PRO C 712 29.57 23.81 -49.20
C PRO C 712 30.92 24.40 -49.57
N THR C 713 31.02 25.72 -49.42
CA THR C 713 32.21 26.48 -49.75
C THR C 713 33.03 26.85 -48.53
N ASN C 714 32.39 27.22 -47.43
CA ASN C 714 33.07 27.42 -46.16
C ASN C 714 32.21 26.79 -45.07
N PHE C 715 32.55 27.09 -43.82
CA PHE C 715 31.97 26.43 -42.67
C PHE C 715 31.74 27.46 -41.57
N THR C 716 31.18 27.00 -40.47
CA THR C 716 31.06 27.80 -39.26
C THR C 716 31.34 26.88 -38.08
N ILE C 717 32.47 27.08 -37.41
CA ILE C 717 32.80 26.26 -36.25
C ILE C 717 31.88 26.70 -35.13
N SER C 718 30.79 25.98 -34.95
CA SER C 718 29.77 26.34 -33.97
C SER C 718 29.86 25.38 -32.79
N VAL C 719 29.95 25.93 -31.59
CA VAL C 719 29.97 25.12 -30.37
C VAL C 719 28.59 25.22 -29.76
N THR C 720 28.03 24.08 -29.41
CA THR C 720 26.68 24.00 -28.85
C THR C 720 26.74 23.37 -27.47
N THR C 721 26.00 23.95 -26.55
CA THR C 721 25.97 23.49 -25.18
C THR C 721 24.85 22.49 -25.00
N GLU C 722 25.20 21.24 -24.71
CA GLU C 722 24.21 20.25 -24.29
C GLU C 722 24.47 19.92 -22.83
N ILE C 723 23.45 20.05 -22.00
CA ILE C 723 23.56 19.96 -20.56
C ILE C 723 22.95 18.65 -20.12
N LEU C 724 23.64 17.95 -19.21
CA LEU C 724 23.19 16.65 -18.75
C LEU C 724 23.25 16.63 -17.22
N PRO C 725 22.20 16.17 -16.56
CA PRO C 725 22.33 15.86 -15.13
C PRO C 725 23.31 14.71 -14.94
N VAL C 726 24.02 14.72 -13.82
CA VAL C 726 24.98 13.67 -13.53
C VAL C 726 24.67 13.09 -12.16
N SER C 727 24.10 13.88 -11.29
CA SER C 727 23.77 13.43 -9.94
C SER C 727 22.71 14.36 -9.37
N MET C 728 22.18 13.98 -8.21
CA MET C 728 21.27 14.84 -7.47
C MET C 728 21.78 14.93 -6.04
N THR C 729 21.11 15.74 -5.24
CA THR C 729 21.48 15.84 -3.83
C THR C 729 21.37 14.46 -3.18
N LYS C 730 22.37 14.13 -2.37
CA LYS C 730 22.40 12.83 -1.70
C LYS C 730 21.55 12.89 -0.44
N THR C 731 20.24 12.96 -0.65
CA THR C 731 19.32 12.91 0.47
C THR C 731 19.36 11.53 1.13
N SER C 732 19.21 11.51 2.44
CA SER C 732 19.19 10.28 3.21
C SER C 732 18.17 10.46 4.33
N VAL C 733 16.96 9.98 4.10
CA VAL C 733 15.88 10.14 5.06
C VAL C 733 15.99 9.03 6.10
N ASP C 734 16.11 9.43 7.37
CA ASP C 734 16.02 8.48 8.46
C ASP C 734 14.58 8.01 8.59
N CYS C 735 14.32 6.75 8.24
CA CYS C 735 12.96 6.23 8.31
C CYS C 735 12.39 6.34 9.71
N THR C 736 13.15 5.87 10.70
CA THR C 736 12.66 5.85 12.07
C THR C 736 12.38 7.25 12.59
N MET C 737 13.29 8.20 12.32
CA MET C 737 13.12 9.55 12.84
C MET C 737 12.10 10.34 12.02
N TYR C 738 12.01 10.09 10.71
CA TYR C 738 11.00 10.76 9.90
C TYR C 738 9.60 10.33 10.33
N ILE C 739 9.35 9.02 10.39
CA ILE C 739 8.01 8.55 10.71
C ILE C 739 7.69 8.83 12.17
N CYS C 740 8.65 8.58 13.06
CA CYS C 740 8.45 8.71 14.50
C CYS C 740 9.43 9.72 15.05
N GLY C 741 8.97 10.57 15.95
CA GLY C 741 9.81 11.59 16.56
C GLY C 741 10.73 11.01 17.60
N ASP C 742 10.91 11.76 18.68
CA ASP C 742 11.71 11.30 19.81
C ASP C 742 11.00 10.22 20.63
N SER C 743 9.77 9.87 20.26
CA SER C 743 8.99 8.93 21.06
C SER C 743 9.49 7.51 20.90
N THR C 744 9.41 6.74 21.99
CA THR C 744 9.76 5.33 21.95
C THR C 744 8.57 4.46 21.59
N GLU C 745 7.36 4.86 21.98
CA GLU C 745 6.19 4.04 21.69
C GLU C 745 5.90 4.00 20.19
N CYS C 746 6.15 5.11 19.49
CA CYS C 746 6.01 5.09 18.03
C CYS C 746 7.01 4.11 17.41
N SER C 747 8.24 4.08 17.91
CA SER C 747 9.22 3.14 17.40
C SER C 747 8.80 1.71 17.69
N ASN C 748 8.23 1.47 18.88
CA ASN C 748 7.75 0.14 19.21
C ASN C 748 6.64 -0.30 18.27
N LEU C 749 5.70 0.62 17.97
CA LEU C 749 4.61 0.26 17.08
C LEU C 749 5.08 0.06 15.65
N LEU C 750 6.08 0.83 15.22
CA LEU C 750 6.66 0.63 13.89
C LEU C 750 7.48 -0.64 13.82
N LEU C 751 7.99 -1.14 14.96
CA LEU C 751 8.77 -2.37 14.94
C LEU C 751 7.92 -3.57 14.52
N GLN C 752 6.61 -3.52 14.77
CA GLN C 752 5.73 -4.57 14.26
C GLN C 752 5.79 -4.62 12.74
N TYR C 753 5.79 -3.46 12.09
CA TYR C 753 6.12 -3.40 10.68
C TYR C 753 7.54 -3.90 10.52
N GLY C 754 7.70 -5.07 9.90
CA GLY C 754 8.92 -5.84 10.05
C GLY C 754 10.22 -5.17 9.70
N SER C 755 10.44 -4.90 8.41
CA SER C 755 11.74 -4.46 7.94
C SER C 755 11.62 -3.27 6.99
N PHE C 756 10.46 -2.61 6.95
CA PHE C 756 10.23 -1.56 5.96
C PHE C 756 11.26 -0.45 6.07
N CYS C 757 11.52 0.04 7.28
CA CYS C 757 12.46 1.14 7.45
C CYS C 757 13.87 0.74 7.06
N THR C 758 14.28 -0.49 7.38
CA THR C 758 15.58 -0.95 6.92
C THR C 758 15.65 -0.98 5.40
N GLN C 759 14.58 -1.45 4.75
CA GLN C 759 14.53 -1.47 3.29
C GLN C 759 14.67 -0.06 2.72
N LEU C 760 13.91 0.89 3.27
CA LEU C 760 13.91 2.25 2.73
C LEU C 760 15.26 2.93 2.97
N ASN C 761 15.82 2.74 4.16
CA ASN C 761 17.13 3.31 4.46
C ASN C 761 18.20 2.73 3.55
N ARG C 762 18.14 1.42 3.31
CA ARG C 762 19.08 0.80 2.39
C ARG C 762 18.90 1.33 0.98
N ALA C 763 17.65 1.54 0.56
CA ALA C 763 17.41 2.06 -0.78
C ALA C 763 17.98 3.47 -0.94
N LEU C 764 17.76 4.33 0.05
CA LEU C 764 18.27 5.69 -0.03
C LEU C 764 19.80 5.71 0.05
N THR C 765 20.37 4.84 0.89
CA THR C 765 21.83 4.73 0.96
C THR C 765 22.40 4.28 -0.38
N GLY C 766 21.74 3.31 -1.02
CA GLY C 766 22.17 2.89 -2.34
C GLY C 766 22.07 4.01 -3.36
N ILE C 767 21.01 4.81 -3.29
CA ILE C 767 20.87 5.94 -4.20
C ILE C 767 22.01 6.93 -4.00
N ALA C 768 22.32 7.26 -2.74
CA ALA C 768 23.39 8.22 -2.47
C ALA C 768 24.75 7.66 -2.92
N VAL C 769 25.02 6.40 -2.63
CA VAL C 769 26.28 5.80 -3.05
C VAL C 769 26.39 5.78 -4.55
N GLU C 770 25.30 5.46 -5.25
CA GLU C 770 25.35 5.45 -6.70
C GLU C 770 25.42 6.85 -7.27
N GLN C 771 25.00 7.88 -6.52
CA GLN C 771 25.24 9.25 -6.97
C GLN C 771 26.71 9.61 -6.86
N ASP C 772 27.36 9.18 -5.77
CA ASP C 772 28.81 9.35 -5.66
C ASP C 772 29.52 8.65 -6.81
N LYS C 773 29.13 7.40 -7.07
CA LYS C 773 29.71 6.66 -8.18
C LYS C 773 29.36 7.29 -9.51
N ASN C 774 28.20 7.96 -9.60
CA ASN C 774 27.81 8.63 -10.82
C ASN C 774 28.76 9.78 -11.13
N THR C 775 29.00 10.63 -10.13
CA THR C 775 29.97 11.70 -10.31
C THR C 775 31.35 11.15 -10.61
N GLN C 776 31.73 10.07 -9.93
CA GLN C 776 33.06 9.50 -10.14
C GLN C 776 33.22 8.91 -11.54
N GLU C 777 32.18 8.26 -12.06
CA GLU C 777 32.25 7.68 -13.39
C GLU C 777 32.21 8.76 -14.47
N VAL C 778 31.48 9.85 -14.22
CA VAL C 778 31.41 10.91 -15.20
C VAL C 778 32.71 11.69 -15.24
N PHE C 779 33.14 12.22 -14.09
CA PHE C 779 34.24 13.17 -14.02
C PHE C 779 35.60 12.50 -13.84
N ALA C 780 35.70 11.49 -12.99
CA ALA C 780 36.99 10.87 -12.73
C ALA C 780 37.34 9.85 -13.81
N GLN C 781 37.19 10.26 -15.07
CA GLN C 781 37.61 9.44 -16.19
C GLN C 781 39.13 9.42 -16.34
N VAL C 782 39.83 10.29 -15.63
CA VAL C 782 41.26 10.46 -15.78
C VAL C 782 41.94 10.10 -14.47
N LYS C 783 43.19 9.66 -14.56
CA LYS C 783 43.97 9.21 -13.42
C LYS C 783 44.89 10.29 -12.89
N GLN C 784 45.72 10.87 -13.75
CA GLN C 784 46.66 11.91 -13.38
C GLN C 784 46.04 13.27 -13.62
N ILE C 785 46.22 14.18 -12.66
CA ILE C 785 45.65 15.52 -12.75
C ILE C 785 46.58 16.37 -13.59
N TYR C 786 46.15 16.71 -14.80
CA TYR C 786 46.95 17.52 -15.71
C TYR C 786 46.72 19.00 -15.43
N LYS C 787 47.70 19.81 -15.82
CA LYS C 787 47.59 21.25 -15.72
C LYS C 787 48.07 21.88 -17.02
N THR C 788 47.40 22.95 -17.42
CA THR C 788 47.72 23.62 -18.67
C THR C 788 49.05 24.37 -18.53
N PRO C 789 49.79 24.52 -19.62
CA PRO C 789 51.07 25.23 -19.55
C PRO C 789 50.87 26.65 -19.08
N PRO C 790 51.85 27.22 -18.38
CA PRO C 790 51.67 28.58 -17.85
C PRO C 790 51.43 29.63 -18.90
N ILE C 791 52.01 29.48 -20.09
CA ILE C 791 51.81 30.41 -21.20
C ILE C 791 50.75 29.83 -22.13
N LYS C 792 49.73 30.63 -22.43
CA LYS C 792 48.59 30.18 -23.22
C LYS C 792 48.80 30.63 -24.67
N ASP C 793 49.64 29.88 -25.38
CA ASP C 793 49.91 30.12 -26.80
C ASP C 793 49.45 28.90 -27.57
N PHE C 794 48.16 28.86 -27.91
CA PHE C 794 47.55 27.73 -28.59
C PHE C 794 47.23 28.06 -30.05
N GLY C 795 48.09 28.85 -30.69
CA GLY C 795 47.89 29.14 -32.09
C GLY C 795 46.70 30.03 -32.39
N GLY C 796 46.29 30.85 -31.43
CA GLY C 796 45.19 31.77 -31.61
C GLY C 796 43.92 31.37 -30.88
N PHE C 797 43.73 30.09 -30.61
CA PHE C 797 42.56 29.65 -29.85
C PHE C 797 42.62 30.23 -28.45
N ASN C 798 41.52 30.82 -28.01
CA ASN C 798 41.47 31.51 -26.73
C ASN C 798 40.61 30.68 -25.77
N PHE C 799 41.27 30.07 -24.79
CA PHE C 799 40.60 29.23 -23.81
C PHE C 799 40.41 29.93 -22.48
N SER C 800 40.59 31.25 -22.42
CA SER C 800 40.52 31.95 -21.15
C SER C 800 39.12 31.82 -20.54
N GLN C 801 38.08 31.91 -21.36
CA GLN C 801 36.72 31.79 -20.88
C GLN C 801 36.42 30.41 -20.32
N ILE C 802 37.23 29.41 -20.63
CA ILE C 802 36.88 28.02 -20.36
C ILE C 802 37.87 27.35 -19.41
N LEU C 803 39.12 27.82 -19.30
CA LEU C 803 40.10 27.32 -18.36
C LEU C 803 40.01 28.09 -17.05
N PRO C 804 40.36 27.46 -15.92
CA PRO C 804 40.17 28.12 -14.62
C PRO C 804 40.97 29.41 -14.52
N ASP C 805 40.37 30.41 -13.88
CA ASP C 805 41.00 31.71 -13.71
C ASP C 805 41.65 31.77 -12.34
N PRO C 806 42.97 31.92 -12.25
CA PRO C 806 43.62 31.94 -10.93
C PRO C 806 43.23 33.11 -10.06
N SER C 807 42.73 34.20 -10.65
CA SER C 807 42.42 35.39 -9.86
C SER C 807 41.30 35.14 -8.86
N LYS C 808 40.27 34.41 -9.27
CA LYS C 808 39.16 34.14 -8.38
C LYS C 808 39.59 33.19 -7.26
N PRO C 809 39.00 33.34 -6.06
CA PRO C 809 39.38 32.45 -4.95
C PRO C 809 39.12 30.98 -5.26
N SER C 810 38.05 30.68 -5.98
CA SER C 810 37.78 29.33 -6.47
C SER C 810 38.30 29.22 -7.90
N LYS C 811 38.98 28.13 -8.20
CA LYS C 811 39.63 27.97 -9.50
C LYS C 811 38.62 27.44 -10.51
N ARG C 812 37.59 28.26 -10.75
CA ARG C 812 36.55 27.98 -11.72
C ARG C 812 36.69 28.94 -12.89
N SER C 813 36.43 28.46 -14.09
CA SER C 813 36.50 29.30 -15.26
C SER C 813 35.33 30.28 -15.27
N PRO C 814 35.45 31.38 -16.02
CA PRO C 814 34.31 32.31 -16.11
C PRO C 814 33.03 31.65 -16.60
N ILE C 815 33.11 30.76 -17.59
CA ILE C 815 31.92 30.01 -18.00
C ILE C 815 31.43 29.17 -16.84
N GLU C 816 32.35 28.54 -16.11
CA GLU C 816 31.95 27.78 -14.93
C GLU C 816 31.28 28.66 -13.89
N ASP C 817 31.82 29.87 -13.67
CA ASP C 817 31.21 30.76 -12.71
C ASP C 817 29.80 31.15 -13.12
N LEU C 818 29.61 31.43 -14.41
CA LEU C 818 28.25 31.69 -14.91
C LEU C 818 27.35 30.50 -14.66
N LEU C 819 27.85 29.28 -14.90
CA LEU C 819 27.02 28.09 -14.71
C LEU C 819 26.63 27.89 -13.26
N PHE C 820 27.57 28.09 -12.33
CA PHE C 820 27.22 27.97 -10.91
C PHE C 820 26.29 29.08 -10.45
N ASN C 821 26.43 30.29 -10.98
CA ASN C 821 25.54 31.37 -10.54
C ASN C 821 24.13 31.19 -11.11
N LYS C 822 24.01 30.66 -12.33
CA LYS C 822 22.70 30.50 -12.93
C LYS C 822 21.84 29.50 -12.16
N VAL C 823 22.42 28.37 -11.77
CA VAL C 823 21.66 27.33 -11.10
C VAL C 823 21.51 27.68 -9.63
N THR C 824 20.27 27.71 -9.15
CA THR C 824 20.00 28.11 -7.78
C THR C 824 19.64 26.91 -6.91
N LYS C 851 13.84 22.96 10.18
CA LYS C 851 14.54 22.73 8.92
C LYS C 851 14.70 21.24 8.64
N PHE C 852 15.28 20.52 9.59
CA PHE C 852 15.53 19.10 9.44
C PHE C 852 14.46 18.33 10.21
N ASN C 853 13.71 17.51 9.48
CA ASN C 853 12.67 16.67 10.09
C ASN C 853 12.98 15.21 9.82
N GLY C 854 14.22 14.80 10.06
CA GLY C 854 14.72 13.50 9.68
C GLY C 854 15.46 13.49 8.36
N LEU C 855 15.26 14.52 7.55
CA LEU C 855 15.97 14.63 6.28
C LEU C 855 17.36 15.20 6.51
N THR C 856 18.33 14.66 5.78
CA THR C 856 19.68 15.19 5.83
C THR C 856 20.31 15.04 4.46
N VAL C 857 21.14 16.00 4.09
CA VAL C 857 21.79 16.02 2.79
C VAL C 857 23.26 15.69 3.02
N LEU C 858 23.66 14.48 2.64
CA LEU C 858 25.06 14.10 2.74
C LEU C 858 25.89 14.88 1.74
N PRO C 859 27.04 15.42 2.12
CA PRO C 859 27.87 16.15 1.16
C PRO C 859 28.40 15.23 0.09
N PRO C 860 28.49 15.70 -1.15
CA PRO C 860 29.09 14.88 -2.20
C PRO C 860 30.54 14.58 -1.89
N LEU C 861 30.99 13.39 -2.27
CA LEU C 861 32.36 13.00 -1.98
C LEU C 861 33.35 13.93 -2.68
N LEU C 862 33.14 14.20 -3.95
CA LEU C 862 33.98 15.13 -4.69
C LEU C 862 33.39 16.54 -4.54
N THR C 863 34.09 17.40 -3.82
CA THR C 863 33.61 18.76 -3.64
C THR C 863 33.62 19.50 -4.98
N ASP C 864 32.90 20.62 -5.01
CA ASP C 864 32.83 21.42 -6.22
C ASP C 864 34.22 21.88 -6.66
N GLU C 865 35.10 22.17 -5.71
CA GLU C 865 36.49 22.49 -6.06
C GLU C 865 37.19 21.28 -6.68
N MET C 866 36.97 20.09 -6.13
CA MET C 866 37.60 18.89 -6.69
C MET C 866 37.03 18.53 -8.06
N ILE C 867 35.71 18.68 -8.23
CA ILE C 867 35.12 18.45 -9.54
C ILE C 867 35.64 19.47 -10.54
N ALA C 868 35.84 20.71 -10.09
CA ALA C 868 36.43 21.72 -10.95
C ALA C 868 37.87 21.35 -11.33
N GLN C 869 38.63 20.81 -10.37
CA GLN C 869 39.97 20.35 -10.68
C GLN C 869 39.94 19.18 -11.67
N TYR C 870 38.98 18.27 -11.52
CA TYR C 870 38.86 17.17 -12.46
C TYR C 870 38.53 17.67 -13.86
N THR C 871 37.59 18.61 -13.96
CA THR C 871 37.25 19.15 -15.27
C THR C 871 38.41 19.94 -15.86
N SER C 872 39.17 20.65 -15.01
CA SER C 872 40.34 21.36 -15.51
C SER C 872 41.42 20.41 -15.97
N ALA C 873 41.60 19.28 -15.28
CA ALA C 873 42.56 18.28 -15.71
C ALA C 873 42.14 17.64 -17.02
N LEU C 874 40.86 17.28 -17.13
CA LEU C 874 40.33 16.76 -18.39
C LEU C 874 40.53 17.77 -19.50
N LEU C 875 40.22 19.04 -19.23
CA LEU C 875 40.31 20.09 -20.23
C LEU C 875 41.76 20.34 -20.64
N ALA C 876 42.68 20.35 -19.69
CA ALA C 876 44.08 20.59 -20.01
C ALA C 876 44.68 19.40 -20.77
N GLY C 877 44.28 18.17 -20.39
CA GLY C 877 44.70 17.03 -21.18
C GLY C 877 44.13 17.06 -22.58
N THR C 878 42.86 17.46 -22.72
CA THR C 878 42.27 17.57 -24.05
C THR C 878 42.99 18.64 -24.87
N ILE C 879 43.41 19.73 -24.22
CA ILE C 879 44.08 20.81 -24.92
C ILE C 879 45.48 20.40 -25.35
N THR C 880 46.23 19.74 -24.47
CA THR C 880 47.65 19.49 -24.71
C THR C 880 47.92 18.16 -25.40
N SER C 881 47.02 17.18 -25.27
CA SER C 881 47.29 15.83 -25.76
C SER C 881 46.20 15.32 -26.68
N GLY C 882 44.95 15.70 -26.42
CA GLY C 882 43.85 15.34 -27.29
C GLY C 882 43.06 14.18 -26.71
N TRP C 883 42.86 13.14 -27.52
CA TRP C 883 42.20 11.93 -27.04
C TRP C 883 43.16 10.93 -26.41
N THR C 884 44.46 11.18 -26.51
CA THR C 884 45.44 10.17 -26.14
C THR C 884 45.52 9.98 -24.64
N PHE C 885 45.06 10.94 -23.85
CA PHE C 885 45.20 10.84 -22.41
C PHE C 885 44.17 9.94 -21.76
N GLY C 886 43.19 9.44 -22.52
CA GLY C 886 42.25 8.48 -21.98
C GLY C 886 42.47 7.09 -22.53
N ALA C 887 43.27 7.00 -23.59
CA ALA C 887 43.65 5.73 -24.20
C ALA C 887 45.11 5.37 -23.92
N GLY C 888 45.65 5.78 -22.78
CA GLY C 888 47.02 5.46 -22.43
C GLY C 888 47.66 6.56 -21.61
N PRO C 889 48.89 6.91 -21.96
CA PRO C 889 49.53 8.09 -21.37
C PRO C 889 49.28 9.33 -22.23
N ALA C 890 49.32 10.48 -21.57
CA ALA C 890 49.08 11.73 -22.29
C ALA C 890 50.27 12.04 -23.18
N LEU C 891 49.99 12.33 -24.45
CA LEU C 891 51.01 12.57 -25.46
C LEU C 891 50.89 14.01 -25.91
N GLN C 892 51.89 14.83 -25.60
CA GLN C 892 51.81 16.25 -25.94
C GLN C 892 51.71 16.44 -27.44
N ILE C 893 51.00 17.49 -27.83
CA ILE C 893 50.71 17.78 -29.24
C ILE C 893 50.23 19.23 -29.30
N PRO C 894 50.71 20.03 -30.25
CA PRO C 894 50.20 21.40 -30.38
C PRO C 894 48.72 21.39 -30.68
N PHE C 895 47.99 22.35 -30.08
CA PHE C 895 46.54 22.37 -30.28
C PHE C 895 46.12 22.55 -31.73
N PRO C 896 46.74 23.41 -32.55
CA PRO C 896 46.38 23.40 -33.97
C PRO C 896 46.54 22.04 -34.61
N MET C 897 47.56 21.27 -34.21
CA MET C 897 47.71 19.93 -34.73
C MET C 897 46.57 19.02 -34.27
N GLN C 898 46.14 19.19 -33.01
CA GLN C 898 45.01 18.40 -32.53
C GLN C 898 43.74 18.73 -33.29
N MET C 899 43.49 20.01 -33.56
CA MET C 899 42.34 20.37 -34.38
C MET C 899 42.48 19.83 -35.79
N ALA C 900 43.70 19.71 -36.31
CA ALA C 900 43.88 19.06 -37.59
C ALA C 900 43.47 17.60 -37.52
N TYR C 901 43.83 16.92 -36.43
CA TYR C 901 43.34 15.57 -36.18
C TYR C 901 41.83 15.53 -36.24
N ARG C 902 41.18 16.41 -35.47
CA ARG C 902 39.72 16.38 -35.39
C ARG C 902 39.08 16.66 -36.75
N PHE C 903 39.65 17.59 -37.51
CA PHE C 903 39.17 17.82 -38.88
C PHE C 903 39.31 16.55 -39.71
N ASN C 904 40.47 15.90 -39.64
CA ASN C 904 40.66 14.67 -40.39
C ASN C 904 39.70 13.58 -39.94
N GLY C 905 39.12 13.72 -38.75
CA GLY C 905 38.18 12.72 -38.27
C GLY C 905 36.79 12.85 -38.85
N ILE C 906 36.52 13.91 -39.62
CA ILE C 906 35.23 14.12 -40.24
C ILE C 906 35.33 14.20 -41.77
N GLY C 907 36.40 13.66 -42.34
CA GLY C 907 36.54 13.70 -43.78
C GLY C 907 37.01 15.01 -44.36
N VAL C 908 37.33 15.98 -43.51
CA VAL C 908 37.84 17.28 -43.95
C VAL C 908 39.35 17.28 -43.74
N THR C 909 40.10 17.29 -44.82
CA THR C 909 41.54 17.14 -44.73
C THR C 909 42.16 18.32 -43.98
N GLN C 910 43.39 18.10 -43.49
CA GLN C 910 44.01 19.01 -42.54
C GLN C 910 44.26 20.39 -43.15
N ASN C 911 44.54 20.45 -44.44
CA ASN C 911 44.85 21.72 -45.08
C ASN C 911 43.71 22.71 -44.91
N VAL C 912 42.48 22.22 -44.76
CA VAL C 912 41.34 23.11 -44.57
C VAL C 912 41.56 23.97 -43.33
N LEU C 913 42.07 23.37 -42.26
CA LEU C 913 42.30 24.16 -41.04
C LEU C 913 43.63 24.88 -41.07
N TYR C 914 44.69 24.20 -41.52
CA TYR C 914 45.99 24.88 -41.51
C TYR C 914 45.99 26.10 -42.42
N GLU C 915 45.13 26.13 -43.42
CA GLU C 915 44.99 27.28 -44.29
C GLU C 915 43.92 28.26 -43.82
N ASN C 916 43.16 27.91 -42.79
CA ASN C 916 42.16 28.80 -42.21
C ASN C 916 42.34 28.89 -40.70
N GLN C 917 43.57 28.79 -40.21
CA GLN C 917 43.79 28.67 -38.77
C GLN C 917 43.31 29.91 -38.03
N LYS C 918 43.66 31.10 -38.54
CA LYS C 918 43.21 32.34 -37.90
C LYS C 918 41.70 32.47 -37.95
N LEU C 919 41.11 32.16 -39.10
CA LEU C 919 39.65 32.23 -39.24
C LEU C 919 38.95 31.28 -38.28
N ILE C 920 39.45 30.04 -38.19
CA ILE C 920 38.82 29.06 -37.32
C ILE C 920 39.01 29.45 -35.85
N ALA C 921 40.18 29.99 -35.51
CA ALA C 921 40.41 30.43 -34.14
C ALA C 921 39.47 31.57 -33.77
N ASN C 922 39.29 32.54 -34.68
CA ASN C 922 38.37 33.64 -34.41
C ASN C 922 36.93 33.15 -34.31
N GLN C 923 36.53 32.24 -35.19
CA GLN C 923 35.18 31.68 -35.11
C GLN C 923 34.97 30.94 -33.81
N PHE C 924 35.98 30.19 -33.37
CA PHE C 924 35.88 29.45 -32.10
C PHE C 924 35.79 30.39 -30.92
N ASN C 925 36.60 31.46 -30.91
CA ASN C 925 36.55 32.41 -29.80
C ASN C 925 35.20 33.13 -29.76
N SER C 926 34.71 33.55 -30.93
CA SER C 926 33.40 34.20 -30.98
C SER C 926 32.31 33.23 -30.56
N ALA C 927 32.43 31.96 -30.93
CA ALA C 927 31.46 30.97 -30.51
C ALA C 927 31.44 30.83 -29.00
N ILE C 928 32.61 30.78 -28.38
CA ILE C 928 32.67 30.66 -26.92
C ILE C 928 32.06 31.89 -26.26
N GLY C 929 32.39 33.09 -26.78
CA GLY C 929 31.79 34.29 -26.25
C GLY C 929 30.27 34.29 -26.39
N LYS C 930 29.78 33.78 -27.51
CA LYS C 930 28.34 33.68 -27.71
C LYS C 930 27.71 32.73 -26.71
N ILE C 931 28.39 31.61 -26.39
CA ILE C 931 27.88 30.73 -25.35
C ILE C 931 27.82 31.45 -24.02
N GLN C 932 28.86 32.22 -23.71
CA GLN C 932 28.87 32.95 -22.44
C GLN C 932 27.69 33.92 -22.37
N ASP C 933 27.47 34.67 -23.45
CA ASP C 933 26.37 35.63 -23.47
C ASP C 933 25.02 34.94 -23.42
N SER C 934 24.84 33.86 -24.17
CA SER C 934 23.55 33.17 -24.19
C SER C 934 23.23 32.54 -22.84
N LEU C 935 24.25 31.98 -22.18
CA LEU C 935 24.05 31.44 -20.84
C LEU C 935 23.70 32.56 -19.86
N SER C 936 24.38 33.71 -19.96
CA SER C 936 24.10 34.82 -19.06
C SER C 936 22.69 35.36 -19.24
N SER C 937 22.24 35.49 -20.49
CA SER C 937 20.98 36.16 -20.76
C SER C 937 19.78 35.27 -20.48
N THR C 938 19.67 34.15 -21.17
CA THR C 938 18.49 33.31 -21.06
C THR C 938 18.45 32.63 -19.69
N PRO C 939 17.38 32.79 -18.92
CA PRO C 939 17.31 32.11 -17.62
C PRO C 939 16.97 30.63 -17.72
N SER C 940 16.46 30.18 -18.86
CA SER C 940 16.13 28.78 -19.09
C SER C 940 17.23 28.03 -19.82
N ALA C 941 18.43 28.64 -19.95
CA ALA C 941 19.54 27.95 -20.59
C ALA C 941 19.95 26.71 -19.81
N LEU C 942 20.06 26.85 -18.48
CA LEU C 942 20.36 25.72 -17.60
C LEU C 942 19.08 24.98 -17.20
N GLY C 943 18.29 24.62 -18.20
CA GLY C 943 16.97 24.06 -17.91
C GLY C 943 17.02 22.70 -17.24
N LYS C 944 17.90 21.82 -17.71
CA LYS C 944 17.88 20.43 -17.24
C LYS C 944 18.32 20.32 -15.79
N LEU C 945 19.45 20.92 -15.44
CA LEU C 945 19.91 20.86 -14.06
C LEU C 945 18.93 21.57 -13.13
N GLN C 946 18.43 22.72 -13.57
CA GLN C 946 17.48 23.46 -12.73
C GLN C 946 16.21 22.67 -12.49
N ASP C 947 15.70 22.00 -13.52
CA ASP C 947 14.47 21.24 -13.29
C ASP C 947 14.73 19.94 -12.55
N VAL C 948 15.94 19.39 -12.60
CA VAL C 948 16.27 18.26 -11.73
C VAL C 948 16.28 18.69 -10.28
N VAL C 949 16.93 19.82 -9.99
CA VAL C 949 16.92 20.37 -8.64
C VAL C 949 15.50 20.68 -8.21
N ASN C 950 14.68 21.19 -9.13
CA ASN C 950 13.30 21.53 -8.81
C ASN C 950 12.47 20.28 -8.52
N GLN C 951 12.66 19.21 -9.29
CA GLN C 951 11.95 17.97 -8.99
C GLN C 951 12.36 17.42 -7.64
N ASN C 952 13.65 17.45 -7.32
CA ASN C 952 14.09 16.96 -6.02
C ASN C 952 13.52 17.82 -4.90
N ALA C 953 13.52 19.14 -5.08
CA ALA C 953 12.98 20.03 -4.07
C ALA C 953 11.47 19.85 -3.90
N GLN C 954 10.74 19.68 -5.00
CA GLN C 954 9.32 19.39 -4.90
C GLN C 954 9.07 18.08 -4.18
N ALA C 955 9.87 17.06 -4.48
CA ALA C 955 9.72 15.78 -3.81
C ALA C 955 9.94 15.93 -2.32
N LEU C 956 10.99 16.65 -1.93
CA LEU C 956 11.27 16.83 -0.50
C LEU C 956 10.18 17.66 0.17
N ASN C 957 9.71 18.70 -0.50
CA ASN C 957 8.68 19.56 0.09
C ASN C 957 7.35 18.82 0.24
N THR C 958 6.99 18.01 -0.75
CA THR C 958 5.83 17.15 -0.60
C THR C 958 6.03 16.16 0.52
N LEU C 959 7.25 15.62 0.64
CA LEU C 959 7.55 14.70 1.73
C LEU C 959 7.31 15.36 3.08
N VAL C 960 7.78 16.59 3.26
CA VAL C 960 7.64 17.25 4.56
C VAL C 960 6.21 17.70 4.79
N LYS C 961 5.54 18.20 3.74
CA LYS C 961 4.13 18.55 3.87
C LYS C 961 3.27 17.35 4.20
N GLN C 962 3.71 16.15 3.84
CA GLN C 962 2.98 14.95 4.19
C GLN C 962 2.89 14.75 5.70
N LEU C 963 3.77 15.39 6.47
CA LEU C 963 3.65 15.30 7.91
C LEU C 963 2.38 15.98 8.40
N SER C 964 1.98 17.07 7.75
CA SER C 964 0.79 17.81 8.14
C SER C 964 -0.50 17.06 7.81
N SER C 965 -0.43 15.99 7.03
CA SER C 965 -1.63 15.25 6.65
C SER C 965 -2.11 14.40 7.82
N ASN C 966 -3.41 14.45 8.08
CA ASN C 966 -3.96 13.71 9.21
C ASN C 966 -3.99 12.21 8.95
N PHE C 967 -4.23 11.80 7.70
CA PHE C 967 -4.38 10.40 7.33
C PHE C 967 -5.50 9.73 8.11
N GLY C 968 -6.47 10.52 8.58
CA GLY C 968 -7.53 10.00 9.41
C GLY C 968 -7.24 10.02 10.89
N ALA C 969 -6.01 10.31 11.28
CA ALA C 969 -5.67 10.47 12.69
C ALA C 969 -6.21 11.81 13.20
N ILE C 970 -6.47 11.86 14.51
CA ILE C 970 -7.08 13.05 15.09
C ILE C 970 -6.12 14.23 15.00
N SER C 971 -4.83 13.96 14.86
CA SER C 971 -3.82 15.01 14.75
C SER C 971 -2.75 14.55 13.79
N SER C 972 -2.01 15.51 13.25
CA SER C 972 -0.92 15.22 12.33
C SER C 972 0.44 15.47 12.96
N VAL C 973 0.48 15.78 14.25
CA VAL C 973 1.73 15.95 14.99
C VAL C 973 1.79 14.84 16.03
N LEU C 974 2.98 14.24 16.17
CA LEU C 974 3.13 13.12 17.09
C LEU C 974 2.80 13.50 18.51
N ASN C 975 3.27 14.66 18.96
CA ASN C 975 3.23 15.02 20.37
C ASN C 975 1.79 15.16 20.87
N ASP C 976 0.90 15.73 20.06
CA ASP C 976 -0.50 15.84 20.46
C ASP C 976 -1.17 14.47 20.53
N ILE C 977 -0.61 13.47 19.87
CA ILE C 977 -1.14 12.11 19.98
C ILE C 977 -0.58 11.41 21.21
N LEU C 978 0.74 11.43 21.36
CA LEU C 978 1.37 10.74 22.48
C LEU C 978 0.93 11.33 23.82
N SER C 979 1.04 12.65 23.97
CA SER C 979 0.32 13.31 25.04
C SER C 979 -1.16 13.34 24.69
N ARG C 980 -1.99 13.55 25.70
CA ARG C 980 -3.43 13.77 25.53
C ARG C 980 -4.17 12.49 25.16
N LEU C 981 -3.47 11.37 24.97
CA LEU C 981 -4.12 10.10 24.68
C LEU C 981 -3.49 8.99 25.50
N ASP C 982 -4.33 8.08 25.93
CA ASP C 982 -3.92 6.85 26.56
C ASP C 982 -3.77 5.75 25.52
N PRO C 983 -2.85 4.81 25.75
CA PRO C 983 -2.51 3.82 24.72
C PRO C 983 -3.71 3.04 24.19
N PRO C 984 -4.73 2.71 25.03
CA PRO C 984 -5.93 2.03 24.49
C PRO C 984 -6.38 2.48 23.10
N GLU C 985 -6.42 3.79 22.84
CA GLU C 985 -6.70 4.29 21.51
C GLU C 985 -5.53 5.01 20.85
N ALA C 986 -4.53 5.43 21.64
CA ALA C 986 -3.33 5.99 21.05
C ALA C 986 -2.63 5.00 20.15
N GLU C 987 -2.71 3.70 20.48
CA GLU C 987 -2.13 2.68 19.62
C GLU C 987 -2.72 2.77 18.22
N VAL C 988 -4.05 2.80 18.11
CA VAL C 988 -4.68 2.79 16.79
C VAL C 988 -4.46 4.12 16.07
N GLN C 989 -4.51 5.25 16.79
CA GLN C 989 -4.29 6.54 16.13
C GLN C 989 -2.86 6.61 15.58
N ILE C 990 -1.89 6.21 16.40
CA ILE C 990 -0.50 6.24 15.99
C ILE C 990 -0.26 5.25 14.86
N ASP C 991 -0.95 4.11 14.89
CA ASP C 991 -0.82 3.13 13.82
C ASP C 991 -1.34 3.69 12.50
N ARG C 992 -2.47 4.39 12.54
CA ARG C 992 -2.98 5.04 11.34
C ARG C 992 -1.97 6.05 10.79
N LEU C 993 -1.41 6.87 11.68
CA LEU C 993 -0.44 7.86 11.22
C LEU C 993 0.83 7.21 10.68
N ILE C 994 1.28 6.13 11.33
CA ILE C 994 2.46 5.41 10.87
C ILE C 994 2.21 4.80 9.50
N THR C 995 1.04 4.20 9.30
CA THR C 995 0.72 3.62 8.01
C THR C 995 0.71 4.69 6.93
N GLY C 996 0.09 5.83 7.22
CA GLY C 996 0.05 6.90 6.22
C GLY C 996 1.43 7.44 5.89
N ARG C 997 2.24 7.71 6.92
CA ARG C 997 3.55 8.29 6.67
C ARG C 997 4.50 7.29 6.05
N LEU C 998 4.37 6.01 6.39
CA LEU C 998 5.16 4.98 5.74
C LEU C 998 4.76 4.82 4.29
N GLN C 999 3.46 4.94 3.98
CA GLN C 999 3.04 4.96 2.58
C GLN C 999 3.64 6.15 1.85
N SER C 1000 3.65 7.32 2.51
CA SER C 1000 4.23 8.50 1.88
C SER C 1000 5.73 8.34 1.65
N LEU C 1001 6.44 7.78 2.63
CA LEU C 1001 7.87 7.56 2.47
C LEU C 1001 8.16 6.51 1.42
N GLN C 1002 7.34 5.47 1.36
CA GLN C 1002 7.49 4.46 0.32
C GLN C 1002 7.26 5.06 -1.06
N THR C 1003 6.25 5.91 -1.18
CA THR C 1003 6.02 6.63 -2.43
C THR C 1003 7.21 7.50 -2.78
N TYR C 1004 7.76 8.19 -1.79
CA TYR C 1004 8.90 9.06 -2.04
C TYR C 1004 10.11 8.27 -2.51
N VAL C 1005 10.40 7.15 -1.84
CA VAL C 1005 11.59 6.39 -2.19
C VAL C 1005 11.40 5.67 -3.52
N THR C 1006 10.18 5.23 -3.84
CA THR C 1006 9.96 4.61 -5.13
C THR C 1006 10.07 5.64 -6.25
N GLN C 1007 9.47 6.81 -6.07
CA GLN C 1007 9.63 7.88 -7.04
C GLN C 1007 11.08 8.29 -7.18
N GLN C 1008 11.80 8.35 -6.05
CA GLN C 1008 13.21 8.72 -6.06
C GLN C 1008 14.06 7.64 -6.70
N LEU C 1009 13.66 6.37 -6.58
CA LEU C 1009 14.38 5.30 -7.23
C LEU C 1009 14.17 5.34 -8.73
N ILE C 1010 12.95 5.63 -9.17
CA ILE C 1010 12.70 5.81 -10.60
C ILE C 1010 13.49 7.01 -11.12
N ARG C 1011 13.47 8.11 -10.38
CA ARG C 1011 14.19 9.31 -10.78
C ARG C 1011 15.70 9.09 -10.74
N ALA C 1012 16.18 8.26 -9.80
CA ALA C 1012 17.60 7.97 -9.74
C ALA C 1012 18.02 7.03 -10.85
N ALA C 1013 17.14 6.14 -11.28
CA ALA C 1013 17.41 5.36 -12.48
C ALA C 1013 17.45 6.26 -13.70
N GLU C 1014 16.57 7.26 -13.76
CA GLU C 1014 16.60 8.24 -14.84
C GLU C 1014 17.90 9.05 -14.82
N ILE C 1015 18.31 9.50 -13.64
CA ILE C 1015 19.54 10.26 -13.48
C ILE C 1015 20.74 9.38 -13.76
N ARG C 1016 20.67 8.10 -13.41
CA ARG C 1016 21.76 7.17 -13.67
C ARG C 1016 21.88 6.86 -15.14
N ALA C 1017 20.76 6.78 -15.85
CA ALA C 1017 20.82 6.66 -17.31
C ALA C 1017 21.41 7.92 -17.92
N SER C 1018 21.02 9.09 -17.41
CA SER C 1018 21.58 10.34 -17.91
C SER C 1018 23.06 10.47 -17.58
N ALA C 1019 23.48 9.96 -16.43
CA ALA C 1019 24.87 10.01 -16.02
C ALA C 1019 25.72 8.97 -16.71
N ASN C 1020 25.15 7.81 -17.04
CA ASN C 1020 25.85 6.87 -17.91
C ASN C 1020 25.98 7.43 -19.31
N LEU C 1021 24.95 8.12 -19.78
CA LEU C 1021 25.05 8.83 -21.04
C LEU C 1021 26.10 9.93 -20.96
N ALA C 1022 26.18 10.62 -19.82
CA ALA C 1022 27.19 11.66 -19.64
C ALA C 1022 28.59 11.07 -19.58
N ALA C 1023 28.75 9.93 -18.92
CA ALA C 1023 30.05 9.28 -18.85
C ALA C 1023 30.49 8.78 -20.23
N THR C 1024 29.57 8.16 -20.97
CA THR C 1024 29.93 7.72 -22.31
C THR C 1024 30.08 8.89 -23.27
N LYS C 1025 29.40 10.00 -23.00
CA LYS C 1025 29.59 11.21 -23.80
C LYS C 1025 30.95 11.83 -23.53
N MET C 1026 31.36 11.86 -22.26
CA MET C 1026 32.72 12.23 -21.92
C MET C 1026 33.72 11.33 -22.65
N SER C 1027 33.53 10.02 -22.52
CA SER C 1027 34.48 9.08 -23.08
C SER C 1027 34.57 9.17 -24.60
N GLU C 1028 33.45 9.39 -25.28
CA GLU C 1028 33.44 9.38 -26.73
C GLU C 1028 33.53 10.75 -27.37
N CYS C 1029 33.42 11.84 -26.60
CA CYS C 1029 33.41 13.17 -27.17
C CYS C 1029 34.59 14.01 -26.70
N VAL C 1030 34.96 13.95 -25.41
CA VAL C 1030 36.09 14.75 -24.97
C VAL C 1030 37.31 13.84 -24.81
N LEU C 1031 37.10 12.60 -24.42
CA LEU C 1031 38.19 11.63 -24.40
C LEU C 1031 38.48 11.07 -25.79
N GLY C 1032 37.68 11.43 -26.79
CA GLY C 1032 37.93 11.01 -28.15
C GLY C 1032 36.97 11.72 -29.08
N GLN C 1033 37.28 11.65 -30.37
CA GLN C 1033 36.40 12.23 -31.37
C GLN C 1033 35.38 11.19 -31.83
N SER C 1034 34.12 11.60 -31.91
CA SER C 1034 33.02 10.71 -32.17
C SER C 1034 32.53 10.86 -33.60
N LYS C 1035 32.52 9.75 -34.35
CA LYS C 1035 31.83 9.67 -35.62
C LYS C 1035 30.37 9.29 -35.45
N ARG C 1036 29.94 9.07 -34.22
CA ARG C 1036 28.58 8.66 -33.88
C ARG C 1036 27.65 9.85 -34.12
N VAL C 1037 26.96 9.83 -35.26
CA VAL C 1037 26.32 11.04 -35.76
C VAL C 1037 25.25 11.55 -34.81
N ASP C 1038 25.26 12.86 -34.57
CA ASP C 1038 24.29 13.56 -33.75
C ASP C 1038 24.31 13.09 -32.30
N PHE C 1039 25.46 12.59 -31.85
CA PHE C 1039 25.69 12.26 -30.45
C PHE C 1039 26.30 13.43 -29.70
N CYS C 1040 27.47 13.90 -30.15
CA CYS C 1040 28.12 15.05 -29.52
C CYS C 1040 27.78 16.32 -30.30
N GLY C 1041 26.54 16.77 -30.13
CA GLY C 1041 26.10 18.03 -30.71
C GLY C 1041 25.84 17.98 -32.19
N LYS C 1042 24.93 18.82 -32.67
CA LYS C 1042 24.58 18.84 -34.08
C LYS C 1042 25.77 19.28 -34.92
N GLY C 1043 25.93 18.65 -36.08
CA GLY C 1043 27.08 18.87 -36.93
C GLY C 1043 28.12 17.78 -36.76
N TYR C 1044 29.14 17.84 -37.62
CA TYR C 1044 30.24 16.90 -37.54
C TYR C 1044 31.12 17.24 -36.35
N HIS C 1045 31.16 16.35 -35.36
CA HIS C 1045 31.78 16.64 -34.09
C HIS C 1045 33.28 16.85 -34.23
N LEU C 1046 33.81 17.82 -33.48
CA LEU C 1046 35.25 18.08 -33.42
C LEU C 1046 35.81 17.82 -32.03
N MET C 1047 35.32 18.52 -31.01
CA MET C 1047 35.81 18.34 -29.65
C MET C 1047 34.65 18.50 -28.69
N SER C 1048 34.93 18.23 -27.43
CA SER C 1048 33.98 18.51 -26.37
C SER C 1048 34.76 19.09 -25.21
N PHE C 1049 34.06 19.84 -24.37
CA PHE C 1049 34.70 20.51 -23.24
C PHE C 1049 33.83 20.29 -22.00
N PRO C 1050 34.24 19.43 -21.08
CA PRO C 1050 33.48 19.31 -19.84
C PRO C 1050 33.52 20.62 -19.09
N GLN C 1051 32.40 20.95 -18.46
CA GLN C 1051 32.32 22.13 -17.60
C GLN C 1051 31.46 21.76 -16.41
N SER C 1052 32.06 21.77 -15.22
CA SER C 1052 31.32 21.45 -14.02
C SER C 1052 30.14 22.41 -13.86
N ALA C 1053 28.99 21.86 -13.52
CA ALA C 1053 27.80 22.64 -13.22
C ALA C 1053 27.11 21.97 -12.04
N PRO C 1054 26.34 22.73 -11.25
CA PRO C 1054 25.77 22.16 -10.02
C PRO C 1054 24.95 20.90 -10.26
N HIS C 1055 25.47 19.77 -9.76
CA HIS C 1055 24.84 18.46 -9.93
C HIS C 1055 24.61 18.14 -11.40
N GLY C 1056 25.64 18.34 -12.21
CA GLY C 1056 25.52 18.05 -13.63
C GLY C 1056 26.82 18.33 -14.33
N VAL C 1057 26.77 18.25 -15.65
CA VAL C 1057 27.92 18.56 -16.50
C VAL C 1057 27.41 19.27 -17.74
N VAL C 1058 28.20 20.23 -18.23
CA VAL C 1058 27.87 20.99 -19.42
C VAL C 1058 28.97 20.76 -20.45
N PHE C 1059 28.60 20.29 -21.63
CA PHE C 1059 29.54 20.02 -22.69
C PHE C 1059 29.47 21.13 -23.72
N LEU C 1060 30.62 21.57 -24.20
CA LEU C 1060 30.72 22.56 -25.27
C LEU C 1060 31.14 21.81 -26.53
N HIS C 1061 30.14 21.31 -27.27
CA HIS C 1061 30.37 20.45 -28.43
C HIS C 1061 30.82 21.30 -29.60
N VAL C 1062 32.13 21.47 -29.74
CA VAL C 1062 32.67 22.15 -30.90
C VAL C 1062 32.40 21.28 -32.12
N THR C 1063 31.60 21.77 -33.04
CA THR C 1063 31.19 21.01 -34.21
C THR C 1063 31.43 21.81 -35.48
N TYR C 1064 31.61 21.09 -36.58
CA TYR C 1064 31.85 21.66 -37.90
C TYR C 1064 30.53 21.63 -38.67
N VAL C 1065 30.07 22.81 -39.10
CA VAL C 1065 28.80 22.94 -39.80
C VAL C 1065 29.05 23.63 -41.14
N PRO C 1066 28.67 23.01 -42.26
CA PRO C 1066 28.78 23.70 -43.55
C PRO C 1066 27.89 24.92 -43.61
N ALA C 1067 28.35 25.95 -44.32
CA ALA C 1067 27.68 27.25 -44.29
C ALA C 1067 27.19 27.71 -45.65
N GLN C 1068 28.05 27.80 -46.66
CA GLN C 1068 27.70 28.46 -47.92
C GLN C 1068 27.68 27.43 -49.04
N GLU C 1069 26.50 26.88 -49.31
CA GLU C 1069 26.37 25.79 -50.26
C GLU C 1069 26.51 26.30 -51.69
N LYS C 1070 26.97 25.42 -52.57
CA LYS C 1070 27.05 25.70 -54.00
C LYS C 1070 26.77 24.40 -54.72
N ASN C 1071 25.70 24.37 -55.52
CA ASN C 1071 25.29 23.15 -56.19
C ASN C 1071 25.91 23.05 -57.57
N PHE C 1072 26.34 21.84 -57.93
CA PHE C 1072 26.97 21.53 -59.20
C PHE C 1072 26.28 20.34 -59.84
N THR C 1073 26.83 19.91 -60.97
CA THR C 1073 26.41 18.71 -61.67
C THR C 1073 27.42 17.62 -61.37
N THR C 1074 26.92 16.43 -61.03
CA THR C 1074 27.78 15.32 -60.64
C THR C 1074 27.59 14.13 -61.57
N ALA C 1075 28.67 13.41 -61.80
CA ALA C 1075 28.66 12.20 -62.62
C ALA C 1075 29.35 11.09 -61.83
N PRO C 1076 28.81 9.87 -61.87
CA PRO C 1076 29.38 8.80 -61.02
C PRO C 1076 30.84 8.49 -61.31
N ALA C 1077 31.31 8.72 -62.53
CA ALA C 1077 32.67 8.35 -62.89
C ALA C 1077 33.10 9.13 -64.13
N ILE C 1078 34.27 8.78 -64.64
CA ILE C 1078 34.92 9.48 -65.75
C ILE C 1078 35.31 8.47 -66.82
N CYS C 1079 34.96 8.75 -68.07
CA CYS C 1079 35.38 7.92 -69.21
C CYS C 1079 36.64 8.53 -69.82
N HIS C 1080 37.81 8.15 -69.29
CA HIS C 1080 39.05 8.69 -69.85
C HIS C 1080 39.49 7.93 -71.08
N ASP C 1081 39.81 6.64 -70.92
CA ASP C 1081 40.29 5.79 -72.00
C ASP C 1081 39.43 4.54 -72.09
N GLY C 1082 38.11 4.72 -72.03
CA GLY C 1082 37.19 3.61 -72.03
C GLY C 1082 37.00 2.92 -70.70
N LYS C 1083 37.59 3.43 -69.64
CA LYS C 1083 37.54 2.81 -68.32
C LYS C 1083 37.03 3.83 -67.30
N ALA C 1084 36.06 3.40 -66.49
CA ALA C 1084 35.42 4.30 -65.54
C ALA C 1084 36.37 4.67 -64.41
N HIS C 1085 36.35 5.94 -64.01
CA HIS C 1085 37.19 6.43 -62.92
C HIS C 1085 36.30 6.86 -61.78
N PHE C 1086 36.39 6.15 -60.67
CA PHE C 1086 35.60 6.45 -59.50
C PHE C 1086 36.42 7.30 -58.52
N PRO C 1087 35.77 8.14 -57.71
CA PRO C 1087 36.52 8.99 -56.79
C PRO C 1087 37.12 8.20 -55.64
N ARG C 1088 38.43 8.36 -55.44
CA ARG C 1088 39.09 7.68 -54.32
C ARG C 1088 38.56 8.19 -52.99
N GLU C 1089 38.43 9.51 -52.85
CA GLU C 1089 37.86 10.13 -51.66
C GLU C 1089 37.17 11.40 -52.09
N GLY C 1090 35.83 11.38 -52.14
CA GLY C 1090 35.09 12.55 -52.55
C GLY C 1090 34.13 12.31 -53.69
N VAL C 1091 33.75 13.37 -54.39
CA VAL C 1091 32.77 13.30 -55.47
C VAL C 1091 33.31 14.04 -56.69
N PHE C 1092 32.58 13.91 -57.79
CA PHE C 1092 32.86 14.65 -59.00
C PHE C 1092 31.84 15.78 -59.14
N VAL C 1093 32.31 16.98 -59.45
CA VAL C 1093 31.45 18.13 -59.68
C VAL C 1093 31.94 18.87 -60.92
N SER C 1094 31.06 19.69 -61.49
CA SER C 1094 31.41 20.49 -62.64
C SER C 1094 30.92 21.91 -62.40
N ASN C 1095 31.75 22.88 -62.77
CA ASN C 1095 31.34 24.28 -62.73
C ASN C 1095 30.78 24.75 -64.06
N GLY C 1096 30.65 23.85 -65.02
CA GLY C 1096 30.06 24.17 -66.31
C GLY C 1096 30.87 23.68 -67.49
N THR C 1097 32.19 23.84 -67.43
CA THR C 1097 33.06 23.41 -68.53
C THR C 1097 34.06 22.35 -68.12
N HIS C 1098 34.76 22.54 -66.99
CA HIS C 1098 35.71 21.54 -66.51
C HIS C 1098 35.11 20.76 -65.36
N TRP C 1099 35.60 19.53 -65.19
CA TRP C 1099 35.15 18.62 -64.15
C TRP C 1099 36.23 18.50 -63.08
N PHE C 1100 35.83 18.73 -61.83
CA PHE C 1100 36.75 18.75 -60.70
C PHE C 1100 36.29 17.74 -59.65
N VAL C 1101 37.25 17.02 -59.07
CA VAL C 1101 37.00 16.15 -57.93
C VAL C 1101 37.27 16.92 -56.66
N THR C 1102 36.40 16.77 -55.67
CA THR C 1102 36.48 17.55 -54.46
C THR C 1102 36.18 16.67 -53.27
N GLN C 1103 36.70 17.07 -52.11
CA GLN C 1103 36.28 16.44 -50.88
C GLN C 1103 34.80 16.72 -50.63
N ARG C 1104 34.15 15.80 -49.93
CA ARG C 1104 32.69 15.84 -49.87
C ARG C 1104 32.19 17.02 -49.05
N ASN C 1105 32.92 17.41 -48.00
CA ASN C 1105 32.42 18.38 -47.04
C ASN C 1105 33.06 19.76 -47.17
N PHE C 1106 33.72 20.03 -48.28
CA PHE C 1106 34.34 21.33 -48.50
C PHE C 1106 34.62 21.49 -49.98
N TYR C 1107 34.42 22.69 -50.51
CA TYR C 1107 34.70 22.91 -51.92
C TYR C 1107 36.18 23.20 -52.06
N GLU C 1108 36.95 22.13 -52.28
CA GLU C 1108 38.36 22.21 -52.62
C GLU C 1108 38.53 21.43 -53.91
N PRO C 1109 38.14 22.00 -55.04
CA PRO C 1109 38.20 21.27 -56.30
C PRO C 1109 39.63 21.14 -56.81
N GLN C 1110 39.99 19.92 -57.20
CA GLN C 1110 41.27 19.65 -57.82
C GLN C 1110 41.06 18.90 -59.12
N ILE C 1111 41.95 19.14 -60.07
CA ILE C 1111 41.83 18.51 -61.39
C ILE C 1111 41.87 16.99 -61.23
N ILE C 1112 41.04 16.31 -62.03
CA ILE C 1112 41.02 14.85 -61.98
C ILE C 1112 42.38 14.33 -62.44
N THR C 1113 43.05 13.59 -61.57
CA THR C 1113 44.32 12.97 -61.88
C THR C 1113 44.31 11.57 -61.28
N THR C 1114 45.11 10.67 -61.88
CA THR C 1114 45.02 9.26 -61.55
C THR C 1114 45.34 8.97 -60.09
N ASP C 1115 46.03 9.87 -59.40
CA ASP C 1115 46.37 9.59 -58.00
C ASP C 1115 45.17 9.77 -57.08
N ASN C 1116 44.17 10.55 -57.49
CA ASN C 1116 42.97 10.74 -56.69
C ASN C 1116 41.77 9.97 -57.22
N THR C 1117 41.95 9.12 -58.23
CA THR C 1117 40.88 8.31 -58.78
C THR C 1117 41.38 6.90 -59.06
N PHE C 1118 40.53 5.91 -58.76
CA PHE C 1118 40.87 4.51 -58.99
C PHE C 1118 39.96 3.94 -60.07
N VAL C 1119 40.57 3.32 -61.07
CA VAL C 1119 39.85 2.83 -62.23
C VAL C 1119 39.24 1.47 -61.91
N SER C 1120 38.10 1.16 -62.52
CA SER C 1120 37.41 -0.10 -62.28
C SER C 1120 36.36 -0.30 -63.36
N GLY C 1121 36.34 -1.48 -63.97
CA GLY C 1121 35.36 -1.77 -64.98
C GLY C 1121 35.60 -1.01 -66.28
N ASN C 1122 34.55 -0.95 -67.08
CA ASN C 1122 34.61 -0.26 -68.37
C ASN C 1122 33.51 0.80 -68.43
N CYS C 1123 33.49 1.54 -69.53
CA CYS C 1123 32.61 2.70 -69.65
C CYS C 1123 31.15 2.30 -69.75
N ASP C 1124 30.86 1.22 -70.48
CA ASP C 1124 29.47 0.94 -70.85
C ASP C 1124 28.62 0.51 -69.66
N VAL C 1125 29.21 -0.19 -68.69
CA VAL C 1125 28.41 -0.74 -67.59
C VAL C 1125 27.85 0.38 -66.72
N VAL C 1126 28.60 1.46 -66.52
CA VAL C 1126 28.20 2.53 -65.62
C VAL C 1126 27.20 3.43 -66.32
N ILE C 1127 26.10 3.74 -65.64
CA ILE C 1127 25.09 4.66 -66.15
C ILE C 1127 25.28 6.01 -65.48
N GLY C 1128 25.42 7.06 -66.30
CA GLY C 1128 25.65 8.40 -65.82
C GLY C 1128 27.10 8.86 -65.91
N ILE C 1129 28.02 7.95 -66.22
CA ILE C 1129 29.41 8.34 -66.41
C ILE C 1129 29.52 9.26 -67.61
N VAL C 1130 30.38 10.28 -67.50
CA VAL C 1130 30.52 11.29 -68.53
C VAL C 1130 31.93 11.20 -69.13
N ASN C 1131 32.03 11.59 -70.39
CA ASN C 1131 33.34 11.64 -71.04
C ASN C 1131 34.17 12.78 -70.47
N ASN C 1132 35.42 12.48 -70.14
CA ASN C 1132 36.31 13.46 -69.54
C ASN C 1132 37.74 12.98 -69.74
N THR C 1133 38.68 13.90 -69.55
CA THR C 1133 40.10 13.59 -69.60
C THR C 1133 40.68 13.59 -68.20
N VAL C 1134 41.71 12.78 -67.99
CA VAL C 1134 42.38 12.65 -66.70
C VAL C 1134 43.87 12.89 -66.93
N TYR C 1135 44.43 13.86 -66.20
CA TYR C 1135 45.84 14.18 -66.31
C TYR C 1135 46.68 13.02 -65.80
N ASP C 1136 47.75 12.70 -66.53
CA ASP C 1136 48.72 11.72 -66.07
C ASP C 1136 50.00 12.46 -65.70
N PRO C 1137 50.36 12.54 -64.42
CA PRO C 1137 51.52 13.36 -64.03
C PRO C 1137 52.84 12.88 -64.60
N LEU C 1138 52.95 11.62 -65.00
CA LEU C 1138 54.20 11.11 -65.54
C LEU C 1138 54.40 11.41 -67.01
N GLN C 1139 53.34 11.79 -67.72
CA GLN C 1139 53.48 12.12 -69.15
C GLN C 1139 54.40 13.30 -69.40
N PRO C 1140 54.29 14.44 -68.70
CA PRO C 1140 55.27 15.51 -68.91
C PRO C 1140 56.68 15.09 -68.59
N GLU C 1141 56.86 14.22 -67.60
CA GLU C 1141 58.20 13.71 -67.29
C GLU C 1141 58.74 12.87 -68.45
N LEU C 1142 57.87 12.05 -69.06
CA LEU C 1142 58.29 11.29 -70.24
C LEU C 1142 58.66 12.23 -71.39
N ASP C 1143 57.87 13.28 -71.60
CA ASP C 1143 58.16 14.23 -72.67
C ASP C 1143 59.47 14.96 -72.40
N SER C 1144 59.71 15.35 -71.15
CA SER C 1144 60.91 16.08 -70.78
C SER C 1144 62.15 15.18 -70.88
N GLN D 1 -52.49 2.49 38.18
CA GLN D 1 -51.25 1.72 38.19
C GLN D 1 -51.22 0.78 39.39
N SER D 2 -51.25 -0.52 39.13
CA SER D 2 -51.40 -1.49 40.22
C SER D 2 -50.53 -2.71 39.95
N LEU D 3 -50.17 -3.40 41.04
CA LEU D 3 -49.47 -4.67 40.99
C LEU D 3 -50.22 -5.69 41.83
N GLU D 4 -50.19 -6.94 41.41
CA GLU D 4 -50.88 -8.01 42.12
C GLU D 4 -50.01 -9.26 42.13
N GLU D 5 -49.87 -9.87 43.29
CA GLU D 5 -49.06 -11.08 43.45
C GLU D 5 -49.95 -12.32 43.42
N SER D 6 -49.31 -13.47 43.21
CA SER D 6 -50.02 -14.74 43.18
C SER D 6 -49.03 -15.86 43.43
N GLY D 7 -49.54 -16.98 43.94
CA GLY D 7 -48.75 -18.16 44.19
C GLY D 7 -48.51 -18.52 45.63
N GLY D 8 -49.17 -17.87 46.58
CA GLY D 8 -49.00 -18.18 47.99
C GLY D 8 -49.83 -19.36 48.45
N ASP D 9 -49.17 -20.40 48.96
CA ASP D 9 -49.88 -21.58 49.43
C ASP D 9 -48.98 -22.34 50.41
N LEU D 10 -49.59 -23.27 51.14
CA LEU D 10 -48.84 -24.11 52.07
C LEU D 10 -48.05 -25.16 51.30
N VAL D 11 -46.74 -25.18 51.52
CA VAL D 11 -45.83 -26.10 50.83
C VAL D 11 -44.86 -26.68 51.84
N LYS D 12 -44.59 -27.98 51.72
CA LYS D 12 -43.68 -28.64 52.63
C LYS D 12 -42.25 -28.12 52.45
N PRO D 13 -41.44 -28.15 53.51
CA PRO D 13 -40.05 -27.69 53.39
C PRO D 13 -39.27 -28.52 52.38
N GLY D 14 -38.33 -27.87 51.70
CA GLY D 14 -37.50 -28.53 50.72
C GLY D 14 -38.10 -28.68 49.34
N ALA D 15 -39.26 -28.08 49.10
CA ALA D 15 -39.94 -28.17 47.82
C ALA D 15 -39.95 -26.81 47.14
N SER D 16 -39.81 -26.82 45.82
CA SER D 16 -39.78 -25.58 45.04
C SER D 16 -41.16 -24.95 44.95
N LEU D 17 -41.17 -23.62 44.84
CA LEU D 17 -42.42 -22.87 44.73
C LEU D 17 -42.21 -21.73 43.74
N THR D 18 -43.28 -21.39 43.02
CA THR D 18 -43.25 -20.32 42.03
C THR D 18 -44.17 -19.20 42.48
N LEU D 19 -43.62 -17.98 42.56
CA LEU D 19 -44.39 -16.78 42.82
C LEU D 19 -44.41 -15.92 41.56
N THR D 20 -45.34 -14.97 41.51
CA THR D 20 -45.50 -14.13 40.33
C THR D 20 -46.26 -12.87 40.72
N CYS D 21 -45.70 -11.71 40.35
CA CYS D 21 -46.42 -10.45 40.44
C CYS D 21 -46.60 -9.89 39.03
N THR D 22 -47.81 -9.42 38.75
CA THR D 22 -48.17 -8.93 37.42
C THR D 22 -48.44 -7.44 37.48
N ALA D 23 -48.03 -6.74 36.42
CA ALA D 23 -48.22 -5.30 36.33
C ALA D 23 -49.44 -4.99 35.48
N SER D 24 -50.31 -4.13 36.00
CA SER D 24 -51.53 -3.71 35.31
C SER D 24 -51.41 -2.24 34.97
N GLY D 25 -51.57 -1.91 33.68
CA GLY D 25 -51.46 -0.56 33.21
C GLY D 25 -50.07 -0.14 32.77
N PHE D 26 -49.07 -0.98 32.99
CA PHE D 26 -47.70 -0.68 32.59
C PHE D 26 -46.93 -1.99 32.48
N THR D 27 -45.83 -1.94 31.72
CA THR D 27 -45.01 -3.11 31.43
C THR D 27 -43.73 -3.07 32.26
N PHE D 28 -43.28 -4.23 32.70
CA PHE D 28 -42.08 -4.36 33.52
C PHE D 28 -40.81 -4.27 32.66
N SER D 29 -40.72 -3.17 31.92
CA SER D 29 -39.57 -2.90 31.07
C SER D 29 -39.11 -1.45 31.14
N ARG D 30 -39.77 -0.61 31.92
CA ARG D 30 -39.42 0.77 32.16
C ARG D 30 -39.28 1.10 33.63
N TYR D 31 -40.12 0.54 34.47
CA TYR D 31 -40.15 0.84 35.90
C TYR D 31 -39.35 -0.22 36.66
N TYR D 32 -38.46 0.24 37.54
CA TYR D 32 -37.65 -0.68 38.33
C TYR D 32 -38.54 -1.49 39.27
N MET D 33 -38.08 -2.70 39.59
CA MET D 33 -38.82 -3.61 40.45
C MET D 33 -37.87 -4.26 41.46
N SER D 34 -38.44 -4.71 42.57
CA SER D 34 -37.68 -5.40 43.60
C SER D 34 -38.58 -6.45 44.25
N TRP D 35 -37.94 -7.44 44.87
CA TRP D 35 -38.62 -8.53 45.57
C TRP D 35 -38.23 -8.48 47.03
N VAL D 36 -39.23 -8.45 47.92
CA VAL D 36 -39.00 -8.25 49.35
C VAL D 36 -39.85 -9.23 50.14
N ARG D 37 -39.43 -9.46 51.39
CA ARG D 37 -40.13 -10.34 52.31
C ARG D 37 -40.20 -9.70 53.68
N GLN D 38 -41.30 -9.95 54.39
CA GLN D 38 -41.50 -9.46 55.75
C GLN D 38 -42.08 -10.58 56.60
N ALA D 39 -41.29 -11.09 57.54
CA ALA D 39 -41.78 -12.09 58.46
C ALA D 39 -42.84 -11.49 59.38
N PRO D 40 -43.77 -12.31 59.90
CA PRO D 40 -44.82 -11.75 60.76
C PRO D 40 -44.28 -11.06 62.00
N GLY D 41 -43.15 -11.52 62.55
CA GLY D 41 -42.57 -10.90 63.73
C GLY D 41 -41.13 -10.50 63.55
N LYS D 42 -40.76 -10.07 62.35
CA LYS D 42 -39.39 -9.69 62.05
C LYS D 42 -39.41 -8.60 60.99
N GLY D 43 -38.29 -7.89 60.89
CA GLY D 43 -38.17 -6.77 59.98
C GLY D 43 -38.25 -7.17 58.51
N LEU D 44 -38.13 -6.17 57.65
CA LEU D 44 -38.24 -6.36 56.21
C LEU D 44 -36.86 -6.52 55.58
N GLN D 45 -36.78 -7.42 54.60
CA GLN D 45 -35.51 -7.71 53.92
C GLN D 45 -35.77 -7.98 52.45
N TRP D 46 -34.82 -7.58 51.60
CA TRP D 46 -34.95 -7.71 50.16
C TRP D 46 -34.10 -8.86 49.64
N ILE D 47 -34.54 -9.46 48.53
CA ILE D 47 -33.85 -10.61 47.98
C ILE D 47 -33.31 -10.34 46.57
N GLY D 48 -34.18 -10.03 45.63
CA GLY D 48 -33.77 -9.93 44.23
C GLY D 48 -34.41 -8.75 43.54
N CYS D 49 -33.89 -8.44 42.35
CA CYS D 49 -34.36 -7.32 41.55
C CYS D 49 -33.77 -7.41 40.16
N ILE D 50 -34.59 -7.15 39.14
CA ILE D 50 -34.12 -7.17 37.76
C ILE D 50 -35.09 -6.34 36.91
N ASP D 51 -34.53 -5.49 36.06
CA ASP D 51 -35.31 -4.70 35.12
C ASP D 51 -34.37 -4.17 34.04
N ASN D 52 -34.95 -3.86 32.88
CA ASN D 52 -34.23 -3.28 31.74
C ASN D 52 -33.16 -4.28 31.31
N THR D 53 -31.91 -3.85 31.14
CA THR D 53 -30.82 -4.78 30.86
C THR D 53 -30.71 -5.81 31.97
N ILE D 54 -29.99 -6.89 31.68
CA ILE D 54 -29.88 -8.01 32.62
C ILE D 54 -29.36 -7.49 33.95
N ASP D 55 -30.19 -7.61 35.00
CA ASP D 55 -29.88 -7.01 36.29
C ASP D 55 -30.12 -8.05 37.38
N THR D 56 -30.37 -9.31 36.99
CA THR D 56 -30.63 -10.38 37.95
C THR D 56 -29.47 -10.61 38.90
N THR D 57 -28.26 -10.14 38.57
CA THR D 57 -27.08 -10.47 39.38
C THR D 57 -27.22 -9.99 40.81
N TYR D 58 -27.85 -8.83 41.01
CA TYR D 58 -27.96 -8.25 42.36
C TYR D 58 -28.89 -9.12 43.20
N TYR D 59 -28.31 -9.84 44.16
CA TYR D 59 -29.06 -10.70 45.06
C TYR D 59 -28.58 -10.46 46.48
N ALA D 60 -29.45 -10.81 47.44
CA ALA D 60 -29.08 -10.71 48.84
C ALA D 60 -27.98 -11.72 49.17
N SER D 61 -27.08 -11.31 50.08
CA SER D 61 -25.99 -12.17 50.47
C SER D 61 -26.49 -13.44 51.15
N TRP D 62 -27.47 -13.31 52.05
CA TRP D 62 -28.03 -14.48 52.70
C TRP D 62 -28.82 -15.36 51.73
N ALA D 63 -29.34 -14.75 50.66
CA ALA D 63 -30.15 -15.50 49.71
C ALA D 63 -29.32 -16.57 49.00
N LYS D 64 -28.06 -16.27 48.69
CA LYS D 64 -27.15 -17.20 48.04
C LYS D 64 -27.72 -17.70 46.71
N GLY D 65 -27.45 -18.97 46.38
CA GLY D 65 -27.81 -19.53 45.10
C GLY D 65 -29.21 -20.08 44.98
N ARG D 66 -29.95 -20.17 46.09
CA ARG D 66 -31.30 -20.72 46.05
C ARG D 66 -32.35 -19.70 45.64
N PHE D 67 -31.96 -18.46 45.38
CA PHE D 67 -32.88 -17.40 44.99
C PHE D 67 -32.58 -16.95 43.57
N THR D 68 -33.61 -16.94 42.72
CA THR D 68 -33.48 -16.43 41.37
C THR D 68 -34.73 -15.66 40.99
N ILE D 69 -34.56 -14.67 40.12
CA ILE D 69 -35.64 -13.81 39.66
C ILE D 69 -35.55 -13.71 38.15
N SER D 70 -36.69 -13.90 37.48
CA SER D 70 -36.74 -13.78 36.03
C SER D 70 -38.14 -13.36 35.61
N LYS D 71 -38.21 -12.54 34.57
CA LYS D 71 -39.47 -12.06 34.03
C LYS D 71 -39.84 -12.93 32.82
N THR D 72 -40.89 -13.73 32.98
CA THR D 72 -41.30 -14.62 31.89
C THR D 72 -41.74 -13.84 30.66
N SER D 73 -42.53 -12.78 30.86
CA SER D 73 -42.95 -11.91 29.78
C SER D 73 -42.86 -10.47 30.24
N SER D 74 -43.42 -9.56 29.43
CA SER D 74 -43.25 -8.13 29.68
C SER D 74 -43.94 -7.71 30.97
N THR D 75 -45.12 -8.23 31.26
CA THR D 75 -45.93 -7.75 32.37
C THR D 75 -45.88 -8.63 33.61
N THR D 76 -45.35 -9.85 33.50
CA THR D 76 -45.28 -10.76 34.64
C THR D 76 -43.84 -11.12 34.94
N VAL D 77 -43.47 -11.10 36.21
CA VAL D 77 -42.16 -11.53 36.68
C VAL D 77 -42.37 -12.66 37.68
N THR D 78 -41.67 -13.76 37.47
CA THR D 78 -41.80 -14.94 38.31
C THR D 78 -40.60 -15.07 39.24
N LEU D 79 -40.86 -15.66 40.41
CA LEU D 79 -39.84 -15.90 41.42
C LEU D 79 -39.77 -17.40 41.68
N GLN D 80 -38.56 -17.95 41.65
CA GLN D 80 -38.33 -19.36 41.89
C GLN D 80 -37.58 -19.55 43.20
N MET D 81 -38.03 -20.51 43.99
CA MET D 81 -37.47 -20.76 45.31
C MET D 81 -37.09 -22.21 45.46
N THR D 82 -36.00 -22.45 46.18
CA THR D 82 -35.51 -23.79 46.44
C THR D 82 -35.00 -23.86 47.88
N SER D 83 -35.00 -25.08 48.42
CA SER D 83 -34.55 -25.35 49.79
C SER D 83 -35.36 -24.52 50.79
N LEU D 84 -36.66 -24.79 50.83
CA LEU D 84 -37.54 -24.08 51.75
C LEU D 84 -37.30 -24.53 53.18
N SER D 85 -37.36 -23.58 54.11
CA SER D 85 -37.16 -23.84 55.53
C SER D 85 -38.22 -23.10 56.33
N ALA D 86 -38.31 -23.44 57.62
CA ALA D 86 -39.27 -22.78 58.50
C ALA D 86 -38.94 -21.31 58.71
N ALA D 87 -37.70 -20.90 58.49
CA ALA D 87 -37.31 -19.50 58.63
C ALA D 87 -37.62 -18.68 57.40
N ASP D 88 -38.14 -19.29 56.34
CA ASP D 88 -38.48 -18.61 55.10
C ASP D 88 -39.94 -18.14 55.08
N THR D 89 -40.67 -18.30 56.17
CA THR D 89 -42.07 -17.87 56.21
C THR D 89 -42.13 -16.35 56.35
N ALA D 90 -42.80 -15.70 55.39
CA ALA D 90 -42.90 -14.24 55.36
C ALA D 90 -43.97 -13.86 54.35
N THR D 91 -44.22 -12.56 54.27
CA THR D 91 -45.14 -12.00 53.29
C THR D 91 -44.34 -11.43 52.12
N TYR D 92 -44.77 -11.75 50.90
CA TYR D 92 -44.03 -11.43 49.70
C TYR D 92 -44.70 -10.27 48.97
N PHE D 93 -44.02 -9.14 48.92
CA PHE D 93 -44.49 -7.95 48.22
C PHE D 93 -43.64 -7.72 46.98
N CYS D 94 -44.28 -7.34 45.88
CA CYS D 94 -43.56 -6.99 44.65
C CYS D 94 -43.28 -5.50 44.68
N ALA D 95 -42.07 -5.14 45.11
CA ALA D 95 -41.65 -3.76 45.17
C ALA D 95 -41.43 -3.20 43.76
N ARG D 96 -41.47 -1.87 43.66
CA ARG D 96 -41.27 -1.16 42.40
C ARG D 96 -40.17 -0.14 42.59
N GLY D 97 -38.92 -0.56 42.40
CA GLY D 97 -37.78 0.33 42.51
C GLY D 97 -36.68 -0.22 43.40
N MET D 98 -35.44 0.11 43.06
CA MET D 98 -34.29 -0.34 43.82
C MET D 98 -34.12 0.42 45.13
N VAL D 99 -33.88 1.73 45.03
CA VAL D 99 -33.58 2.53 46.21
C VAL D 99 -34.80 3.33 46.62
N VAL D 100 -35.66 3.63 45.65
CA VAL D 100 -36.91 4.36 45.90
C VAL D 100 -38.04 3.56 45.28
N VAL D 101 -39.14 3.42 46.03
CA VAL D 101 -40.29 2.66 45.58
C VAL D 101 -41.54 3.53 45.68
N ASP D 102 -42.49 3.29 44.77
CA ASP D 102 -43.73 4.07 44.73
C ASP D 102 -44.90 3.32 45.36
N LEU D 103 -45.22 2.13 44.84
CA LEU D 103 -46.35 1.36 45.34
C LEU D 103 -46.11 -0.11 45.05
N TRP D 104 -46.57 -0.96 45.96
CA TRP D 104 -46.44 -2.40 45.84
C TRP D 104 -47.81 -3.05 45.80
N GLY D 105 -47.82 -4.35 45.54
CA GLY D 105 -49.05 -5.11 45.57
C GLY D 105 -49.46 -5.43 46.99
N PRO D 106 -50.67 -6.01 47.12
CA PRO D 106 -51.17 -6.34 48.47
C PRO D 106 -50.27 -7.29 49.23
N GLY D 107 -49.59 -8.21 48.54
CA GLY D 107 -48.68 -9.12 49.19
C GLY D 107 -49.27 -10.48 49.47
N THR D 108 -48.62 -11.53 48.96
CA THR D 108 -49.07 -12.91 49.17
C THR D 108 -48.13 -13.60 50.14
N LEU D 109 -48.68 -14.08 51.25
CA LEU D 109 -47.88 -14.78 52.25
C LEU D 109 -47.59 -16.20 51.79
N VAL D 110 -46.37 -16.66 52.06
CA VAL D 110 -45.93 -18.01 51.72
C VAL D 110 -45.45 -18.66 53.01
N THR D 111 -46.31 -19.45 53.64
CA THR D 111 -45.95 -20.18 54.84
C THR D 111 -45.42 -21.56 54.48
N VAL D 112 -44.45 -22.01 55.26
CA VAL D 112 -43.80 -23.30 55.04
C VAL D 112 -44.04 -24.17 56.27
N SER D 113 -44.64 -25.33 56.05
CA SER D 113 -44.93 -26.25 57.14
C SER D 113 -45.01 -27.67 56.58
N SER D 114 -44.87 -28.64 57.48
CA SER D 114 -44.91 -30.04 57.09
C SER D 114 -46.16 -30.72 57.65
N GLN E 1 -23.12 -3.76 56.52
CA GLN E 1 -24.18 -3.43 55.58
C GLN E 1 -25.51 -3.23 56.30
N VAL E 2 -25.61 -3.77 57.51
CA VAL E 2 -26.85 -3.67 58.27
C VAL E 2 -26.95 -2.28 58.88
N LEU E 3 -28.11 -1.64 58.70
CA LEU E 3 -28.35 -0.30 59.20
C LEU E 3 -29.09 -0.38 60.53
N THR E 4 -28.60 0.35 61.52
CA THR E 4 -29.14 0.30 62.88
C THR E 4 -30.14 1.44 63.07
N GLN E 5 -31.32 1.11 63.57
CA GLN E 5 -32.37 2.08 63.85
C GLN E 5 -32.35 2.40 65.34
N THR E 6 -31.65 3.47 65.70
CA THR E 6 -31.52 3.88 67.10
C THR E 6 -32.32 5.15 67.34
N PRO E 7 -33.30 5.14 68.25
CA PRO E 7 -33.78 4.01 69.04
C PRO E 7 -34.70 3.09 68.25
N SER E 8 -34.85 1.83 68.66
CA SER E 8 -35.76 0.92 67.96
C SER E 8 -37.20 1.36 68.13
N SER E 9 -37.58 1.85 69.30
CA SER E 9 -38.94 2.31 69.57
C SER E 9 -38.91 3.78 69.93
N VAL E 10 -39.86 4.53 69.38
CA VAL E 10 -39.97 5.97 69.60
C VAL E 10 -41.41 6.29 69.99
N SER E 11 -41.57 7.07 71.05
CA SER E 11 -42.87 7.52 71.51
C SER E 11 -42.94 9.04 71.43
N ALA E 12 -44.05 9.55 70.90
CA ALA E 12 -44.21 10.98 70.71
C ALA E 12 -45.69 11.34 70.77
N ALA E 13 -45.96 12.62 70.95
CA ALA E 13 -47.33 13.14 71.05
C ALA E 13 -47.79 13.66 69.70
N VAL E 14 -49.06 14.08 69.67
CA VAL E 14 -49.64 14.60 68.44
C VAL E 14 -48.97 15.91 68.04
N GLY E 15 -48.83 16.83 68.98
CA GLY E 15 -48.20 18.10 68.71
C GLY E 15 -46.71 18.09 68.98
N GLY E 16 -46.20 16.95 69.42
CA GLY E 16 -44.78 16.82 69.72
C GLY E 16 -43.98 16.43 68.49
N THR E 17 -42.84 17.09 68.31
CA THR E 17 -41.97 16.81 67.18
C THR E 17 -41.34 15.42 67.31
N VAL E 18 -41.13 14.77 66.17
CA VAL E 18 -40.62 13.40 66.11
C VAL E 18 -39.24 13.44 65.46
N THR E 19 -38.29 12.75 66.07
CA THR E 19 -36.96 12.58 65.48
C THR E 19 -36.55 11.11 65.59
N ILE E 20 -35.71 10.69 64.65
CA ILE E 20 -35.21 9.32 64.60
C ILE E 20 -33.84 9.33 63.95
N ASN E 21 -33.00 8.37 64.32
CA ASN E 21 -31.64 8.26 63.82
C ASN E 21 -31.44 6.90 63.18
N CYS E 22 -31.01 6.90 61.91
CA CYS E 22 -30.67 5.66 61.19
C CYS E 22 -29.21 5.76 60.79
N GLN E 23 -28.38 4.91 61.37
CA GLN E 23 -26.94 4.90 61.11
C GLN E 23 -26.61 3.77 60.15
N SER E 24 -25.71 4.04 59.21
CA SER E 24 -25.26 3.07 58.22
C SER E 24 -23.83 2.68 58.53
N SER E 25 -23.55 1.38 58.46
CA SER E 25 -22.20 0.89 58.74
C SER E 25 -21.20 1.48 57.75
N GLN E 26 -21.56 1.55 56.48
CA GLN E 26 -20.71 2.10 55.44
C GLN E 26 -21.40 3.30 54.79
N SER E 27 -20.60 4.09 54.07
CA SER E 27 -21.13 5.27 53.41
C SER E 27 -22.10 4.87 52.30
N VAL E 28 -23.21 5.61 52.20
CA VAL E 28 -24.20 5.32 51.17
C VAL E 28 -23.72 5.83 49.82
N ASN E 29 -24.39 5.35 48.77
CA ASN E 29 -24.01 5.66 47.39
C ASN E 29 -24.77 6.90 46.92
N ASN E 30 -24.07 8.04 46.90
CA ASN E 30 -24.57 9.26 46.29
C ASN E 30 -25.93 9.67 46.82
N ASN E 31 -26.12 9.57 48.13
CA ASN E 31 -27.34 10.00 48.80
C ASN E 31 -28.53 9.23 48.21
N ASP E 32 -28.55 7.94 48.52
CA ASP E 32 -29.60 7.04 48.06
C ASP E 32 -30.47 6.52 49.19
N LEU E 33 -30.45 7.17 50.35
CA LEU E 33 -31.30 6.75 51.47
C LEU E 33 -32.76 7.05 51.17
N ALA E 34 -33.63 6.14 51.58
CA ALA E 34 -35.07 6.32 51.46
C ALA E 34 -35.73 6.00 52.79
N TRP E 35 -37.02 6.31 52.89
CA TRP E 35 -37.79 6.05 54.10
C TRP E 35 -39.22 5.69 53.72
N TYR E 36 -39.73 4.61 54.31
CA TYR E 36 -41.08 4.14 54.06
C TYR E 36 -41.80 3.87 55.37
N GLN E 37 -43.09 4.19 55.41
CA GLN E 37 -43.92 3.97 56.58
C GLN E 37 -44.76 2.73 56.37
N GLN E 38 -44.53 1.70 57.19
CA GLN E 38 -45.17 0.39 57.04
C GLN E 38 -46.31 0.29 58.04
N LYS E 39 -47.53 0.57 57.58
CA LYS E 39 -48.69 0.29 58.39
C LYS E 39 -48.89 -1.22 58.51
N PRO E 40 -49.42 -1.69 59.63
CA PRO E 40 -49.54 -3.14 59.83
C PRO E 40 -50.41 -3.79 58.75
N GLY E 41 -49.97 -4.95 58.27
CA GLY E 41 -50.72 -5.73 57.32
C GLY E 41 -50.67 -5.23 55.89
N GLN E 42 -49.96 -4.15 55.61
CA GLN E 42 -49.93 -3.56 54.28
C GLN E 42 -48.49 -3.16 53.97
N PRO E 43 -48.09 -3.23 52.71
CA PRO E 43 -46.72 -2.83 52.36
C PRO E 43 -46.51 -1.36 52.64
N PRO E 44 -45.26 -0.95 52.92
CA PRO E 44 -45.00 0.44 53.32
C PRO E 44 -45.24 1.42 52.18
N LYS E 45 -45.59 2.64 52.56
CA LYS E 45 -45.78 3.76 51.64
C LYS E 45 -44.59 4.71 51.76
N LEU E 46 -44.23 5.33 50.63
CA LEU E 46 -43.14 6.29 50.61
C LEU E 46 -43.52 7.54 51.39
N LEU E 47 -42.57 8.06 52.15
CA LEU E 47 -42.73 9.32 52.86
C LEU E 47 -41.63 10.32 52.57
N ILE E 48 -40.38 9.85 52.42
CA ILE E 48 -39.23 10.70 52.14
C ILE E 48 -38.19 9.86 51.43
N TYR E 49 -37.60 10.43 50.37
CA TYR E 49 -36.56 9.75 49.62
C TYR E 49 -35.45 10.72 49.29
N PHE E 50 -34.26 10.14 49.08
CA PHE E 50 -33.02 10.90 48.92
C PHE E 50 -32.79 11.83 50.11
N VAL E 51 -33.03 11.30 51.32
CA VAL E 51 -32.84 11.97 52.62
C VAL E 51 -33.89 13.04 52.89
N SER E 52 -34.03 14.00 51.98
CA SER E 52 -34.87 15.17 52.25
C SER E 52 -35.89 15.49 51.16
N THR E 53 -35.70 15.05 49.93
CA THR E 53 -36.66 15.38 48.89
C THR E 53 -38.02 14.75 49.18
N LEU E 54 -39.06 15.56 49.05
CA LEU E 54 -40.42 15.14 49.36
C LEU E 54 -41.08 14.58 48.12
N PRO E 55 -41.65 13.38 48.18
CA PRO E 55 -42.41 12.86 47.03
C PRO E 55 -43.63 13.73 46.76
N SER E 56 -44.19 13.58 45.57
CA SER E 56 -45.44 14.26 45.26
C SER E 56 -46.60 13.56 45.95
N GLY E 57 -47.52 14.36 46.47
CA GLY E 57 -48.71 13.82 47.09
C GLY E 57 -48.55 13.34 48.52
N VAL E 58 -47.61 13.90 49.28
CA VAL E 58 -47.48 13.57 50.69
C VAL E 58 -47.53 14.85 51.50
N SER E 59 -47.84 14.70 52.78
CA SER E 59 -47.99 15.85 53.66
C SER E 59 -46.67 16.57 53.88
N SER E 60 -46.75 17.88 54.09
CA SER E 60 -45.56 18.72 54.27
C SER E 60 -45.16 18.77 55.75
N ARG E 61 -44.77 17.61 56.26
CA ARG E 61 -44.34 17.49 57.65
C ARG E 61 -43.04 16.72 57.85
N PHE E 62 -42.53 16.03 56.83
CA PHE E 62 -41.34 15.21 56.96
C PHE E 62 -40.16 15.94 56.32
N LYS E 63 -39.10 16.13 57.10
CA LYS E 63 -37.88 16.76 56.65
C LYS E 63 -36.68 15.93 57.10
N GLY E 64 -35.74 15.70 56.17
CA GLY E 64 -34.60 14.86 56.47
C GLY E 64 -33.27 15.60 56.48
N SER E 65 -32.36 15.17 57.34
CA SER E 65 -31.04 15.77 57.49
C SER E 65 -29.97 14.69 57.51
N GLY E 66 -28.72 15.11 57.37
CA GLY E 66 -27.59 14.20 57.43
C GLY E 66 -27.19 13.67 56.07
N SER E 67 -25.93 13.24 55.99
CA SER E 67 -25.39 12.67 54.76
C SER E 67 -24.17 11.84 55.11
N GLY E 68 -23.83 10.92 54.20
CA GLY E 68 -22.64 10.11 54.39
C GLY E 68 -22.87 8.86 55.20
N THR E 69 -22.57 8.93 56.49
CA THR E 69 -22.77 7.80 57.40
C THR E 69 -23.98 7.99 58.30
N GLN E 70 -24.23 9.22 58.74
CA GLN E 70 -25.29 9.53 59.69
C GLN E 70 -26.41 10.31 58.99
N PHE E 71 -27.65 9.90 59.26
CA PHE E 71 -28.83 10.58 58.72
C PHE E 71 -29.92 10.56 59.78
N THR E 72 -30.87 11.47 59.64
CA THR E 72 -31.95 11.58 60.61
C THR E 72 -33.22 12.06 59.91
N LEU E 73 -34.36 11.67 60.47
CA LEU E 73 -35.66 12.15 60.03
C LEU E 73 -36.31 12.98 61.13
N THR E 74 -36.94 14.08 60.72
CA THR E 74 -37.65 14.96 61.64
C THR E 74 -39.05 15.20 61.10
N ILE E 75 -40.06 14.95 61.93
CA ILE E 75 -41.46 15.17 61.59
C ILE E 75 -42.02 16.26 62.50
N SER E 76 -42.66 17.26 61.89
CA SER E 76 -43.16 18.39 62.67
C SER E 76 -44.29 17.97 63.60
N GLY E 77 -45.21 17.13 63.11
CA GLY E 77 -46.35 16.72 63.90
C GLY E 77 -46.95 15.42 63.40
N VAL E 78 -47.87 14.89 64.20
CA VAL E 78 -48.56 13.63 63.92
C VAL E 78 -50.06 13.87 64.01
N GLN E 79 -50.80 13.38 63.00
CA GLN E 79 -52.26 13.43 63.02
C GLN E 79 -52.87 12.13 63.50
N CYS E 80 -52.14 11.35 64.30
CA CYS E 80 -52.54 10.07 64.86
C CYS E 80 -52.65 8.97 63.82
N ASP E 81 -52.40 9.27 62.54
CA ASP E 81 -52.47 8.26 61.49
C ASP E 81 -51.10 7.82 60.98
N ASP E 82 -50.02 8.30 61.58
CA ASP E 82 -48.67 7.94 61.18
C ASP E 82 -48.05 6.88 62.08
N ALA E 83 -48.89 6.12 62.79
CA ALA E 83 -48.42 5.04 63.66
C ALA E 83 -48.00 3.87 62.76
N ALA E 84 -46.73 3.89 62.34
CA ALA E 84 -46.20 2.85 61.47
C ALA E 84 -44.70 2.74 61.70
N THR E 85 -44.15 1.59 61.30
CA THR E 85 -42.72 1.36 61.42
C THR E 85 -42.00 1.96 60.22
N TYR E 86 -40.94 2.72 60.49
CA TYR E 86 -40.17 3.37 59.45
C TYR E 86 -38.91 2.57 59.14
N TYR E 87 -38.67 2.36 57.86
CA TYR E 87 -37.51 1.61 57.38
C TYR E 87 -36.65 2.54 56.55
N CYS E 88 -35.41 2.75 56.96
CA CYS E 88 -34.48 3.57 56.19
C CYS E 88 -33.82 2.67 55.16
N GLN E 89 -34.14 2.90 53.89
CA GLN E 89 -33.72 2.04 52.79
C GLN E 89 -32.36 2.55 52.32
N GLY E 90 -31.31 1.82 52.65
CA GLY E 90 -29.97 2.30 52.40
C GLY E 90 -29.36 1.79 51.11
N GLY E 91 -29.38 2.63 50.08
CA GLY E 91 -28.69 2.28 48.85
C GLY E 91 -27.18 2.36 49.05
N PHE E 92 -26.48 1.38 48.49
CA PHE E 92 -25.03 1.26 48.66
C PHE E 92 -24.36 1.22 47.31
N GLY E 93 -23.07 1.60 47.30
CA GLY E 93 -22.25 1.33 46.13
C GLY E 93 -22.23 -0.17 45.97
N CYS E 94 -22.95 -0.67 44.97
CA CYS E 94 -23.36 -2.06 45.01
C CYS E 94 -22.18 -2.97 44.68
N ASN E 95 -22.26 -4.22 45.14
CA ASN E 95 -21.20 -5.23 45.20
C ASN E 95 -20.29 -4.99 46.40
N SER E 96 -20.56 -3.98 47.23
CA SER E 96 -19.87 -3.79 48.51
C SER E 96 -20.91 -3.67 49.60
N GLY E 97 -20.79 -4.50 50.64
CA GLY E 97 -21.79 -4.59 51.67
C GLY E 97 -23.16 -4.90 51.07
N ASP E 98 -23.26 -6.07 50.43
CA ASP E 98 -24.43 -6.44 49.62
C ASP E 98 -24.61 -5.43 48.50
N CYS E 99 -25.84 -5.31 47.99
CA CYS E 99 -26.16 -4.34 46.95
C CYS E 99 -27.12 -3.26 47.44
N THR E 100 -27.94 -3.56 48.44
CA THR E 100 -28.72 -2.58 49.19
C THR E 100 -29.24 -3.31 50.43
N ALA E 101 -29.73 -2.53 51.40
CA ALA E 101 -30.11 -3.12 52.67
C ALA E 101 -31.31 -2.39 53.25
N PHE E 102 -32.01 -3.09 54.14
CA PHE E 102 -33.11 -2.53 54.92
C PHE E 102 -32.78 -2.63 56.40
N GLY E 103 -33.15 -1.59 57.15
CA GLY E 103 -32.89 -1.55 58.58
C GLY E 103 -34.02 -2.16 59.39
N GLY E 104 -33.93 -1.96 60.71
CA GLY E 104 -34.97 -2.42 61.60
C GLY E 104 -36.17 -1.49 61.62
N GLY E 105 -37.23 -1.94 62.29
CA GLY E 105 -38.45 -1.16 62.37
C GLY E 105 -38.36 -0.10 63.45
N THR E 106 -39.09 1.00 63.22
CA THR E 106 -39.21 2.09 64.19
C THR E 106 -40.64 2.61 64.14
N GLU E 107 -41.50 2.05 64.98
CA GLU E 107 -42.89 2.47 65.05
C GLU E 107 -43.06 3.57 66.09
N VAL E 108 -44.01 4.47 65.82
CA VAL E 108 -44.28 5.62 66.67
C VAL E 108 -45.67 5.44 67.28
N VAL E 109 -45.73 5.53 68.61
CA VAL E 109 -46.99 5.45 69.34
C VAL E 109 -47.36 6.84 69.82
N VAL E 110 -48.66 7.11 69.92
CA VAL E 110 -49.18 8.38 70.39
C VAL E 110 -49.99 8.13 71.65
N LYS E 111 -49.65 8.81 72.74
CA LYS E 111 -50.34 8.64 74.01
C LYS E 111 -51.53 9.60 74.07
N ARG E 112 -52.70 9.06 74.36
CA ARG E 112 -53.92 9.86 74.41
C ARG E 112 -54.75 9.52 75.65
#